data_7XXM
#
_entry.id   7XXM
#
_cell.length_a   103.644
_cell.length_b   107.875
_cell.length_c   134.782
_cell.angle_alpha   89.963
_cell.angle_beta   90.132
_cell.angle_gamma   83.438
#
_symmetry.space_group_name_H-M   'P 1'
#
loop_
_entity.id
_entity.type
_entity.pdbx_description
1 polymer 'N-formimidoyl fortimicin A synthase'
2 non-polymer 'FLAVIN-ADENINE DINUCLEOTIDE'
3 non-polymer GLYCINE
4 non-polymer '[(2~{R},3~{R},4~{S},5~{R},6~{R})-6-[(~{E})-[(3~{a}~{S},7~{R},7~{a}~{S})-7-oxidanyl-4-oxidanylidene-3,3~{a},5,6,7,7~{a}-hexahydro-1~{H}-imidazo[4,5-c]pyridin-2-ylidene]amino]-5-(4-azanylbutanoylamino)-2-(hydroxymethyl)-4-oxidanyl-oxan-3-yl] carbamate'
5 water water
#
_entity_poly.entity_id   1
_entity_poly.type   'polypeptide(L)'
_entity_poly.pdbx_seq_one_letter_code
;MGSSHHHHHHSSGLVPRGSHMMSKTADAPGQTDVIVVGNGVLGLSVGVEIARTRPDVRVTLLGKPARQYGATPAAGAMLG
AFGEVTAHALASEHGRKKHALAVQAQRLWPEWIESLEATGTAADGRIKTADDTVVLLNTVGHSALDDANFAAVLTALKEA
NAPHEEIAVESVDWIDPDPNSRPLRALHIEGEGSVDSGILLAALERSFLQAGGRLHPVDATEIRASHGRVEGVVTDDGDF
LPAGHVVVAAGARSQRLVAALPGLAHRIPRIYDGVGVSALVDTWDGSGPATVLRTSNRAFACGLHLVPRAGGSVYIGATN
AVCLEPRGAASIEETVFLFNCATHQLHRGLNGSELRKVQVGSRPAPIDGFPLIGGTSVEGLWMLSGTYRDGLHMSPLLAR
HVVSLMDGGTGVDGLREFRPERDLISAWSREEILDDVVRHTMATGYEFPWRLPLEWPHMMETFLQGPFAELADRLSDTYT
PPADLMTAIMFSEREQQDELIAYYADVHREWH
;
_entity_poly.pdbx_strand_id   A,B,C,D,E,F,G,H
#
loop_
_chem_comp.id
_chem_comp.type
_chem_comp.name
_chem_comp.formula
FAD non-polymer 'FLAVIN-ADENINE DINUCLEOTIDE' 'C27 H33 N9 O15 P2'
I60 non-polymer '[(2~{R},3~{R},4~{S},5~{R},6~{R})-6-[(~{E})-[(3~{a}~{S},7~{R},7~{a}~{S})-7-oxidanyl-4-oxidanylidene-3,3~{a},5,6,7,7~{a}-hexahydro-1~{H}-imidazo[4,5-c]pyridin-2-ylidene]amino]-5-(4-azanylbutanoylamino)-2-(hydroxymethyl)-4-oxidanyl-oxan-3-yl] carbamate' 'C17 H29 N7 O8'
#
# COMPACT_ATOMS: atom_id res chain seq x y z
N GLN A 31 75.47 29.28 -42.76
CA GLN A 31 74.43 28.38 -43.36
C GLN A 31 73.47 29.24 -44.18
N THR A 32 72.70 28.59 -45.06
CA THR A 32 71.73 29.25 -45.99
C THR A 32 70.32 28.85 -45.56
N ASP A 33 69.58 29.76 -44.92
CA ASP A 33 68.39 29.46 -44.09
C ASP A 33 67.21 28.98 -44.95
N VAL A 34 66.54 27.93 -44.45
CA VAL A 34 65.27 27.40 -45.00
C VAL A 34 64.19 27.61 -43.94
N ILE A 35 63.07 28.22 -44.32
CA ILE A 35 61.83 28.30 -43.50
C ILE A 35 60.77 27.41 -44.15
N VAL A 36 60.26 26.45 -43.39
CA VAL A 36 59.06 25.64 -43.75
C VAL A 36 57.87 26.30 -43.06
N VAL A 37 56.89 26.77 -43.84
CA VAL A 37 55.62 27.35 -43.31
C VAL A 37 54.56 26.24 -43.28
N GLY A 38 54.31 25.71 -42.08
CA GLY A 38 53.24 24.74 -41.81
C GLY A 38 53.78 23.54 -41.07
N ASN A 39 53.01 23.04 -40.10
CA ASN A 39 53.46 21.98 -39.16
C ASN A 39 52.49 20.79 -39.21
N GLY A 40 51.87 20.55 -40.37
CA GLY A 40 51.16 19.30 -40.65
C GLY A 40 52.14 18.23 -41.07
N VAL A 41 51.63 17.13 -41.60
CA VAL A 41 52.48 16.02 -42.11
C VAL A 41 53.40 16.51 -43.24
N LEU A 42 52.95 17.38 -44.13
CA LEU A 42 53.75 17.72 -45.35
C LEU A 42 54.93 18.63 -44.91
N GLY A 43 54.66 19.66 -44.13
CA GLY A 43 55.68 20.60 -43.61
C GLY A 43 56.74 19.87 -42.81
N LEU A 44 56.30 19.07 -41.84
CA LEU A 44 57.22 18.32 -40.95
C LEU A 44 58.00 17.27 -41.75
N SER A 45 57.36 16.60 -42.71
CA SER A 45 58.01 15.53 -43.51
C SER A 45 59.12 16.17 -44.37
N VAL A 46 58.86 17.34 -44.97
CA VAL A 46 59.86 18.07 -45.79
C VAL A 46 60.96 18.60 -44.84
N GLY A 47 60.56 19.15 -43.68
CA GLY A 47 61.49 19.62 -42.64
C GLY A 47 62.48 18.52 -42.23
N VAL A 48 61.96 17.32 -41.97
CA VAL A 48 62.79 16.16 -41.54
C VAL A 48 63.77 15.83 -42.67
N GLU A 49 63.30 15.77 -43.92
CA GLU A 49 64.15 15.33 -45.05
C GLU A 49 65.25 16.37 -45.30
N ILE A 50 64.93 17.66 -45.25
CA ILE A 50 65.91 18.77 -45.43
C ILE A 50 66.96 18.67 -44.31
N ALA A 51 66.52 18.63 -43.03
CA ALA A 51 67.40 18.62 -41.85
C ALA A 51 68.36 17.41 -41.91
N ARG A 52 67.86 16.24 -42.31
CA ARG A 52 68.67 15.00 -42.39
C ARG A 52 69.67 15.05 -43.57
N THR A 53 69.36 15.79 -44.64
CA THR A 53 69.99 15.68 -45.99
C THR A 53 70.98 16.83 -46.20
N ARG A 54 70.80 17.97 -45.54
CA ARG A 54 71.41 19.27 -45.91
C ARG A 54 72.12 19.85 -44.70
N PRO A 55 73.34 19.38 -44.36
CA PRO A 55 74.11 19.91 -43.21
C PRO A 55 74.46 21.40 -43.37
N ASP A 56 74.39 21.89 -44.60
CA ASP A 56 74.71 23.29 -45.00
C ASP A 56 73.54 24.24 -44.68
N VAL A 57 72.33 23.75 -44.45
CA VAL A 57 71.13 24.63 -44.20
C VAL A 57 70.73 24.57 -42.72
N ARG A 58 70.38 25.72 -42.18
CA ARG A 58 69.59 25.89 -40.94
C ARG A 58 68.11 25.88 -41.33
N VAL A 59 67.33 24.94 -40.81
CA VAL A 59 65.90 24.75 -41.20
C VAL A 59 65.01 25.06 -40.00
N THR A 60 64.15 26.07 -40.17
CA THR A 60 63.15 26.50 -39.16
C THR A 60 61.75 26.15 -39.66
N LEU A 61 60.92 25.55 -38.82
CA LEU A 61 59.53 25.17 -39.18
C LEU A 61 58.56 25.98 -38.31
N LEU A 62 57.69 26.75 -38.97
CA LEU A 62 56.65 27.61 -38.36
C LEU A 62 55.34 26.84 -38.21
N GLY A 63 54.48 27.29 -37.30
CA GLY A 63 53.18 26.67 -36.98
C GLY A 63 53.05 26.40 -35.50
N LYS A 64 51.80 26.37 -35.00
CA LYS A 64 51.50 26.36 -33.53
C LYS A 64 50.96 25.00 -33.12
N PRO A 65 51.07 24.66 -31.81
CA PRO A 65 50.56 23.38 -31.30
C PRO A 65 49.06 23.19 -31.52
N ALA A 66 48.28 24.27 -31.55
CA ALA A 66 46.81 24.24 -31.78
C ALA A 66 46.50 23.65 -33.17
N ARG A 67 47.40 23.83 -34.14
CA ARG A 67 47.23 23.32 -35.54
C ARG A 67 45.80 23.66 -36.02
N GLN A 68 45.47 24.94 -36.02
CA GLN A 68 44.16 25.42 -36.47
C GLN A 68 43.86 24.87 -37.87
N TYR A 69 42.66 24.32 -38.07
CA TYR A 69 42.11 23.76 -39.35
C TYR A 69 42.96 22.57 -39.81
N GLY A 70 43.86 22.08 -38.97
CA GLY A 70 44.85 21.04 -39.35
C GLY A 70 44.19 19.75 -39.81
N ALA A 71 44.41 19.36 -41.06
CA ALA A 71 43.96 18.08 -41.66
C ALA A 71 44.59 16.89 -40.92
N THR A 72 45.91 16.93 -40.75
CA THR A 72 46.73 15.77 -40.28
C THR A 72 46.22 15.25 -38.93
N PRO A 73 46.03 16.09 -37.88
CA PRO A 73 45.59 15.57 -36.58
C PRO A 73 44.15 15.02 -36.58
N ALA A 74 43.34 15.41 -37.56
CA ALA A 74 41.95 14.92 -37.74
C ALA A 74 41.94 13.61 -38.53
N ALA A 75 43.08 13.16 -39.04
CA ALA A 75 43.17 11.97 -39.93
C ALA A 75 43.37 10.70 -39.11
N GLY A 76 42.96 9.57 -39.65
CA GLY A 76 42.91 8.28 -38.94
C GLY A 76 44.30 7.75 -38.59
N ALA A 77 45.13 7.46 -39.59
CA ALA A 77 44.86 7.72 -40.99
C ALA A 77 45.19 6.47 -41.81
N MET A 78 44.43 6.28 -42.89
CA MET A 78 44.63 5.17 -43.82
C MET A 78 45.81 5.51 -44.75
N LEU A 79 46.68 4.54 -45.00
CA LEU A 79 47.70 4.65 -46.08
C LEU A 79 47.01 4.22 -47.38
N GLY A 80 46.11 5.09 -47.86
CA GLY A 80 45.14 4.82 -48.91
C GLY A 80 45.77 4.99 -50.28
N ALA A 81 45.81 3.89 -51.02
CA ALA A 81 46.28 3.79 -52.42
C ALA A 81 45.17 3.15 -53.24
N PHE A 82 44.99 1.83 -53.11
CA PHE A 82 43.93 1.07 -53.82
C PHE A 82 42.55 1.41 -53.24
N GLY A 83 42.44 1.58 -51.91
CA GLY A 83 41.18 1.95 -51.24
C GLY A 83 40.62 3.28 -51.74
N GLU A 84 41.50 4.18 -52.21
CA GLU A 84 41.13 5.52 -52.73
C GLU A 84 40.72 5.48 -54.21
N VAL A 85 40.80 4.33 -54.87
CA VAL A 85 40.46 4.23 -56.32
C VAL A 85 38.95 4.45 -56.50
N THR A 86 38.59 5.32 -57.45
CA THR A 86 37.20 5.46 -57.99
C THR A 86 37.24 5.31 -59.51
N ALA A 87 36.14 4.83 -60.10
CA ALA A 87 35.95 4.76 -61.57
C ALA A 87 36.23 6.14 -62.16
N HIS A 88 35.68 7.21 -61.57
CA HIS A 88 35.78 8.60 -62.09
C HIS A 88 37.26 9.08 -62.13
N ALA A 89 38.02 8.86 -61.05
CA ALA A 89 39.44 9.27 -60.96
C ALA A 89 40.24 8.56 -62.08
N LEU A 90 40.11 7.23 -62.18
CA LEU A 90 40.88 6.39 -63.12
C LEU A 90 40.39 6.54 -64.58
N ALA A 91 39.31 7.28 -64.82
CA ALA A 91 38.81 7.60 -66.18
C ALA A 91 39.57 8.79 -66.76
N SER A 92 40.31 9.55 -65.93
CA SER A 92 41.12 10.71 -66.38
C SER A 92 42.60 10.36 -66.34
N GLU A 93 43.37 10.95 -67.26
CA GLU A 93 44.85 10.78 -67.33
C GLU A 93 45.47 11.29 -66.03
N HIS A 94 45.06 12.48 -65.57
CA HIS A 94 45.58 13.10 -64.32
C HIS A 94 45.28 12.18 -63.13
N GLY A 95 44.09 11.57 -63.10
CA GLY A 95 43.68 10.64 -62.05
C GLY A 95 44.57 9.39 -62.00
N ARG A 96 44.86 8.80 -63.17
CA ARG A 96 45.75 7.62 -63.26
C ARG A 96 47.18 8.00 -62.80
N LYS A 97 47.65 9.21 -63.14
CA LYS A 97 49.00 9.69 -62.72
C LYS A 97 49.05 9.78 -61.19
N LYS A 98 48.03 10.40 -60.58
CA LYS A 98 47.96 10.56 -59.10
C LYS A 98 47.91 9.17 -58.45
N HIS A 99 47.17 8.22 -59.01
CA HIS A 99 47.07 6.84 -58.47
C HIS A 99 48.44 6.15 -58.50
N ALA A 100 49.18 6.26 -59.61
CA ALA A 100 50.53 5.67 -59.75
C ALA A 100 51.43 6.18 -58.62
N LEU A 101 51.39 7.49 -58.33
CA LEU A 101 52.18 8.10 -57.25
C LEU A 101 51.79 7.52 -55.87
N ALA A 102 50.50 7.27 -55.62
CA ALA A 102 50.02 6.68 -54.35
C ALA A 102 50.63 5.28 -54.20
N VAL A 103 50.66 4.50 -55.28
CA VAL A 103 51.21 3.13 -55.24
C VAL A 103 52.73 3.21 -54.93
N GLN A 104 53.43 4.18 -55.54
CA GLN A 104 54.88 4.39 -55.31
C GLN A 104 55.10 4.78 -53.84
N ALA A 105 54.30 5.71 -53.31
CA ALA A 105 54.40 6.21 -51.92
C ALA A 105 54.29 5.05 -50.93
N GLN A 106 53.40 4.08 -51.17
CA GLN A 106 53.15 2.94 -50.25
C GLN A 106 54.48 2.22 -49.95
N ARG A 107 55.32 2.05 -50.97
CA ARG A 107 56.60 1.29 -50.88
C ARG A 107 57.56 1.99 -49.91
N LEU A 108 57.45 3.31 -49.70
CA LEU A 108 58.38 4.08 -48.84
C LEU A 108 58.01 3.96 -47.35
N TRP A 109 56.80 3.53 -47.00
CA TRP A 109 56.29 3.70 -45.62
C TRP A 109 57.08 2.86 -44.60
N PRO A 110 57.34 1.57 -44.85
CA PRO A 110 58.03 0.73 -43.85
C PRO A 110 59.37 1.31 -43.36
N GLU A 111 60.26 1.74 -44.27
CA GLU A 111 61.59 2.32 -43.92
C GLU A 111 61.40 3.70 -43.28
N TRP A 112 60.47 4.51 -43.81
CA TRP A 112 60.14 5.87 -43.28
C TRP A 112 59.75 5.76 -41.80
N ILE A 113 58.84 4.83 -41.47
CA ILE A 113 58.35 4.62 -40.08
C ILE A 113 59.52 4.17 -39.19
N GLU A 114 60.30 3.19 -39.66
CA GLU A 114 61.51 2.69 -38.96
C GLU A 114 62.43 3.88 -38.61
N SER A 115 62.69 4.76 -39.58
CA SER A 115 63.61 5.93 -39.44
C SER A 115 63.04 6.95 -38.46
N LEU A 116 61.70 7.01 -38.30
CA LEU A 116 61.06 7.99 -37.38
C LEU A 116 61.00 7.40 -35.96
N GLU A 117 60.66 6.12 -35.83
CA GLU A 117 60.56 5.44 -34.51
C GLU A 117 61.97 5.30 -33.91
N ALA A 118 63.00 5.18 -34.75
CA ALA A 118 64.43 5.05 -34.36
C ALA A 118 64.83 6.19 -33.43
N THR A 119 64.27 7.39 -33.59
CA THR A 119 64.63 8.60 -32.81
C THR A 119 63.89 8.64 -31.46
N GLY A 120 63.01 7.67 -31.20
CA GLY A 120 62.21 7.59 -29.96
C GLY A 120 62.48 6.30 -29.20
N THR A 121 61.60 5.96 -28.26
CA THR A 121 61.68 4.73 -27.43
C THR A 121 60.29 4.06 -27.38
N ALA A 122 60.21 2.86 -26.80
CA ALA A 122 58.98 2.05 -26.66
C ALA A 122 57.80 2.92 -26.21
N ALA A 123 58.02 3.81 -25.24
CA ALA A 123 56.98 4.61 -24.54
C ALA A 123 56.35 5.66 -25.49
N ASP A 124 56.98 5.93 -26.64
CA ASP A 124 56.47 6.92 -27.63
C ASP A 124 55.29 6.30 -28.41
N GLY A 125 55.09 4.99 -28.35
CA GLY A 125 53.99 4.30 -29.05
C GLY A 125 54.37 3.98 -30.47
N ARG A 126 53.53 3.21 -31.16
CA ARG A 126 53.81 2.71 -32.52
C ARG A 126 53.06 3.57 -33.54
N ILE A 127 53.73 3.97 -34.61
CA ILE A 127 53.15 4.76 -35.72
C ILE A 127 52.15 3.86 -36.46
N LYS A 128 52.52 2.63 -36.81
CA LYS A 128 51.67 1.71 -37.61
C LYS A 128 50.60 1.12 -36.70
N THR A 129 49.32 1.14 -37.11
CA THR A 129 48.20 0.60 -36.31
C THR A 129 47.55 -0.59 -37.02
N ALA A 130 47.81 -0.79 -38.31
CA ALA A 130 47.27 -1.91 -39.08
C ALA A 130 48.11 -2.14 -40.33
N ASP A 131 48.17 -3.37 -40.82
CA ASP A 131 48.93 -3.73 -42.05
C ASP A 131 47.97 -3.85 -43.24
N ASP A 132 46.72 -4.25 -43.01
CA ASP A 132 45.76 -4.62 -44.10
C ASP A 132 44.48 -3.79 -43.99
N THR A 133 43.71 -3.79 -45.06
CA THR A 133 42.43 -3.05 -45.21
C THR A 133 41.39 -4.02 -45.75
N VAL A 134 40.19 -4.04 -45.16
CA VAL A 134 39.01 -4.68 -45.80
C VAL A 134 38.09 -3.58 -46.34
N VAL A 135 37.78 -3.64 -47.63
CA VAL A 135 36.78 -2.76 -48.29
C VAL A 135 35.45 -3.51 -48.29
N LEU A 136 34.40 -2.89 -47.72
CA LEU A 136 33.06 -3.53 -47.61
C LEU A 136 32.15 -2.92 -48.68
N LEU A 137 31.29 -3.74 -49.26
CA LEU A 137 30.23 -3.28 -50.19
C LEU A 137 28.87 -3.58 -49.58
N ASN A 138 28.12 -2.53 -49.25
CA ASN A 138 26.74 -2.61 -48.72
C ASN A 138 25.82 -1.79 -49.64
N THR A 139 24.53 -1.70 -49.34
CA THR A 139 23.54 -1.04 -50.23
C THR A 139 23.12 0.30 -49.64
N VAL A 140 23.88 0.83 -48.68
CA VAL A 140 23.57 2.14 -48.05
C VAL A 140 24.32 3.22 -48.84
N GLY A 141 23.98 3.32 -50.12
CA GLY A 141 24.65 4.24 -51.04
C GLY A 141 24.14 4.05 -52.46
N HIS A 142 24.64 4.87 -53.36
CA HIS A 142 24.29 4.86 -54.80
C HIS A 142 25.02 3.70 -55.48
N SER A 143 24.30 2.86 -56.24
CA SER A 143 24.91 1.86 -57.15
C SER A 143 25.91 2.53 -58.11
N ALA A 144 25.60 3.73 -58.60
CA ALA A 144 26.43 4.45 -59.61
C ALA A 144 27.76 4.88 -59.01
N LEU A 145 27.89 4.98 -57.69
CA LEU A 145 29.20 5.21 -57.03
C LEU A 145 29.75 3.87 -56.51
N ASP A 146 29.04 3.26 -55.55
CA ASP A 146 29.60 2.13 -54.75
C ASP A 146 29.86 0.91 -55.65
N ASP A 147 28.95 0.55 -56.55
CA ASP A 147 29.13 -0.65 -57.41
C ASP A 147 30.27 -0.36 -58.40
N ALA A 148 30.25 0.79 -59.07
CA ALA A 148 31.30 1.19 -60.04
C ALA A 148 32.66 1.21 -59.34
N ASN A 149 32.72 1.80 -58.13
CA ASN A 149 34.00 2.02 -57.42
C ASN A 149 34.55 0.68 -56.93
N PHE A 150 33.69 -0.24 -56.48
CA PHE A 150 34.15 -1.57 -56.02
C PHE A 150 34.82 -2.30 -57.19
N ALA A 151 34.19 -2.27 -58.37
CA ALA A 151 34.73 -2.91 -59.60
C ALA A 151 36.06 -2.24 -59.96
N ALA A 152 36.15 -0.91 -59.85
CA ALA A 152 37.35 -0.13 -60.22
C ALA A 152 38.52 -0.49 -59.28
N VAL A 153 38.24 -0.69 -57.99
CA VAL A 153 39.26 -1.07 -56.98
C VAL A 153 39.80 -2.46 -57.34
N LEU A 154 38.90 -3.43 -57.56
CA LEU A 154 39.26 -4.82 -57.98
C LEU A 154 40.16 -4.77 -59.23
N THR A 155 39.80 -3.96 -60.23
CA THR A 155 40.52 -3.87 -61.53
C THR A 155 41.91 -3.29 -61.27
N ALA A 156 42.00 -2.21 -60.49
CA ALA A 156 43.28 -1.52 -60.19
C ALA A 156 44.22 -2.47 -59.45
N LEU A 157 43.70 -3.27 -58.52
CA LEU A 157 44.51 -4.27 -57.75
C LEU A 157 45.08 -5.31 -58.73
N LYS A 158 44.25 -5.86 -59.61
CA LYS A 158 44.63 -6.91 -60.61
C LYS A 158 45.68 -6.33 -61.57
N GLU A 159 45.48 -5.13 -62.10
CA GLU A 159 46.40 -4.46 -63.05
C GLU A 159 47.77 -4.24 -62.38
N ALA A 160 47.82 -3.92 -61.09
CA ALA A 160 49.08 -3.62 -60.36
C ALA A 160 49.70 -4.92 -59.84
N ASN A 161 49.03 -6.05 -60.01
CA ASN A 161 49.44 -7.36 -59.46
C ASN A 161 49.62 -7.26 -57.94
N ALA A 162 48.83 -6.41 -57.28
CA ALA A 162 48.88 -6.18 -55.81
C ALA A 162 48.27 -7.39 -55.11
N PRO A 163 48.80 -7.82 -53.94
CA PRO A 163 48.20 -8.94 -53.22
C PRO A 163 46.87 -8.49 -52.58
N HIS A 164 45.82 -9.27 -52.80
CA HIS A 164 44.43 -8.98 -52.39
C HIS A 164 43.60 -10.24 -52.56
N GLU A 165 42.40 -10.28 -51.99
CA GLU A 165 41.49 -11.44 -52.07
C GLU A 165 40.07 -10.95 -51.80
N GLU A 166 39.12 -11.29 -52.66
CA GLU A 166 37.68 -11.14 -52.33
C GLU A 166 37.38 -12.25 -51.31
N ILE A 167 36.84 -11.88 -50.15
CA ILE A 167 36.61 -12.83 -49.03
C ILE A 167 35.11 -12.88 -48.72
N ALA A 168 34.68 -13.97 -48.10
CA ALA A 168 33.31 -14.13 -47.56
C ALA A 168 33.12 -13.05 -46.48
N VAL A 169 31.98 -12.37 -46.50
CA VAL A 169 31.67 -11.32 -45.50
C VAL A 169 31.70 -11.93 -44.11
N GLU A 170 31.26 -13.18 -43.99
CA GLU A 170 31.20 -13.96 -42.72
C GLU A 170 32.61 -14.09 -42.12
N SER A 171 33.66 -14.03 -42.95
CA SER A 171 35.06 -14.18 -42.51
C SER A 171 35.63 -12.82 -42.06
N VAL A 172 34.90 -11.72 -42.23
CA VAL A 172 35.41 -10.39 -41.75
C VAL A 172 35.28 -10.37 -40.23
N ASP A 173 36.40 -10.22 -39.54
CA ASP A 173 36.46 -10.25 -38.06
C ASP A 173 35.83 -8.95 -37.51
N TRP A 174 35.21 -9.08 -36.34
CA TRP A 174 34.89 -7.97 -35.40
C TRP A 174 33.56 -7.29 -35.79
N ILE A 175 33.31 -7.00 -37.08
CA ILE A 175 32.15 -6.16 -37.51
C ILE A 175 30.85 -6.77 -36.99
N ASP A 176 29.88 -5.93 -36.66
CA ASP A 176 28.54 -6.36 -36.20
C ASP A 176 27.50 -5.37 -36.74
N PRO A 177 27.33 -5.33 -38.07
CA PRO A 177 26.44 -4.36 -38.69
C PRO A 177 24.96 -4.67 -38.40
N ASP A 178 24.11 -3.65 -38.47
CA ASP A 178 22.66 -3.81 -38.69
C ASP A 178 22.47 -4.71 -39.92
N PRO A 179 21.74 -5.83 -39.84
CA PRO A 179 21.49 -6.66 -41.03
C PRO A 179 20.99 -5.89 -42.27
N ASN A 180 20.18 -4.85 -42.08
CA ASN A 180 19.63 -4.05 -43.23
C ASN A 180 20.71 -3.13 -43.79
N SER A 181 21.87 -3.00 -43.13
CA SER A 181 23.00 -2.14 -43.53
C SER A 181 24.27 -2.98 -43.78
N ARG A 182 24.16 -4.30 -43.82
CA ARG A 182 25.34 -5.21 -43.81
C ARG A 182 25.98 -5.26 -45.19
N PRO A 183 27.28 -5.60 -45.25
CA PRO A 183 27.96 -5.83 -46.52
C PRO A 183 27.59 -7.20 -47.09
N LEU A 184 27.53 -7.32 -48.41
CA LEU A 184 27.33 -8.62 -49.09
C LEU A 184 28.60 -9.02 -49.85
N ARG A 185 29.53 -8.08 -50.06
CA ARG A 185 30.88 -8.41 -50.61
C ARG A 185 31.94 -7.68 -49.77
N ALA A 186 33.13 -8.28 -49.72
CA ALA A 186 34.28 -7.79 -48.94
C ALA A 186 35.57 -8.11 -49.71
N LEU A 187 36.52 -7.20 -49.63
CA LEU A 187 37.80 -7.25 -50.34
C LEU A 187 38.93 -6.99 -49.34
N HIS A 188 39.78 -7.99 -49.11
CA HIS A 188 41.01 -7.90 -48.27
C HIS A 188 42.16 -7.37 -49.13
N ILE A 189 42.72 -6.23 -48.79
CA ILE A 189 43.91 -5.63 -49.46
C ILE A 189 45.10 -5.78 -48.52
N GLU A 190 46.08 -6.60 -48.91
CA GLU A 190 47.27 -6.93 -48.08
C GLU A 190 48.31 -5.82 -48.24
N GLY A 191 48.86 -5.33 -47.13
CA GLY A 191 49.95 -4.34 -47.12
C GLY A 191 49.45 -2.93 -47.35
N GLU A 192 48.12 -2.72 -47.27
CA GLU A 192 47.51 -1.36 -47.28
C GLU A 192 46.96 -1.13 -45.87
N GLY A 193 47.62 -0.29 -45.09
CA GLY A 193 47.38 -0.22 -43.63
C GLY A 193 46.98 1.15 -43.15
N SER A 194 47.38 1.46 -41.92
CA SER A 194 47.02 2.73 -41.26
C SER A 194 48.12 3.10 -40.27
N VAL A 195 48.19 4.39 -39.97
CA VAL A 195 49.11 4.97 -38.96
C VAL A 195 48.26 5.77 -37.98
N ASP A 196 48.74 5.89 -36.75
CA ASP A 196 48.22 6.86 -35.77
C ASP A 196 48.79 8.24 -36.14
N SER A 197 47.95 9.16 -36.62
CA SER A 197 48.39 10.47 -37.14
C SER A 197 49.01 11.31 -36.01
N GLY A 198 48.53 11.14 -34.76
CA GLY A 198 49.05 11.87 -33.59
C GLY A 198 50.46 11.40 -33.25
N ILE A 199 50.67 10.09 -33.26
CA ILE A 199 51.99 9.46 -33.01
C ILE A 199 52.93 9.79 -34.17
N LEU A 200 52.43 9.81 -35.41
CA LEU A 200 53.23 10.23 -36.60
C LEU A 200 53.72 11.67 -36.39
N LEU A 201 52.83 12.60 -36.02
CA LEU A 201 53.20 14.03 -35.86
C LEU A 201 54.26 14.17 -34.76
N ALA A 202 54.09 13.47 -33.64
CA ALA A 202 55.04 13.51 -32.50
C ALA A 202 56.39 12.95 -32.95
N ALA A 203 56.41 11.85 -33.71
CA ALA A 203 57.63 11.20 -34.23
C ALA A 203 58.32 12.13 -35.23
N LEU A 204 57.57 12.83 -36.07
CA LEU A 204 58.13 13.77 -37.08
C LEU A 204 58.79 14.94 -36.34
N GLU A 205 58.12 15.52 -35.34
CA GLU A 205 58.67 16.65 -34.57
C GLU A 205 59.98 16.24 -33.88
N ARG A 206 59.96 15.11 -33.18
CA ARG A 206 61.13 14.56 -32.45
C ARG A 206 62.27 14.31 -33.45
N SER A 207 61.98 13.72 -34.61
CA SER A 207 62.98 13.40 -35.66
C SER A 207 63.55 14.70 -36.23
N PHE A 208 62.70 15.72 -36.39
CA PHE A 208 63.09 17.04 -36.92
C PHE A 208 64.12 17.66 -35.97
N LEU A 209 63.82 17.68 -34.66
CA LEU A 209 64.71 18.26 -33.62
C LEU A 209 66.01 17.47 -33.55
N GLN A 210 65.95 16.14 -33.64
CA GLN A 210 67.14 15.26 -33.56
C GLN A 210 68.11 15.58 -34.71
N ALA A 211 67.57 15.95 -35.88
CA ALA A 211 68.36 16.24 -37.09
C ALA A 211 68.80 17.70 -37.10
N GLY A 212 68.52 18.47 -36.04
CA GLY A 212 68.99 19.85 -35.87
C GLY A 212 68.00 20.88 -36.38
N GLY A 213 66.77 20.49 -36.67
CA GLY A 213 65.70 21.43 -37.08
C GLY A 213 65.28 22.29 -35.91
N ARG A 214 64.77 23.49 -36.18
CA ARG A 214 64.26 24.42 -35.14
C ARG A 214 62.74 24.59 -35.32
N LEU A 215 61.96 24.31 -34.27
CA LEU A 215 60.51 24.59 -34.23
C LEU A 215 60.27 25.99 -33.64
N HIS A 216 59.68 26.89 -34.42
CA HIS A 216 59.35 28.26 -34.00
C HIS A 216 57.83 28.39 -34.01
N PRO A 217 57.15 28.30 -32.83
CA PRO A 217 55.70 28.15 -32.79
C PRO A 217 54.95 29.48 -33.01
N VAL A 218 55.14 30.07 -34.19
CA VAL A 218 54.38 31.26 -34.68
C VAL A 218 53.91 30.96 -36.10
N ASP A 219 52.97 31.75 -36.60
CA ASP A 219 52.44 31.63 -37.97
C ASP A 219 53.12 32.70 -38.84
N ALA A 220 53.39 32.34 -40.10
CA ALA A 220 53.73 33.32 -41.16
C ALA A 220 52.49 34.16 -41.44
N THR A 221 52.63 35.48 -41.52
CA THR A 221 51.59 36.43 -42.00
C THR A 221 51.88 36.80 -43.46
N GLU A 222 53.15 36.84 -43.87
CA GLU A 222 53.55 37.40 -45.17
C GLU A 222 54.87 36.79 -45.64
N ILE A 223 54.94 36.42 -46.92
CA ILE A 223 56.22 36.03 -47.59
C ILE A 223 56.79 37.29 -48.24
N ARG A 224 58.04 37.62 -47.93
CA ARG A 224 58.71 38.82 -48.51
C ARG A 224 59.59 38.33 -49.67
N ALA A 225 59.40 38.97 -50.82
CA ALA A 225 60.20 38.73 -52.05
C ALA A 225 60.46 40.07 -52.76
N SER A 226 61.62 40.19 -53.39
CA SER A 226 61.94 41.31 -54.32
C SER A 226 63.02 40.84 -55.29
N HIS A 227 63.07 41.44 -56.48
CA HIS A 227 64.02 41.04 -57.56
C HIS A 227 63.86 39.54 -57.81
N GLY A 228 62.59 39.07 -57.83
CA GLY A 228 62.17 37.70 -58.19
C GLY A 228 62.75 36.62 -57.30
N ARG A 229 62.96 36.92 -56.02
CA ARG A 229 63.67 36.02 -55.08
C ARG A 229 63.09 36.19 -53.68
N VAL A 230 62.93 35.10 -52.93
CA VAL A 230 62.43 35.16 -51.52
C VAL A 230 63.52 35.81 -50.67
N GLU A 231 63.10 36.70 -49.77
CA GLU A 231 63.94 37.33 -48.71
C GLU A 231 63.63 36.68 -47.36
N GLY A 232 62.38 36.28 -47.14
CA GLY A 232 61.98 35.54 -45.93
C GLY A 232 60.52 35.72 -45.59
N VAL A 233 60.21 35.70 -44.29
CA VAL A 233 58.83 35.55 -43.76
C VAL A 233 58.64 36.51 -42.57
N VAL A 234 57.61 37.35 -42.65
CA VAL A 234 57.06 38.12 -41.49
C VAL A 234 56.10 37.17 -40.73
N THR A 235 56.32 37.04 -39.41
CA THR A 235 55.53 36.18 -38.51
C THR A 235 54.48 37.03 -37.78
N ASP A 236 53.50 36.40 -37.15
CA ASP A 236 52.31 37.09 -36.56
C ASP A 236 52.66 37.66 -35.17
N ASP A 237 53.91 37.55 -34.73
CA ASP A 237 54.42 38.29 -33.55
C ASP A 237 55.19 39.53 -34.01
N GLY A 238 55.11 39.91 -35.31
CA GLY A 238 55.69 41.14 -35.86
C GLY A 238 57.15 41.00 -36.29
N ASP A 239 57.76 39.84 -36.04
CA ASP A 239 59.18 39.56 -36.33
C ASP A 239 59.37 39.35 -37.84
N PHE A 240 60.60 39.52 -38.34
CA PHE A 240 61.02 39.11 -39.71
C PHE A 240 62.11 38.04 -39.61
N LEU A 241 61.91 36.90 -40.27
CA LEU A 241 62.90 35.79 -40.35
C LEU A 241 63.45 35.75 -41.76
N PRO A 242 64.79 35.93 -41.95
CA PRO A 242 65.39 35.86 -43.28
C PRO A 242 65.55 34.40 -43.73
N ALA A 243 65.52 34.16 -45.05
CA ALA A 243 65.69 32.82 -45.64
C ALA A 243 66.05 32.93 -47.12
N GLY A 244 66.85 31.98 -47.60
CA GLY A 244 67.07 31.75 -49.04
C GLY A 244 66.01 30.86 -49.65
N HIS A 245 65.38 29.99 -48.84
CA HIS A 245 64.28 29.09 -49.28
C HIS A 245 63.09 29.18 -48.32
N VAL A 246 61.89 29.31 -48.86
CA VAL A 246 60.60 29.22 -48.12
C VAL A 246 59.76 28.12 -48.77
N VAL A 247 59.44 27.08 -48.00
CA VAL A 247 58.54 25.97 -48.40
C VAL A 247 57.17 26.20 -47.74
N VAL A 248 56.16 26.49 -48.55
CA VAL A 248 54.77 26.69 -48.08
C VAL A 248 54.08 25.33 -48.06
N ALA A 249 53.80 24.83 -46.85
CA ALA A 249 53.03 23.60 -46.59
C ALA A 249 52.00 23.90 -45.50
N ALA A 250 51.22 24.97 -45.70
CA ALA A 250 50.28 25.52 -44.70
C ALA A 250 48.87 24.96 -44.92
N GLY A 251 48.74 23.75 -45.44
CA GLY A 251 47.44 23.14 -45.77
C GLY A 251 46.58 24.11 -46.59
N ALA A 252 45.33 24.28 -46.20
CA ALA A 252 44.31 25.01 -46.99
C ALA A 252 44.60 26.52 -47.03
N ARG A 253 45.58 27.01 -46.24
CA ARG A 253 45.97 28.44 -46.23
C ARG A 253 47.10 28.70 -47.24
N SER A 254 47.65 27.66 -47.87
CA SER A 254 48.91 27.73 -48.65
C SER A 254 48.81 28.74 -49.81
N GLN A 255 47.76 28.65 -50.63
CA GLN A 255 47.64 29.51 -51.82
C GLN A 255 47.34 30.96 -51.39
N ARG A 256 46.49 31.16 -50.38
CA ARG A 256 46.13 32.52 -49.90
C ARG A 256 47.42 33.25 -49.44
N LEU A 257 48.40 32.51 -48.92
CA LEU A 257 49.67 33.08 -48.41
C LEU A 257 50.59 33.52 -49.58
N VAL A 258 50.64 32.72 -50.63
CA VAL A 258 51.52 32.96 -51.83
C VAL A 258 50.84 33.94 -52.80
N ALA A 259 49.51 34.01 -52.82
CA ALA A 259 48.69 34.77 -53.80
C ALA A 259 48.87 36.28 -53.64
N ALA A 260 49.44 36.74 -52.51
CA ALA A 260 49.67 38.18 -52.24
C ALA A 260 50.89 38.67 -53.05
N LEU A 261 51.79 37.79 -53.45
CA LEU A 261 53.01 38.13 -54.25
C LEU A 261 52.61 38.50 -55.68
N PRO A 262 53.37 39.38 -56.37
CA PRO A 262 52.96 39.91 -57.68
C PRO A 262 52.58 38.86 -58.73
N GLY A 263 51.36 38.93 -59.25
CA GLY A 263 50.87 38.08 -60.36
C GLY A 263 50.40 36.71 -59.92
N LEU A 264 50.71 36.29 -58.69
CA LEU A 264 50.54 34.87 -58.28
C LEU A 264 49.08 34.56 -57.95
N ALA A 265 48.21 35.57 -57.80
CA ALA A 265 46.78 35.37 -57.45
C ALA A 265 46.08 34.54 -58.53
N HIS A 266 46.53 34.61 -59.79
CA HIS A 266 45.91 33.93 -60.95
C HIS A 266 46.89 32.92 -61.57
N ARG A 267 47.98 32.63 -60.89
CA ARG A 267 49.03 31.70 -61.39
C ARG A 267 49.19 30.49 -60.47
N ILE A 268 48.79 30.60 -59.20
CA ILE A 268 48.72 29.48 -58.22
C ILE A 268 47.24 29.11 -58.06
N PRO A 269 46.80 27.91 -58.48
CA PRO A 269 45.40 27.54 -58.33
C PRO A 269 44.93 27.68 -56.88
N ARG A 270 43.73 28.21 -56.70
CA ARG A 270 43.06 28.33 -55.38
C ARG A 270 42.99 26.97 -54.69
N ILE A 271 43.16 26.98 -53.38
CA ILE A 271 42.95 25.83 -52.47
C ILE A 271 41.87 26.24 -51.47
N TYR A 272 40.80 25.43 -51.39
CA TYR A 272 39.67 25.64 -50.45
C TYR A 272 39.81 24.65 -49.29
N ASP A 273 38.94 24.79 -48.30
CA ASP A 273 38.84 23.91 -47.11
C ASP A 273 37.87 22.76 -47.39
N GLY A 274 38.40 21.53 -47.51
CA GLY A 274 37.60 20.31 -47.49
C GLY A 274 37.37 19.86 -46.05
N VAL A 275 36.41 20.51 -45.39
CA VAL A 275 36.21 20.36 -43.91
C VAL A 275 35.80 18.91 -43.64
N GLY A 276 36.55 18.24 -42.78
CA GLY A 276 36.38 16.82 -42.48
C GLY A 276 36.14 16.60 -40.99
N VAL A 277 35.15 15.78 -40.66
CA VAL A 277 34.79 15.45 -39.26
C VAL A 277 35.11 13.97 -39.04
N SER A 278 35.80 13.69 -37.95
CA SER A 278 36.12 12.32 -37.49
C SER A 278 35.90 12.26 -35.97
N ALA A 279 36.03 11.08 -35.37
CA ALA A 279 35.81 10.93 -33.93
C ALA A 279 36.71 9.82 -33.38
N LEU A 280 37.18 10.02 -32.15
CA LEU A 280 37.81 8.95 -31.34
C LEU A 280 36.75 8.42 -30.37
N VAL A 281 36.58 7.11 -30.37
CA VAL A 281 35.56 6.39 -29.56
C VAL A 281 36.32 5.34 -28.73
N ASP A 282 36.07 5.31 -27.43
CA ASP A 282 36.47 4.17 -26.54
C ASP A 282 35.42 3.08 -26.68
N THR A 283 35.78 1.92 -27.22
CA THR A 283 34.81 0.85 -27.53
C THR A 283 34.29 0.27 -26.20
N TRP A 284 33.02 -0.15 -26.21
CA TRP A 284 32.25 -0.75 -25.08
C TRP A 284 33.12 -1.79 -24.35
N ASP A 285 33.90 -2.61 -25.06
CA ASP A 285 34.65 -3.75 -24.47
C ASP A 285 36.16 -3.57 -24.66
N GLY A 286 36.61 -2.40 -25.12
CA GLY A 286 38.05 -2.14 -25.39
C GLY A 286 38.57 -2.86 -26.63
N SER A 287 37.74 -3.57 -27.39
CA SER A 287 38.16 -4.27 -28.64
C SER A 287 38.27 -3.28 -29.80
N GLY A 288 38.86 -3.75 -30.89
CA GLY A 288 38.95 -3.05 -32.18
C GLY A 288 39.20 -4.08 -33.28
N PRO A 289 39.00 -3.72 -34.57
CA PRO A 289 39.36 -4.62 -35.64
C PRO A 289 40.88 -4.65 -35.83
N ALA A 290 41.38 -5.74 -36.39
CA ALA A 290 42.81 -5.97 -36.68
C ALA A 290 43.17 -5.24 -37.99
N THR A 291 42.19 -4.95 -38.85
CA THR A 291 42.43 -4.27 -40.14
C THR A 291 41.69 -2.93 -40.17
N VAL A 292 42.10 -2.06 -41.08
CA VAL A 292 41.24 -0.93 -41.52
C VAL A 292 39.95 -1.55 -42.07
N LEU A 293 38.81 -0.91 -41.80
CA LEU A 293 37.52 -1.26 -42.42
C LEU A 293 37.08 0.01 -43.15
N ARG A 294 36.69 -0.09 -44.41
CA ARG A 294 36.28 1.10 -45.18
C ARG A 294 35.29 0.73 -46.27
N THR A 295 34.54 1.73 -46.71
CA THR A 295 33.85 1.73 -48.02
C THR A 295 34.78 2.41 -49.02
N SER A 296 34.45 2.30 -50.30
CA SER A 296 34.97 3.20 -51.36
C SER A 296 34.54 4.63 -51.06
N ASN A 297 35.19 5.59 -51.69
CA ASN A 297 34.86 7.03 -51.57
C ASN A 297 33.42 7.21 -52.06
N ARG A 298 32.69 8.08 -51.38
CA ARG A 298 31.22 8.23 -51.50
C ARG A 298 30.92 9.70 -51.84
N ALA A 299 29.66 10.14 -51.68
CA ALA A 299 29.19 11.43 -52.21
C ALA A 299 30.15 12.55 -51.83
N PHE A 300 30.64 13.28 -52.83
CA PHE A 300 31.46 14.51 -52.68
C PHE A 300 32.69 14.21 -51.83
N ALA A 301 33.34 13.08 -52.08
CA ALA A 301 34.62 12.63 -51.48
C ALA A 301 34.52 12.49 -49.95
N CYS A 302 33.32 12.23 -49.42
CA CYS A 302 33.15 11.67 -48.05
C CYS A 302 33.41 10.17 -48.14
N GLY A 303 33.39 9.49 -47.00
CA GLY A 303 33.59 8.03 -46.96
C GLY A 303 33.45 7.54 -45.54
N LEU A 304 33.27 6.24 -45.39
CA LEU A 304 33.12 5.63 -44.05
C LEU A 304 34.32 4.73 -43.83
N HIS A 305 35.00 4.89 -42.71
CA HIS A 305 36.11 3.99 -42.34
C HIS A 305 36.29 3.96 -40.82
N LEU A 306 36.87 2.86 -40.38
CA LEU A 306 37.33 2.68 -39.01
C LEU A 306 38.81 2.33 -39.09
N VAL A 307 39.65 3.13 -38.41
CA VAL A 307 41.10 2.90 -38.31
C VAL A 307 41.40 2.45 -36.88
N PRO A 308 42.03 1.27 -36.70
CA PRO A 308 42.43 0.81 -35.38
C PRO A 308 43.35 1.83 -34.69
N ARG A 309 43.23 1.92 -33.36
CA ARG A 309 44.17 2.67 -32.49
C ARG A 309 44.55 1.74 -31.32
N ALA A 310 45.64 2.04 -30.63
CA ALA A 310 46.06 1.33 -29.40
C ALA A 310 45.14 1.75 -28.24
N GLY A 311 45.02 0.92 -27.21
CA GLY A 311 44.47 1.31 -25.89
C GLY A 311 42.95 1.38 -25.85
N GLY A 312 42.23 0.53 -26.58
CA GLY A 312 40.77 0.41 -26.49
C GLY A 312 40.03 1.56 -27.18
N SER A 313 40.71 2.28 -28.06
CA SER A 313 40.16 3.41 -28.86
C SER A 313 40.03 2.97 -30.32
N VAL A 314 39.05 3.50 -31.04
CA VAL A 314 39.00 3.40 -32.54
C VAL A 314 38.77 4.81 -33.08
N TYR A 315 39.31 5.04 -34.28
CA TYR A 315 39.03 6.25 -35.07
C TYR A 315 37.90 5.92 -36.06
N ILE A 316 36.89 6.78 -36.13
CA ILE A 316 35.85 6.66 -37.19
C ILE A 316 35.86 7.96 -38.00
N GLY A 317 35.79 7.80 -39.31
CA GLY A 317 35.74 8.94 -40.24
C GLY A 317 34.99 8.56 -41.50
N ALA A 318 34.86 9.50 -42.43
CA ALA A 318 35.17 10.90 -42.22
C ALA A 318 34.29 11.67 -43.19
N THR A 319 33.72 12.79 -42.75
CA THR A 319 32.83 13.60 -43.61
C THR A 319 33.74 14.48 -44.48
N ASN A 320 33.21 15.02 -45.55
CA ASN A 320 33.92 16.02 -46.37
C ASN A 320 32.89 17.00 -46.91
N ALA A 321 33.19 18.28 -46.81
CA ALA A 321 32.37 19.37 -47.38
C ALA A 321 33.32 20.49 -47.75
N VAL A 322 33.36 20.81 -49.05
CA VAL A 322 34.19 21.94 -49.52
C VAL A 322 33.50 23.22 -49.06
N CYS A 323 34.21 24.07 -48.33
CA CYS A 323 33.72 25.38 -47.85
C CYS A 323 34.59 26.46 -48.47
N LEU A 324 33.95 27.55 -48.91
CA LEU A 324 34.65 28.68 -49.56
C LEU A 324 35.37 29.51 -48.51
N GLU A 325 35.02 29.35 -47.23
CA GLU A 325 35.74 29.97 -46.08
C GLU A 325 36.00 28.87 -45.04
N PRO A 326 37.09 28.99 -44.24
CA PRO A 326 37.42 27.97 -43.27
C PRO A 326 36.35 27.79 -42.17
N ARG A 327 36.25 26.58 -41.64
CA ARG A 327 35.35 26.26 -40.52
C ARG A 327 36.11 25.29 -39.62
N GLY A 328 36.13 25.58 -38.32
CA GLY A 328 36.92 24.83 -37.33
C GLY A 328 36.06 23.97 -36.42
N ALA A 329 34.73 23.96 -36.61
CA ALA A 329 33.79 23.16 -35.79
C ALA A 329 32.92 22.27 -36.68
N ALA A 330 32.64 21.06 -36.20
CA ALA A 330 31.71 20.11 -36.83
C ALA A 330 30.31 20.71 -36.81
N SER A 331 29.54 20.45 -37.85
CA SER A 331 28.08 20.75 -37.84
C SER A 331 27.38 19.57 -37.15
N ILE A 332 26.17 19.80 -36.65
CA ILE A 332 25.29 18.72 -36.10
C ILE A 332 25.16 17.63 -37.16
N GLU A 333 24.80 18.02 -38.38
CA GLU A 333 24.57 17.13 -39.55
C GLU A 333 25.74 16.16 -39.72
N GLU A 334 26.97 16.68 -39.69
CA GLU A 334 28.21 15.89 -39.92
C GLU A 334 28.37 14.84 -38.83
N THR A 335 28.18 15.23 -37.56
CA THR A 335 28.33 14.28 -36.42
C THR A 335 27.27 13.18 -36.56
N VAL A 336 26.02 13.55 -36.85
CA VAL A 336 24.90 12.55 -36.93
C VAL A 336 25.20 11.57 -38.07
N PHE A 337 25.57 12.09 -39.24
CA PHE A 337 25.78 11.24 -40.44
C PHE A 337 26.93 10.26 -40.16
N LEU A 338 28.05 10.76 -39.65
CA LEU A 338 29.25 9.91 -39.36
C LEU A 338 28.85 8.80 -38.38
N PHE A 339 28.24 9.16 -37.26
CA PHE A 339 27.89 8.20 -36.18
C PHE A 339 26.87 7.20 -36.70
N ASN A 340 25.87 7.69 -37.43
CA ASN A 340 24.80 6.82 -37.95
C ASN A 340 25.38 5.77 -38.89
N CYS A 341 26.26 6.17 -39.81
CA CYS A 341 26.90 5.25 -40.78
C CYS A 341 27.74 4.20 -40.03
N ALA A 342 28.57 4.60 -39.08
CA ALA A 342 29.51 3.70 -38.37
C ALA A 342 28.72 2.67 -37.54
N THR A 343 27.68 3.11 -36.82
CA THR A 343 26.90 2.22 -35.91
C THR A 343 26.11 1.20 -36.74
N HIS A 344 25.59 1.58 -37.92
CA HIS A 344 24.77 0.66 -38.75
C HIS A 344 25.64 -0.22 -39.64
N GLN A 345 26.65 0.36 -40.29
CA GLN A 345 27.37 -0.33 -41.39
C GLN A 345 28.60 -1.11 -40.86
N LEU A 346 29.17 -0.71 -39.72
CA LEU A 346 30.43 -1.31 -39.18
C LEU A 346 30.14 -2.11 -37.90
N HIS A 347 29.68 -1.47 -36.83
CA HIS A 347 29.49 -2.14 -35.52
C HIS A 347 28.45 -1.43 -34.66
N ARG A 348 27.35 -2.10 -34.37
CA ARG A 348 26.25 -1.59 -33.51
C ARG A 348 26.74 -1.34 -32.08
N GLY A 349 27.77 -2.06 -31.63
CA GLY A 349 28.42 -1.83 -30.33
C GLY A 349 28.96 -0.42 -30.18
N LEU A 350 29.28 0.26 -31.29
CA LEU A 350 29.76 1.67 -31.23
C LEU A 350 28.65 2.57 -30.66
N ASN A 351 27.39 2.17 -30.81
CA ASN A 351 26.23 2.96 -30.34
C ASN A 351 26.35 3.22 -28.84
N GLY A 352 26.74 2.20 -28.07
CA GLY A 352 26.85 2.26 -26.60
C GLY A 352 28.24 2.65 -26.17
N SER A 353 29.13 2.96 -27.11
CA SER A 353 30.54 3.30 -26.81
C SER A 353 30.64 4.79 -26.49
N GLU A 354 31.68 5.16 -25.75
CA GLU A 354 31.88 6.54 -25.26
C GLU A 354 32.62 7.36 -26.32
N LEU A 355 32.05 8.53 -26.64
CA LEU A 355 32.63 9.54 -27.54
C LEU A 355 33.72 10.27 -26.75
N ARG A 356 34.98 10.12 -27.15
CA ARG A 356 36.12 10.77 -26.47
C ARG A 356 36.40 12.12 -27.14
N LYS A 357 36.30 12.23 -28.46
CA LYS A 357 36.72 13.46 -29.18
C LYS A 357 36.05 13.51 -30.55
N VAL A 358 35.45 14.66 -30.88
CA VAL A 358 35.02 15.03 -32.25
C VAL A 358 36.16 15.86 -32.83
N GLN A 359 36.75 15.42 -33.95
CA GLN A 359 37.92 16.11 -34.57
C GLN A 359 37.46 16.75 -35.88
N VAL A 360 37.99 17.94 -36.16
CA VAL A 360 37.68 18.72 -37.38
C VAL A 360 39.01 19.19 -37.97
N GLY A 361 39.21 18.95 -39.25
CA GLY A 361 40.37 19.45 -40.01
C GLY A 361 39.98 19.78 -41.44
N SER A 362 40.85 20.53 -42.13
CA SER A 362 40.61 21.02 -43.50
C SER A 362 41.52 20.27 -44.45
N ARG A 363 40.94 19.35 -45.24
CA ARG A 363 41.63 18.81 -46.43
C ARG A 363 41.88 19.98 -47.38
N PRO A 364 43.14 20.24 -47.78
CA PRO A 364 43.43 21.26 -48.79
C PRO A 364 42.82 20.85 -50.13
N ALA A 365 41.74 21.50 -50.57
CA ALA A 365 40.95 21.14 -51.77
C ALA A 365 41.34 22.05 -52.94
N PRO A 366 42.23 21.61 -53.85
CA PRO A 366 42.60 22.44 -55.00
C PRO A 366 41.44 22.62 -55.97
N ILE A 367 41.23 23.83 -56.48
CA ILE A 367 40.08 24.19 -57.36
C ILE A 367 40.09 23.36 -58.66
N ASP A 368 41.24 22.83 -59.09
CA ASP A 368 41.34 22.07 -60.37
C ASP A 368 41.51 20.58 -60.07
N GLY A 369 41.46 20.19 -58.80
CA GLY A 369 41.35 18.77 -58.39
C GLY A 369 42.69 18.07 -58.26
N PHE A 370 43.83 18.77 -58.39
CA PHE A 370 45.16 18.12 -58.31
C PHE A 370 46.11 18.91 -57.42
N PRO A 371 47.09 18.24 -56.79
CA PRO A 371 47.99 18.88 -55.85
C PRO A 371 48.90 19.94 -56.49
N LEU A 372 49.48 20.77 -55.62
CA LEU A 372 50.42 21.86 -55.92
C LEU A 372 51.74 21.50 -55.25
N ILE A 373 52.68 20.94 -56.01
CA ILE A 373 53.95 20.34 -55.50
C ILE A 373 55.11 20.84 -56.36
N GLY A 374 56.02 21.62 -55.79
CA GLY A 374 57.29 21.99 -56.46
C GLY A 374 57.57 23.47 -56.41
N GLY A 375 58.29 23.97 -57.42
CA GLY A 375 58.86 25.32 -57.45
C GLY A 375 57.89 26.31 -58.10
N THR A 376 58.22 27.58 -58.02
CA THR A 376 57.44 28.73 -58.53
C THR A 376 58.37 29.60 -59.40
N SER A 377 57.84 30.71 -59.92
CA SER A 377 58.59 31.73 -60.69
C SER A 377 59.43 32.57 -59.73
N VAL A 378 59.28 32.38 -58.41
CA VAL A 378 60.03 33.13 -57.37
C VAL A 378 61.15 32.23 -56.85
N GLU A 379 62.40 32.65 -57.04
CA GLU A 379 63.58 31.85 -56.66
C GLU A 379 63.50 31.55 -55.16
N GLY A 380 63.70 30.28 -54.78
CA GLY A 380 63.65 29.82 -53.39
C GLY A 380 62.25 29.62 -52.83
N LEU A 381 61.18 29.90 -53.59
CA LEU A 381 59.78 29.69 -53.11
C LEU A 381 59.24 28.36 -53.66
N TRP A 382 58.87 27.48 -52.75
CA TRP A 382 58.35 26.11 -53.00
C TRP A 382 56.99 25.95 -52.32
N MET A 383 56.17 25.03 -52.83
CA MET A 383 54.81 24.74 -52.34
C MET A 383 54.64 23.22 -52.26
N LEU A 384 54.02 22.77 -51.16
CA LEU A 384 53.60 21.38 -50.93
C LEU A 384 52.18 21.46 -50.34
N SER A 385 51.16 21.29 -51.19
CA SER A 385 49.75 21.47 -50.75
C SER A 385 48.77 20.94 -51.79
N GLY A 386 47.48 21.16 -51.52
CA GLY A 386 46.35 20.74 -52.36
C GLY A 386 46.26 19.23 -52.44
N THR A 387 46.62 18.49 -51.39
CA THR A 387 46.64 17.00 -51.43
C THR A 387 45.27 16.38 -51.06
N TYR A 388 44.31 17.18 -50.60
CA TYR A 388 42.91 16.74 -50.38
C TYR A 388 42.88 15.53 -49.44
N ARG A 389 42.56 14.33 -49.94
CA ARG A 389 42.28 13.12 -49.11
C ARG A 389 43.56 12.31 -48.80
N ASP A 390 44.70 12.56 -49.48
CA ASP A 390 45.80 11.55 -49.46
C ASP A 390 47.19 12.20 -49.42
N GLY A 391 47.33 13.41 -48.89
CA GLY A 391 48.64 14.02 -48.66
C GLY A 391 49.41 13.30 -47.57
N LEU A 392 48.74 12.83 -46.51
CA LEU A 392 49.43 12.09 -45.43
C LEU A 392 50.02 10.82 -46.03
N HIS A 393 49.25 10.05 -46.80
CA HIS A 393 49.75 8.81 -47.44
C HIS A 393 50.94 9.14 -48.36
N MET A 394 50.85 10.21 -49.15
CA MET A 394 51.86 10.52 -50.18
C MET A 394 53.07 11.25 -49.57
N SER A 395 53.00 11.65 -48.29
CA SER A 395 53.96 12.57 -47.62
C SER A 395 55.40 12.15 -47.85
N PRO A 396 55.85 10.89 -47.61
CA PRO A 396 57.28 10.59 -47.76
C PRO A 396 57.76 10.76 -49.21
N LEU A 397 56.94 10.43 -50.19
CA LEU A 397 57.26 10.62 -51.63
C LEU A 397 57.30 12.11 -51.97
N LEU A 398 56.30 12.88 -51.53
CA LEU A 398 56.21 14.32 -51.88
C LEU A 398 57.38 15.08 -51.25
N ALA A 399 57.72 14.73 -50.01
CA ALA A 399 58.79 15.38 -49.23
C ALA A 399 60.10 15.19 -49.99
N ARG A 400 60.41 13.95 -50.38
CA ARG A 400 61.66 13.59 -51.10
C ARG A 400 61.69 14.27 -52.46
N HIS A 401 60.56 14.32 -53.17
CA HIS A 401 60.46 15.05 -54.46
C HIS A 401 60.91 16.49 -54.27
N VAL A 402 60.32 17.22 -53.33
CA VAL A 402 60.58 18.68 -53.19
C VAL A 402 62.03 18.90 -52.72
N VAL A 403 62.53 18.05 -51.83
CA VAL A 403 63.93 18.17 -51.29
C VAL A 403 64.92 17.92 -52.43
N SER A 404 64.66 16.93 -53.29
CA SER A 404 65.46 16.67 -54.51
C SER A 404 65.49 17.93 -55.39
N LEU A 405 64.34 18.54 -55.69
CA LEU A 405 64.24 19.77 -56.50
C LEU A 405 65.10 20.89 -55.86
N MET A 406 65.01 21.06 -54.54
CA MET A 406 65.73 22.12 -53.81
C MET A 406 67.25 21.90 -53.90
N ASP A 407 67.68 20.66 -54.10
CA ASP A 407 69.10 20.24 -54.17
C ASP A 407 69.57 20.24 -55.65
N GLY A 408 68.75 20.70 -56.58
CA GLY A 408 69.09 20.75 -58.03
C GLY A 408 68.77 19.44 -58.75
N GLY A 409 68.15 18.47 -58.08
CA GLY A 409 67.72 17.19 -58.67
C GLY A 409 66.44 17.35 -59.46
N THR A 410 65.91 16.25 -60.00
CA THR A 410 64.63 16.20 -60.76
C THR A 410 63.56 15.46 -59.96
N GLY A 411 63.87 15.01 -58.75
CA GLY A 411 62.94 14.34 -57.83
C GLY A 411 62.26 13.14 -58.48
N VAL A 412 60.94 13.04 -58.37
CA VAL A 412 60.14 11.87 -58.81
C VAL A 412 59.54 12.19 -60.18
N ASP A 413 59.67 11.27 -61.14
CA ASP A 413 59.03 11.42 -62.48
C ASP A 413 57.52 11.49 -62.29
N GLY A 414 56.84 12.28 -63.10
CA GLY A 414 55.35 12.30 -63.15
C GLY A 414 54.73 13.26 -62.14
N LEU A 415 55.50 13.87 -61.23
CA LEU A 415 55.01 14.95 -60.32
C LEU A 415 55.19 16.34 -60.92
N ARG A 416 55.85 16.45 -62.09
CA ARG A 416 56.06 17.73 -62.83
C ARG A 416 54.71 18.32 -63.25
N GLU A 417 53.75 17.48 -63.65
CA GLU A 417 52.40 17.94 -64.08
C GLU A 417 51.67 18.66 -62.94
N PHE A 418 52.09 18.45 -61.69
CA PHE A 418 51.40 18.99 -60.48
C PHE A 418 52.20 20.16 -59.90
N ARG A 419 53.07 20.76 -60.70
CA ARG A 419 53.81 22.01 -60.37
C ARG A 419 52.78 23.06 -59.95
N PRO A 420 53.06 23.83 -58.88
CA PRO A 420 52.06 24.72 -58.29
C PRO A 420 51.68 25.93 -59.13
N GLU A 421 52.60 26.40 -59.98
CA GLU A 421 52.39 27.61 -60.81
C GLU A 421 51.96 27.12 -62.20
N ARG A 422 50.66 27.23 -62.48
CA ARG A 422 50.05 26.58 -63.66
C ARG A 422 48.70 27.23 -63.94
N ASP A 423 48.27 27.15 -65.19
CA ASP A 423 46.86 27.30 -65.60
C ASP A 423 46.08 26.18 -64.89
N LEU A 424 44.83 26.43 -64.56
CA LEU A 424 43.95 25.38 -63.98
C LEU A 424 43.96 24.18 -64.93
N ILE A 425 44.19 22.99 -64.38
CA ILE A 425 44.00 21.70 -65.10
C ILE A 425 42.50 21.51 -65.43
N SER A 426 42.20 20.97 -66.61
CA SER A 426 40.86 20.50 -67.02
C SER A 426 40.93 18.99 -67.26
N ALA A 427 40.85 18.19 -66.21
CA ALA A 427 41.10 16.73 -66.26
C ALA A 427 39.86 16.00 -66.80
N TRP A 428 38.70 16.65 -66.81
CA TRP A 428 37.42 16.06 -67.28
C TRP A 428 36.68 17.05 -68.18
N SER A 429 35.88 16.55 -69.11
CA SER A 429 34.90 17.35 -69.88
C SER A 429 33.84 17.89 -68.94
N ARG A 430 33.22 19.02 -69.31
CA ARG A 430 32.07 19.62 -68.63
C ARG A 430 30.96 18.57 -68.48
N GLU A 431 30.70 17.81 -69.54
CA GLU A 431 29.66 16.77 -69.58
C GLU A 431 29.96 15.70 -68.51
N GLU A 432 31.20 15.24 -68.41
CA GLU A 432 31.62 14.24 -67.39
C GLU A 432 31.31 14.80 -65.99
N ILE A 433 31.65 16.06 -65.74
CA ILE A 433 31.50 16.68 -64.40
C ILE A 433 30.00 16.85 -64.09
N LEU A 434 29.20 17.26 -65.07
CA LEU A 434 27.74 17.41 -64.91
C LEU A 434 27.10 16.05 -64.60
N ASP A 435 27.49 14.97 -65.28
CA ASP A 435 27.01 13.61 -64.92
C ASP A 435 27.42 13.29 -63.48
N ASP A 436 28.66 13.59 -63.11
CA ASP A 436 29.25 13.26 -61.78
C ASP A 436 28.48 14.04 -60.70
N VAL A 437 28.25 15.34 -60.87
CA VAL A 437 27.68 16.19 -59.79
C VAL A 437 26.25 15.72 -59.51
N VAL A 438 25.49 15.35 -60.53
CA VAL A 438 24.09 14.86 -60.36
C VAL A 438 24.12 13.51 -59.64
N ARG A 439 25.00 12.60 -60.06
CA ARG A 439 25.13 11.27 -59.40
C ARG A 439 25.49 11.45 -57.92
N HIS A 440 26.45 12.33 -57.61
CA HIS A 440 26.92 12.57 -56.23
C HIS A 440 25.78 13.20 -55.42
N THR A 441 25.02 14.13 -56.01
CA THR A 441 23.85 14.77 -55.33
C THR A 441 22.85 13.66 -54.96
N MET A 442 22.51 12.78 -55.89
CA MET A 442 21.58 11.66 -55.65
C MET A 442 22.16 10.73 -54.58
N ALA A 443 23.48 10.50 -54.60
CA ALA A 443 24.17 9.63 -53.63
C ALA A 443 23.97 10.15 -52.20
N THR A 444 23.86 11.47 -51.98
CA THR A 444 23.63 12.02 -50.62
C THR A 444 22.28 11.50 -50.08
N GLY A 445 21.32 11.20 -50.97
CA GLY A 445 20.05 10.58 -50.58
C GLY A 445 20.23 9.12 -50.21
N TYR A 446 20.82 8.33 -51.11
CA TYR A 446 20.95 6.87 -50.93
C TYR A 446 21.87 6.55 -49.74
N GLU A 447 22.80 7.43 -49.40
CA GLU A 447 23.79 7.20 -48.30
C GLU A 447 23.16 7.49 -46.93
N PHE A 448 22.05 8.23 -46.89
CA PHE A 448 21.44 8.74 -45.65
C PHE A 448 21.07 7.60 -44.70
N PRO A 449 20.36 6.52 -45.11
CA PRO A 449 19.69 6.38 -46.40
C PRO A 449 18.27 6.94 -46.30
N TRP A 450 17.78 7.58 -47.36
CA TRP A 450 16.42 8.15 -47.36
C TRP A 450 15.42 7.02 -47.60
N ARG A 451 14.14 7.30 -47.36
CA ARG A 451 12.99 6.46 -47.78
C ARG A 451 11.97 7.41 -48.40
N LEU A 452 11.71 7.24 -49.70
CA LEU A 452 10.95 8.19 -50.56
C LEU A 452 9.96 7.39 -51.38
N PRO A 453 8.90 8.01 -51.92
CA PRO A 453 8.09 7.39 -52.96
C PRO A 453 9.01 7.06 -54.15
N LEU A 454 8.72 5.95 -54.82
CA LEU A 454 9.62 5.37 -55.86
C LEU A 454 9.73 6.29 -57.08
N GLU A 455 8.79 7.21 -57.35
CA GLU A 455 8.89 8.13 -58.52
C GLU A 455 9.81 9.31 -58.18
N TRP A 456 10.13 9.54 -56.91
CA TRP A 456 10.79 10.81 -56.51
C TRP A 456 12.22 10.88 -57.01
N PRO A 457 13.05 9.82 -56.87
CA PRO A 457 14.44 9.89 -57.34
C PRO A 457 14.58 10.26 -58.82
N HIS A 458 13.80 9.65 -59.71
CA HIS A 458 13.84 9.97 -61.16
C HIS A 458 13.44 11.44 -61.37
N MET A 459 12.40 11.91 -60.67
CA MET A 459 11.97 13.31 -60.75
C MET A 459 13.12 14.25 -60.31
N MET A 460 13.83 13.91 -59.23
CA MET A 460 14.92 14.78 -58.73
C MET A 460 16.12 14.76 -59.70
N GLU A 461 16.48 13.59 -60.26
CA GLU A 461 17.56 13.47 -61.27
C GLU A 461 17.25 14.42 -62.43
N THR A 462 16.04 14.34 -62.98
CA THR A 462 15.59 15.17 -64.12
C THR A 462 15.74 16.66 -63.75
N PHE A 463 15.31 17.08 -62.57
CA PHE A 463 15.23 18.52 -62.20
C PHE A 463 16.58 19.05 -61.69
N LEU A 464 17.56 18.18 -61.42
CA LEU A 464 18.92 18.62 -61.00
C LEU A 464 19.78 18.99 -62.22
N GLN A 465 19.53 18.38 -63.38
CA GLN A 465 20.42 18.48 -64.56
C GLN A 465 20.53 19.93 -65.04
N GLY A 466 19.37 20.58 -65.23
CA GLY A 466 19.25 21.95 -65.75
C GLY A 466 20.02 22.96 -64.90
N PRO A 467 19.72 23.09 -63.60
CA PRO A 467 20.41 24.06 -62.75
C PRO A 467 21.95 23.90 -62.71
N PHE A 468 22.46 22.67 -62.74
CA PHE A 468 23.94 22.43 -62.71
C PHE A 468 24.52 22.80 -64.08
N ALA A 469 23.86 22.45 -65.20
CA ALA A 469 24.29 22.83 -66.56
C ALA A 469 24.35 24.36 -66.66
N GLU A 470 23.32 25.06 -66.17
CA GLU A 470 23.22 26.54 -66.19
C GLU A 470 24.38 27.14 -65.37
N LEU A 471 24.67 26.56 -64.20
CA LEU A 471 25.73 27.09 -63.31
C LEU A 471 27.08 26.95 -64.01
N ALA A 472 27.37 25.76 -64.56
CA ALA A 472 28.66 25.43 -65.20
C ALA A 472 28.91 26.41 -66.37
N ASP A 473 27.88 26.67 -67.17
CA ASP A 473 27.93 27.56 -68.35
C ASP A 473 28.17 29.01 -67.91
N ARG A 474 27.58 29.42 -66.81
CA ARG A 474 27.67 30.79 -66.24
C ARG A 474 29.07 31.03 -65.63
N LEU A 475 29.70 30.01 -65.04
CA LEU A 475 30.95 30.21 -64.26
C LEU A 475 32.09 30.59 -65.22
N SER A 476 32.16 29.97 -66.38
CA SER A 476 33.32 30.10 -67.31
C SER A 476 33.03 29.37 -68.62
N ASP A 477 33.61 29.87 -69.72
CA ASP A 477 33.55 29.25 -71.06
C ASP A 477 34.61 28.15 -71.15
N THR A 478 35.60 28.11 -70.25
CA THR A 478 36.73 27.15 -70.40
C THR A 478 36.87 26.27 -69.13
N TYR A 479 36.76 26.81 -67.93
CA TYR A 479 37.01 26.04 -66.68
C TYR A 479 35.69 25.46 -66.14
N THR A 480 35.73 24.20 -65.68
CA THR A 480 34.63 23.56 -64.93
C THR A 480 35.17 23.04 -63.59
N PRO A 481 34.62 23.52 -62.44
CA PRO A 481 35.02 22.98 -61.14
C PRO A 481 34.60 21.52 -61.02
N PRO A 482 35.42 20.67 -60.38
CA PRO A 482 35.01 19.29 -60.10
C PRO A 482 33.77 19.28 -59.17
N ALA A 483 33.02 18.19 -59.17
CA ALA A 483 31.70 18.03 -58.50
C ALA A 483 31.73 18.54 -57.05
N ASP A 484 32.75 18.15 -56.29
CA ASP A 484 32.91 18.49 -54.85
C ASP A 484 32.80 20.01 -54.67
N LEU A 485 33.45 20.77 -55.56
CA LEU A 485 33.49 22.25 -55.48
C LEU A 485 32.23 22.81 -56.15
N MET A 486 31.76 22.19 -57.23
CA MET A 486 30.57 22.70 -57.97
C MET A 486 29.36 22.73 -57.02
N THR A 487 29.16 21.70 -56.19
CA THR A 487 28.01 21.68 -55.25
C THR A 487 28.17 22.83 -54.25
N ALA A 488 29.37 23.06 -53.72
CA ALA A 488 29.62 24.16 -52.77
C ALA A 488 29.28 25.50 -53.44
N ILE A 489 29.69 25.69 -54.70
CA ILE A 489 29.42 26.96 -55.44
C ILE A 489 27.93 27.08 -55.70
N MET A 490 27.27 26.01 -56.13
CA MET A 490 25.81 26.01 -56.42
C MET A 490 25.05 26.59 -55.22
N PHE A 491 25.44 26.26 -53.99
CA PHE A 491 24.68 26.61 -52.76
C PHE A 491 25.36 27.75 -52.01
N SER A 492 26.32 28.45 -52.61
CA SER A 492 27.00 29.63 -52.01
C SER A 492 26.19 30.89 -52.33
N GLU A 493 26.54 32.04 -51.73
CA GLU A 493 25.88 33.35 -52.02
C GLU A 493 26.18 33.79 -53.47
N ARG A 494 25.28 34.56 -54.07
CA ARG A 494 25.45 35.14 -55.43
C ARG A 494 26.79 35.89 -55.54
N GLU A 495 27.16 36.64 -54.50
CA GLU A 495 28.41 37.45 -54.43
C GLU A 495 29.62 36.51 -54.53
N GLN A 496 29.56 35.34 -53.87
CA GLN A 496 30.66 34.34 -53.90
C GLN A 496 30.75 33.70 -55.29
N GLN A 497 29.61 33.44 -55.94
CA GLN A 497 29.57 32.91 -57.32
C GLN A 497 30.20 33.93 -58.27
N ASP A 498 29.82 35.20 -58.14
CA ASP A 498 30.29 36.28 -59.04
C ASP A 498 31.80 36.45 -58.87
N GLU A 499 32.29 36.39 -57.62
CA GLU A 499 33.74 36.51 -57.32
C GLU A 499 34.50 35.37 -58.03
N LEU A 500 33.93 34.17 -58.07
CA LEU A 500 34.58 32.99 -58.75
C LEU A 500 34.54 33.19 -60.28
N ILE A 501 33.45 33.74 -60.81
CA ILE A 501 33.35 34.05 -62.27
C ILE A 501 34.51 35.00 -62.63
N ALA A 502 34.74 36.04 -61.83
CA ALA A 502 35.84 37.01 -62.00
C ALA A 502 37.18 36.28 -61.88
N TYR A 503 37.35 35.43 -60.86
CA TYR A 503 38.60 34.64 -60.65
C TYR A 503 38.90 33.85 -61.92
N TYR A 504 37.95 33.07 -62.41
CA TYR A 504 38.12 32.20 -63.61
C TYR A 504 38.51 33.07 -64.82
N ALA A 505 37.87 34.22 -65.00
CA ALA A 505 38.12 35.16 -66.13
C ALA A 505 39.55 35.73 -66.01
N ASP A 506 39.99 36.08 -64.80
CA ASP A 506 41.36 36.59 -64.54
C ASP A 506 42.39 35.49 -64.82
N VAL A 507 42.11 34.24 -64.47
CA VAL A 507 43.03 33.10 -64.76
C VAL A 507 43.12 32.95 -66.28
N HIS A 508 41.99 32.98 -67.00
CA HIS A 508 41.96 32.81 -68.47
C HIS A 508 42.87 33.86 -69.14
N ARG A 509 42.65 35.11 -68.78
CA ARG A 509 43.40 36.32 -69.21
C ARG A 509 44.91 36.13 -68.97
N GLU A 510 45.30 35.54 -67.83
CA GLU A 510 46.72 35.37 -67.42
C GLU A 510 47.41 34.31 -68.29
N TRP A 511 46.71 33.24 -68.67
CA TRP A 511 47.35 32.04 -69.27
C TRP A 511 47.04 31.90 -70.77
N HIS A 512 46.15 32.74 -71.33
CA HIS A 512 45.73 32.66 -72.75
C HIS A 512 45.77 34.04 -73.41
N GLN B 31 34.42 22.81 16.69
CA GLN B 31 34.35 24.19 16.11
C GLN B 31 32.88 24.59 15.98
N THR B 32 32.63 25.85 15.61
CA THR B 32 31.36 26.35 14.99
C THR B 32 31.61 26.58 13.48
N ASP B 33 32.72 26.07 12.97
CA ASP B 33 33.08 26.05 11.53
C ASP B 33 32.07 25.20 10.75
N VAL B 34 31.72 25.66 9.54
CA VAL B 34 30.85 24.90 8.59
C VAL B 34 31.70 24.51 7.37
N ILE B 35 31.65 23.24 6.99
CA ILE B 35 32.20 22.74 5.71
C ILE B 35 31.02 22.30 4.83
N VAL B 36 30.90 22.90 3.64
CA VAL B 36 29.98 22.46 2.57
C VAL B 36 30.78 21.56 1.62
N VAL B 37 30.40 20.30 1.48
CA VAL B 37 31.04 19.32 0.56
C VAL B 37 30.24 19.33 -0.75
N GLY B 38 30.78 19.99 -1.77
CA GLY B 38 30.24 20.01 -3.14
C GLY B 38 30.08 21.43 -3.64
N ASN B 39 30.41 21.65 -4.91
CA ASN B 39 30.47 23.01 -5.52
C ASN B 39 29.56 23.06 -6.75
N GLY B 40 28.46 22.31 -6.73
CA GLY B 40 27.36 22.48 -7.68
C GLY B 40 26.46 23.61 -7.24
N VAL B 41 25.29 23.74 -7.86
CA VAL B 41 24.28 24.76 -7.48
C VAL B 41 23.85 24.56 -6.01
N LEU B 42 23.71 23.32 -5.54
CA LEU B 42 23.12 23.10 -4.18
C LEU B 42 24.15 23.49 -3.12
N GLY B 43 25.39 23.02 -3.25
CA GLY B 43 26.49 23.34 -2.32
C GLY B 43 26.72 24.83 -2.23
N LEU B 44 26.88 25.47 -3.40
CA LEU B 44 27.16 26.92 -3.46
C LEU B 44 25.96 27.72 -2.95
N SER B 45 24.73 27.29 -3.25
CA SER B 45 23.50 28.01 -2.85
C SER B 45 23.39 27.96 -1.31
N VAL B 46 23.65 26.80 -0.71
CA VAL B 46 23.59 26.62 0.76
C VAL B 46 24.79 27.37 1.37
N GLY B 47 25.98 27.31 0.75
CA GLY B 47 27.17 28.05 1.19
C GLY B 47 26.89 29.54 1.26
N VAL B 48 26.28 30.10 0.22
CA VAL B 48 25.92 31.55 0.16
C VAL B 48 24.96 31.87 1.32
N GLU B 49 23.92 31.05 1.53
CA GLU B 49 22.87 31.36 2.52
C GLU B 49 23.47 31.27 3.94
N ILE B 50 24.30 30.27 4.21
CA ILE B 50 24.96 30.09 5.52
C ILE B 50 25.87 31.30 5.78
N ALA B 51 26.76 31.62 4.82
CA ALA B 51 27.73 32.73 4.94
C ALA B 51 27.01 34.06 5.17
N ARG B 52 25.90 34.31 4.49
CA ARG B 52 25.11 35.57 4.61
C ARG B 52 24.39 35.63 5.97
N THR B 53 24.05 34.49 6.57
CA THR B 53 23.16 34.38 7.75
C THR B 53 23.96 34.24 9.06
N ARG B 54 25.18 33.69 9.00
CA ARG B 54 26.11 33.54 10.15
C ARG B 54 27.45 34.21 9.82
N PRO B 55 27.54 35.57 9.79
CA PRO B 55 28.80 36.25 9.47
C PRO B 55 29.92 35.96 10.47
N ASP B 56 29.53 35.48 11.66
CA ASP B 56 30.41 35.16 12.80
C ASP B 56 31.12 33.81 12.61
N VAL B 57 30.66 32.93 11.72
CA VAL B 57 31.24 31.56 11.53
C VAL B 57 32.05 31.51 10.23
N ARG B 58 33.11 30.70 10.23
CA ARG B 58 33.88 30.31 9.03
C ARG B 58 33.11 29.23 8.26
N VAL B 59 32.75 29.53 7.01
CA VAL B 59 32.14 28.56 6.04
C VAL B 59 33.17 28.28 4.94
N THR B 60 33.58 27.04 4.79
CA THR B 60 34.50 26.54 3.75
C THR B 60 33.72 25.64 2.78
N LEU B 61 33.90 25.84 1.47
CA LEU B 61 33.21 25.02 0.44
C LEU B 61 34.27 24.26 -0.36
N LEU B 62 34.16 22.93 -0.35
CA LEU B 62 35.07 21.97 -1.01
C LEU B 62 34.54 21.65 -2.41
N GLY B 63 35.41 21.21 -3.31
CA GLY B 63 35.10 20.88 -4.71
C GLY B 63 36.04 21.60 -5.67
N LYS B 64 36.26 21.01 -6.85
CA LYS B 64 37.31 21.43 -7.80
C LYS B 64 36.68 22.09 -9.04
N PRO B 65 37.44 22.92 -9.76
CA PRO B 65 36.93 23.62 -10.95
C PRO B 65 36.47 22.65 -12.06
N ALA B 66 37.08 21.45 -12.14
CA ALA B 66 36.73 20.39 -13.10
C ALA B 66 35.25 19.97 -12.93
N ARG B 67 34.71 20.03 -11.70
CA ARG B 67 33.31 19.62 -11.38
C ARG B 67 33.01 18.30 -12.07
N GLN B 68 33.79 17.27 -11.76
CA GLN B 68 33.63 15.91 -12.33
C GLN B 68 32.18 15.46 -12.11
N TYR B 69 31.54 14.94 -13.17
CA TYR B 69 30.16 14.39 -13.18
C TYR B 69 29.13 15.46 -12.83
N GLY B 70 29.55 16.73 -12.78
CA GLY B 70 28.71 17.85 -12.30
C GLY B 70 27.45 18.01 -13.14
N ALA B 71 26.28 17.86 -12.53
CA ALA B 71 24.96 18.09 -13.14
C ALA B 71 24.82 19.56 -13.56
N THR B 72 25.13 20.49 -12.63
CA THR B 72 24.84 21.94 -12.76
C THR B 72 25.44 22.50 -14.06
N PRO B 73 26.76 22.32 -14.35
CA PRO B 73 27.35 22.90 -15.57
C PRO B 73 26.80 22.30 -16.87
N ALA B 74 26.22 21.10 -16.83
CA ALA B 74 25.60 20.42 -17.98
C ALA B 74 24.15 20.89 -18.17
N ALA B 75 23.62 21.70 -17.26
CA ALA B 75 22.19 22.12 -17.25
C ALA B 75 22.02 23.40 -18.08
N GLY B 76 20.82 23.59 -18.62
CA GLY B 76 20.51 24.68 -19.57
C GLY B 76 20.61 26.06 -18.94
N ALA B 77 19.76 26.36 -17.94
CA ALA B 77 18.86 25.41 -17.32
C ALA B 77 17.48 26.03 -17.21
N MET B 78 16.46 25.19 -17.32
CA MET B 78 15.04 25.59 -17.19
C MET B 78 14.71 25.78 -15.70
N LEU B 79 14.00 26.84 -15.35
CA LEU B 79 13.37 26.99 -14.02
C LEU B 79 12.02 26.24 -14.08
N GLY B 80 12.12 24.91 -14.12
CA GLY B 80 11.04 23.97 -14.46
C GLY B 80 10.19 23.70 -13.25
N ALA B 81 8.92 24.09 -13.35
CA ALA B 81 7.87 23.85 -12.35
C ALA B 81 6.69 23.17 -13.07
N PHE B 82 5.91 23.93 -13.83
CA PHE B 82 4.77 23.42 -14.62
C PHE B 82 5.26 22.55 -15.79
N GLY B 83 6.36 22.94 -16.45
CA GLY B 83 6.96 22.17 -17.56
C GLY B 83 7.37 20.78 -17.13
N GLU B 84 7.71 20.58 -15.85
CA GLU B 84 8.13 19.27 -15.28
C GLU B 84 6.94 18.39 -14.89
N VAL B 85 5.70 18.88 -15.00
CA VAL B 85 4.50 18.09 -14.60
C VAL B 85 4.33 16.88 -15.51
N THR B 86 4.13 15.70 -14.92
CA THR B 86 3.68 14.47 -15.64
C THR B 86 2.43 13.91 -14.93
N ALA B 87 1.55 13.24 -15.68
CA ALA B 87 0.38 12.53 -15.12
C ALA B 87 0.86 11.59 -14.00
N HIS B 88 1.93 10.83 -14.23
CA HIS B 88 2.46 9.82 -13.28
C HIS B 88 2.91 10.46 -11.96
N ALA B 89 3.65 11.57 -12.03
CA ALA B 89 4.14 12.30 -10.82
C ALA B 89 2.92 12.77 -9.99
N LEU B 90 1.97 13.46 -10.62
CA LEU B 90 0.79 14.07 -9.94
C LEU B 90 -0.25 13.01 -9.53
N ALA B 91 -0.08 11.74 -9.90
CA ALA B 91 -0.93 10.62 -9.46
C ALA B 91 -0.50 10.13 -8.07
N SER B 92 0.69 10.51 -7.60
CA SER B 92 1.21 10.11 -6.27
C SER B 92 1.18 11.31 -5.32
N GLU B 93 0.99 11.04 -4.03
CA GLU B 93 1.00 12.07 -2.97
C GLU B 93 2.38 12.74 -2.92
N HIS B 94 3.46 11.94 -2.96
CA HIS B 94 4.85 12.44 -2.90
C HIS B 94 5.12 13.33 -4.13
N GLY B 95 4.61 12.94 -5.30
CA GLY B 95 4.71 13.73 -6.55
C GLY B 95 4.03 15.09 -6.44
N ARG B 96 2.82 15.13 -5.89
CA ARG B 96 2.07 16.41 -5.70
C ARG B 96 2.83 17.31 -4.71
N LYS B 97 3.43 16.71 -3.66
CA LYS B 97 4.22 17.48 -2.65
C LYS B 97 5.43 18.13 -3.35
N LYS B 98 6.17 17.34 -4.14
CA LYS B 98 7.37 17.83 -4.87
C LYS B 98 6.96 18.96 -5.83
N HIS B 99 5.83 18.81 -6.52
CA HIS B 99 5.33 19.84 -7.47
C HIS B 99 5.03 21.16 -6.72
N ALA B 100 4.35 21.08 -5.58
CA ALA B 100 4.01 22.28 -4.76
C ALA B 100 5.32 23.04 -4.40
N LEU B 101 6.37 22.32 -4.02
CA LEU B 101 7.69 22.90 -3.68
C LEU B 101 8.30 23.62 -4.91
N ALA B 102 8.18 23.05 -6.11
CA ALA B 102 8.70 23.67 -7.35
C ALA B 102 7.98 25.00 -7.58
N VAL B 103 6.67 25.04 -7.37
CA VAL B 103 5.88 26.27 -7.57
C VAL B 103 6.33 27.33 -6.55
N GLN B 104 6.58 26.92 -5.31
CA GLN B 104 7.08 27.83 -4.24
C GLN B 104 8.46 28.37 -4.62
N ALA B 105 9.36 27.50 -5.07
CA ALA B 105 10.76 27.85 -5.45
C ALA B 105 10.74 28.94 -6.54
N GLN B 106 9.82 28.85 -7.51
CA GLN B 106 9.75 29.82 -8.63
C GLN B 106 9.65 31.26 -8.10
N ARG B 107 8.87 31.47 -7.04
CA ARG B 107 8.60 32.80 -6.44
C ARG B 107 9.90 33.41 -5.89
N LEU B 108 10.89 32.60 -5.52
CA LEU B 108 12.16 33.10 -4.90
C LEU B 108 13.16 33.59 -5.95
N TRP B 109 13.00 33.22 -7.23
CA TRP B 109 14.10 33.38 -8.23
C TRP B 109 14.41 34.85 -8.50
N PRO B 110 13.42 35.75 -8.74
CA PRO B 110 13.73 37.13 -9.07
C PRO B 110 14.63 37.85 -8.04
N GLU B 111 14.31 37.75 -6.75
CA GLU B 111 15.10 38.40 -5.65
C GLU B 111 16.45 37.69 -5.50
N TRP B 112 16.46 36.35 -5.60
CA TRP B 112 17.69 35.52 -5.52
C TRP B 112 18.70 35.98 -6.58
N ILE B 113 18.26 36.13 -7.83
CA ILE B 113 19.12 36.55 -8.97
C ILE B 113 19.63 37.98 -8.71
N GLU B 114 18.75 38.88 -8.32
CA GLU B 114 19.09 40.28 -7.96
C GLU B 114 20.23 40.28 -6.92
N SER B 115 20.09 39.47 -5.86
CA SER B 115 21.05 39.38 -4.74
C SER B 115 22.39 38.79 -5.21
N LEU B 116 22.39 37.97 -6.28
CA LEU B 116 23.62 37.33 -6.80
C LEU B 116 24.32 38.29 -7.77
N GLU B 117 23.56 38.94 -8.65
CA GLU B 117 24.12 39.88 -9.65
C GLU B 117 24.66 41.13 -8.94
N ALA B 118 24.05 41.49 -7.80
CA ALA B 118 24.45 42.65 -6.97
C ALA B 118 25.95 42.59 -6.61
N THR B 119 26.52 41.40 -6.46
CA THR B 119 27.93 41.18 -6.04
C THR B 119 28.88 41.28 -7.23
N GLY B 120 28.36 41.46 -8.46
CA GLY B 120 29.16 41.55 -9.69
C GLY B 120 28.96 42.87 -10.39
N THR B 121 29.38 42.96 -11.65
CA THR B 121 29.26 44.18 -12.51
C THR B 121 28.69 43.78 -13.87
N ALA B 122 28.38 44.78 -14.72
CA ALA B 122 27.75 44.60 -16.05
C ALA B 122 28.43 43.46 -16.83
N ALA B 123 29.77 43.41 -16.79
CA ALA B 123 30.57 42.52 -17.67
C ALA B 123 30.47 41.06 -17.22
N ASP B 124 29.90 40.79 -16.04
CA ASP B 124 29.70 39.41 -15.54
C ASP B 124 28.55 38.72 -16.30
N GLY B 125 27.71 39.48 -16.98
CA GLY B 125 26.63 38.90 -17.80
C GLY B 125 25.41 38.56 -16.95
N ARG B 126 24.32 38.16 -17.60
CA ARG B 126 22.99 38.06 -16.94
C ARG B 126 22.71 36.58 -16.64
N ILE B 127 22.26 36.30 -15.41
CA ILE B 127 21.88 34.94 -14.98
C ILE B 127 20.64 34.49 -15.77
N LYS B 128 19.62 35.34 -15.86
CA LYS B 128 18.33 35.01 -16.51
C LYS B 128 18.50 35.08 -18.03
N THR B 129 18.06 34.06 -18.76
CA THR B 129 18.19 34.02 -20.25
C THR B 129 16.80 34.04 -20.91
N ALA B 130 15.73 33.77 -20.16
CA ALA B 130 14.36 33.80 -20.69
C ALA B 130 13.37 33.93 -19.54
N ASP B 131 12.21 34.54 -19.80
CA ASP B 131 11.14 34.73 -18.79
C ASP B 131 10.05 33.67 -18.97
N ASP B 132 9.82 33.20 -20.20
CA ASP B 132 8.65 32.34 -20.52
C ASP B 132 9.11 31.03 -21.17
N THR B 133 8.21 30.06 -21.21
CA THR B 133 8.43 28.71 -21.78
C THR B 133 7.26 28.40 -22.72
N VAL B 134 7.54 27.89 -23.91
CA VAL B 134 6.51 27.23 -24.76
C VAL B 134 6.71 25.71 -24.68
N VAL B 135 5.67 24.99 -24.26
CA VAL B 135 5.60 23.50 -24.31
C VAL B 135 4.97 23.10 -25.64
N LEU B 136 5.65 22.28 -26.44
CA LEU B 136 5.16 21.85 -27.77
C LEU B 136 4.64 20.43 -27.66
N LEU B 137 3.58 20.11 -28.39
CA LEU B 137 3.07 18.72 -28.51
C LEU B 137 3.17 18.29 -29.97
N ASN B 138 3.98 17.27 -30.23
CA ASN B 138 4.17 16.66 -31.58
C ASN B 138 3.90 15.16 -31.43
N THR B 139 4.01 14.39 -32.52
CA THR B 139 3.67 12.94 -32.51
C THR B 139 4.92 12.10 -32.56
N VAL B 140 6.08 12.67 -32.22
CA VAL B 140 7.36 11.91 -32.19
C VAL B 140 7.55 11.39 -30.77
N GLY B 141 6.61 10.53 -30.36
CA GLY B 141 6.60 9.99 -28.99
C GLY B 141 5.38 9.15 -28.73
N HIS B 142 5.30 8.58 -27.53
CA HIS B 142 4.18 7.72 -27.10
C HIS B 142 2.99 8.61 -26.73
N SER B 143 1.79 8.32 -27.25
CA SER B 143 0.52 8.94 -26.79
C SER B 143 0.37 8.76 -25.27
N ALA B 144 0.75 7.60 -24.73
CA ALA B 144 0.55 7.25 -23.30
C ALA B 144 1.44 8.13 -22.40
N LEU B 145 2.51 8.74 -22.92
CA LEU B 145 3.28 9.75 -22.16
C LEU B 145 2.87 11.15 -22.61
N ASP B 146 3.11 11.50 -23.88
CA ASP B 146 3.05 12.90 -24.36
C ASP B 146 1.62 13.44 -24.28
N ASP B 147 0.59 12.66 -24.66
CA ASP B 147 -0.81 13.16 -24.62
C ASP B 147 -1.23 13.32 -23.15
N ALA B 148 -1.00 12.31 -22.32
CA ALA B 148 -1.34 12.35 -20.87
C ALA B 148 -0.61 13.53 -20.21
N ASN B 149 0.68 13.72 -20.51
CA ASN B 149 1.51 14.73 -19.81
C ASN B 149 1.09 16.13 -20.25
N PHE B 150 0.74 16.33 -21.52
CA PHE B 150 0.28 17.66 -22.00
C PHE B 150 -1.00 18.06 -21.24
N ALA B 151 -1.94 17.13 -21.10
CA ALA B 151 -3.22 17.36 -20.38
C ALA B 151 -2.90 17.65 -18.91
N ALA B 152 -1.97 16.93 -18.31
CA ALA B 152 -1.59 17.09 -16.87
C ALA B 152 -0.98 18.47 -16.63
N VAL B 153 -0.17 18.97 -17.57
CA VAL B 153 0.47 20.32 -17.47
C VAL B 153 -0.65 21.37 -17.52
N LEU B 154 -1.55 21.29 -18.49
CA LEU B 154 -2.70 22.20 -18.64
C LEU B 154 -3.52 22.22 -17.33
N THR B 155 -3.79 21.06 -16.75
CA THR B 155 -4.63 20.90 -15.53
C THR B 155 -3.89 21.56 -14.35
N ALA B 156 -2.59 21.30 -14.19
CA ALA B 156 -1.77 21.83 -13.08
C ALA B 156 -1.72 23.37 -13.16
N LEU B 157 -1.60 23.93 -14.37
CA LEU B 157 -1.60 25.40 -14.58
C LEU B 157 -2.93 25.99 -14.12
N LYS B 158 -4.06 25.40 -14.56
CA LYS B 158 -5.44 25.85 -14.22
C LYS B 158 -5.66 25.77 -12.70
N GLU B 159 -5.29 24.66 -12.07
CA GLU B 159 -5.44 24.43 -10.61
C GLU B 159 -4.64 25.47 -9.82
N ALA B 160 -3.46 25.88 -10.29
CA ALA B 160 -2.58 26.83 -9.58
C ALA B 160 -2.97 28.27 -9.93
N ASN B 161 -3.91 28.45 -10.85
CA ASN B 161 -4.30 29.78 -11.38
C ASN B 161 -3.07 30.50 -11.96
N ALA B 162 -2.11 29.75 -12.51
CA ALA B 162 -0.86 30.28 -13.09
C ALA B 162 -1.18 30.95 -14.42
N PRO B 163 -0.52 32.06 -14.79
CA PRO B 163 -0.75 32.69 -16.09
C PRO B 163 -0.12 31.81 -17.20
N HIS B 164 -0.93 31.52 -18.22
CA HIS B 164 -0.59 30.61 -19.34
C HIS B 164 -1.63 30.80 -20.43
N GLU B 165 -1.36 30.28 -21.63
CA GLU B 165 -2.28 30.37 -22.78
C GLU B 165 -1.94 29.24 -23.75
N GLU B 166 -2.93 28.47 -24.17
CA GLU B 166 -2.78 27.58 -25.35
C GLU B 166 -2.75 28.51 -26.57
N ILE B 167 -1.71 28.42 -27.39
CA ILE B 167 -1.50 29.34 -28.54
C ILE B 167 -1.48 28.53 -29.84
N ALA B 168 -1.76 29.20 -30.95
CA ALA B 168 -1.63 28.63 -32.31
C ALA B 168 -0.15 28.31 -32.52
N VAL B 169 0.14 27.12 -33.06
CA VAL B 169 1.55 26.70 -33.33
C VAL B 169 2.21 27.72 -34.26
N GLU B 170 1.44 28.26 -35.22
CA GLU B 170 1.92 29.26 -36.22
C GLU B 170 2.44 30.51 -35.50
N SER B 171 1.95 30.79 -34.29
CA SER B 171 2.37 31.99 -33.51
C SER B 171 3.64 31.70 -32.70
N VAL B 172 4.14 30.45 -32.68
CA VAL B 172 5.42 30.16 -31.96
C VAL B 172 6.55 30.73 -32.82
N ASP B 173 7.31 31.66 -32.27
CA ASP B 173 8.40 32.37 -32.99
C ASP B 173 9.58 31.39 -33.15
N TRP B 174 10.31 31.56 -34.25
CA TRP B 174 11.68 31.07 -34.47
C TRP B 174 11.67 29.62 -34.97
N ILE B 175 10.85 28.72 -34.39
CA ILE B 175 10.93 27.25 -34.67
C ILE B 175 10.76 27.01 -36.18
N ASP B 176 11.44 25.99 -36.69
CA ASP B 176 11.33 25.59 -38.12
C ASP B 176 11.44 24.07 -38.20
N PRO B 177 10.45 23.34 -37.65
CA PRO B 177 10.52 21.89 -37.59
C PRO B 177 10.36 21.24 -38.97
N ASP B 178 10.86 20.02 -39.11
CA ASP B 178 10.43 19.08 -40.17
C ASP B 178 8.91 18.99 -40.10
N PRO B 179 8.14 19.22 -41.19
CA PRO B 179 6.69 19.06 -41.15
C PRO B 179 6.18 17.74 -40.55
N ASN B 180 6.90 16.63 -40.79
CA ASN B 180 6.48 15.29 -40.27
C ASN B 180 6.79 15.19 -38.77
N SER B 181 7.52 16.15 -38.19
CA SER B 181 7.91 16.18 -36.76
C SER B 181 7.34 17.42 -36.06
N ARG B 182 6.45 18.16 -36.71
CA ARG B 182 6.01 19.49 -36.22
C ARG B 182 5.01 19.35 -35.06
N PRO B 183 4.91 20.38 -34.22
CA PRO B 183 3.90 20.40 -33.17
C PRO B 183 2.53 20.78 -33.76
N LEU B 184 1.45 20.24 -33.19
CA LEU B 184 0.08 20.65 -33.57
C LEU B 184 -0.60 21.39 -32.42
N ARG B 185 -0.05 21.30 -31.20
CA ARG B 185 -0.49 22.14 -30.06
C ARG B 185 0.72 22.77 -29.36
N ALA B 186 0.51 23.94 -28.77
CA ALA B 186 1.56 24.71 -28.07
C ALA B 186 0.93 25.43 -26.88
N LEU B 187 1.69 25.52 -25.81
CA LEU B 187 1.28 26.08 -24.52
C LEU B 187 2.34 27.09 -24.07
N HIS B 188 1.98 28.37 -23.98
CA HIS B 188 2.81 29.48 -23.46
C HIS B 188 2.64 29.54 -21.94
N ILE B 189 3.71 29.34 -21.18
CA ILE B 189 3.74 29.44 -19.70
C ILE B 189 4.49 30.73 -19.34
N GLU B 190 3.78 31.71 -18.80
CA GLU B 190 4.33 33.05 -18.46
C GLU B 190 5.06 32.96 -17.11
N GLY B 191 6.27 33.51 -17.03
CA GLY B 191 7.05 33.61 -15.78
C GLY B 191 7.72 32.30 -15.42
N GLU B 192 7.75 31.34 -16.36
CA GLU B 192 8.55 30.09 -16.20
C GLU B 192 9.70 30.19 -17.21
N GLY B 193 10.92 30.44 -16.75
CA GLY B 193 12.02 30.84 -17.64
C GLY B 193 13.22 29.94 -17.55
N SER B 194 14.41 30.53 -17.72
CA SER B 194 15.69 29.79 -17.77
C SER B 194 16.80 30.70 -17.26
N VAL B 195 17.86 30.08 -16.80
CA VAL B 195 19.12 30.76 -16.36
C VAL B 195 20.27 30.13 -17.12
N ASP B 196 21.33 30.91 -17.32
CA ASP B 196 22.63 30.37 -17.77
C ASP B 196 23.31 29.74 -16.56
N SER B 197 23.47 28.42 -16.55
CA SER B 197 23.98 27.67 -15.37
C SER B 197 25.44 28.05 -15.09
N GLY B 198 26.21 28.38 -16.14
CA GLY B 198 27.63 28.78 -16.03
C GLY B 198 27.74 30.14 -15.35
N ILE B 199 26.90 31.09 -15.77
CA ILE B 199 26.84 32.45 -15.19
C ILE B 199 26.29 32.36 -13.76
N LEU B 200 25.31 31.47 -13.52
CA LEU B 200 24.79 31.23 -12.16
C LEU B 200 25.93 30.76 -11.25
N LEU B 201 26.71 29.77 -11.67
CA LEU B 201 27.78 29.18 -10.83
C LEU B 201 28.83 30.26 -10.52
N ALA B 202 29.20 31.09 -11.51
CA ALA B 202 30.19 32.17 -11.33
C ALA B 202 29.64 33.20 -10.33
N ALA B 203 28.35 33.57 -10.45
CA ALA B 203 27.68 34.53 -9.55
C ALA B 203 27.60 33.97 -8.12
N LEU B 204 27.34 32.66 -7.98
CA LEU B 204 27.24 32.00 -6.66
C LEU B 204 28.62 32.02 -5.99
N GLU B 205 29.68 31.69 -6.71
CA GLU B 205 31.06 31.66 -6.16
C GLU B 205 31.44 33.06 -5.66
N ARG B 206 31.23 34.06 -6.51
CA ARG B 206 31.53 35.47 -6.23
C ARG B 206 30.73 35.93 -5.00
N SER B 207 29.45 35.56 -4.92
CA SER B 207 28.53 35.92 -3.80
C SER B 207 28.97 35.22 -2.52
N PHE B 208 29.46 33.99 -2.65
CA PHE B 208 29.96 33.20 -1.50
C PHE B 208 31.16 33.93 -0.89
N LEU B 209 32.12 34.34 -1.72
CA LEU B 209 33.34 35.08 -1.28
C LEU B 209 32.93 36.44 -0.67
N GLN B 210 31.98 37.15 -1.28
CA GLN B 210 31.49 38.47 -0.81
C GLN B 210 30.92 38.35 0.61
N ALA B 211 30.29 37.20 0.93
CA ALA B 211 29.65 36.96 2.24
C ALA B 211 30.67 36.39 3.24
N GLY B 212 31.94 36.28 2.86
CA GLY B 212 33.02 35.83 3.74
C GLY B 212 33.27 34.34 3.70
N GLY B 213 32.70 33.64 2.71
CA GLY B 213 32.98 32.22 2.46
C GLY B 213 34.39 32.00 1.96
N ARG B 214 34.96 30.82 2.20
CA ARG B 214 36.29 30.38 1.72
C ARG B 214 36.10 29.20 0.76
N LEU B 215 36.64 29.30 -0.46
CA LEU B 215 36.69 28.20 -1.46
C LEU B 215 38.00 27.43 -1.30
N HIS B 216 37.91 26.13 -1.00
CA HIS B 216 39.09 25.23 -0.88
C HIS B 216 38.96 24.17 -1.96
N PRO B 217 39.70 24.30 -3.09
CA PRO B 217 39.48 23.44 -4.26
C PRO B 217 40.10 22.04 -4.11
N VAL B 218 39.62 21.28 -3.13
CA VAL B 218 39.93 19.83 -2.94
C VAL B 218 38.61 19.10 -2.71
N ASP B 219 38.64 17.77 -2.81
CA ASP B 219 37.46 16.91 -2.57
C ASP B 219 37.55 16.32 -1.16
N ALA B 220 36.41 16.16 -0.48
CA ALA B 220 36.29 15.34 0.74
C ALA B 220 36.49 13.88 0.35
N THR B 221 37.30 13.14 1.10
CA THR B 221 37.44 11.66 0.98
C THR B 221 36.61 10.98 2.09
N GLU B 222 36.47 11.62 3.25
CA GLU B 222 35.91 10.96 4.46
C GLU B 222 35.31 12.00 5.40
N ILE B 223 34.13 11.71 5.94
CA ILE B 223 33.52 12.51 7.05
C ILE B 223 33.92 11.84 8.36
N ARG B 224 34.49 12.61 9.28
CA ARG B 224 34.90 12.09 10.62
C ARG B 224 33.80 12.46 11.61
N ALA B 225 33.31 11.46 12.33
CA ALA B 225 32.32 11.61 13.42
C ALA B 225 32.66 10.63 14.55
N SER B 226 32.39 11.03 15.79
CA SER B 226 32.44 10.15 16.99
C SER B 226 31.53 10.74 18.05
N HIS B 227 31.02 9.89 18.95
CA HIS B 227 30.10 10.30 20.03
C HIS B 227 28.90 11.01 19.37
N GLY B 228 28.42 10.47 18.25
CA GLY B 228 27.20 10.87 17.50
C GLY B 228 27.25 12.30 17.01
N ARG B 229 28.44 12.81 16.65
CA ARG B 229 28.64 14.24 16.31
C ARG B 229 29.75 14.36 15.26
N VAL B 230 29.59 15.25 14.27
CA VAL B 230 30.64 15.48 13.23
C VAL B 230 31.83 16.17 13.91
N GLU B 231 33.04 15.73 13.54
CA GLU B 231 34.33 16.35 13.94
C GLU B 231 34.90 17.12 12.74
N GLY B 232 34.67 16.64 11.52
CA GLY B 232 35.05 17.36 10.29
C GLY B 232 35.27 16.43 9.12
N VAL B 233 36.19 16.80 8.22
CA VAL B 233 36.34 16.18 6.87
C VAL B 233 37.82 16.00 6.56
N VAL B 234 38.21 14.77 6.20
CA VAL B 234 39.52 14.46 5.55
C VAL B 234 39.37 14.73 4.05
N THR B 235 40.29 15.51 3.48
CA THR B 235 40.31 15.91 2.04
C THR B 235 41.31 15.01 1.30
N ASP B 236 41.26 15.01 -0.04
CA ASP B 236 42.02 14.06 -0.90
C ASP B 236 43.48 14.54 -1.08
N ASP B 237 43.89 15.61 -0.41
CA ASP B 237 45.31 16.01 -0.28
C ASP B 237 45.86 15.55 1.08
N GLY B 238 45.11 14.72 1.83
CA GLY B 238 45.54 14.10 3.10
C GLY B 238 45.28 14.97 4.33
N ASP B 239 44.81 16.19 4.14
CA ASP B 239 44.57 17.19 5.21
C ASP B 239 43.32 16.81 6.00
N PHE B 240 43.18 17.30 7.24
CA PHE B 240 41.94 17.24 8.06
C PHE B 240 41.44 18.66 8.33
N LEU B 241 40.17 18.93 8.00
CA LEU B 241 39.50 20.23 8.27
C LEU B 241 38.47 20.01 9.38
N PRO B 242 38.58 20.69 10.53
CA PRO B 242 37.60 20.56 11.60
C PRO B 242 36.32 21.34 11.30
N ALA B 243 35.18 20.90 11.85
CA ALA B 243 33.86 21.55 11.65
C ALA B 243 32.88 21.09 12.72
N GLY B 244 31.98 22.00 13.12
CA GLY B 244 30.77 21.68 13.90
C GLY B 244 29.62 21.26 13.00
N HIS B 245 29.60 21.73 11.74
CA HIS B 245 28.57 21.39 10.73
C HIS B 245 29.22 20.97 9.41
N VAL B 246 28.79 19.85 8.86
CA VAL B 246 29.16 19.36 7.50
C VAL B 246 27.87 19.19 6.68
N VAL B 247 27.75 19.95 5.61
CA VAL B 247 26.62 19.88 4.64
C VAL B 247 27.13 19.14 3.39
N VAL B 248 26.61 17.93 3.17
CA VAL B 248 26.96 17.09 2.00
C VAL B 248 26.02 17.46 0.86
N ALA B 249 26.55 18.12 -0.18
CA ALA B 249 25.87 18.47 -1.43
C ALA B 249 26.78 18.09 -2.61
N ALA B 250 27.25 16.84 -2.61
CA ALA B 250 28.26 16.31 -3.55
C ALA B 250 27.58 15.62 -4.75
N GLY B 251 26.39 16.07 -5.13
CA GLY B 251 25.61 15.44 -6.21
C GLY B 251 25.51 13.94 -6.01
N ALA B 252 25.78 13.18 -7.06
CA ALA B 252 25.51 11.72 -7.11
C ALA B 252 26.50 10.96 -6.21
N ARG B 253 27.51 11.62 -5.65
CA ARG B 253 28.50 10.99 -4.73
C ARG B 253 28.05 11.13 -3.27
N SER B 254 26.97 11.88 -3.01
CA SER B 254 26.58 12.34 -1.64
C SER B 254 26.33 11.15 -0.70
N GLN B 255 25.54 10.16 -1.11
CA GLN B 255 25.18 9.03 -0.22
C GLN B 255 26.41 8.13 -0.01
N ARG B 256 27.21 7.88 -1.03
CA ARG B 256 28.41 7.01 -0.93
C ARG B 256 29.36 7.61 0.12
N LEU B 257 29.40 8.94 0.27
CA LEU B 257 30.28 9.65 1.22
C LEU B 257 29.79 9.48 2.67
N VAL B 258 28.46 9.55 2.88
CA VAL B 258 27.83 9.49 4.23
C VAL B 258 27.65 8.02 4.64
N ALA B 259 27.52 7.08 3.70
CA ALA B 259 27.20 5.66 3.93
C ALA B 259 28.33 4.92 4.63
N ALA B 260 29.52 5.50 4.70
CA ALA B 260 30.71 4.92 5.36
C ALA B 260 30.58 5.04 6.89
N LEU B 261 29.80 6.02 7.37
CA LEU B 261 29.58 6.25 8.82
C LEU B 261 28.72 5.13 9.40
N PRO B 262 28.88 4.80 10.72
CA PRO B 262 28.20 3.64 11.32
C PRO B 262 26.68 3.59 11.10
N GLY B 263 26.18 2.51 10.49
CA GLY B 263 24.74 2.23 10.33
C GLY B 263 24.11 2.93 9.15
N LEU B 264 24.78 3.94 8.57
CA LEU B 264 24.15 4.86 7.61
C LEU B 264 24.04 4.23 6.21
N ALA B 265 24.70 3.10 5.96
CA ALA B 265 24.70 2.43 4.64
C ALA B 265 23.26 2.01 4.26
N HIS B 266 22.42 1.69 5.25
CA HIS B 266 21.03 1.21 5.03
C HIS B 266 20.01 2.20 5.59
N ARG B 267 20.45 3.40 5.97
CA ARG B 267 19.58 4.44 6.56
C ARG B 267 19.50 5.68 5.67
N ILE B 268 20.48 5.89 4.79
CA ILE B 268 20.47 6.97 3.74
C ILE B 268 20.19 6.30 2.40
N PRO B 269 19.05 6.56 1.75
CA PRO B 269 18.76 5.95 0.45
C PRO B 269 19.89 6.20 -0.56
N ARG B 270 20.24 5.16 -1.30
CA ARG B 270 21.23 5.21 -2.39
C ARG B 270 20.87 6.30 -3.40
N ILE B 271 21.90 6.97 -3.93
CA ILE B 271 21.80 7.93 -5.05
C ILE B 271 22.67 7.41 -6.20
N TYR B 272 22.08 7.24 -7.37
CA TYR B 272 22.77 6.78 -8.60
C TYR B 272 23.00 7.97 -9.53
N ASP B 273 23.72 7.75 -10.64
CA ASP B 273 24.03 8.77 -11.68
C ASP B 273 22.95 8.73 -12.77
N GLY B 274 22.14 9.78 -12.84
CA GLY B 274 21.26 10.04 -14.00
C GLY B 274 22.04 10.78 -15.09
N VAL B 275 22.84 10.05 -15.85
CA VAL B 275 23.82 10.64 -16.81
C VAL B 275 23.04 11.38 -17.88
N GLY B 276 23.33 12.67 -18.03
CA GLY B 276 22.64 13.58 -18.94
C GLY B 276 23.59 14.18 -19.97
N VAL B 277 23.19 14.18 -21.23
CA VAL B 277 23.97 14.77 -22.35
C VAL B 277 23.21 15.99 -22.87
N SER B 278 23.92 17.09 -23.02
CA SER B 278 23.42 18.36 -23.60
C SER B 278 24.48 18.90 -24.56
N ALA B 279 24.20 19.99 -25.25
CA ALA B 279 25.16 20.56 -26.20
C ALA B 279 24.95 22.07 -26.31
N LEU B 280 26.05 22.79 -26.50
CA LEU B 280 26.04 24.22 -26.89
C LEU B 280 26.29 24.28 -28.40
N VAL B 281 25.43 24.98 -29.10
CA VAL B 281 25.45 25.12 -30.58
C VAL B 281 25.49 26.62 -30.88
N ASP B 282 26.42 27.04 -31.74
CA ASP B 282 26.40 28.39 -32.36
C ASP B 282 25.45 28.33 -33.56
N THR B 283 24.34 29.06 -33.53
CA THR B 283 23.30 28.95 -34.58
C THR B 283 23.85 29.54 -35.89
N TRP B 284 23.41 28.98 -37.02
CA TRP B 284 23.78 29.33 -38.40
C TRP B 284 23.75 30.86 -38.59
N ASP B 285 22.79 31.57 -38.01
CA ASP B 285 22.58 33.03 -38.24
C ASP B 285 22.75 33.82 -36.94
N GLY B 286 23.21 33.19 -35.86
CA GLY B 286 23.36 33.84 -34.54
C GLY B 286 22.03 34.09 -33.85
N SER B 287 20.90 33.65 -34.39
CA SER B 287 19.56 33.84 -33.76
C SER B 287 19.34 32.79 -32.65
N GLY B 288 18.29 33.00 -31.88
CA GLY B 288 17.77 32.05 -30.87
C GLY B 288 16.32 32.38 -30.56
N PRO B 289 15.57 31.47 -29.92
CA PRO B 289 14.21 31.79 -29.51
C PRO B 289 14.24 32.73 -28.29
N ALA B 290 13.16 33.48 -28.13
CA ALA B 290 12.96 34.44 -27.03
C ALA B 290 12.49 33.67 -25.80
N THR B 291 11.92 32.47 -25.96
CA THR B 291 11.43 31.63 -24.84
C THR B 291 12.20 30.32 -24.79
N VAL B 292 12.13 29.64 -23.66
CA VAL B 292 12.42 28.19 -23.58
C VAL B 292 11.45 27.50 -24.54
N LEU B 293 11.93 26.47 -25.24
CA LEU B 293 11.09 25.58 -26.06
C LEU B 293 11.30 24.18 -25.47
N ARG B 294 10.23 23.45 -25.16
CA ARG B 294 10.39 22.11 -24.56
C ARG B 294 9.21 21.22 -24.92
N THR B 295 9.43 19.91 -24.83
CA THR B 295 8.37 18.90 -24.69
C THR B 295 8.17 18.65 -23.20
N SER B 296 7.09 17.94 -22.85
CA SER B 296 6.96 17.31 -21.52
C SER B 296 8.05 16.26 -21.38
N ASN B 297 8.28 15.80 -20.16
CA ASN B 297 9.24 14.73 -19.84
C ASN B 297 8.83 13.47 -20.60
N ARG B 298 9.81 12.74 -21.11
CA ARG B 298 9.64 11.64 -22.08
C ARG B 298 10.31 10.40 -21.49
N ALA B 299 10.56 9.37 -22.31
CA ALA B 299 10.95 8.02 -21.84
C ALA B 299 12.08 8.13 -20.82
N PHE B 300 11.88 7.55 -19.63
CA PHE B 300 12.88 7.39 -18.56
C PHE B 300 13.47 8.76 -18.19
N ALA B 301 12.62 9.77 -18.08
CA ALA B 301 12.93 11.13 -17.61
C ALA B 301 13.98 11.83 -18.51
N CYS B 302 14.06 11.45 -19.78
N CYS B 302 14.06 11.45 -19.78
CA CYS B 302 14.71 12.28 -20.83
CA CYS B 302 14.71 12.28 -20.83
C CYS B 302 13.70 13.34 -21.26
C CYS B 302 13.70 13.34 -21.26
N GLY B 303 14.09 14.24 -22.15
CA GLY B 303 13.21 15.31 -22.64
C GLY B 303 13.94 16.11 -23.69
N LEU B 304 13.20 16.87 -24.48
CA LEU B 304 13.78 17.72 -25.51
C LEU B 304 13.51 19.16 -25.12
N HIS B 305 14.56 19.99 -25.10
CA HIS B 305 14.38 21.42 -24.84
C HIS B 305 15.52 22.22 -25.46
N LEU B 306 15.21 23.47 -25.74
CA LEU B 306 16.18 24.48 -26.17
C LEU B 306 16.07 25.64 -25.16
N VAL B 307 17.18 25.97 -24.52
CA VAL B 307 17.30 27.10 -23.58
C VAL B 307 18.11 28.20 -24.26
N PRO B 308 17.57 29.42 -24.39
CA PRO B 308 18.32 30.55 -24.94
C PRO B 308 19.60 30.79 -24.15
N ARG B 309 20.65 31.24 -24.86
CA ARG B 309 21.90 31.77 -24.27
C ARG B 309 22.21 33.10 -24.97
N ALA B 310 23.05 33.93 -24.37
CA ALA B 310 23.56 35.17 -24.99
C ALA B 310 24.60 34.81 -26.07
N GLY B 311 24.82 35.70 -27.04
CA GLY B 311 25.99 35.67 -27.93
C GLY B 311 25.89 34.66 -29.06
N GLY B 312 24.70 34.41 -29.61
CA GLY B 312 24.54 33.57 -30.83
C GLY B 312 24.64 32.08 -30.53
N SER B 313 24.53 31.68 -29.26
CA SER B 313 24.59 30.28 -28.78
C SER B 313 23.19 29.83 -28.36
N VAL B 314 22.88 28.55 -28.49
CA VAL B 314 21.69 27.92 -27.83
C VAL B 314 22.16 26.67 -27.12
N TYR B 315 21.49 26.35 -26.03
CA TYR B 315 21.65 25.07 -25.29
C TYR B 315 20.55 24.12 -25.80
N ILE B 316 20.93 22.90 -26.13
CA ILE B 316 19.95 21.83 -26.43
C ILE B 316 20.18 20.68 -25.45
N GLY B 317 19.08 20.16 -24.91
CA GLY B 317 19.12 19.01 -24.01
C GLY B 317 17.83 18.22 -24.13
N ALA B 318 17.73 17.14 -23.34
CA ALA B 318 18.84 16.57 -22.61
C ALA B 318 18.51 15.10 -22.43
N THR B 319 19.49 14.21 -22.61
CA THR B 319 19.26 12.77 -22.46
C THR B 319 19.30 12.46 -20.96
N ASN B 320 18.77 11.31 -20.58
CA ASN B 320 18.89 10.80 -19.20
C ASN B 320 18.99 9.28 -19.27
N ALA B 321 19.92 8.71 -18.52
CA ALA B 321 20.12 7.25 -18.39
C ALA B 321 20.67 7.01 -17.00
N VAL B 322 19.91 6.29 -16.18
CA VAL B 322 20.42 5.91 -14.84
C VAL B 322 21.51 4.87 -15.04
N CYS B 323 22.69 5.13 -14.50
CA CYS B 323 23.84 4.20 -14.51
C CYS B 323 24.19 3.81 -13.07
N LEU B 324 24.49 2.54 -12.84
CA LEU B 324 24.81 2.03 -11.48
C LEU B 324 26.23 2.46 -11.11
N GLU B 325 27.04 2.86 -12.10
CA GLU B 325 28.39 3.45 -11.89
C GLU B 325 28.48 4.75 -12.67
N PRO B 326 29.27 5.74 -12.20
CA PRO B 326 29.38 7.03 -12.89
C PRO B 326 29.97 6.90 -14.31
N ARG B 327 29.57 7.81 -15.18
CA ARG B 327 30.10 7.88 -16.57
C ARG B 327 30.23 9.36 -16.89
N GLY B 328 31.41 9.76 -17.39
CA GLY B 328 31.76 11.17 -17.63
C GLY B 328 31.77 11.52 -19.10
N ALA B 329 31.45 10.59 -20.01
CA ALA B 329 31.44 10.85 -21.48
C ALA B 329 30.11 10.43 -22.08
N ALA B 330 29.64 11.20 -23.06
CA ALA B 330 28.44 10.91 -23.87
C ALA B 330 28.68 9.63 -24.65
N SER B 331 27.64 8.83 -24.83
CA SER B 331 27.66 7.72 -25.80
C SER B 331 27.32 8.29 -27.18
N ILE B 332 27.69 7.56 -28.24
CA ILE B 332 27.30 7.91 -29.64
C ILE B 332 25.77 8.04 -29.69
N GLU B 333 25.07 7.04 -29.17
CA GLU B 333 23.59 6.92 -29.17
C GLU B 333 22.95 8.21 -28.61
N GLU B 334 23.47 8.69 -27.48
CA GLU B 334 22.93 9.88 -26.77
C GLU B 334 23.10 11.11 -27.66
N THR B 335 24.27 11.31 -28.27
CA THR B 335 24.53 12.48 -29.13
C THR B 335 23.59 12.43 -30.34
N VAL B 336 23.45 11.27 -30.97
CA VAL B 336 22.61 11.13 -32.20
C VAL B 336 21.16 11.44 -31.84
N PHE B 337 20.66 10.85 -30.75
CA PHE B 337 19.23 11.00 -30.36
C PHE B 337 18.94 12.48 -30.06
N LEU B 338 19.79 13.12 -29.25
CA LEU B 338 19.60 14.55 -28.88
C LEU B 338 19.56 15.41 -30.15
N PHE B 339 20.56 15.27 -31.02
CA PHE B 339 20.71 16.10 -32.23
C PHE B 339 19.54 15.83 -33.18
N ASN B 340 19.20 14.57 -33.37
CA ASN B 340 18.11 14.17 -34.28
C ASN B 340 16.80 14.81 -33.84
N CYS B 341 16.48 14.73 -32.54
CA CYS B 341 15.23 15.30 -31.97
C CYS B 341 15.21 16.82 -32.18
N ALA B 342 16.28 17.53 -31.84
CA ALA B 342 16.35 19.01 -31.91
C ALA B 342 16.19 19.48 -33.36
N THR B 343 16.89 18.86 -34.31
CA THR B 343 16.91 19.29 -35.72
C THR B 343 15.54 19.05 -36.36
N HIS B 344 14.83 17.98 -35.99
CA HIS B 344 13.52 17.64 -36.59
C HIS B 344 12.38 18.38 -35.88
N GLN B 345 12.39 18.40 -34.54
CA GLN B 345 11.22 18.83 -33.76
C GLN B 345 11.27 20.33 -33.44
N LEU B 346 12.44 20.95 -33.41
CA LEU B 346 12.60 22.39 -33.01
C LEU B 346 13.01 23.23 -34.22
N HIS B 347 14.17 23.00 -34.82
CA HIS B 347 14.70 23.88 -35.91
C HIS B 347 15.69 23.12 -36.79
N ARG B 348 15.32 22.95 -38.06
CA ARG B 348 16.17 22.29 -39.08
C ARG B 348 17.47 23.08 -39.31
N GLY B 349 17.46 24.39 -39.08
CA GLY B 349 18.66 25.25 -39.13
C GLY B 349 19.75 24.77 -38.19
N LEU B 350 19.40 24.08 -37.11
CA LEU B 350 20.42 23.54 -36.17
C LEU B 350 21.29 22.50 -36.88
N ASN B 351 20.77 21.88 -37.93
CA ASN B 351 21.49 20.83 -38.70
C ASN B 351 22.81 21.40 -39.23
N GLY B 352 22.78 22.61 -39.77
CA GLY B 352 23.95 23.29 -40.37
C GLY B 352 24.67 24.15 -39.38
N SER B 353 24.26 24.12 -38.10
CA SER B 353 24.87 24.94 -37.03
C SER B 353 26.11 24.22 -36.49
N GLU B 354 27.02 24.99 -35.92
CA GLU B 354 28.31 24.47 -35.39
C GLU B 354 28.13 23.98 -33.96
N LEU B 355 28.58 22.75 -33.72
CA LEU B 355 28.66 22.13 -32.38
C LEU B 355 29.85 22.72 -31.64
N ARG B 356 29.62 23.47 -30.58
CA ARG B 356 30.68 24.10 -29.77
C ARG B 356 31.10 23.15 -28.64
N LYS B 357 30.15 22.44 -28.01
CA LYS B 357 30.47 21.63 -26.80
C LYS B 357 29.39 20.58 -26.59
N VAL B 358 29.81 19.34 -26.38
CA VAL B 358 28.97 18.23 -25.84
C VAL B 358 29.21 18.21 -24.34
N GLN B 359 28.15 18.38 -23.53
CA GLN B 359 28.26 18.44 -22.05
C GLN B 359 27.65 17.17 -21.47
N VAL B 360 28.27 16.65 -20.41
CA VAL B 360 27.82 15.43 -19.69
C VAL B 360 27.86 15.76 -18.19
N GLY B 361 26.75 15.49 -17.49
CA GLY B 361 26.65 15.62 -16.04
C GLY B 361 25.77 14.52 -15.45
N SER B 362 25.83 14.34 -14.14
CA SER B 362 25.09 13.28 -13.41
C SER B 362 24.00 13.93 -12.60
N ARG B 363 22.74 13.78 -13.04
CA ARG B 363 21.57 14.05 -12.16
C ARG B 363 21.65 13.08 -10.99
N PRO B 364 21.68 13.56 -9.73
CA PRO B 364 21.65 12.67 -8.58
C PRO B 364 20.28 11.96 -8.53
N ALA B 365 20.26 10.66 -8.82
CA ALA B 365 19.02 9.84 -8.96
C ALA B 365 18.79 9.03 -7.69
N PRO B 366 17.91 9.49 -6.77
CA PRO B 366 17.64 8.73 -5.56
C PRO B 366 16.88 7.43 -5.85
N ILE B 367 17.28 6.32 -5.21
CA ILE B 367 16.72 4.97 -5.48
C ILE B 367 15.20 4.93 -5.21
N ASP B 368 14.64 5.81 -4.38
CA ASP B 368 13.19 5.79 -4.03
C ASP B 368 12.47 6.95 -4.72
N GLY B 369 13.17 7.71 -5.56
CA GLY B 369 12.56 8.70 -6.47
C GLY B 369 12.35 10.07 -5.83
N PHE B 370 12.85 10.33 -4.62
CA PHE B 370 12.62 11.63 -3.93
C PHE B 370 13.91 12.14 -3.31
N PRO B 371 14.06 13.48 -3.19
CA PRO B 371 15.29 14.07 -2.69
C PRO B 371 15.61 13.73 -1.25
N LEU B 372 16.88 13.97 -0.88
CA LEU B 372 17.47 13.78 0.46
C LEU B 372 17.89 15.16 0.97
N ILE B 373 17.05 15.80 1.78
CA ILE B 373 17.19 17.22 2.20
C ILE B 373 16.98 17.30 3.71
N GLY B 374 18.02 17.64 4.48
CA GLY B 374 17.88 17.98 5.91
C GLY B 374 18.90 17.27 6.77
N GLY B 375 18.52 16.99 8.02
CA GLY B 375 19.42 16.53 9.08
C GLY B 375 19.49 15.02 9.12
N THR B 376 20.41 14.49 9.91
CA THR B 376 20.68 13.05 10.10
C THR B 376 20.69 12.75 11.60
N SER B 377 20.97 11.51 11.97
CA SER B 377 21.13 11.04 13.36
C SER B 377 22.49 11.48 13.89
N VAL B 378 23.33 12.08 13.05
CA VAL B 378 24.69 12.59 13.43
C VAL B 378 24.58 14.10 13.59
N GLU B 379 24.83 14.60 14.81
CA GLU B 379 24.72 16.05 15.13
C GLU B 379 25.65 16.82 14.19
N GLY B 380 25.14 17.88 13.58
CA GLY B 380 25.87 18.75 12.64
C GLY B 380 26.05 18.17 11.23
N LEU B 381 25.55 16.96 10.94
CA LEU B 381 25.63 16.36 9.58
C LEU B 381 24.30 16.58 8.84
N TRP B 382 24.37 17.28 7.71
CA TRP B 382 23.24 17.67 6.84
C TRP B 382 23.51 17.17 5.42
N MET B 383 22.45 16.95 4.65
CA MET B 383 22.49 16.45 3.26
C MET B 383 21.56 17.32 2.41
N LEU B 384 22.02 17.68 1.21
CA LEU B 384 21.25 18.35 0.16
C LEU B 384 21.57 17.63 -1.16
N SER B 385 20.76 16.66 -1.56
CA SER B 385 21.04 15.82 -2.75
C SER B 385 19.79 15.08 -3.23
N GLY B 386 19.99 14.24 -4.24
CA GLY B 386 18.95 13.39 -4.85
C GLY B 386 17.89 14.22 -5.52
N THR B 387 18.24 15.37 -6.12
CA THR B 387 17.24 16.29 -6.72
C THR B 387 16.95 15.94 -8.20
N TYR B 388 17.71 15.01 -8.79
CA TYR B 388 17.43 14.46 -10.14
C TYR B 388 17.35 15.61 -11.17
N ARG B 389 16.16 15.94 -11.69
CA ARG B 389 15.95 16.86 -12.83
C ARG B 389 15.81 18.33 -12.38
N ASP B 390 15.59 18.63 -11.10
CA ASP B 390 15.08 19.98 -10.73
C ASP B 390 15.69 20.51 -9.42
N GLY B 391 16.89 20.08 -9.05
CA GLY B 391 17.61 20.66 -7.90
C GLY B 391 18.05 22.08 -8.18
N LEU B 392 18.46 22.40 -9.42
CA LEU B 392 18.87 23.77 -9.78
C LEU B 392 17.66 24.69 -9.60
N HIS B 393 16.49 24.32 -10.13
CA HIS B 393 15.27 25.15 -9.98
C HIS B 393 14.93 25.33 -8.49
N MET B 394 15.03 24.27 -7.69
CA MET B 394 14.57 24.28 -6.28
C MET B 394 15.63 24.89 -5.36
N SER B 395 16.85 25.14 -5.87
CA SER B 395 18.07 25.49 -5.08
C SER B 395 17.78 26.61 -4.07
N PRO B 396 17.19 27.78 -4.42
CA PRO B 396 17.04 28.84 -3.42
C PRO B 396 16.12 28.43 -2.26
N LEU B 397 15.07 27.66 -2.54
CA LEU B 397 14.14 27.13 -1.51
C LEU B 397 14.88 26.09 -0.65
N LEU B 398 15.60 25.15 -1.26
CA LEU B 398 16.27 24.06 -0.52
C LEU B 398 17.36 24.65 0.39
N ALA B 399 18.08 25.65 -0.10
CA ALA B 399 19.18 26.31 0.64
C ALA B 399 18.60 26.93 1.92
N ARG B 400 17.52 27.70 1.77
CA ARG B 400 16.84 28.41 2.89
C ARG B 400 16.25 27.39 3.86
N HIS B 401 15.67 26.30 3.36
CA HIS B 401 15.15 25.20 4.20
C HIS B 401 16.27 24.69 5.12
N VAL B 402 17.41 24.30 4.55
CA VAL B 402 18.48 23.63 5.35
C VAL B 402 19.08 24.65 6.33
N VAL B 403 19.23 25.91 5.93
CA VAL B 403 19.80 26.98 6.79
C VAL B 403 18.86 27.24 7.97
N SER B 404 17.55 27.26 7.73
CA SER B 404 16.50 27.36 8.79
C SER B 404 16.67 26.21 9.79
N LEU B 405 16.77 24.96 9.31
CA LEU B 405 16.97 23.76 10.17
C LEU B 405 18.23 23.92 11.02
N MET B 406 19.33 24.37 10.41
CA MET B 406 20.64 24.52 11.10
C MET B 406 20.52 25.55 12.23
N ASP B 407 19.60 26.51 12.08
CA ASP B 407 19.40 27.65 13.00
C ASP B 407 18.32 27.31 14.04
N GLY B 408 17.84 26.06 14.08
CA GLY B 408 16.81 25.59 15.03
C GLY B 408 15.38 25.84 14.54
N GLY B 409 15.22 26.34 13.32
CA GLY B 409 13.90 26.57 12.69
C GLY B 409 13.31 25.27 12.17
N THR B 410 12.14 25.34 11.54
CA THR B 410 11.46 24.18 10.90
C THR B 410 11.48 24.33 9.37
N GLY B 411 12.11 25.38 8.85
CA GLY B 411 12.29 25.62 7.41
C GLY B 411 10.95 25.62 6.68
N VAL B 412 10.88 24.90 5.57
CA VAL B 412 9.72 24.90 4.63
C VAL B 412 8.85 23.69 4.95
N ASP B 413 7.54 23.88 5.08
CA ASP B 413 6.61 22.86 5.66
C ASP B 413 6.71 21.50 4.98
N GLY B 414 6.64 21.39 3.65
CA GLY B 414 6.41 20.09 2.99
C GLY B 414 7.67 19.25 2.73
N LEU B 415 8.84 19.73 3.13
CA LEU B 415 10.16 19.14 2.81
C LEU B 415 10.63 18.19 3.93
N ARG B 416 9.90 18.07 5.04
CA ARG B 416 10.29 17.17 6.17
C ARG B 416 10.18 15.71 5.71
N GLU B 417 9.21 15.37 4.87
CA GLU B 417 9.02 14.02 4.30
C GLU B 417 10.24 13.57 3.49
N PHE B 418 11.10 14.50 3.05
CA PHE B 418 12.27 14.22 2.18
C PHE B 418 13.56 14.28 3.00
N ARG B 419 13.45 14.15 4.32
CA ARG B 419 14.59 13.98 5.27
C ARG B 419 15.47 12.85 4.75
N PRO B 420 16.81 13.02 4.77
CA PRO B 420 17.71 12.06 4.14
C PRO B 420 17.81 10.70 4.83
N GLU B 421 17.58 10.66 6.15
CA GLU B 421 17.71 9.42 6.95
C GLU B 421 16.31 8.83 7.09
N ARG B 422 16.02 7.79 6.32
CA ARG B 422 14.65 7.29 6.15
C ARG B 422 14.70 5.87 5.58
N ASP B 423 13.66 5.10 5.85
CA ASP B 423 13.30 3.91 5.05
C ASP B 423 13.02 4.40 3.61
N LEU B 424 13.29 3.57 2.62
CA LEU B 424 12.94 3.90 1.22
C LEU B 424 11.45 4.25 1.16
N ILE B 425 11.12 5.36 0.52
CA ILE B 425 9.71 5.72 0.17
C ILE B 425 9.19 4.72 -0.86
N SER B 426 7.91 4.35 -0.74
CA SER B 426 7.13 3.58 -1.76
C SER B 426 5.99 4.45 -2.25
N ALA B 427 6.26 5.35 -3.20
CA ALA B 427 5.29 6.39 -3.63
C ALA B 427 4.27 5.80 -4.61
N TRP B 428 4.55 4.64 -5.19
CA TRP B 428 3.67 3.96 -6.17
C TRP B 428 3.57 2.47 -5.83
N SER B 429 2.45 1.86 -6.18
CA SER B 429 2.27 0.37 -6.17
C SER B 429 3.21 -0.26 -7.19
N ARG B 430 3.59 -1.52 -6.95
CA ARG B 430 4.38 -2.34 -7.89
C ARG B 430 3.67 -2.37 -9.25
N GLU B 431 2.36 -2.52 -9.25
CA GLU B 431 1.52 -2.59 -10.48
C GLU B 431 1.68 -1.27 -11.26
N GLU B 432 1.59 -0.12 -10.59
CA GLU B 432 1.74 1.21 -11.23
C GLU B 432 3.12 1.28 -11.91
N ILE B 433 4.17 0.84 -11.22
CA ILE B 433 5.57 0.93 -11.71
C ILE B 433 5.73 0.00 -12.92
N LEU B 434 5.19 -1.23 -12.84
CA LEU B 434 5.25 -2.19 -13.95
C LEU B 434 4.51 -1.65 -15.19
N ASP B 435 3.34 -1.03 -15.04
CA ASP B 435 2.66 -0.35 -16.17
C ASP B 435 3.59 0.75 -16.72
N ASP B 436 4.20 1.54 -15.84
CA ASP B 436 5.03 2.70 -16.22
C ASP B 436 6.27 2.20 -16.98
N VAL B 437 6.97 1.18 -16.50
CA VAL B 437 8.27 0.76 -17.09
C VAL B 437 8.01 0.24 -18.51
N VAL B 438 6.91 -0.48 -18.72
CA VAL B 438 6.56 -1.03 -20.07
C VAL B 438 6.21 0.13 -21.00
N ARG B 439 5.41 1.09 -20.53
CA ARG B 439 5.04 2.28 -21.34
C ARG B 439 6.31 3.05 -21.74
N HIS B 440 7.21 3.28 -20.80
CA HIS B 440 8.47 4.05 -21.03
C HIS B 440 9.35 3.26 -22.00
N THR B 441 9.43 1.93 -21.88
CA THR B 441 10.21 1.08 -22.80
C THR B 441 9.66 1.28 -24.23
N MET B 442 8.35 1.18 -24.40
CA MET B 442 7.69 1.35 -25.72
C MET B 442 7.93 2.79 -26.22
N ALA B 443 7.93 3.78 -25.32
CA ALA B 443 8.16 5.20 -25.68
C ALA B 443 9.55 5.39 -26.31
N THR B 444 10.56 4.60 -25.92
CA THR B 444 11.91 4.70 -26.54
C THR B 444 11.80 4.38 -28.05
N GLY B 445 10.84 3.54 -28.44
CA GLY B 445 10.56 3.26 -29.87
C GLY B 445 9.89 4.44 -30.55
N TYR B 446 8.79 4.92 -30.01
CA TYR B 446 7.97 5.99 -30.66
C TYR B 446 8.75 7.30 -30.70
N GLU B 447 9.69 7.52 -29.78
CA GLU B 447 10.46 8.79 -29.70
C GLU B 447 11.61 8.79 -30.72
N PHE B 448 11.99 7.63 -31.26
CA PHE B 448 13.18 7.45 -32.14
C PHE B 448 13.07 8.34 -33.37
N PRO B 449 11.98 8.37 -34.17
CA PRO B 449 10.85 7.45 -34.07
C PRO B 449 11.10 6.22 -34.95
N TRP B 450 10.68 5.05 -34.50
CA TRP B 450 10.89 3.80 -35.27
C TRP B 450 9.85 3.71 -36.39
N ARG B 451 10.07 2.80 -37.33
CA ARG B 451 9.08 2.37 -38.33
C ARG B 451 9.12 0.83 -38.35
N LEU B 452 8.04 0.19 -37.96
CA LEU B 452 7.92 -1.26 -37.67
C LEU B 452 6.65 -1.77 -38.33
N PRO B 453 6.53 -3.09 -38.60
CA PRO B 453 5.24 -3.68 -38.92
C PRO B 453 4.26 -3.44 -37.77
N LEU B 454 2.99 -3.22 -38.11
CA LEU B 454 1.99 -2.74 -37.13
C LEU B 454 1.71 -3.78 -36.04
N GLU B 455 1.99 -5.08 -36.23
CA GLU B 455 1.76 -6.11 -35.17
C GLU B 455 2.90 -6.08 -34.15
N TRP B 456 4.04 -5.46 -34.47
CA TRP B 456 5.26 -5.64 -33.63
C TRP B 456 5.12 -4.95 -32.28
N PRO B 457 4.62 -3.69 -32.19
CA PRO B 457 4.49 -3.02 -30.90
C PRO B 457 3.65 -3.82 -29.87
N HIS B 458 2.49 -4.34 -30.28
CA HIS B 458 1.63 -5.14 -29.37
C HIS B 458 2.39 -6.40 -28.93
N MET B 459 3.09 -7.06 -29.85
CA MET B 459 3.90 -8.26 -29.54
C MET B 459 4.96 -7.88 -28.49
N MET B 460 5.64 -6.74 -28.65
CA MET B 460 6.70 -6.35 -27.67
C MET B 460 6.10 -5.96 -26.33
N GLU B 461 4.97 -5.26 -26.30
CA GLU B 461 4.26 -4.93 -25.03
C GLU B 461 3.98 -6.22 -24.27
N THR B 462 3.37 -7.21 -24.94
CA THR B 462 3.04 -8.53 -24.36
C THR B 462 4.31 -9.18 -23.78
N PHE B 463 5.41 -9.20 -24.52
CA PHE B 463 6.63 -9.96 -24.12
C PHE B 463 7.50 -9.17 -23.15
N LEU B 464 7.23 -7.88 -22.91
CA LEU B 464 8.00 -7.06 -21.92
C LEU B 464 7.42 -7.26 -20.51
N GLN B 465 6.13 -7.55 -20.39
CA GLN B 465 5.39 -7.54 -19.09
C GLN B 465 5.99 -8.57 -18.15
N GLY B 466 6.15 -9.81 -18.64
CA GLY B 466 6.64 -10.97 -17.86
C GLY B 466 8.02 -10.69 -17.25
N PRO B 467 9.05 -10.41 -18.07
CA PRO B 467 10.39 -10.17 -17.52
C PRO B 467 10.49 -9.04 -16.49
N PHE B 468 9.73 -7.96 -16.64
CA PHE B 468 9.74 -6.84 -15.67
C PHE B 468 9.02 -7.27 -14.37
N ALA B 469 7.90 -7.98 -14.47
CA ALA B 469 7.17 -8.53 -13.31
C ALA B 469 8.11 -9.47 -12.53
N GLU B 470 8.80 -10.37 -13.23
CA GLU B 470 9.75 -11.36 -12.65
C GLU B 470 10.88 -10.61 -11.93
N LEU B 471 11.41 -9.54 -12.53
CA LEU B 471 12.53 -8.78 -11.95
C LEU B 471 12.06 -8.12 -10.65
N ALA B 472 10.92 -7.44 -10.69
CA ALA B 472 10.34 -6.68 -9.56
C ALA B 472 10.13 -7.62 -8.37
N ASP B 473 9.59 -8.81 -8.63
CA ASP B 473 9.29 -9.84 -7.61
C ASP B 473 10.58 -10.39 -7.00
N ARG B 474 11.61 -10.55 -7.81
CA ARG B 474 12.94 -11.08 -7.41
C ARG B 474 13.70 -10.05 -6.56
N LEU B 475 13.56 -8.74 -6.83
CA LEU B 475 14.42 -7.72 -6.19
C LEU B 475 14.09 -7.63 -4.70
N SER B 476 12.81 -7.69 -4.34
CA SER B 476 12.34 -7.43 -2.96
C SER B 476 10.84 -7.72 -2.86
N ASP B 477 10.40 -8.14 -1.67
CA ASP B 477 8.97 -8.38 -1.35
C ASP B 477 8.31 -7.05 -0.99
N THR B 478 9.07 -5.99 -0.71
CA THR B 478 8.47 -4.73 -0.21
C THR B 478 8.86 -3.53 -1.11
N TYR B 479 10.11 -3.42 -1.55
CA TYR B 479 10.58 -2.23 -2.32
C TYR B 479 10.46 -2.49 -3.83
N THR B 480 9.98 -1.49 -4.57
CA THR B 480 10.00 -1.47 -6.06
C THR B 480 10.74 -0.23 -6.55
N PRO B 481 11.83 -0.39 -7.33
CA PRO B 481 12.52 0.78 -7.92
C PRO B 481 11.61 1.45 -8.94
N PRO B 482 11.62 2.80 -9.03
CA PRO B 482 10.91 3.51 -10.09
C PRO B 482 11.44 3.10 -11.47
N ALA B 483 10.65 3.28 -12.52
CA ALA B 483 10.89 2.79 -13.90
C ALA B 483 12.30 3.14 -14.39
N ASP B 484 12.74 4.38 -14.17
CA ASP B 484 14.06 4.91 -14.64
C ASP B 484 15.17 3.99 -14.12
N LEU B 485 15.07 3.57 -12.87
CA LEU B 485 16.09 2.70 -12.24
C LEU B 485 15.82 1.24 -12.59
N MET B 486 14.55 0.83 -12.67
CA MET B 486 14.20 -0.57 -12.95
C MET B 486 14.78 -0.98 -14.32
N THR B 487 14.72 -0.11 -15.34
CA THR B 487 15.27 -0.44 -16.68
C THR B 487 16.78 -0.61 -16.56
N ALA B 488 17.48 0.26 -15.83
CA ALA B 488 18.94 0.15 -15.62
C ALA B 488 19.25 -1.18 -14.94
N ILE B 489 18.49 -1.58 -13.94
CA ILE B 489 18.72 -2.86 -13.20
C ILE B 489 18.43 -4.04 -14.12
N MET B 490 17.33 -3.98 -14.89
CA MET B 490 16.96 -5.05 -15.84
C MET B 490 18.16 -5.40 -16.73
N PHE B 491 18.91 -4.40 -17.20
CA PHE B 491 19.98 -4.61 -18.22
C PHE B 491 21.36 -4.53 -17.58
N SER B 492 21.47 -4.59 -16.25
CA SER B 492 22.76 -4.64 -15.51
C SER B 492 23.24 -6.10 -15.40
N GLU B 493 24.46 -6.32 -14.94
CA GLU B 493 25.02 -7.69 -14.72
C GLU B 493 24.25 -8.39 -13.57
N ARG B 494 24.21 -9.71 -13.60
CA ARG B 494 23.58 -10.55 -12.53
C ARG B 494 24.15 -10.18 -11.16
N GLU B 495 25.46 -9.95 -11.07
CA GLU B 495 26.19 -9.60 -9.81
C GLU B 495 25.64 -8.28 -9.28
N GLN B 496 25.36 -7.31 -10.16
CA GLN B 496 24.82 -5.98 -9.77
C GLN B 496 23.36 -6.13 -9.29
N GLN B 497 22.58 -6.99 -9.93
CA GLN B 497 21.20 -7.30 -9.49
C GLN B 497 21.23 -7.93 -8.09
N ASP B 498 22.11 -8.91 -7.89
CA ASP B 498 22.20 -9.66 -6.61
C ASP B 498 22.62 -8.70 -5.50
N GLU B 499 23.57 -7.78 -5.78
CA GLU B 499 24.04 -6.78 -4.80
C GLU B 499 22.85 -5.90 -4.39
N LEU B 500 21.96 -5.54 -5.32
CA LEU B 500 20.76 -4.71 -5.02
C LEU B 500 19.76 -5.51 -4.18
N ILE B 501 19.59 -6.80 -4.47
CA ILE B 501 18.69 -7.69 -3.69
C ILE B 501 19.16 -7.67 -2.23
N ALA B 502 20.48 -7.80 -2.00
CA ALA B 502 21.12 -7.75 -0.66
C ALA B 502 20.86 -6.36 -0.04
N TYR B 503 21.10 -5.29 -0.81
CA TYR B 503 20.89 -3.89 -0.32
C TYR B 503 19.46 -3.75 0.20
N TYR B 504 18.47 -4.11 -0.63
CA TYR B 504 17.03 -3.97 -0.28
C TYR B 504 16.71 -4.79 0.99
N ALA B 505 17.26 -6.00 1.11
CA ALA B 505 17.06 -6.90 2.27
C ALA B 505 17.66 -6.26 3.53
N ASP B 506 18.86 -5.66 3.42
CA ASP B 506 19.54 -4.96 4.55
C ASP B 506 18.73 -3.74 4.97
N VAL B 507 18.15 -3.00 4.02
CA VAL B 507 17.30 -1.82 4.36
C VAL B 507 16.05 -2.32 5.11
N HIS B 508 15.41 -3.40 4.65
CA HIS B 508 14.19 -3.95 5.27
C HIS B 508 14.48 -4.30 6.74
N ARG B 509 15.54 -5.06 6.96
CA ARG B 509 16.08 -5.49 8.27
C ARG B 509 16.31 -4.27 9.19
N GLU B 510 16.82 -3.16 8.66
CA GLU B 510 17.18 -1.95 9.44
C GLU B 510 15.91 -1.23 9.91
N TRP B 511 14.84 -1.18 9.09
CA TRP B 511 13.69 -0.28 9.33
C TRP B 511 12.44 -1.06 9.79
N HIS B 512 12.47 -2.40 9.77
CA HIS B 512 11.30 -3.26 10.14
C HIS B 512 11.76 -4.33 11.13
N GLN C 31 -40.90 16.43 -80.05
CA GLN C 31 -41.59 15.80 -78.89
C GLN C 31 -41.54 16.78 -77.70
N THR C 32 -42.25 16.46 -76.62
CA THR C 32 -42.00 16.96 -75.24
C THR C 32 -41.33 15.86 -74.41
N ASP C 33 -40.86 14.81 -75.09
CA ASP C 33 -40.09 13.68 -74.51
C ASP C 33 -38.76 14.19 -73.95
N VAL C 34 -38.35 13.63 -72.80
CA VAL C 34 -37.02 13.92 -72.19
C VAL C 34 -36.16 12.66 -72.25
N ILE C 35 -34.94 12.80 -72.76
CA ILE C 35 -33.88 11.75 -72.66
C ILE C 35 -32.80 12.24 -71.70
N VAL C 36 -32.53 11.45 -70.65
CA VAL C 36 -31.36 11.64 -69.75
C VAL C 36 -30.28 10.68 -70.24
N VAL C 37 -29.13 11.23 -70.65
CA VAL C 37 -27.95 10.42 -71.07
C VAL C 37 -27.03 10.26 -69.85
N GLY C 38 -27.04 9.06 -69.25
CA GLY C 38 -26.14 8.68 -68.15
C GLY C 38 -26.90 8.11 -66.98
N ASN C 39 -26.42 7.03 -66.37
CA ASN C 39 -27.16 6.27 -65.33
C ASN C 39 -26.35 6.19 -64.03
N GLY C 40 -25.52 7.20 -63.76
CA GLY C 40 -24.88 7.34 -62.44
C GLY C 40 -25.81 8.06 -61.50
N VAL C 41 -25.31 8.57 -60.37
CA VAL C 41 -26.12 9.36 -59.41
C VAL C 41 -26.69 10.61 -60.09
N LEU C 42 -25.94 11.29 -60.99
CA LEU C 42 -26.41 12.57 -61.56
C LEU C 42 -27.58 12.31 -62.52
N GLY C 43 -27.39 11.38 -63.46
CA GLY C 43 -28.43 11.04 -64.45
C GLY C 43 -29.70 10.56 -63.77
N LEU C 44 -29.58 9.61 -62.85
CA LEU C 44 -30.74 9.03 -62.14
C LEU C 44 -31.41 10.10 -61.27
N SER C 45 -30.64 10.98 -60.62
CA SER C 45 -31.17 12.04 -59.74
C SER C 45 -32.00 13.02 -60.57
N VAL C 46 -31.49 13.42 -61.74
CA VAL C 46 -32.20 14.34 -62.66
C VAL C 46 -33.41 13.60 -63.27
N GLY C 47 -33.25 12.33 -63.64
CA GLY C 47 -34.34 11.46 -64.12
C GLY C 47 -35.49 11.40 -63.14
N VAL C 48 -35.18 11.17 -61.85
CA VAL C 48 -36.20 11.09 -60.77
C VAL C 48 -36.92 12.44 -60.68
N GLU C 49 -36.19 13.56 -60.68
CA GLU C 49 -36.79 14.90 -60.47
C GLU C 49 -37.70 15.25 -61.67
N ILE C 50 -37.26 14.95 -62.89
CA ILE C 50 -38.04 15.22 -64.12
C ILE C 50 -39.32 14.38 -64.08
N ALA C 51 -39.18 13.06 -63.87
CA ALA C 51 -40.30 12.08 -63.84
C ALA C 51 -41.34 12.48 -62.79
N ARG C 52 -40.91 12.91 -61.62
CA ARG C 52 -41.81 13.30 -60.50
C ARG C 52 -42.51 14.64 -60.80
N THR C 53 -41.90 15.52 -61.61
CA THR C 53 -42.32 16.94 -61.78
C THR C 53 -43.15 17.11 -63.05
N ARG C 54 -42.95 16.27 -64.07
CA ARG C 54 -43.74 16.26 -65.33
C ARG C 54 -44.34 14.86 -65.55
N PRO C 55 -45.38 14.44 -64.78
CA PRO C 55 -45.99 13.11 -64.95
C PRO C 55 -46.60 12.90 -66.33
N ASP C 56 -46.85 14.00 -67.04
CA ASP C 56 -47.48 14.07 -68.38
C ASP C 56 -46.47 13.75 -69.49
N VAL C 57 -45.15 13.81 -69.23
CA VAL C 57 -44.09 13.62 -70.29
C VAL C 57 -43.41 12.26 -70.09
N ARG C 58 -42.97 11.65 -71.18
CA ARG C 58 -42.10 10.46 -71.21
C ARG C 58 -40.65 10.88 -70.91
N VAL C 59 -40.08 10.32 -69.83
CA VAL C 59 -38.64 10.51 -69.49
C VAL C 59 -37.97 9.15 -69.62
N THR C 60 -36.99 9.06 -70.52
CA THR C 60 -36.19 7.85 -70.79
C THR C 60 -34.76 8.10 -70.32
N LEU C 61 -34.17 7.15 -69.58
CA LEU C 61 -32.78 7.24 -69.11
C LEU C 61 -31.93 6.16 -69.79
N LEU C 62 -30.87 6.59 -70.48
CA LEU C 62 -29.91 5.72 -71.19
C LEU C 62 -28.73 5.37 -70.28
N GLY C 63 -28.06 4.26 -70.58
CA GLY C 63 -26.91 3.74 -69.82
C GLY C 63 -27.11 2.27 -69.46
N LYS C 64 -26.02 1.53 -69.29
CA LYS C 64 -26.02 0.05 -69.14
C LYS C 64 -25.59 -0.31 -67.71
N PRO C 65 -25.83 -1.56 -67.23
CA PRO C 65 -25.20 -2.01 -65.98
C PRO C 65 -23.67 -2.14 -66.13
N GLY C 76 -17.90 6.29 -51.69
CA GLY C 76 -18.10 5.81 -50.29
C GLY C 76 -19.56 5.74 -49.89
N ALA C 77 -20.20 6.91 -49.82
CA ALA C 77 -19.66 8.19 -50.26
C ALA C 77 -19.94 9.23 -49.18
N MET C 78 -19.00 10.16 -49.02
CA MET C 78 -19.19 11.31 -48.11
C MET C 78 -20.11 12.35 -48.77
N LEU C 79 -21.04 12.90 -48.00
CA LEU C 79 -21.79 14.12 -48.43
C LEU C 79 -20.93 15.33 -48.05
N GLY C 80 -19.84 15.50 -48.82
CA GLY C 80 -18.73 16.42 -48.46
C GLY C 80 -19.06 17.84 -48.84
N ALA C 81 -19.09 18.71 -47.84
CA ALA C 81 -19.35 20.17 -47.98
C ALA C 81 -18.25 20.91 -47.22
N PHE C 82 -18.31 20.95 -45.90
CA PHE C 82 -17.29 21.58 -45.03
C PHE C 82 -16.00 20.76 -45.03
N GLY C 83 -16.09 19.42 -45.02
CA GLY C 83 -14.90 18.53 -45.09
C GLY C 83 -14.09 18.76 -46.35
N GLU C 84 -14.72 19.22 -47.44
CA GLU C 84 -14.06 19.50 -48.74
C GLU C 84 -13.38 20.88 -48.77
N VAL C 85 -13.53 21.70 -47.74
CA VAL C 85 -12.98 23.08 -47.75
C VAL C 85 -11.44 23.03 -47.76
N THR C 86 -10.82 23.80 -48.64
CA THR C 86 -9.36 24.10 -48.63
C THR C 86 -9.14 25.62 -48.62
N ALA C 87 -8.03 26.07 -48.03
CA ALA C 87 -7.61 27.49 -48.07
C ALA C 87 -7.57 27.95 -49.53
N HIS C 88 -7.00 27.15 -50.43
CA HIS C 88 -6.82 27.48 -51.85
C HIS C 88 -8.17 27.69 -52.55
N ALA C 89 -9.15 26.80 -52.35
CA ALA C 89 -10.49 26.90 -52.97
C ALA C 89 -11.16 28.22 -52.52
N LEU C 90 -11.19 28.47 -51.20
CA LEU C 90 -11.88 29.64 -50.60
C LEU C 90 -11.11 30.96 -50.82
N ALA C 91 -9.92 30.93 -51.40
CA ALA C 91 -9.14 32.13 -51.77
C ALA C 91 -9.60 32.65 -53.13
N SER C 92 -10.36 31.87 -53.90
CA SER C 92 -10.89 32.27 -55.23
C SER C 92 -12.40 32.53 -55.14
N GLU C 93 -12.89 33.47 -55.94
CA GLU C 93 -14.34 33.78 -56.04
C GLU C 93 -15.10 32.53 -56.52
N HIS C 94 -14.59 31.85 -57.54
CA HIS C 94 -15.24 30.64 -58.11
C HIS C 94 -15.27 29.54 -57.05
N GLY C 95 -14.21 29.40 -56.26
CA GLY C 95 -14.14 28.43 -55.15
C GLY C 95 -15.18 28.71 -54.08
N ARG C 96 -15.36 29.97 -53.69
CA ARG C 96 -16.39 30.36 -52.68
C ARG C 96 -17.79 30.07 -53.27
N LYS C 97 -18.02 30.30 -54.56
CA LYS C 97 -19.32 30.01 -55.22
C LYS C 97 -19.61 28.50 -55.17
N LYS C 98 -18.62 27.67 -55.51
CA LYS C 98 -18.74 26.19 -55.51
C LYS C 98 -19.03 25.74 -54.08
N HIS C 99 -18.34 26.30 -53.08
CA HIS C 99 -18.56 25.94 -51.65
C HIS C 99 -19.99 26.28 -51.23
N ALA C 100 -20.50 27.46 -51.58
CA ALA C 100 -21.88 27.90 -51.25
C ALA C 100 -22.87 26.88 -51.79
N LEU C 101 -22.68 26.39 -53.01
CA LEU C 101 -23.54 25.36 -53.63
C LEU C 101 -23.49 24.05 -52.84
N ALA C 102 -22.33 23.63 -52.35
CA ALA C 102 -22.17 22.41 -51.53
C ALA C 102 -22.98 22.57 -50.24
N VAL C 103 -22.94 23.75 -49.62
CA VAL C 103 -23.67 24.03 -48.36
C VAL C 103 -25.18 23.98 -48.64
N GLN C 104 -25.61 24.53 -49.78
CA GLN C 104 -27.04 24.51 -50.20
C GLN C 104 -27.47 23.07 -50.44
N ALA C 105 -26.67 22.28 -51.14
CA ALA C 105 -26.97 20.86 -51.42
C ALA C 105 -27.16 20.10 -50.12
N GLN C 106 -26.33 20.32 -49.12
CA GLN C 106 -26.35 19.57 -47.82
C GLN C 106 -27.73 19.71 -47.20
N ARG C 107 -28.36 20.89 -47.28
CA ARG C 107 -29.68 21.17 -46.68
C ARG C 107 -30.77 20.28 -47.32
N LEU C 108 -30.58 19.84 -48.57
CA LEU C 108 -31.60 19.06 -49.33
C LEU C 108 -31.52 17.58 -48.97
N TRP C 109 -30.43 17.09 -48.38
CA TRP C 109 -30.17 15.62 -48.31
C TRP C 109 -31.20 14.90 -47.44
N PRO C 110 -31.52 15.39 -46.22
CA PRO C 110 -32.46 14.67 -45.36
C PRO C 110 -33.82 14.38 -46.02
N GLU C 111 -34.46 15.38 -46.63
CA GLU C 111 -35.78 15.23 -47.31
C GLU C 111 -35.61 14.37 -48.58
N TRP C 112 -34.54 14.57 -49.35
CA TRP C 112 -34.21 13.80 -50.57
C TRP C 112 -34.15 12.31 -50.23
N ILE C 113 -33.42 11.93 -49.18
CA ILE C 113 -33.26 10.52 -48.75
C ILE C 113 -34.64 9.97 -48.33
N GLU C 114 -35.37 10.72 -47.51
CA GLU C 114 -36.76 10.36 -47.06
C GLU C 114 -37.61 10.05 -48.31
N SER C 115 -37.58 10.89 -49.33
CA SER C 115 -38.39 10.78 -50.57
C SER C 115 -37.96 9.55 -51.37
N LEU C 116 -36.70 9.11 -51.26
CA LEU C 116 -36.19 7.94 -52.01
C LEU C 116 -36.49 6.65 -51.24
N GLU C 117 -36.30 6.65 -49.92
CA GLU C 117 -36.56 5.48 -49.05
C GLU C 117 -38.07 5.22 -48.99
N ALA C 118 -38.89 6.26 -49.12
CA ALA C 118 -40.38 6.21 -49.13
C ALA C 118 -40.88 5.23 -50.18
N THR C 119 -40.17 5.07 -51.31
CA THR C 119 -40.59 4.19 -52.44
C THR C 119 -40.15 2.74 -52.19
N GLY C 120 -39.45 2.46 -51.10
CA GLY C 120 -38.96 1.11 -50.74
C GLY C 120 -39.49 0.67 -49.39
N THR C 121 -38.89 -0.36 -48.79
CA THR C 121 -39.23 -0.90 -47.45
C THR C 121 -37.94 -1.13 -46.65
N ALA C 122 -38.08 -1.47 -45.36
CA ALA C 122 -36.97 -1.74 -44.41
C ALA C 122 -35.88 -2.61 -45.06
N ALA C 123 -36.28 -3.65 -45.80
CA ALA C 123 -35.38 -4.71 -46.32
C ALA C 123 -34.52 -4.18 -47.48
N ASP C 124 -34.82 -3.00 -48.01
CA ASP C 124 -34.00 -2.34 -49.08
C ASP C 124 -32.70 -1.78 -48.49
N GLY C 125 -32.59 -1.68 -47.17
CA GLY C 125 -31.40 -1.13 -46.50
C GLY C 125 -31.51 0.37 -46.41
N ARG C 126 -30.58 0.99 -45.67
CA ARG C 126 -30.60 2.44 -45.41
C ARG C 126 -29.59 3.12 -46.33
N ILE C 127 -30.00 4.22 -46.96
CA ILE C 127 -29.10 5.05 -47.82
C ILE C 127 -28.02 5.69 -46.92
N LYS C 128 -28.44 6.27 -45.80
CA LYS C 128 -27.55 7.01 -44.88
C LYS C 128 -26.76 6.00 -44.04
N THR C 129 -25.45 6.16 -43.95
CA THR C 129 -24.56 5.25 -43.17
C THR C 129 -23.93 5.98 -41.98
N ALA C 130 -23.96 7.32 -41.99
CA ALA C 130 -23.47 8.15 -40.88
C ALA C 130 -24.13 9.53 -41.00
N ASP C 131 -24.31 10.19 -39.86
CA ASP C 131 -24.91 11.55 -39.80
C ASP C 131 -23.83 12.62 -39.73
N ASP C 132 -22.71 12.30 -39.08
CA ASP C 132 -21.65 13.24 -38.70
C ASP C 132 -20.31 12.81 -39.27
N THR C 133 -19.36 13.76 -39.29
CA THR C 133 -17.99 13.58 -39.79
C THR C 133 -17.03 14.10 -38.72
N VAL C 134 -15.98 13.33 -38.41
CA VAL C 134 -14.82 13.86 -37.65
C VAL C 134 -13.67 14.10 -38.65
N VAL C 135 -13.16 15.33 -38.69
CA VAL C 135 -11.94 15.70 -39.45
C VAL C 135 -10.76 15.59 -38.47
N LEU C 136 -9.75 14.79 -38.82
CA LEU C 136 -8.56 14.57 -37.96
C LEU C 136 -7.40 15.39 -38.51
N LEU C 137 -6.59 15.93 -37.61
CA LEU C 137 -5.33 16.63 -38.00
C LEU C 137 -4.16 15.86 -37.40
N ASN C 138 -3.33 15.28 -38.26
CA ASN C 138 -2.10 14.55 -37.89
C ASN C 138 -0.94 15.21 -38.65
N THR C 139 0.28 14.70 -38.47
CA THR C 139 1.48 15.33 -39.08
C THR C 139 2.00 14.48 -40.24
N VAL C 140 1.16 13.59 -40.77
CA VAL C 140 1.54 12.75 -41.94
C VAL C 140 1.13 13.49 -43.20
N GLY C 141 1.69 14.67 -43.38
CA GLY C 141 1.33 15.56 -44.51
C GLY C 141 2.05 16.87 -44.42
N HIS C 142 1.84 17.72 -45.41
CA HIS C 142 2.46 19.06 -45.50
C HIS C 142 1.72 20.01 -44.57
N SER C 143 2.44 20.75 -43.72
CA SER C 143 1.86 21.88 -42.94
C SER C 143 1.17 22.88 -43.88
N ALA C 144 1.73 23.14 -45.06
CA ALA C 144 1.22 24.16 -46.00
C ALA C 144 -0.12 23.74 -46.60
N LEU C 145 -0.47 22.45 -46.56
CA LEU C 145 -1.84 22.00 -46.93
C LEU C 145 -2.64 21.76 -45.65
N ASP C 146 -2.24 20.79 -44.82
CA ASP C 146 -3.10 20.26 -43.72
C ASP C 146 -3.36 21.36 -42.67
N ASP C 147 -2.37 22.14 -42.27
CA ASP C 147 -2.57 23.19 -41.22
C ASP C 147 -3.47 24.29 -41.80
N ALA C 148 -3.15 24.78 -43.00
CA ALA C 148 -3.95 25.84 -43.68
C ALA C 148 -5.39 25.35 -43.88
N ASN C 149 -5.58 24.11 -44.31
CA ASN C 149 -6.92 23.57 -44.67
C ASN C 149 -7.73 23.37 -43.40
N PHE C 150 -7.12 22.93 -42.30
CA PHE C 150 -7.84 22.73 -41.02
C PHE C 150 -8.40 24.08 -40.54
N ALA C 151 -7.58 25.13 -40.60
CA ALA C 151 -7.99 26.50 -40.19
C ALA C 151 -9.12 26.98 -41.12
N ALA C 152 -9.02 26.70 -42.42
CA ALA C 152 -10.03 27.13 -43.43
C ALA C 152 -11.37 26.44 -43.17
N VAL C 153 -11.35 25.16 -42.78
CA VAL C 153 -12.57 24.36 -42.47
C VAL C 153 -13.24 24.99 -41.25
N LEU C 154 -12.48 25.22 -40.17
CA LEU C 154 -12.99 25.85 -38.93
C LEU C 154 -13.65 27.20 -39.26
N THR C 155 -13.01 28.02 -40.10
CA THR C 155 -13.49 29.37 -40.46
C THR C 155 -14.81 29.24 -41.25
N ALA C 156 -14.84 28.33 -42.23
CA ALA C 156 -16.01 28.12 -43.11
C ALA C 156 -17.22 27.66 -42.28
N LEU C 157 -16.99 26.78 -41.30
CA LEU C 157 -18.06 26.29 -40.40
C LEU C 157 -18.66 27.48 -39.60
N LYS C 158 -17.79 28.31 -39.01
CA LYS C 158 -18.19 29.48 -38.17
C LYS C 158 -18.96 30.48 -39.04
N GLU C 159 -18.47 30.80 -40.24
CA GLU C 159 -19.10 31.75 -41.18
C GLU C 159 -20.50 31.26 -41.57
N ALA C 160 -20.70 29.96 -41.75
CA ALA C 160 -21.98 29.37 -42.22
C ALA C 160 -22.89 29.11 -41.04
N ASN C 161 -22.43 29.35 -39.81
CA ASN C 161 -23.21 29.10 -38.57
C ASN C 161 -23.56 27.60 -38.51
N ALA C 162 -22.72 26.73 -39.07
CA ALA C 162 -22.95 25.26 -39.08
C ALA C 162 -22.68 24.72 -37.69
N PRO C 163 -23.43 23.71 -37.21
CA PRO C 163 -23.14 23.09 -35.92
C PRO C 163 -21.88 22.21 -36.06
N HIS C 164 -20.94 22.40 -35.14
CA HIS C 164 -19.61 21.75 -35.14
C HIS C 164 -18.96 21.98 -33.78
N GLU C 165 -17.89 21.24 -33.49
CA GLU C 165 -17.16 21.35 -32.22
C GLU C 165 -15.74 20.80 -32.42
N GLU C 166 -14.72 21.54 -32.03
CA GLU C 166 -13.37 20.98 -31.85
C GLU C 166 -13.42 20.09 -30.60
N ILE C 167 -13.06 18.82 -30.73
CA ILE C 167 -13.17 17.82 -29.64
C ILE C 167 -11.79 17.28 -29.30
N ALA C 168 -11.65 16.74 -28.09
CA ALA C 168 -10.45 16.02 -27.63
C ALA C 168 -10.28 14.79 -28.53
N VAL C 169 -9.07 14.53 -28.99
CA VAL C 169 -8.77 13.37 -29.87
C VAL C 169 -9.17 12.08 -29.13
N GLU C 170 -8.96 12.04 -27.82
CA GLU C 170 -9.26 10.90 -26.91
C GLU C 170 -10.76 10.58 -26.98
N SER C 171 -11.60 11.55 -27.30
CA SER C 171 -13.07 11.37 -27.39
C SER C 171 -13.48 10.85 -28.77
N VAL C 172 -12.57 10.74 -29.73
CA VAL C 172 -12.91 10.17 -31.07
C VAL C 172 -13.06 8.66 -30.89
N ASP C 173 -14.27 8.17 -31.20
CA ASP C 173 -14.76 6.77 -31.25
C ASP C 173 -13.85 5.91 -32.13
N TRP C 174 -13.49 4.71 -31.68
CA TRP C 174 -13.11 3.56 -32.54
C TRP C 174 -11.65 3.64 -33.02
N ILE C 175 -11.14 4.81 -33.40
CA ILE C 175 -9.80 4.93 -34.07
C ILE C 175 -8.72 4.31 -33.18
N ASP C 176 -7.72 3.71 -33.80
CA ASP C 176 -6.56 3.10 -33.08
C ASP C 176 -5.31 3.33 -33.94
N PRO C 177 -4.90 4.60 -34.11
CA PRO C 177 -3.78 4.93 -34.98
C PRO C 177 -2.44 4.47 -34.39
N ASP C 178 -1.46 4.26 -35.27
CA ASP C 178 -0.02 4.27 -34.91
C ASP C 178 0.24 5.57 -34.14
N PRO C 179 0.79 5.55 -32.90
CA PRO C 179 1.10 6.79 -32.18
C PRO C 179 1.91 7.82 -33.00
N ASN C 180 2.82 7.39 -33.87
CA ASN C 180 3.66 8.32 -34.68
C ASN C 180 2.82 8.89 -35.84
N SER C 181 1.60 8.38 -36.07
CA SER C 181 0.69 8.84 -37.15
C SER C 181 -0.62 9.39 -36.56
N ARG C 182 -0.70 9.60 -35.25
CA ARG C 182 -1.98 9.89 -34.57
C ARG C 182 -2.38 11.35 -34.78
N PRO C 183 -3.68 11.65 -34.66
CA PRO C 183 -4.15 13.03 -34.70
C PRO C 183 -3.90 13.71 -33.35
N LEU C 184 -3.63 15.02 -33.38
CA LEU C 184 -3.52 15.82 -32.14
C LEU C 184 -4.67 16.82 -32.06
N ARG C 185 -5.40 17.05 -33.15
CA ARG C 185 -6.65 17.84 -33.14
C ARG C 185 -7.73 17.08 -33.94
N ALA C 186 -8.99 17.30 -33.56
CA ALA C 186 -10.16 16.66 -34.18
C ALA C 186 -11.32 17.65 -34.16
N LEU C 187 -12.13 17.60 -35.20
CA LEU C 187 -13.25 18.50 -35.47
C LEU C 187 -14.48 17.65 -35.81
N HIS C 188 -15.51 17.71 -34.96
CA HIS C 188 -16.82 17.04 -35.16
C HIS C 188 -17.72 17.99 -35.97
N ILE C 189 -18.15 17.57 -37.15
CA ILE C 189 -19.09 18.32 -38.02
C ILE C 189 -20.43 17.60 -37.97
N GLU C 190 -21.44 18.24 -37.38
CA GLU C 190 -22.79 17.67 -37.17
C GLU C 190 -23.60 17.82 -38.46
N GLY C 191 -24.26 16.74 -38.91
CA GLY C 191 -25.18 16.74 -40.08
C GLY C 191 -24.41 16.71 -41.39
N GLU C 192 -23.11 16.40 -41.34
CA GLU C 192 -22.30 16.12 -42.55
C GLU C 192 -21.97 14.63 -42.53
N GLY C 193 -22.63 13.85 -43.38
CA GLY C 193 -22.66 12.38 -43.23
C GLY C 193 -22.12 11.67 -44.46
N SER C 194 -22.63 10.45 -44.61
CA SER C 194 -22.24 9.55 -45.71
C SER C 194 -23.44 8.70 -46.11
N VAL C 195 -23.40 8.22 -47.34
CA VAL C 195 -24.43 7.33 -47.93
C VAL C 195 -23.73 6.08 -48.43
N ASP C 196 -24.43 4.97 -48.45
CA ASP C 196 -24.05 3.78 -49.23
C ASP C 196 -24.44 4.04 -50.68
N SER C 197 -23.46 4.21 -51.57
CA SER C 197 -23.71 4.65 -52.96
C SER C 197 -24.48 3.56 -53.72
N GLY C 198 -24.28 2.29 -53.37
CA GLY C 198 -24.99 1.15 -54.00
C GLY C 198 -26.46 1.16 -53.64
N ILE C 199 -26.77 1.38 -52.36
CA ILE C 199 -28.15 1.49 -51.86
C ILE C 199 -28.79 2.77 -52.42
N LEU C 200 -28.04 3.86 -52.52
CA LEU C 200 -28.54 5.12 -53.15
C LEU C 200 -28.94 4.83 -54.61
N LEU C 201 -28.10 4.17 -55.38
CA LEU C 201 -28.36 3.89 -56.82
C LEU C 201 -29.61 3.02 -56.96
N ALA C 202 -29.76 2.00 -56.12
CA ALA C 202 -30.93 1.10 -56.11
C ALA C 202 -32.19 1.91 -55.77
N ALA C 203 -32.13 2.79 -54.77
CA ALA C 203 -33.26 3.64 -54.34
C ALA C 203 -33.63 4.63 -55.47
N LEU C 204 -32.64 5.18 -56.17
CA LEU C 204 -32.88 6.14 -57.27
C LEU C 204 -33.57 5.40 -58.43
N GLU C 205 -33.10 4.21 -58.80
CA GLU C 205 -33.70 3.41 -59.91
C GLU C 205 -35.16 3.08 -59.57
N ARG C 206 -35.40 2.56 -58.36
CA ARG C 206 -36.75 2.19 -57.84
C ARG C 206 -37.66 3.43 -57.90
N SER C 207 -37.16 4.59 -57.42
CA SER C 207 -37.92 5.85 -57.38
C SER C 207 -38.21 6.33 -58.81
N PHE C 208 -37.26 6.15 -59.72
CA PHE C 208 -37.38 6.56 -61.15
C PHE C 208 -38.54 5.77 -61.78
N LEU C 209 -38.54 4.45 -61.61
CA LEU C 209 -39.59 3.56 -62.17
C LEU C 209 -40.95 3.88 -61.52
N GLN C 210 -40.98 4.14 -60.21
CA GLN C 210 -42.23 4.45 -59.48
C GLN C 210 -42.86 5.73 -60.04
N ALA C 211 -42.06 6.68 -60.50
CA ALA C 211 -42.52 7.98 -61.03
C ALA C 211 -42.84 7.87 -62.53
N GLY C 212 -42.74 6.68 -63.10
CA GLY C 212 -43.12 6.40 -64.50
C GLY C 212 -41.96 6.54 -65.46
N GLY C 213 -40.72 6.63 -64.96
CA GLY C 213 -39.52 6.73 -65.81
C GLY C 213 -39.28 5.43 -66.55
N ARG C 214 -38.65 5.51 -67.73
CA ARG C 214 -38.32 4.31 -68.54
C ARG C 214 -36.80 4.20 -68.63
N LEU C 215 -36.26 3.03 -68.27
CA LEU C 215 -34.83 2.66 -68.41
C LEU C 215 -34.64 1.98 -69.76
N HIS C 216 -33.80 2.55 -70.63
CA HIS C 216 -33.39 1.95 -71.92
C HIS C 216 -31.91 1.64 -71.85
N PRO C 217 -31.52 0.36 -71.60
CA PRO C 217 -30.13 0.04 -71.25
C PRO C 217 -29.20 -0.03 -72.47
N VAL C 218 -29.06 1.09 -73.18
CA VAL C 218 -28.08 1.30 -74.28
C VAL C 218 -27.38 2.64 -74.05
N ASP C 219 -26.28 2.89 -74.75
CA ASP C 219 -25.51 4.15 -74.64
C ASP C 219 -25.88 5.06 -75.81
N ALA C 220 -25.96 6.37 -75.55
CA ALA C 220 -26.01 7.41 -76.60
C ALA C 220 -24.66 7.41 -77.31
N THR C 221 -24.67 7.43 -78.65
CA THR C 221 -23.47 7.63 -79.50
C THR C 221 -23.43 9.09 -79.98
N GLU C 222 -24.58 9.71 -80.19
CA GLU C 222 -24.66 11.02 -80.88
C GLU C 222 -25.93 11.78 -80.45
N ILE C 223 -25.80 13.09 -80.21
CA ILE C 223 -26.96 14.00 -80.04
C ILE C 223 -27.27 14.60 -81.40
N ARG C 224 -28.52 14.51 -81.84
CA ARG C 224 -28.98 15.10 -83.11
C ARG C 224 -29.64 16.44 -82.80
N ALA C 225 -29.18 17.48 -83.49
CA ALA C 225 -29.73 18.84 -83.44
C ALA C 225 -29.70 19.45 -84.85
N SER C 226 -30.67 20.29 -85.16
CA SER C 226 -30.67 21.15 -86.38
C SER C 226 -31.54 22.37 -86.10
N HIS C 227 -31.26 23.47 -86.79
CA HIS C 227 -31.96 24.76 -86.61
C HIS C 227 -31.92 25.13 -85.13
N GLY C 228 -30.75 24.94 -84.50
CA GLY C 228 -30.41 25.34 -83.11
C GLY C 228 -31.30 24.70 -82.06
N ARG C 229 -31.73 23.46 -82.28
CA ARG C 229 -32.72 22.79 -81.40
C ARG C 229 -32.45 21.27 -81.39
N VAL C 230 -32.54 20.61 -80.24
CA VAL C 230 -32.33 19.13 -80.14
C VAL C 230 -33.51 18.45 -80.82
N GLU C 231 -33.19 17.38 -81.57
CA GLU C 231 -34.16 16.45 -82.20
C GLU C 231 -34.19 15.15 -81.40
N GLY C 232 -33.03 14.74 -80.84
CA GLY C 232 -32.94 13.55 -79.99
C GLY C 232 -31.56 12.91 -79.99
N VAL C 233 -31.51 11.59 -79.85
CA VAL C 233 -30.27 10.82 -79.53
C VAL C 233 -30.23 9.53 -80.37
N VAL C 234 -29.14 9.33 -81.09
CA VAL C 234 -28.76 8.02 -81.70
C VAL C 234 -28.08 7.18 -80.63
N THR C 235 -28.52 5.94 -80.44
CA THR C 235 -27.98 4.96 -79.47
C THR C 235 -27.03 4.00 -80.19
N ASP C 236 -26.23 3.24 -79.43
CA ASP C 236 -25.11 2.40 -79.97
C ASP C 236 -25.65 1.08 -80.52
N ASP C 237 -26.97 0.87 -80.55
CA ASP C 237 -27.62 -0.24 -81.28
C ASP C 237 -28.18 0.29 -82.62
N GLY C 238 -27.82 1.52 -83.01
CA GLY C 238 -28.17 2.12 -84.32
C GLY C 238 -29.53 2.83 -84.33
N ASP C 239 -30.29 2.74 -83.24
CA ASP C 239 -31.66 3.28 -83.12
C ASP C 239 -31.62 4.80 -82.96
N PHE C 240 -32.71 5.51 -83.26
CA PHE C 240 -32.89 6.96 -83.00
C PHE C 240 -34.07 7.16 -82.05
N LEU C 241 -33.85 7.86 -80.93
CA LEU C 241 -34.89 8.22 -79.93
C LEU C 241 -35.17 9.72 -80.03
N PRO C 242 -36.41 10.14 -80.35
CA PRO C 242 -36.74 11.56 -80.43
C PRO C 242 -36.92 12.18 -79.04
N ALA C 243 -36.67 13.49 -78.91
CA ALA C 243 -36.80 14.23 -77.64
C ALA C 243 -36.87 15.74 -77.89
N GLY C 244 -37.63 16.45 -77.06
CA GLY C 244 -37.61 17.91 -76.95
C GLY C 244 -36.51 18.39 -76.00
N HIS C 245 -36.12 17.56 -75.03
CA HIS C 245 -35.03 17.85 -74.06
C HIS C 245 -34.08 16.65 -73.97
N VAL C 246 -32.77 16.93 -74.04
CA VAL C 246 -31.68 15.94 -73.76
C VAL C 246 -30.82 16.52 -72.63
N VAL C 247 -30.75 15.79 -71.52
CA VAL C 247 -29.86 16.12 -70.37
C VAL C 247 -28.66 15.17 -70.42
N VAL C 248 -27.47 15.72 -70.67
CA VAL C 248 -26.20 14.94 -70.74
C VAL C 248 -25.62 14.92 -69.32
N ALA C 249 -25.63 13.75 -68.69
CA ALA C 249 -24.98 13.46 -67.39
C ALA C 249 -24.19 12.15 -67.52
N ALA C 250 -23.33 12.09 -68.53
CA ALA C 250 -22.58 10.88 -68.94
C ALA C 250 -21.16 10.89 -68.33
N GLY C 251 -21.00 11.48 -67.15
CA GLY C 251 -19.68 11.61 -66.49
C GLY C 251 -18.65 12.17 -67.44
N ALA C 252 -17.46 11.54 -67.51
CA ALA C 252 -16.29 12.15 -68.18
C ALA C 252 -16.46 12.12 -69.70
N ARG C 253 -17.50 11.43 -70.21
CA ARG C 253 -17.77 11.33 -71.68
C ARG C 253 -18.73 12.46 -72.10
N SER C 254 -19.25 13.26 -71.17
CA SER C 254 -20.29 14.29 -71.40
C SER C 254 -19.84 15.33 -72.42
N GLN C 255 -18.63 15.89 -72.29
CA GLN C 255 -18.13 16.96 -73.21
C GLN C 255 -17.90 16.37 -74.61
N ARG C 256 -17.32 15.16 -74.70
CA ARG C 256 -17.01 14.51 -76.01
C ARG C 256 -18.31 14.35 -76.79
N LEU C 257 -19.43 14.13 -76.10
CA LEU C 257 -20.75 13.87 -76.70
C LEU C 257 -21.36 15.15 -77.26
N VAL C 258 -21.21 16.27 -76.55
CA VAL C 258 -21.81 17.59 -76.93
C VAL C 258 -20.87 18.31 -77.93
N ALA C 259 -19.56 18.06 -77.85
CA ALA C 259 -18.51 18.78 -78.63
C ALA C 259 -18.58 18.43 -80.13
N ALA C 260 -19.34 17.40 -80.51
CA ALA C 260 -19.49 16.93 -81.90
C ALA C 260 -20.44 17.87 -82.66
N LEU C 261 -21.30 18.62 -81.94
CA LEU C 261 -22.24 19.59 -82.54
C LEU C 261 -21.48 20.81 -83.08
N PRO C 262 -22.00 21.49 -84.13
CA PRO C 262 -21.30 22.62 -84.76
C PRO C 262 -20.80 23.71 -83.80
N GLY C 263 -19.49 23.99 -83.79
CA GLY C 263 -18.86 25.09 -83.04
C GLY C 263 -18.54 24.70 -81.61
N LEU C 264 -19.14 23.64 -81.09
CA LEU C 264 -19.14 23.36 -79.62
C LEU C 264 -17.79 22.77 -79.16
N ALA C 265 -16.93 22.34 -80.09
CA ALA C 265 -15.64 21.67 -79.80
C ALA C 265 -14.74 22.57 -78.93
N HIS C 266 -14.81 23.89 -79.12
CA HIS C 266 -13.99 24.87 -78.35
C HIS C 266 -14.88 25.79 -77.52
N ARG C 267 -16.13 25.42 -77.33
CA ARG C 267 -17.11 26.20 -76.52
C ARG C 267 -17.53 25.44 -75.25
N ILE C 268 -17.36 24.11 -75.23
CA ILE C 268 -17.60 23.27 -74.02
C ILE C 268 -16.24 22.87 -73.44
N PRO C 269 -15.85 23.32 -72.23
CA PRO C 269 -14.55 22.93 -71.67
C PRO C 269 -14.38 21.40 -71.61
N ARG C 270 -13.19 20.93 -71.99
CA ARG C 270 -12.79 19.51 -71.89
C ARG C 270 -12.95 19.03 -70.43
N ILE C 271 -13.28 17.76 -70.33
CA ILE C 271 -13.33 16.95 -69.07
C ILE C 271 -12.34 15.77 -69.24
N TYR C 272 -11.44 15.55 -68.28
CA TYR C 272 -10.53 14.38 -68.23
C TYR C 272 -11.01 13.37 -67.17
N ASP C 273 -10.36 12.18 -67.11
CA ASP C 273 -10.68 11.13 -66.10
C ASP C 273 -9.84 11.29 -64.83
N GLY C 274 -10.48 11.68 -63.73
CA GLY C 274 -9.88 11.75 -62.38
C GLY C 274 -9.95 10.39 -61.68
N VAL C 275 -9.08 9.47 -62.06
CA VAL C 275 -9.13 8.03 -61.65
C VAL C 275 -8.98 7.97 -60.12
N GLY C 276 -9.96 7.36 -59.48
CA GLY C 276 -10.04 7.26 -58.00
C GLY C 276 -10.04 5.81 -57.56
N VAL C 277 -9.21 5.49 -56.55
CA VAL C 277 -9.13 4.12 -55.99
C VAL C 277 -9.68 4.18 -54.58
N SER C 278 -10.55 3.22 -54.27
CA SER C 278 -11.11 3.01 -52.93
C SER C 278 -11.13 1.50 -52.65
N ALA C 279 -11.50 1.09 -51.45
CA ALA C 279 -11.51 -0.34 -51.09
C ALA C 279 -12.61 -0.61 -50.07
N LEU C 280 -13.23 -1.78 -50.18
CA LEU C 280 -14.14 -2.33 -49.15
C LEU C 280 -13.34 -3.34 -48.34
N VAL C 281 -13.38 -3.18 -47.03
CA VAL C 281 -12.65 -4.03 -46.07
C VAL C 281 -13.68 -4.58 -45.08
N ASP C 282 -13.68 -5.89 -44.84
CA ASP C 282 -14.39 -6.53 -43.72
C ASP C 282 -13.51 -6.39 -42.48
N THR C 283 -13.93 -5.64 -41.46
CA THR C 283 -13.09 -5.36 -40.28
C THR C 283 -12.91 -6.65 -39.48
N TRP C 284 -11.74 -6.78 -38.85
CA TRP C 284 -11.29 -7.94 -38.03
C TRP C 284 -12.40 -8.38 -37.07
N ASP C 285 -13.15 -7.45 -36.47
CA ASP C 285 -14.14 -7.76 -35.41
C ASP C 285 -15.56 -7.36 -35.86
N GLY C 286 -15.75 -6.98 -37.12
CA GLY C 286 -17.06 -6.54 -37.64
C GLY C 286 -17.45 -5.15 -37.16
N SER C 287 -16.60 -4.43 -36.42
CA SER C 287 -16.91 -3.07 -35.92
C SER C 287 -16.67 -2.03 -37.03
N GLY C 288 -17.14 -0.81 -36.77
CA GLY C 288 -16.92 0.37 -37.60
C GLY C 288 -17.12 1.63 -36.77
N PRO C 289 -16.64 2.80 -37.23
CA PRO C 289 -16.90 4.04 -36.51
C PRO C 289 -18.35 4.48 -36.72
N ALA C 290 -18.85 5.28 -35.78
CA ALA C 290 -20.22 5.86 -35.78
C ALA C 290 -20.26 7.04 -36.75
N THR C 291 -19.12 7.67 -37.04
CA THR C 291 -19.02 8.85 -37.93
C THR C 291 -18.13 8.54 -39.11
N VAL C 292 -18.22 9.36 -40.15
CA VAL C 292 -17.15 9.47 -41.18
C VAL C 292 -15.89 9.89 -40.42
N LEU C 293 -14.75 9.36 -40.82
CA LEU C 293 -13.42 9.82 -40.34
C LEU C 293 -12.67 10.28 -41.59
N ARG C 294 -12.12 11.48 -41.58
CA ARG C 294 -11.41 12.00 -42.76
C ARG C 294 -10.32 12.98 -42.34
N THR C 295 -9.36 13.18 -43.25
CA THR C 295 -8.46 14.35 -43.27
C THR C 295 -9.10 15.38 -44.21
N SER C 296 -8.58 16.60 -44.24
CA SER C 296 -8.86 17.57 -45.31
C SER C 296 -8.28 17.00 -46.61
N ASN C 297 -8.68 17.55 -47.75
CA ASN C 297 -8.12 17.21 -49.07
C ASN C 297 -6.62 17.44 -49.04
N ARG C 298 -5.89 16.52 -49.69
CA ARG C 298 -4.41 16.42 -49.62
C ARG C 298 -3.87 16.51 -51.05
N ALA C 299 -2.61 16.11 -51.25
CA ALA C 299 -1.87 16.38 -52.50
C ALA C 299 -2.72 15.96 -53.71
N PHE C 300 -2.92 16.90 -54.63
CA PHE C 300 -3.55 16.70 -55.96
C PHE C 300 -4.95 16.09 -55.79
N ALA C 301 -5.70 16.61 -54.81
CA ALA C 301 -7.12 16.28 -54.54
C ALA C 301 -7.31 14.79 -54.20
N CYS C 302 -6.27 14.12 -53.69
N CYS C 302 -6.27 14.13 -53.70
CA CYS C 302 -6.42 12.85 -52.97
CA CYS C 302 -6.41 12.84 -52.98
C CYS C 302 -6.85 13.19 -51.53
C CYS C 302 -6.85 13.19 -51.53
N GLY C 303 -7.09 12.18 -50.71
CA GLY C 303 -7.51 12.39 -49.32
C GLY C 303 -7.66 11.04 -48.64
N LEU C 304 -7.71 11.06 -47.32
CA LEU C 304 -7.92 9.83 -46.55
C LEU C 304 -9.26 9.93 -45.86
N HIS C 305 -10.10 8.92 -46.03
CA HIS C 305 -11.38 8.84 -45.29
C HIS C 305 -11.83 7.39 -45.14
N LEU C 306 -12.60 7.18 -44.09
CA LEU C 306 -13.30 5.92 -43.82
C LEU C 306 -14.78 6.27 -43.68
N VAL C 307 -15.62 5.63 -44.50
CA VAL C 307 -17.10 5.76 -44.49
C VAL C 307 -17.65 4.47 -43.93
N PRO C 308 -18.45 4.55 -42.84
CA PRO C 308 -19.09 3.35 -42.29
C PRO C 308 -20.02 2.72 -43.33
N ARG C 309 -20.16 1.40 -43.29
CA ARG C 309 -21.15 0.60 -44.05
C ARG C 309 -21.83 -0.37 -43.07
N ALA C 310 -22.99 -0.90 -43.43
CA ALA C 310 -23.69 -1.98 -42.68
C ALA C 310 -22.93 -3.30 -42.89
N GLY C 311 -23.09 -4.24 -41.94
CA GLY C 311 -22.68 -5.65 -42.10
C GLY C 311 -21.19 -5.89 -41.93
N GLY C 312 -20.51 -5.14 -41.06
CA GLY C 312 -19.10 -5.38 -40.71
C GLY C 312 -18.12 -4.96 -41.79
N SER C 313 -18.55 -4.11 -42.73
CA SER C 313 -17.72 -3.58 -43.83
C SER C 313 -17.38 -2.11 -43.56
N VAL C 314 -16.21 -1.65 -44.00
CA VAL C 314 -15.90 -0.20 -44.07
C VAL C 314 -15.40 0.10 -45.48
N TYR C 315 -15.70 1.30 -45.94
CA TYR C 315 -15.16 1.88 -47.17
C TYR C 315 -13.96 2.75 -46.80
N ILE C 316 -12.84 2.56 -47.48
CA ILE C 316 -11.65 3.44 -47.32
C ILE C 316 -11.36 4.05 -48.68
N GLY C 317 -11.10 5.35 -48.67
CA GLY C 317 -10.67 6.07 -49.87
C GLY C 317 -9.76 7.22 -49.48
N ALA C 318 -9.31 7.97 -50.46
CA ALA C 318 -9.50 7.68 -51.88
C ALA C 318 -8.35 8.35 -52.62
N THR C 319 -7.76 7.69 -53.58
CA THR C 319 -6.68 8.28 -54.40
C THR C 319 -7.37 9.11 -55.49
N ASN C 320 -6.60 10.03 -56.05
CA ASN C 320 -7.02 10.76 -57.26
C ASN C 320 -5.79 10.96 -58.15
N ALA C 321 -5.97 10.74 -59.44
CA ALA C 321 -4.98 11.06 -60.47
C ALA C 321 -5.75 11.44 -61.71
N VAL C 322 -5.57 12.66 -62.18
CA VAL C 322 -6.07 13.11 -63.51
C VAL C 322 -5.24 12.36 -64.54
N CYS C 323 -5.90 11.61 -65.43
CA CYS C 323 -5.23 10.88 -66.53
C CYS C 323 -5.75 11.45 -67.85
N LEU C 324 -4.84 11.67 -68.80
CA LEU C 324 -5.16 12.28 -70.11
C LEU C 324 -5.90 11.25 -70.98
N GLU C 325 -5.78 9.95 -70.64
CA GLU C 325 -6.65 8.88 -71.21
C GLU C 325 -7.18 8.05 -70.06
N PRO C 326 -8.41 7.48 -70.17
CA PRO C 326 -9.02 6.70 -69.10
C PRO C 326 -8.22 5.44 -68.74
N ARG C 327 -8.34 5.03 -67.49
CA ARG C 327 -7.69 3.82 -66.91
C ARG C 327 -8.73 3.15 -66.03
N GLY C 328 -8.88 1.83 -66.15
CA GLY C 328 -9.94 1.06 -65.48
C GLY C 328 -9.44 0.24 -64.28
N ALA C 329 -8.13 0.28 -64.00
CA ALA C 329 -7.52 -0.54 -62.93
C ALA C 329 -6.67 0.35 -62.01
N ALA C 330 -6.67 0.04 -60.72
CA ALA C 330 -5.80 0.65 -59.69
C ALA C 330 -4.35 0.31 -60.03
N SER C 331 -3.45 1.25 -59.79
CA SER C 331 -2.00 0.98 -59.82
C SER C 331 -1.60 0.38 -58.47
N ILE C 332 -0.47 -0.33 -58.43
CA ILE C 332 0.11 -0.87 -57.18
C ILE C 332 0.28 0.30 -56.19
N GLU C 333 0.89 1.38 -56.66
CA GLU C 333 1.21 2.61 -55.88
C GLU C 333 -0.04 3.13 -55.14
N GLU C 334 -1.16 3.20 -55.86
CA GLU C 334 -2.45 3.73 -55.33
C GLU C 334 -2.93 2.83 -54.19
N THR C 335 -2.92 1.52 -54.39
CA THR C 335 -3.41 0.56 -53.38
C THR C 335 -2.50 0.65 -52.14
N VAL C 336 -1.19 0.69 -52.31
CA VAL C 336 -0.24 0.70 -51.16
C VAL C 336 -0.45 2.00 -50.37
N PHE C 337 -0.53 3.14 -51.05
CA PHE C 337 -0.67 4.46 -50.37
C PHE C 337 -1.97 4.48 -49.58
N LEU C 338 -3.09 4.09 -50.20
CA LEU C 338 -4.41 4.08 -49.52
C LEU C 338 -4.35 3.19 -48.26
N PHE C 339 -3.88 1.95 -48.40
CA PHE C 339 -3.84 0.97 -47.28
C PHE C 339 -2.90 1.47 -46.18
N ASN C 340 -1.74 1.97 -46.59
CA ASN C 340 -0.72 2.44 -45.62
C ASN C 340 -1.29 3.59 -44.78
N CYS C 341 -1.94 4.57 -45.42
CA CYS C 341 -2.53 5.74 -44.72
C CYS C 341 -3.61 5.27 -43.74
N ALA C 342 -4.54 4.41 -44.17
CA ALA C 342 -5.68 3.98 -43.34
C ALA C 342 -5.18 3.18 -42.13
N THR C 343 -4.24 2.25 -42.30
CA THR C 343 -3.77 1.37 -41.20
C THR C 343 -3.01 2.19 -40.16
N HIS C 344 -2.24 3.22 -40.57
CA HIS C 344 -1.43 4.04 -39.63
C HIS C 344 -2.28 5.17 -39.02
N GLN C 345 -3.06 5.86 -39.82
CA GLN C 345 -3.68 7.15 -39.40
C GLN C 345 -5.08 6.93 -38.80
N LEU C 346 -5.77 5.85 -39.16
CA LEU C 346 -7.16 5.58 -38.69
C LEU C 346 -7.20 4.41 -37.71
N HIS C 347 -6.81 3.20 -38.14
CA HIS C 347 -6.97 1.99 -37.30
C HIS C 347 -6.00 0.88 -37.72
N ARG C 348 -5.09 0.52 -36.83
CA ARG C 348 -4.09 -0.56 -37.04
C ARG C 348 -4.78 -1.91 -37.23
N GLY C 349 -5.97 -2.10 -36.64
CA GLY C 349 -6.80 -3.29 -36.84
C GLY C 349 -7.12 -3.55 -38.31
N LEU C 350 -7.13 -2.51 -39.16
CA LEU C 350 -7.38 -2.70 -40.61
C LEU C 350 -6.27 -3.54 -41.22
N ASN C 351 -5.08 -3.55 -40.62
CA ASN C 351 -3.92 -4.30 -41.14
C ASN C 351 -4.27 -5.78 -41.27
N GLY C 352 -4.93 -6.34 -40.27
CA GLY C 352 -5.32 -7.76 -40.21
C GLY C 352 -6.70 -8.00 -40.79
N SER C 353 -7.33 -6.98 -41.33
CA SER C 353 -8.70 -7.09 -41.87
C SER C 353 -8.64 -7.59 -43.32
N GLU C 354 -9.72 -8.21 -43.77
CA GLU C 354 -9.81 -8.82 -45.11
C GLU C 354 -10.21 -7.78 -46.14
N LEU C 355 -9.42 -7.71 -47.22
CA LEU C 355 -9.68 -6.91 -48.43
C LEU C 355 -10.76 -7.61 -49.24
N ARG C 356 -11.94 -7.00 -49.36
CA ARG C 356 -13.09 -7.57 -50.09
C ARG C 356 -13.03 -7.08 -51.54
N LYS C 357 -12.66 -5.82 -51.79
CA LYS C 357 -12.75 -5.23 -53.15
C LYS C 357 -11.87 -3.99 -53.23
N VAL C 358 -11.05 -3.90 -54.28
CA VAL C 358 -10.40 -2.64 -54.72
C VAL C 358 -11.31 -2.06 -55.81
N GLN C 359 -11.81 -0.85 -55.62
CA GLN C 359 -12.77 -0.19 -56.55
C GLN C 359 -12.04 0.94 -57.28
N VAL C 360 -12.37 1.12 -58.56
CA VAL C 360 -11.81 2.16 -59.45
C VAL C 360 -12.97 2.85 -60.16
N GLY C 361 -13.02 4.18 -60.10
CA GLY C 361 -14.01 5.02 -60.80
C GLY C 361 -13.37 6.30 -61.31
N SER C 362 -14.01 6.97 -62.27
CA SER C 362 -13.45 8.19 -62.94
C SER C 362 -14.24 9.40 -62.48
N ARG C 363 -13.64 10.23 -61.64
CA ARG C 363 -14.14 11.61 -61.37
C ARG C 363 -14.06 12.37 -62.70
N PRO C 364 -15.17 12.93 -63.22
CA PRO C 364 -15.10 13.86 -64.35
C PRO C 364 -14.31 15.12 -63.94
N ALA C 365 -13.09 15.27 -64.47
CA ALA C 365 -12.14 16.37 -64.10
C ALA C 365 -12.17 17.50 -65.14
N PRO C 366 -12.94 18.58 -64.95
CA PRO C 366 -13.01 19.66 -65.94
C PRO C 366 -11.67 20.44 -66.02
N ILE C 367 -11.22 20.76 -67.23
CA ILE C 367 -9.89 21.38 -67.48
C ILE C 367 -9.74 22.72 -66.76
N ASP C 368 -10.84 23.43 -66.45
CA ASP C 368 -10.75 24.78 -65.80
C ASP C 368 -11.13 24.67 -64.32
N GLY C 369 -11.39 23.45 -63.82
CA GLY C 369 -11.53 23.18 -62.37
C GLY C 369 -12.94 23.39 -61.84
N PHE C 370 -13.93 23.61 -62.72
CA PHE C 370 -15.31 23.88 -62.27
C PHE C 370 -16.31 23.09 -63.10
N PRO C 371 -17.47 22.73 -62.50
CA PRO C 371 -18.46 21.93 -63.17
C PRO C 371 -19.09 22.66 -64.38
N LEU C 372 -19.76 21.85 -65.20
CA LEU C 372 -20.50 22.22 -66.42
C LEU C 372 -21.97 21.88 -66.14
N ILE C 373 -22.76 22.90 -65.76
CA ILE C 373 -24.15 22.74 -65.25
C ILE C 373 -25.04 23.76 -65.94
N GLY C 374 -25.99 23.30 -66.74
CA GLY C 374 -27.06 24.17 -67.27
C GLY C 374 -27.25 24.02 -68.76
N GLY C 375 -27.69 25.12 -69.38
CA GLY C 375 -28.10 25.17 -70.79
C GLY C 375 -26.95 25.44 -71.72
N THR C 376 -27.20 25.27 -72.99
CA THR C 376 -26.25 25.48 -74.12
C THR C 376 -26.91 26.44 -75.13
N SER C 377 -26.23 26.69 -76.24
CA SER C 377 -26.76 27.51 -77.35
C SER C 377 -27.77 26.68 -78.16
N VAL C 378 -27.92 25.39 -77.83
CA VAL C 378 -28.88 24.45 -78.48
C VAL C 378 -30.12 24.31 -77.59
N GLU C 379 -31.27 24.72 -78.09
CA GLU C 379 -32.55 24.69 -77.35
C GLU C 379 -32.82 23.25 -76.92
N GLY C 380 -33.16 23.04 -75.64
CA GLY C 380 -33.49 21.71 -75.07
C GLY C 380 -32.26 20.87 -74.74
N LEU C 381 -31.03 21.38 -74.98
CA LEU C 381 -29.79 20.61 -74.66
C LEU C 381 -29.20 21.15 -73.35
N TRP C 382 -29.11 20.27 -72.35
CA TRP C 382 -28.63 20.55 -70.99
C TRP C 382 -27.46 19.62 -70.66
N MET C 383 -26.59 20.07 -69.77
CA MET C 383 -25.40 19.32 -69.30
C MET C 383 -25.33 19.38 -67.78
N LEU C 384 -24.99 18.26 -67.18
CA LEU C 384 -24.74 18.12 -65.72
C LEU C 384 -23.49 17.24 -65.56
N SER C 385 -22.31 17.85 -65.43
CA SER C 385 -21.03 17.12 -65.48
C SER C 385 -19.86 17.94 -64.96
N GLY C 386 -18.66 17.32 -64.99
CA GLY C 386 -17.39 17.93 -64.53
C GLY C 386 -17.44 18.21 -63.05
N THR C 387 -18.07 17.31 -62.30
CA THR C 387 -18.32 17.49 -60.84
C THR C 387 -17.14 16.96 -60.00
N TYR C 388 -16.17 16.26 -60.60
CA TYR C 388 -14.90 15.88 -59.91
C TYR C 388 -15.22 15.13 -58.60
N ARG C 389 -15.01 15.71 -57.41
CA ARG C 389 -15.06 14.99 -56.10
C ARG C 389 -16.49 14.95 -55.52
N ASP C 390 -17.44 15.76 -56.02
CA ASP C 390 -18.66 16.08 -55.23
C ASP C 390 -19.91 16.22 -56.12
N GLY C 391 -19.98 15.53 -57.25
CA GLY C 391 -21.22 15.40 -58.06
C GLY C 391 -22.33 14.66 -57.30
N LEU C 392 -21.93 13.58 -56.63
CA LEU C 392 -22.84 12.77 -55.78
C LEU C 392 -23.45 13.69 -54.70
N HIS C 393 -22.62 14.43 -53.97
CA HIS C 393 -23.08 15.34 -52.90
C HIS C 393 -24.03 16.39 -53.49
N MET C 394 -23.71 16.96 -54.64
CA MET C 394 -24.47 18.09 -55.22
C MET C 394 -25.71 17.61 -56.00
N SER C 395 -25.85 16.29 -56.20
CA SER C 395 -26.87 15.69 -57.09
C SER C 395 -28.30 16.25 -56.85
N PRO C 396 -28.85 16.29 -55.63
CA PRO C 396 -30.23 16.76 -55.45
C PRO C 396 -30.41 18.25 -55.84
N LEU C 397 -29.41 19.09 -55.58
CA LEU C 397 -29.42 20.52 -55.96
C LEU C 397 -29.31 20.62 -57.48
N LEU C 398 -28.40 19.88 -58.11
CA LEU C 398 -28.16 19.98 -59.58
C LEU C 398 -29.41 19.53 -60.32
N ALA C 399 -30.07 18.47 -59.84
CA ALA C 399 -31.29 17.92 -60.45
C ALA C 399 -32.38 19.01 -60.48
N ARG C 400 -32.62 19.63 -59.33
CA ARG C 400 -33.64 20.70 -59.14
C ARG C 400 -33.29 21.92 -59.99
N HIS C 401 -32.01 22.29 -60.04
CA HIS C 401 -31.52 23.41 -60.88
C HIS C 401 -31.91 23.17 -62.33
N VAL C 402 -31.56 22.02 -62.89
CA VAL C 402 -31.78 21.74 -64.35
C VAL C 402 -33.28 21.65 -64.64
N VAL C 403 -34.07 21.06 -63.73
CA VAL C 403 -35.55 20.93 -63.91
C VAL C 403 -36.18 22.34 -63.91
N SER C 404 -35.75 23.23 -63.02
CA SER C 404 -36.19 24.65 -62.99
C SER C 404 -35.88 25.31 -64.36
N LEU C 405 -34.66 25.17 -64.86
CA LEU C 405 -34.25 25.75 -66.17
C LEU C 405 -35.16 25.22 -67.29
N MET C 406 -35.42 23.92 -67.29
CA MET C 406 -36.26 23.24 -68.33
C MET C 406 -37.68 23.79 -68.30
N ASP C 407 -38.12 24.27 -67.14
CA ASP C 407 -39.49 24.78 -66.88
C ASP C 407 -39.57 26.29 -67.11
N GLY C 408 -38.49 26.91 -67.60
CA GLY C 408 -38.42 28.36 -67.88
C GLY C 408 -37.98 29.17 -66.67
N GLY C 409 -37.64 28.51 -65.55
CA GLY C 409 -37.15 29.15 -64.33
C GLY C 409 -35.69 29.55 -64.46
N THR C 410 -35.11 30.11 -63.40
CA THR C 410 -33.66 30.47 -63.32
C THR C 410 -32.94 29.53 -62.36
N GLY C 411 -33.64 28.53 -61.80
CA GLY C 411 -33.05 27.50 -60.94
C GLY C 411 -32.39 28.11 -59.73
N VAL C 412 -31.16 27.67 -59.43
CA VAL C 412 -30.42 28.04 -58.19
C VAL C 412 -29.50 29.21 -58.51
N ASP C 413 -29.51 30.24 -57.65
CA ASP C 413 -28.66 31.43 -57.80
C ASP C 413 -27.19 30.97 -57.70
N GLY C 414 -26.31 31.64 -58.44
CA GLY C 414 -24.85 31.44 -58.30
C GLY C 414 -24.30 30.26 -59.08
N LEU C 415 -25.12 29.59 -59.91
CA LEU C 415 -24.64 28.54 -60.84
C LEU C 415 -24.26 29.13 -62.22
N ARG C 416 -24.40 30.44 -62.45
CA ARG C 416 -24.34 31.05 -63.81
C ARG C 416 -22.92 30.94 -64.39
N GLU C 417 -21.92 31.16 -63.54
CA GLU C 417 -20.47 31.07 -63.93
C GLU C 417 -20.13 29.65 -64.39
N PHE C 418 -20.93 28.65 -64.02
CA PHE C 418 -20.63 27.21 -64.26
C PHE C 418 -21.47 26.68 -65.42
N ARG C 419 -22.08 27.59 -66.21
CA ARG C 419 -22.80 27.24 -67.46
C ARG C 419 -21.83 26.44 -68.33
N PRO C 420 -22.29 25.36 -69.00
CA PRO C 420 -21.38 24.47 -69.73
C PRO C 420 -20.74 25.08 -70.99
N GLU C 421 -21.42 26.03 -71.63
CA GLU C 421 -20.89 26.70 -72.85
C GLU C 421 -20.22 28.01 -72.40
N ARG C 422 -18.91 28.02 -72.37
CA ARG C 422 -18.13 29.12 -71.73
C ARG C 422 -16.68 29.07 -72.23
N ASP C 423 -16.02 30.22 -72.20
CA ASP C 423 -14.55 30.34 -72.20
C ASP C 423 -14.06 29.61 -70.94
N LEU C 424 -12.88 29.02 -71.00
CA LEU C 424 -12.26 28.41 -69.77
C LEU C 424 -12.23 29.47 -68.67
N ILE C 425 -12.69 29.11 -67.48
CA ILE C 425 -12.55 29.96 -66.26
C ILE C 425 -11.06 30.06 -65.89
N SER C 426 -10.64 31.24 -65.43
CA SER C 426 -9.31 31.51 -64.81
C SER C 426 -9.56 31.95 -63.37
N ALA C 427 -9.76 31.00 -62.46
CA ALA C 427 -10.19 31.27 -61.07
C ALA C 427 -9.02 31.71 -60.21
N TRP C 428 -7.80 31.48 -60.67
CA TRP C 428 -6.57 31.84 -59.92
C TRP C 428 -5.57 32.50 -60.87
N SER C 429 -4.69 33.35 -60.34
CA SER C 429 -3.49 33.85 -61.04
C SER C 429 -2.55 32.68 -61.31
N ARG C 430 -1.73 32.80 -62.36
CA ARG C 430 -0.69 31.81 -62.70
C ARG C 430 0.24 31.62 -61.48
N GLU C 431 0.57 32.71 -60.80
CA GLU C 431 1.46 32.71 -59.60
C GLU C 431 0.83 31.85 -58.50
N GLU C 432 -0.47 32.02 -58.24
CA GLU C 432 -1.21 31.21 -57.22
C GLU C 432 -1.10 29.72 -57.58
N ILE C 433 -1.29 29.38 -58.86
CA ILE C 433 -1.31 27.96 -59.31
C ILE C 433 0.11 27.40 -59.19
N LEU C 434 1.13 28.17 -59.58
CA LEU C 434 2.55 27.76 -59.47
C LEU C 434 2.93 27.53 -58.01
N ASP C 435 2.52 28.39 -57.07
CA ASP C 435 2.72 28.13 -55.62
C ASP C 435 2.02 26.83 -55.24
N ASP C 436 0.79 26.63 -55.71
CA ASP C 436 -0.04 25.46 -55.33
C ASP C 436 0.63 24.17 -55.88
N VAL C 437 1.05 24.14 -57.14
CA VAL C 437 1.55 22.88 -57.76
C VAL C 437 2.84 22.44 -57.03
N VAL C 438 3.70 23.39 -56.66
CA VAL C 438 4.96 23.07 -55.94
C VAL C 438 4.61 22.56 -54.53
N ARG C 439 3.69 23.21 -53.83
CA ARG C 439 3.27 22.78 -52.47
C ARG C 439 2.70 21.36 -52.54
N HIS C 440 1.84 21.08 -53.52
CA HIS C 440 1.19 19.75 -53.68
C HIS C 440 2.26 18.72 -54.02
N THR C 441 3.23 19.05 -54.87
CA THR C 441 4.35 18.14 -55.22
C THR C 441 5.11 17.77 -53.94
N MET C 442 5.46 18.76 -53.13
CA MET C 442 6.19 18.55 -51.85
C MET C 442 5.31 17.73 -50.90
N ALA C 443 3.99 17.97 -50.90
CA ALA C 443 3.03 17.23 -50.04
C ALA C 443 3.05 15.73 -50.37
N THR C 444 3.31 15.32 -51.60
CA THR C 444 3.42 13.87 -51.95
C THR C 444 4.57 13.24 -51.15
N GLY C 445 5.59 14.01 -50.81
CA GLY C 445 6.67 13.54 -49.91
C GLY C 445 6.21 13.41 -48.47
N TYR C 446 5.66 14.47 -47.91
CA TYR C 446 5.30 14.53 -46.48
C TYR C 446 4.15 13.55 -46.18
N GLU C 447 3.30 13.24 -47.16
CA GLU C 447 2.13 12.36 -46.96
C GLU C 447 2.56 10.87 -47.00
N PHE C 448 3.75 10.57 -47.52
CA PHE C 448 4.22 9.18 -47.77
C PHE C 448 4.24 8.38 -46.47
N PRO C 449 4.84 8.82 -45.34
CA PRO C 449 5.69 9.99 -45.25
C PRO C 449 7.15 9.61 -45.54
N TRP C 450 7.90 10.47 -46.21
CA TRP C 450 9.30 10.19 -46.55
C TRP C 450 10.17 10.44 -45.30
N ARG C 451 11.41 10.00 -45.36
CA ARG C 451 12.50 10.36 -44.42
C ARG C 451 13.72 10.70 -45.27
N LEU C 452 14.16 11.96 -45.24
CA LEU C 452 15.26 12.49 -46.11
C LEU C 452 16.19 13.32 -45.24
N PRO C 453 17.42 13.61 -45.72
CA PRO C 453 18.26 14.63 -45.11
C PRO C 453 17.50 15.97 -45.12
N LEU C 454 17.70 16.75 -44.06
CA LEU C 454 16.89 17.96 -43.79
C LEU C 454 17.13 19.05 -44.85
N GLU C 455 18.23 19.05 -45.61
CA GLU C 455 18.47 20.07 -46.65
C GLU C 455 17.72 19.70 -47.93
N TRP C 456 17.24 18.46 -48.07
CA TRP C 456 16.73 18.00 -49.38
C TRP C 456 15.40 18.69 -49.74
N PRO C 457 14.43 18.81 -48.83
CA PRO C 457 13.15 19.45 -49.16
C PRO C 457 13.31 20.88 -49.72
N HIS C 458 14.11 21.72 -49.08
CA HIS C 458 14.34 23.10 -49.56
C HIS C 458 15.00 23.06 -50.95
N MET C 459 15.97 22.16 -51.16
CA MET C 459 16.62 22.00 -52.48
C MET C 459 15.55 21.62 -53.52
N MET C 460 14.64 20.70 -53.21
CA MET C 460 13.62 20.28 -54.20
C MET C 460 12.60 21.39 -54.45
N GLU C 461 12.17 22.12 -53.44
CA GLU C 461 11.26 23.29 -53.61
C GLU C 461 11.88 24.27 -54.61
N THR C 462 13.15 24.65 -54.40
CA THR C 462 13.90 25.57 -55.27
C THR C 462 13.92 25.03 -56.70
N PHE C 463 14.23 23.76 -56.91
CA PHE C 463 14.44 23.18 -58.26
C PHE C 463 13.13 22.78 -58.94
N LEU C 464 12.00 22.78 -58.23
CA LEU C 464 10.67 22.49 -58.83
C LEU C 464 10.07 23.75 -59.47
N GLN C 465 10.41 24.94 -58.95
CA GLN C 465 9.75 26.22 -59.34
C GLN C 465 9.95 26.50 -60.82
N GLY C 466 11.20 26.41 -61.29
CA GLY C 466 11.61 26.73 -62.68
C GLY C 466 10.86 25.90 -63.70
N PRO C 467 10.95 24.55 -63.65
CA PRO C 467 10.27 23.71 -64.64
C PRO C 467 8.74 23.91 -64.71
N PHE C 468 8.07 24.18 -63.58
CA PHE C 468 6.60 24.40 -63.57
C PHE C 468 6.29 25.78 -64.17
N ALA C 469 7.08 26.81 -63.83
CA ALA C 469 6.95 28.17 -64.40
C ALA C 469 7.11 28.09 -65.93
N GLU C 470 8.13 27.38 -66.40
CA GLU C 470 8.45 27.20 -67.85
C GLU C 470 7.26 26.50 -68.53
N LEU C 471 6.69 25.47 -67.90
CA LEU C 471 5.59 24.69 -68.49
C LEU C 471 4.38 25.60 -68.63
N ALA C 472 4.02 26.33 -67.58
CA ALA C 472 2.83 27.20 -67.51
C ALA C 472 2.92 28.26 -68.62
N ASP C 473 4.10 28.86 -68.79
CA ASP C 473 4.37 29.93 -69.79
C ASP C 473 4.26 29.36 -71.21
N ARG C 474 4.72 28.13 -71.41
CA ARG C 474 4.71 27.44 -72.72
C ARG C 474 3.29 27.01 -73.12
N LEU C 475 2.43 26.65 -72.16
CA LEU C 475 1.11 26.04 -72.48
C LEU C 475 0.20 27.10 -73.13
N SER C 476 0.23 28.34 -72.64
CA SER C 476 -0.69 29.41 -73.06
C SER C 476 -0.30 30.73 -72.42
N ASP C 477 -0.58 31.85 -73.09
CA ASP C 477 -0.38 33.23 -72.56
C ASP C 477 -1.55 33.61 -71.65
N THR C 478 -2.67 32.88 -71.70
CA THR C 478 -3.89 33.30 -70.96
C THR C 478 -4.36 32.19 -70.02
N TYR C 479 -4.39 30.92 -70.43
CA TYR C 479 -4.95 29.82 -69.60
C TYR C 479 -3.85 29.14 -68.79
N THR C 480 -4.14 28.84 -67.52
CA THR C 480 -3.28 28.02 -66.63
C THR C 480 -4.10 26.85 -66.07
N PRO C 481 -3.68 25.59 -66.31
CA PRO C 481 -4.37 24.44 -65.73
C PRO C 481 -4.21 24.43 -64.22
N PRO C 482 -5.24 24.01 -63.46
CA PRO C 482 -5.10 23.82 -62.02
C PRO C 482 -4.04 22.74 -61.72
N ALA C 483 -3.47 22.76 -60.52
CA ALA C 483 -2.31 21.92 -60.08
C ALA C 483 -2.52 20.45 -60.45
N ASP C 484 -3.70 19.89 -60.16
CA ASP C 484 -4.00 18.45 -60.36
C ASP C 484 -3.75 18.08 -61.82
N LEU C 485 -4.14 18.95 -62.75
CA LEU C 485 -3.96 18.71 -64.21
C LEU C 485 -2.54 19.10 -64.62
N MET C 486 -1.99 20.17 -64.04
CA MET C 486 -0.64 20.65 -64.41
C MET C 486 0.39 19.55 -64.15
N THR C 487 0.31 18.82 -63.03
CA THR C 487 1.27 17.74 -62.71
C THR C 487 1.13 16.63 -63.76
N ALA C 488 -0.10 16.25 -64.13
CA ALA C 488 -0.31 15.22 -65.18
C ALA C 488 0.33 15.68 -66.50
N ILE C 489 0.15 16.95 -66.87
CA ILE C 489 0.72 17.50 -68.14
C ILE C 489 2.24 17.54 -68.03
N MET C 490 2.79 18.00 -66.90
CA MET C 490 4.26 18.09 -66.69
C MET C 490 4.91 16.74 -67.04
N PHE C 491 4.29 15.62 -66.66
CA PHE C 491 4.92 14.28 -66.77
C PHE C 491 4.31 13.49 -67.95
N SER C 492 3.57 14.13 -68.83
CA SER C 492 2.99 13.50 -70.06
C SER C 492 4.03 13.60 -71.20
N GLU C 493 3.75 12.94 -72.33
CA GLU C 493 4.63 12.99 -73.53
C GLU C 493 4.57 14.39 -74.15
N ARG C 494 5.63 14.79 -74.85
CA ARG C 494 5.73 16.08 -75.58
C ARG C 494 4.52 16.25 -76.52
N GLU C 495 4.10 15.18 -77.19
CA GLU C 495 2.96 15.17 -78.15
C GLU C 495 1.67 15.57 -77.41
N GLN C 496 1.47 15.07 -76.18
CA GLN C 496 0.28 15.37 -75.36
C GLN C 496 0.33 16.83 -74.89
N GLN C 497 1.50 17.34 -74.54
CA GLN C 497 1.69 18.76 -74.17
C GLN C 497 1.35 19.65 -75.38
N ASP C 498 1.87 19.31 -76.56
CA ASP C 498 1.67 20.10 -77.80
C ASP C 498 0.18 20.11 -78.17
N GLU C 499 -0.50 18.97 -78.02
CA GLU C 499 -1.95 18.86 -78.32
C GLU C 499 -2.72 19.82 -77.40
N LEU C 500 -2.31 19.96 -76.12
CA LEU C 500 -2.98 20.87 -75.17
C LEU C 500 -2.68 22.33 -75.55
N ILE C 501 -1.46 22.63 -75.99
CA ILE C 501 -1.08 24.00 -76.46
C ILE C 501 -2.05 24.38 -77.60
N ALA C 502 -2.26 23.49 -78.56
CA ALA C 502 -3.20 23.67 -79.70
C ALA C 502 -4.63 23.85 -79.17
N TYR C 503 -5.07 22.99 -78.24
CA TYR C 503 -6.43 23.09 -77.64
C TYR C 503 -6.63 24.48 -77.06
N TYR C 504 -5.72 24.93 -76.20
CA TYR C 504 -5.78 26.24 -75.50
C TYR C 504 -5.85 27.37 -76.55
N ALA C 505 -5.05 27.28 -77.62
CA ALA C 505 -5.00 28.30 -78.70
C ALA C 505 -6.32 28.33 -79.46
N ASP C 506 -6.93 27.16 -79.72
CA ASP C 506 -8.26 27.05 -80.40
C ASP C 506 -9.34 27.67 -79.52
N VAL C 507 -9.29 27.45 -78.20
CA VAL C 507 -10.28 28.06 -77.27
C VAL C 507 -10.11 29.58 -77.29
N HIS C 508 -8.87 30.08 -77.24
CA HIS C 508 -8.57 31.53 -77.22
C HIS C 508 -9.20 32.20 -78.46
N ARG C 509 -8.90 31.64 -79.63
CA ARG C 509 -9.40 32.03 -80.97
C ARG C 509 -10.93 32.09 -80.96
N GLU C 510 -11.61 31.13 -80.33
CA GLU C 510 -13.08 31.02 -80.33
C GLU C 510 -13.72 32.13 -79.47
N TRP C 511 -13.10 32.52 -78.36
CA TRP C 511 -13.74 33.37 -77.34
C TRP C 511 -13.16 34.80 -77.33
N HIS C 512 -12.09 35.07 -78.08
CA HIS C 512 -11.41 36.40 -78.09
C HIS C 512 -11.19 36.87 -79.53
N ILE D 35 -11.91 -43.17 -58.02
CA ILE D 35 -12.33 -41.78 -57.72
C ILE D 35 -11.10 -41.01 -57.21
N VAL D 36 -10.77 -39.91 -57.89
CA VAL D 36 -9.78 -38.91 -57.40
C VAL D 36 -10.56 -37.78 -56.74
N VAL D 37 -10.32 -37.55 -55.45
CA VAL D 37 -10.95 -36.44 -54.69
C VAL D 37 -9.99 -35.25 -54.69
N GLY D 38 -10.30 -34.25 -55.52
CA GLY D 38 -9.56 -32.97 -55.60
C GLY D 38 -9.16 -32.64 -57.02
N ASN D 39 -9.29 -31.37 -57.42
CA ASN D 39 -9.10 -30.94 -58.83
C ASN D 39 -8.02 -29.86 -58.90
N GLY D 40 -7.04 -29.90 -58.00
CA GLY D 40 -5.82 -29.09 -58.10
C GLY D 40 -4.84 -29.79 -59.03
N VAL D 41 -3.60 -29.33 -59.05
CA VAL D 41 -2.52 -29.95 -59.86
C VAL D 41 -2.32 -31.43 -59.46
N LEU D 42 -2.41 -31.78 -58.17
CA LEU D 42 -2.06 -33.15 -57.72
C LEU D 42 -3.16 -34.11 -58.17
N GLY D 43 -4.43 -33.78 -57.89
CA GLY D 43 -5.59 -34.61 -58.28
C GLY D 43 -5.63 -34.82 -59.78
N LEU D 44 -5.54 -33.74 -60.55
CA LEU D 44 -5.60 -33.81 -62.03
C LEU D 44 -4.39 -34.56 -62.58
N SER D 45 -3.21 -34.36 -62.01
CA SER D 45 -1.95 -35.01 -62.48
C SER D 45 -2.07 -36.53 -62.27
N VAL D 46 -2.58 -36.95 -61.11
CA VAL D 46 -2.77 -38.39 -60.80
C VAL D 46 -3.92 -38.93 -61.67
N GLY D 47 -5.00 -38.16 -61.85
CA GLY D 47 -6.11 -38.51 -62.74
C GLY D 47 -5.64 -38.78 -64.15
N VAL D 48 -4.80 -37.90 -64.69
CA VAL D 48 -4.25 -38.03 -66.08
C VAL D 48 -3.42 -39.32 -66.14
N GLU D 49 -2.55 -39.57 -65.16
CA GLU D 49 -1.62 -40.73 -65.20
C GLU D 49 -2.42 -42.03 -65.10
N ILE D 50 -3.43 -42.08 -64.23
CA ILE D 50 -4.31 -43.28 -64.04
C ILE D 50 -5.05 -43.52 -65.36
N ALA D 51 -5.74 -42.50 -65.89
CA ALA D 51 -6.57 -42.60 -67.12
C ALA D 51 -5.72 -43.08 -68.30
N ARG D 52 -4.49 -42.58 -68.44
CA ARG D 52 -3.58 -42.94 -69.55
C ARG D 52 -3.03 -44.37 -69.37
N THR D 53 -2.93 -44.87 -68.14
CA THR D 53 -2.18 -46.11 -67.78
C THR D 53 -3.14 -47.29 -67.62
N ARG D 54 -4.40 -47.06 -67.26
CA ARG D 54 -5.47 -48.10 -67.11
C ARG D 54 -6.66 -47.69 -67.99
N PRO D 55 -6.59 -47.82 -69.33
CA PRO D 55 -7.71 -47.45 -70.21
C PRO D 55 -8.97 -48.30 -69.95
N ASP D 56 -8.78 -49.45 -69.29
CA ASP D 56 -9.82 -50.45 -68.95
C ASP D 56 -10.66 -50.01 -67.74
N VAL D 57 -10.18 -49.05 -66.91
CA VAL D 57 -10.89 -48.64 -65.66
C VAL D 57 -11.52 -47.26 -65.85
N ARG D 58 -12.67 -47.06 -65.20
CA ARG D 58 -13.37 -45.75 -65.10
C ARG D 58 -12.69 -44.93 -64.00
N VAL D 59 -12.18 -43.76 -64.36
CA VAL D 59 -11.58 -42.79 -63.39
C VAL D 59 -12.44 -41.53 -63.40
N THR D 60 -13.02 -41.20 -62.24
CA THR D 60 -13.83 -39.99 -62.00
C THR D 60 -13.07 -39.04 -61.09
N LEU D 61 -13.00 -37.75 -61.43
CA LEU D 61 -12.32 -36.72 -60.60
C LEU D 61 -13.36 -35.72 -60.07
N LEU D 62 -13.43 -35.58 -58.75
CA LEU D 62 -14.34 -34.68 -58.01
C LEU D 62 -13.66 -33.33 -57.76
N GLY D 63 -14.46 -32.29 -57.54
CA GLY D 63 -14.01 -30.91 -57.30
C GLY D 63 -14.70 -29.92 -58.22
N LYS D 64 -14.83 -28.66 -57.79
CA LYS D 64 -15.68 -27.64 -58.46
C LYS D 64 -14.81 -26.58 -59.14
N PRO D 65 -15.36 -25.90 -60.17
CA PRO D 65 -14.60 -24.89 -60.93
C PRO D 65 -14.12 -23.73 -60.05
N ALA D 66 -14.85 -23.40 -58.98
CA ALA D 66 -14.50 -22.32 -58.02
C ALA D 66 -13.15 -22.61 -57.36
N ARG D 67 -12.79 -23.88 -57.18
CA ARG D 67 -11.52 -24.31 -56.52
C ARG D 67 -11.32 -23.48 -55.24
N GLN D 68 -12.28 -23.52 -54.34
CA GLN D 68 -12.21 -22.78 -53.05
C GLN D 68 -10.89 -23.11 -52.34
N TYR D 69 -10.18 -22.08 -51.87
CA TYR D 69 -8.89 -22.14 -51.12
C TYR D 69 -7.79 -22.80 -51.97
N GLY D 70 -8.03 -22.96 -53.27
CA GLY D 70 -7.13 -23.68 -54.18
C GLY D 70 -5.75 -23.05 -54.24
N ALA D 71 -4.72 -23.80 -53.83
CA ALA D 71 -3.29 -23.42 -53.92
C ALA D 71 -2.90 -23.25 -55.39
N THR D 72 -3.22 -24.22 -56.25
CA THR D 72 -2.71 -24.32 -57.64
C THR D 72 -3.02 -23.04 -58.44
N PRO D 73 -4.28 -22.54 -58.50
CA PRO D 73 -4.59 -21.34 -59.28
C PRO D 73 -3.94 -20.05 -58.75
N ALA D 74 -3.56 -20.03 -57.47
CA ALA D 74 -2.86 -18.90 -56.82
C ALA D 74 -1.34 -18.97 -57.07
N ALA D 75 -0.85 -20.05 -57.68
CA ALA D 75 0.60 -20.29 -57.87
C ALA D 75 1.05 -19.67 -59.20
N GLY D 76 2.34 -19.33 -59.26
CA GLY D 76 2.94 -18.57 -60.36
C GLY D 76 2.92 -19.32 -61.68
N ALA D 77 3.63 -20.45 -61.74
CA ALA D 77 4.28 -21.09 -60.60
C ALA D 77 5.72 -21.45 -60.97
N MET D 78 6.60 -21.36 -59.99
CA MET D 78 8.02 -21.75 -60.14
C MET D 78 8.11 -23.27 -60.09
N LEU D 79 8.91 -23.87 -60.98
CA LEU D 79 9.33 -25.29 -60.86
C LEU D 79 10.53 -25.32 -59.93
N GLY D 80 10.25 -25.08 -58.64
CA GLY D 80 11.24 -24.78 -57.59
C GLY D 80 11.85 -26.06 -57.06
N ALA D 81 13.16 -26.20 -57.25
CA ALA D 81 14.00 -27.30 -56.76
C ALA D 81 15.16 -26.69 -55.98
N PHE D 82 16.14 -26.14 -56.69
CA PHE D 82 17.33 -25.48 -56.08
C PHE D 82 16.92 -24.14 -55.44
N GLY D 83 16.01 -23.39 -56.07
CA GLY D 83 15.48 -22.11 -55.53
C GLY D 83 14.84 -22.29 -54.17
N GLU D 84 14.27 -23.47 -53.89
CA GLU D 84 13.59 -23.80 -52.62
C GLU D 84 14.58 -24.24 -51.53
N VAL D 85 15.86 -24.37 -51.83
CA VAL D 85 16.86 -24.87 -50.83
C VAL D 85 17.02 -23.84 -49.71
N THR D 86 16.96 -24.30 -48.45
CA THR D 86 17.36 -23.52 -47.25
C THR D 86 18.40 -24.30 -46.46
N ALA D 87 19.29 -23.61 -45.74
CA ALA D 87 20.26 -24.21 -44.79
C ALA D 87 19.48 -25.11 -43.82
N HIS D 88 18.36 -24.64 -43.28
CA HIS D 88 17.54 -25.34 -42.26
C HIS D 88 17.02 -26.68 -42.82
N ALA D 89 16.43 -26.68 -44.02
CA ALA D 89 15.88 -27.88 -44.66
C ALA D 89 17.00 -28.92 -44.84
N LEU D 90 18.12 -28.52 -45.45
CA LEU D 90 19.26 -29.42 -45.81
C LEU D 90 20.08 -29.82 -44.58
N ALA D 91 19.80 -29.29 -43.39
CA ALA D 91 20.44 -29.70 -42.12
C ALA D 91 19.74 -30.95 -41.56
N SER D 92 18.54 -31.29 -42.06
CA SER D 92 17.78 -32.48 -41.61
C SER D 92 17.82 -33.56 -42.69
N GLU D 93 17.77 -34.83 -42.28
CA GLU D 93 17.73 -35.99 -43.20
C GLU D 93 16.45 -35.90 -44.04
N HIS D 94 15.31 -35.62 -43.43
CA HIS D 94 13.99 -35.52 -44.11
C HIS D 94 14.04 -34.39 -45.13
N GLY D 95 14.70 -33.27 -44.80
CA GLY D 95 14.86 -32.14 -45.72
C GLY D 95 15.68 -32.50 -46.94
N ARG D 96 16.79 -33.22 -46.76
CA ARG D 96 17.65 -33.69 -47.90
C ARG D 96 16.85 -34.67 -48.77
N LYS D 97 16.02 -35.53 -48.18
CA LYS D 97 15.16 -36.50 -48.93
C LYS D 97 14.17 -35.72 -49.80
N LYS D 98 13.47 -34.73 -49.22
CA LYS D 98 12.48 -33.90 -49.95
C LYS D 98 13.19 -33.18 -51.10
N HIS D 99 14.39 -32.65 -50.86
CA HIS D 99 15.17 -31.92 -51.91
C HIS D 99 15.52 -32.88 -53.06
N ALA D 100 15.98 -34.09 -52.77
CA ALA D 100 16.35 -35.12 -53.78
C ALA D 100 15.14 -35.36 -54.69
N LEU D 101 13.95 -35.49 -54.12
CA LEU D 101 12.69 -35.71 -54.88
C LEU D 101 12.41 -34.51 -55.81
N ALA D 102 12.63 -33.28 -55.36
CA ALA D 102 12.43 -32.07 -56.18
C ALA D 102 13.37 -32.12 -57.39
N VAL D 103 14.62 -32.52 -57.18
CA VAL D 103 15.63 -32.61 -58.27
C VAL D 103 15.17 -33.67 -59.27
N GLN D 104 14.65 -34.81 -58.79
CA GLN D 104 14.14 -35.91 -59.66
C GLN D 104 12.94 -35.41 -60.46
N ALA D 105 12.00 -34.71 -59.80
CA ALA D 105 10.77 -34.17 -60.44
C ALA D 105 11.14 -33.25 -61.60
N GLN D 106 12.17 -32.41 -61.44
CA GLN D 106 12.58 -31.41 -62.47
C GLN D 106 12.83 -32.12 -63.81
N ARG D 107 13.46 -33.30 -63.78
CA ARG D 107 13.83 -34.07 -64.99
C ARG D 107 12.58 -34.49 -65.78
N LEU D 108 11.42 -34.64 -65.12
CA LEU D 108 10.17 -35.13 -65.77
C LEU D 108 9.44 -34.01 -66.51
N TRP D 109 9.74 -32.73 -66.23
CA TRP D 109 8.83 -31.63 -66.65
C TRP D 109 8.78 -31.47 -68.17
N PRO D 110 9.92 -31.45 -68.89
CA PRO D 110 9.88 -31.23 -70.34
C PRO D 110 8.97 -32.20 -71.11
N GLU D 111 9.07 -33.51 -70.86
CA GLU D 111 8.24 -34.55 -71.54
C GLU D 111 6.79 -34.45 -71.05
N TRP D 112 6.58 -34.21 -69.75
CA TRP D 112 5.24 -34.04 -69.13
C TRP D 112 4.48 -32.91 -69.84
N ILE D 113 5.13 -31.75 -70.02
CA ILE D 113 4.52 -30.56 -70.68
C ILE D 113 4.20 -30.91 -72.14
N GLU D 114 5.15 -31.51 -72.86
CA GLU D 114 4.98 -31.97 -74.25
C GLU D 114 3.72 -32.85 -74.35
N SER D 115 3.57 -33.81 -73.44
CA SER D 115 2.45 -34.79 -73.41
C SER D 115 1.12 -34.09 -73.11
N LEU D 116 1.14 -32.95 -72.41
CA LEU D 116 -0.10 -32.21 -72.05
C LEU D 116 -0.47 -31.26 -73.18
N GLU D 117 0.51 -30.56 -73.77
CA GLU D 117 0.27 -29.61 -74.89
C GLU D 117 -0.15 -30.39 -76.14
N ALA D 118 0.32 -31.63 -76.30
CA ALA D 118 0.01 -32.53 -77.42
C ALA D 118 -1.52 -32.68 -77.60
N THR D 119 -2.29 -32.63 -76.50
CA THR D 119 -3.77 -32.82 -76.52
C THR D 119 -4.51 -31.52 -76.87
N GLY D 120 -3.78 -30.42 -77.06
CA GLY D 120 -4.35 -29.10 -77.39
C GLY D 120 -3.81 -28.57 -78.70
N THR D 121 -4.00 -27.27 -78.96
CA THR D 121 -3.51 -26.57 -80.18
C THR D 121 -2.84 -25.25 -79.77
N ALA D 122 -2.22 -24.56 -80.73
CA ALA D 122 -1.50 -23.27 -80.55
C ALA D 122 -2.31 -22.31 -79.66
N ALA D 123 -3.63 -22.22 -79.90
CA ALA D 123 -4.52 -21.21 -79.29
C ALA D 123 -4.75 -21.48 -77.80
N ASP D 124 -4.38 -22.67 -77.31
CA ASP D 124 -4.51 -23.04 -75.87
C ASP D 124 -3.42 -22.34 -75.03
N GLY D 125 -2.40 -21.79 -75.68
CA GLY D 125 -1.30 -21.08 -74.99
C GLY D 125 -0.26 -22.06 -74.49
N ARG D 126 0.86 -21.54 -73.98
CA ARG D 126 2.04 -22.35 -73.61
C ARG D 126 2.05 -22.54 -72.08
N ILE D 127 2.27 -23.77 -71.62
CA ILE D 127 2.37 -24.10 -70.18
C ILE D 127 3.65 -23.46 -69.63
N LYS D 128 4.78 -23.62 -70.32
CA LYS D 128 6.10 -23.14 -69.84
C LYS D 128 6.18 -21.63 -70.10
N THR D 129 6.57 -20.85 -69.09
CA THR D 129 6.64 -19.36 -69.17
C THR D 129 8.10 -18.89 -69.05
N ALA D 130 9.00 -19.74 -68.55
CA ALA D 130 10.43 -19.41 -68.44
C ALA D 130 11.24 -20.71 -68.28
N ASP D 131 12.49 -20.71 -68.72
CA ASP D 131 13.40 -21.89 -68.65
C ASP D 131 14.34 -21.79 -67.45
N ASP D 132 14.72 -20.57 -67.09
CA ASP D 132 15.79 -20.31 -66.09
C ASP D 132 15.26 -19.43 -64.95
N THR D 133 16.01 -19.40 -63.85
CA THR D 133 15.71 -18.64 -62.63
C THR D 133 16.97 -17.85 -62.24
N VAL D 134 16.81 -16.57 -61.92
CA VAL D 134 17.87 -15.80 -61.21
C VAL D 134 17.46 -15.65 -59.75
N VAL D 135 18.32 -16.08 -58.83
CA VAL D 135 18.17 -15.86 -57.36
C VAL D 135 18.96 -14.60 -57.03
N LEU D 136 18.30 -13.61 -56.42
CA LEU D 136 18.94 -12.34 -56.02
C LEU D 136 19.23 -12.36 -54.53
N LEU D 137 20.35 -11.79 -54.13
CA LEU D 137 20.69 -11.56 -52.70
C LEU D 137 20.78 -10.05 -52.46
N ASN D 138 19.89 -9.53 -51.62
CA ASN D 138 19.84 -8.11 -51.18
C ASN D 138 19.87 -8.11 -49.66
N THR D 139 19.83 -6.94 -49.03
CA THR D 139 19.96 -6.81 -47.55
C THR D 139 18.61 -6.47 -46.94
N VAL D 140 17.51 -6.70 -47.68
CA VAL D 140 16.14 -6.43 -47.14
C VAL D 140 15.64 -7.73 -46.49
N GLY D 141 16.36 -8.17 -45.47
CA GLY D 141 16.06 -9.43 -44.80
C GLY D 141 17.11 -9.75 -43.74
N HIS D 142 16.92 -10.86 -43.05
CA HIS D 142 17.82 -11.33 -41.98
C HIS D 142 19.04 -11.99 -42.63
N SER D 143 20.25 -11.63 -42.21
CA SER D 143 21.51 -12.35 -42.58
C SER D 143 21.39 -13.84 -42.21
N ALA D 144 20.76 -14.16 -41.07
CA ALA D 144 20.68 -15.53 -40.55
C ALA D 144 19.80 -16.40 -41.44
N LEU D 145 18.91 -15.82 -42.26
CA LEU D 145 18.17 -16.57 -43.30
C LEU D 145 18.86 -16.38 -44.66
N ASP D 146 18.88 -15.15 -45.17
CA ASP D 146 19.21 -14.87 -46.60
C ASP D 146 20.68 -15.26 -46.88
N ASP D 147 21.63 -14.92 -46.01
CA ASP D 147 23.07 -15.23 -46.26
C ASP D 147 23.25 -16.76 -46.19
N ALA D 148 22.74 -17.40 -45.14
CA ALA D 148 22.85 -18.88 -44.95
C ALA D 148 22.20 -19.58 -46.15
N ASN D 149 21.02 -19.13 -46.57
CA ASN D 149 20.23 -19.82 -47.62
C ASN D 149 20.93 -19.66 -48.98
N PHE D 150 21.51 -18.49 -49.26
CA PHE D 150 22.23 -18.27 -50.53
C PHE D 150 23.40 -19.26 -50.63
N ALA D 151 24.17 -19.41 -49.56
CA ALA D 151 25.34 -20.33 -49.50
C ALA D 151 24.83 -21.77 -49.68
N ALA D 152 23.70 -22.13 -49.05
CA ALA D 152 23.11 -23.48 -49.12
C ALA D 152 22.67 -23.80 -50.55
N VAL D 153 22.10 -22.83 -51.26
CA VAL D 153 21.64 -23.00 -52.67
C VAL D 153 22.87 -23.27 -53.56
N LEU D 154 23.91 -22.44 -53.43
CA LEU D 154 25.19 -22.59 -54.18
C LEU D 154 25.75 -24.00 -53.95
N THR D 155 25.76 -24.47 -52.69
CA THR D 155 26.34 -25.77 -52.31
C THR D 155 25.51 -26.90 -52.95
N ALA D 156 24.17 -26.81 -52.85
CA ALA D 156 23.25 -27.82 -53.38
C ALA D 156 23.39 -27.94 -54.90
N LEU D 157 23.56 -26.82 -55.60
CA LEU D 157 23.76 -26.81 -57.07
C LEU D 157 25.05 -27.56 -57.43
N LYS D 158 26.16 -27.25 -56.73
CA LYS D 158 27.49 -27.85 -56.97
C LYS D 158 27.42 -29.37 -56.69
N GLU D 159 26.83 -29.77 -55.56
CA GLU D 159 26.68 -31.19 -55.16
C GLU D 159 25.88 -31.97 -56.21
N ALA D 160 24.87 -31.37 -56.83
CA ALA D 160 23.98 -32.06 -57.80
C ALA D 160 24.57 -31.96 -59.21
N ASN D 161 25.68 -31.26 -59.37
CA ASN D 161 26.33 -31.02 -60.69
C ASN D 161 25.32 -30.30 -61.62
N ALA D 162 24.43 -29.48 -61.07
CA ALA D 162 23.41 -28.73 -61.85
C ALA D 162 24.10 -27.59 -62.60
N PRO D 163 23.68 -27.26 -63.83
CA PRO D 163 24.25 -26.12 -64.53
C PRO D 163 23.72 -24.81 -63.89
N HIS D 164 24.64 -23.91 -63.57
CA HIS D 164 24.37 -22.64 -62.83
C HIS D 164 25.59 -21.75 -62.95
N GLU D 165 25.46 -20.47 -62.59
CA GLU D 165 26.57 -19.50 -62.64
C GLU D 165 26.24 -18.34 -61.70
N GLU D 166 27.17 -17.98 -60.82
CA GLU D 166 27.08 -16.69 -60.10
C GLU D 166 27.41 -15.61 -61.12
N ILE D 167 26.53 -14.63 -61.31
CA ILE D 167 26.65 -13.59 -62.37
C ILE D 167 26.74 -12.22 -61.72
N ALA D 168 27.30 -11.26 -62.45
CA ALA D 168 27.31 -9.83 -62.06
C ALA D 168 25.85 -9.37 -62.01
N VAL D 169 25.49 -8.64 -60.95
CA VAL D 169 24.12 -8.10 -60.79
C VAL D 169 23.77 -7.22 -61.99
N GLU D 170 24.76 -6.49 -62.50
CA GLU D 170 24.63 -5.57 -63.67
C GLU D 170 24.16 -6.35 -64.90
N SER D 171 24.45 -7.65 -64.98
CA SER D 171 24.09 -8.50 -66.13
C SER D 171 22.67 -9.06 -65.97
N VAL D 172 22.00 -8.84 -64.83
CA VAL D 172 20.58 -9.31 -64.67
C VAL D 172 19.70 -8.37 -65.49
N ASP D 173 19.01 -8.92 -66.48
CA ASP D 173 18.16 -8.14 -67.41
C ASP D 173 16.89 -7.68 -66.66
N TRP D 174 16.37 -6.52 -67.08
CA TRP D 174 14.99 -6.04 -66.84
C TRP D 174 14.87 -5.37 -65.47
N ILE D 175 15.45 -5.93 -64.40
CA ILE D 175 15.21 -5.45 -63.00
C ILE D 175 15.58 -3.97 -62.89
N ASP D 176 14.86 -3.23 -62.06
CA ASP D 176 15.13 -1.80 -61.80
C ASP D 176 14.83 -1.51 -60.32
N PRO D 177 15.62 -2.11 -59.40
CA PRO D 177 15.34 -1.99 -57.98
C PRO D 177 15.64 -0.57 -57.46
N ASP D 178 15.01 -0.19 -56.36
CA ASP D 178 15.49 0.89 -55.48
C ASP D 178 16.95 0.60 -55.14
N PRO D 179 17.91 1.51 -55.39
CA PRO D 179 19.31 1.28 -54.99
C PRO D 179 19.51 0.81 -53.54
N ASN D 180 18.70 1.29 -52.60
CA ASN D 180 18.83 0.91 -51.17
C ASN D 180 18.26 -0.50 -50.94
N SER D 181 17.60 -1.08 -51.94
CA SER D 181 16.99 -2.44 -51.87
C SER D 181 17.61 -3.38 -52.91
N ARG D 182 18.70 -2.97 -53.55
CA ARG D 182 19.22 -3.66 -54.76
C ARG D 182 19.99 -4.93 -54.33
N PRO D 183 20.10 -5.91 -55.24
CA PRO D 183 20.92 -7.08 -54.99
C PRO D 183 22.41 -6.76 -55.20
N LEU D 184 23.27 -7.39 -54.42
CA LEU D 184 24.75 -7.28 -54.62
C LEU D 184 25.32 -8.62 -55.12
N ARG D 185 24.54 -9.71 -55.03
CA ARG D 185 24.91 -11.01 -55.65
C ARG D 185 23.69 -11.58 -56.38
N ALA D 186 23.95 -12.35 -57.44
CA ALA D 186 22.93 -12.96 -58.29
C ALA D 186 23.45 -14.33 -58.76
N LEU D 187 22.53 -15.26 -58.89
CA LEU D 187 22.79 -16.67 -59.22
C LEU D 187 21.82 -17.09 -60.33
N HIS D 188 22.35 -17.40 -61.52
CA HIS D 188 21.59 -17.94 -62.67
C HIS D 188 21.51 -19.46 -62.54
N ILE D 189 20.30 -20.01 -62.44
CA ILE D 189 20.04 -21.47 -62.39
C ILE D 189 19.42 -21.88 -63.74
N GLU D 190 20.17 -22.66 -64.53
CA GLU D 190 19.75 -23.08 -65.90
C GLU D 190 18.79 -24.27 -65.79
N GLY D 191 17.66 -24.23 -66.51
CA GLY D 191 16.71 -25.34 -66.59
C GLY D 191 15.81 -25.43 -65.38
N GLU D 192 15.82 -24.40 -64.52
CA GLU D 192 14.83 -24.28 -63.42
C GLU D 192 13.91 -23.12 -63.79
N GLY D 193 12.66 -23.42 -64.17
CA GLY D 193 11.80 -22.46 -64.85
C GLY D 193 10.49 -22.23 -64.13
N SER D 194 9.46 -21.95 -64.90
CA SER D 194 8.11 -21.64 -64.41
C SER D 194 7.07 -22.07 -65.43
N VAL D 195 5.86 -22.29 -64.95
CA VAL D 195 4.67 -22.63 -65.77
C VAL D 195 3.58 -21.60 -65.45
N ASP D 196 2.70 -21.36 -66.40
CA ASP D 196 1.39 -20.71 -66.13
C ASP D 196 0.45 -21.74 -65.49
N SER D 197 0.13 -21.59 -64.21
CA SER D 197 -0.64 -22.58 -63.44
C SER D 197 -2.07 -22.71 -64.02
N GLY D 198 -2.63 -21.62 -64.57
CA GLY D 198 -3.97 -21.61 -65.17
C GLY D 198 -3.98 -22.41 -66.46
N ILE D 199 -2.97 -22.22 -67.30
CA ILE D 199 -2.80 -22.96 -68.58
C ILE D 199 -2.47 -24.44 -68.25
N LEU D 200 -1.68 -24.68 -67.21
CA LEU D 200 -1.39 -26.07 -66.74
C LEU D 200 -2.70 -26.76 -66.36
N LEU D 201 -3.55 -26.12 -65.55
CA LEU D 201 -4.82 -26.73 -65.07
C LEU D 201 -5.72 -27.04 -66.27
N ALA D 202 -5.82 -26.12 -67.24
CA ALA D 202 -6.65 -26.28 -68.46
C ALA D 202 -6.10 -27.47 -69.28
N ALA D 203 -4.78 -27.55 -69.45
CA ALA D 203 -4.10 -28.64 -70.20
C ALA D 203 -4.32 -29.99 -69.49
N LEU D 204 -4.27 -30.01 -68.15
CA LEU D 204 -4.48 -31.25 -67.36
C LEU D 204 -5.93 -31.72 -67.55
N GLU D 205 -6.90 -30.82 -67.45
CA GLU D 205 -8.34 -31.17 -67.61
C GLU D 205 -8.58 -31.75 -69.01
N ARG D 206 -8.11 -31.05 -70.03
CA ARG D 206 -8.24 -31.46 -71.46
C ARG D 206 -7.60 -32.84 -71.65
N SER D 207 -6.40 -33.04 -71.10
CA SER D 207 -5.64 -34.31 -71.22
C SER D 207 -6.39 -35.44 -70.48
N PHE D 208 -7.00 -35.11 -69.35
CA PHE D 208 -7.77 -36.08 -68.52
C PHE D 208 -8.96 -36.58 -69.35
N LEU D 209 -9.72 -35.66 -69.95
CA LEU D 209 -10.91 -35.99 -70.78
C LEU D 209 -10.47 -36.80 -72.01
N GLN D 210 -9.37 -36.43 -72.65
CA GLN D 210 -8.86 -37.11 -73.86
C GLN D 210 -8.53 -38.57 -73.54
N ALA D 211 -8.07 -38.85 -72.32
CA ALA D 211 -7.65 -40.20 -71.87
C ALA D 211 -8.86 -40.98 -71.33
N GLY D 212 -10.07 -40.41 -71.40
CA GLY D 212 -11.31 -41.08 -71.03
C GLY D 212 -11.72 -40.82 -69.58
N GLY D 213 -11.08 -39.87 -68.91
CA GLY D 213 -11.44 -39.47 -67.54
C GLY D 213 -12.79 -38.78 -67.52
N ARG D 214 -13.50 -38.85 -66.39
CA ARG D 214 -14.81 -38.17 -66.18
C ARG D 214 -14.63 -37.10 -65.09
N LEU D 215 -14.98 -35.84 -65.39
CA LEU D 215 -15.03 -34.73 -64.42
C LEU D 215 -16.45 -34.64 -63.83
N HIS D 216 -16.59 -34.83 -62.53
CA HIS D 216 -17.88 -34.69 -61.79
C HIS D 216 -17.76 -33.52 -60.83
N PRO D 217 -18.30 -32.33 -61.18
CA PRO D 217 -18.03 -31.11 -60.43
C PRO D 217 -18.84 -31.00 -59.12
N VAL D 218 -18.60 -31.93 -58.21
CA VAL D 218 -19.13 -31.92 -56.81
C VAL D 218 -17.97 -32.23 -55.87
N ASP D 219 -18.15 -31.97 -54.58
CA ASP D 219 -17.15 -32.27 -53.53
C ASP D 219 -17.51 -33.57 -52.83
N ALA D 220 -16.51 -34.38 -52.45
CA ALA D 220 -16.68 -35.51 -51.52
C ALA D 220 -16.99 -34.93 -50.14
N THR D 221 -18.01 -35.49 -49.45
CA THR D 221 -18.33 -35.19 -48.04
C THR D 221 -17.76 -36.30 -47.14
N GLU D 222 -17.70 -37.54 -47.63
CA GLU D 222 -17.38 -38.72 -46.80
C GLU D 222 -16.79 -39.85 -47.65
N ILE D 223 -15.76 -40.51 -47.16
CA ILE D 223 -15.20 -41.76 -47.78
C ILE D 223 -15.89 -42.96 -47.13
N VAL D 233 -17.42 -43.06 -52.21
CA VAL D 233 -17.46 -41.63 -51.78
C VAL D 233 -18.90 -41.11 -51.85
N VAL D 234 -19.38 -40.57 -50.74
CA VAL D 234 -20.62 -39.73 -50.67
C VAL D 234 -20.22 -38.30 -51.07
N THR D 235 -20.94 -37.71 -52.01
CA THR D 235 -20.72 -36.33 -52.53
C THR D 235 -21.71 -35.37 -51.85
N ASP D 236 -21.47 -34.06 -51.97
CA ASP D 236 -22.21 -33.01 -51.21
C ASP D 236 -23.56 -32.70 -51.88
N ASP D 237 -23.92 -33.43 -52.94
CA ASP D 237 -25.29 -33.41 -53.52
C ASP D 237 -26.07 -34.65 -53.02
N GLY D 238 -25.55 -35.39 -52.03
CA GLY D 238 -26.23 -36.51 -51.36
C GLY D 238 -26.02 -37.85 -52.07
N ASP D 239 -25.39 -37.86 -53.24
CA ASP D 239 -25.17 -39.05 -54.10
C ASP D 239 -24.10 -39.96 -53.47
N PHE D 240 -24.09 -41.26 -53.82
CA PHE D 240 -22.99 -42.20 -53.49
C PHE D 240 -22.36 -42.72 -54.79
N LEU D 241 -21.03 -42.59 -54.93
CA LEU D 241 -20.24 -43.10 -56.07
C LEU D 241 -19.41 -44.29 -55.59
N PRO D 242 -19.59 -45.50 -56.16
CA PRO D 242 -18.79 -46.66 -55.78
C PRO D 242 -17.39 -46.61 -56.41
N ALA D 243 -16.39 -47.23 -55.77
CA ALA D 243 -15.00 -47.27 -56.27
C ALA D 243 -14.20 -48.37 -55.58
N GLY D 244 -13.26 -48.97 -56.32
CA GLY D 244 -12.23 -49.87 -55.78
C GLY D 244 -11.02 -49.10 -55.27
N HIS D 245 -10.76 -47.90 -55.80
CA HIS D 245 -9.66 -47.00 -55.37
C HIS D 245 -10.18 -45.58 -55.16
N VAL D 246 -9.80 -44.96 -54.04
CA VAL D 246 -10.05 -43.51 -53.76
C VAL D 246 -8.69 -42.86 -53.48
N VAL D 247 -8.32 -41.88 -54.32
CA VAL D 247 -7.10 -41.05 -54.15
C VAL D 247 -7.53 -39.69 -53.61
N VAL D 248 -7.16 -39.39 -52.36
CA VAL D 248 -7.46 -38.09 -51.70
C VAL D 248 -6.32 -37.12 -52.04
N ALA D 249 -6.63 -36.12 -52.85
CA ALA D 249 -5.73 -35.00 -53.22
C ALA D 249 -6.52 -33.69 -53.10
N ALA D 250 -7.17 -33.49 -51.94
CA ALA D 250 -8.12 -32.39 -51.67
C ALA D 250 -7.41 -31.21 -50.99
N GLY D 251 -6.13 -31.01 -51.28
CA GLY D 251 -5.32 -29.95 -50.64
C GLY D 251 -5.47 -29.98 -49.13
N ALA D 252 -5.72 -28.82 -48.53
CA ALA D 252 -5.65 -28.62 -47.06
C ALA D 252 -6.84 -29.31 -46.37
N ARG D 253 -7.82 -29.82 -47.13
CA ARG D 253 -9.00 -30.54 -46.56
C ARG D 253 -8.72 -32.06 -46.50
N SER D 254 -7.59 -32.53 -47.04
CA SER D 254 -7.32 -33.98 -47.30
C SER D 254 -7.37 -34.79 -45.99
N GLN D 255 -6.67 -34.36 -44.94
CA GLN D 255 -6.59 -35.13 -43.67
C GLN D 255 -7.95 -35.12 -42.97
N ARG D 256 -8.65 -33.99 -42.95
CA ARG D 256 -9.97 -33.86 -42.28
C ARG D 256 -10.93 -34.88 -42.90
N LEU D 257 -10.79 -35.17 -44.20
CA LEU D 257 -11.67 -36.10 -44.95
C LEU D 257 -11.39 -37.55 -44.56
N VAL D 258 -10.11 -37.92 -44.40
CA VAL D 258 -9.66 -39.31 -44.11
C VAL D 258 -9.75 -39.59 -42.60
N ALA D 259 -9.63 -38.56 -41.75
CA ALA D 259 -9.54 -38.66 -40.28
C ALA D 259 -10.85 -39.14 -39.65
N ALA D 260 -11.95 -39.14 -40.41
CA ALA D 260 -13.28 -39.58 -39.96
C ALA D 260 -13.35 -41.11 -39.91
N LEU D 261 -12.51 -41.79 -40.68
CA LEU D 261 -12.45 -43.28 -40.73
C LEU D 261 -11.87 -43.84 -39.43
N PRO D 262 -12.25 -45.06 -39.00
CA PRO D 262 -11.84 -45.59 -37.69
C PRO D 262 -10.33 -45.55 -37.41
N GLY D 263 -9.92 -44.87 -36.32
CA GLY D 263 -8.54 -44.86 -35.82
C GLY D 263 -7.65 -43.84 -36.52
N LEU D 264 -8.08 -43.33 -37.67
CA LEU D 264 -7.20 -42.55 -38.59
C LEU D 264 -7.01 -41.10 -38.08
N ALA D 265 -7.80 -40.65 -37.09
CA ALA D 265 -7.73 -39.26 -36.57
C ALA D 265 -6.35 -38.97 -36.00
N HIS D 266 -5.67 -39.98 -35.44
CA HIS D 266 -4.35 -39.83 -34.78
C HIS D 266 -3.29 -40.65 -35.53
N ARG D 267 -3.59 -41.11 -36.74
CA ARG D 267 -2.68 -41.92 -37.57
C ARG D 267 -2.30 -41.18 -38.86
N ILE D 268 -3.12 -40.23 -39.31
CA ILE D 268 -2.83 -39.34 -40.47
C ILE D 268 -2.46 -37.96 -39.91
N PRO D 269 -1.22 -37.48 -40.08
CA PRO D 269 -0.84 -36.15 -39.58
C PRO D 269 -1.77 -35.05 -40.10
N ARG D 270 -2.16 -34.15 -39.21
CA ARG D 270 -2.97 -32.95 -39.55
C ARG D 270 -2.33 -32.13 -40.65
N ILE D 271 -3.17 -31.56 -41.50
CA ILE D 271 -2.80 -30.56 -42.55
C ILE D 271 -3.57 -29.26 -42.27
N TYR D 272 -2.87 -28.14 -42.14
CA TYR D 272 -3.45 -26.79 -41.95
C TYR D 272 -3.38 -25.99 -43.26
N ASP D 273 -3.96 -24.79 -43.27
CA ASP D 273 -3.98 -23.85 -44.43
C ASP D 273 -2.77 -22.90 -44.35
N GLY D 274 -1.81 -23.06 -45.26
CA GLY D 274 -0.74 -22.09 -45.51
C GLY D 274 -1.20 -21.01 -46.48
N VAL D 275 -1.99 -20.05 -45.98
CA VAL D 275 -2.70 -19.04 -46.82
C VAL D 275 -1.64 -18.20 -47.52
N GLY D 276 -1.72 -18.16 -48.85
CA GLY D 276 -0.75 -17.48 -49.72
C GLY D 276 -1.43 -16.43 -50.58
N VAL D 277 -0.82 -15.24 -50.65
CA VAL D 277 -1.33 -14.11 -51.47
C VAL D 277 -0.34 -13.87 -52.60
N SER D 278 -0.85 -13.75 -53.81
CA SER D 278 -0.08 -13.41 -55.02
C SER D 278 -0.89 -12.38 -55.82
N ALA D 279 -0.33 -11.86 -56.90
CA ALA D 279 -1.04 -10.85 -57.72
C ALA D 279 -0.61 -10.98 -59.17
N LEU D 280 -1.55 -10.72 -60.08
CA LEU D 280 -1.28 -10.52 -61.51
C LEU D 280 -1.27 -9.01 -61.76
N VAL D 281 -0.22 -8.54 -62.40
CA VAL D 281 0.03 -7.10 -62.70
C VAL D 281 0.26 -7.00 -64.21
N ASP D 282 -0.45 -6.08 -64.86
CA ASP D 282 -0.15 -5.64 -66.25
C ASP D 282 0.96 -4.61 -66.17
N THR D 283 2.14 -4.90 -66.71
CA THR D 283 3.32 -4.01 -66.58
C THR D 283 3.08 -2.73 -67.38
N TRP D 284 3.61 -1.62 -66.89
CA TRP D 284 3.52 -0.24 -67.44
C TRP D 284 3.77 -0.25 -68.95
N ASP D 285 4.74 -1.05 -69.43
CA ASP D 285 5.17 -1.04 -70.85
C ASP D 285 4.92 -2.40 -71.52
N GLY D 286 4.20 -3.32 -70.86
CA GLY D 286 3.94 -4.67 -71.39
C GLY D 286 5.16 -5.57 -71.35
N SER D 287 6.30 -5.14 -70.81
CA SER D 287 7.53 -5.97 -70.71
C SER D 287 7.44 -6.94 -69.52
N GLY D 288 8.36 -7.88 -69.48
CA GLY D 288 8.56 -8.83 -68.36
C GLY D 288 9.98 -9.37 -68.43
N PRO D 289 10.49 -10.00 -67.36
CA PRO D 289 11.80 -10.62 -67.41
C PRO D 289 11.72 -11.93 -68.21
N ALA D 290 12.85 -12.34 -68.76
CA ALA D 290 13.01 -13.58 -69.55
C ALA D 290 13.12 -14.77 -68.59
N THR D 291 13.53 -14.53 -67.33
CA THR D 291 13.69 -15.59 -66.31
C THR D 291 12.75 -15.35 -65.14
N VAL D 292 12.54 -16.38 -64.33
CA VAL D 292 12.03 -16.22 -62.95
C VAL D 292 13.04 -15.33 -62.22
N LEU D 293 12.54 -14.43 -61.38
CA LEU D 293 13.37 -13.64 -60.44
C LEU D 293 12.87 -14.00 -59.06
N ARG D 294 13.78 -14.36 -58.14
CA ARG D 294 13.34 -14.76 -56.78
C ARG D 294 14.43 -14.46 -55.77
N THR D 295 14.03 -14.37 -54.51
CA THR D 295 14.91 -14.52 -53.33
C THR D 295 14.82 -15.98 -52.89
N SER D 296 15.70 -16.40 -51.98
CA SER D 296 15.52 -17.63 -51.20
C SER D 296 14.28 -17.46 -50.31
N ASN D 297 13.77 -18.57 -49.79
CA ASN D 297 12.64 -18.60 -48.86
C ASN D 297 13.00 -17.76 -47.63
N ARG D 298 12.01 -17.01 -47.14
CA ARG D 298 12.17 -15.96 -46.12
C ARG D 298 11.27 -16.27 -44.93
N ALA D 299 11.01 -15.31 -44.06
CA ALA D 299 10.37 -15.53 -42.74
C ALA D 299 9.09 -16.37 -42.91
N PHE D 300 9.03 -17.49 -42.19
CA PHE D 300 7.84 -18.37 -42.07
C PHE D 300 7.40 -18.82 -43.47
N ALA D 301 8.35 -19.19 -44.31
CA ALA D 301 8.14 -19.78 -45.65
C ALA D 301 7.37 -18.85 -46.59
N CYS D 302 7.44 -17.53 -46.36
N CYS D 302 7.44 -17.53 -46.36
CA CYS D 302 7.10 -16.51 -47.38
CA CYS D 302 7.10 -16.51 -47.38
C CYS D 302 8.32 -16.37 -48.31
C CYS D 302 8.32 -16.37 -48.31
N GLY D 303 8.21 -15.55 -49.34
CA GLY D 303 9.31 -15.35 -50.30
C GLY D 303 8.89 -14.35 -51.34
N LEU D 304 9.86 -13.80 -52.06
CA LEU D 304 9.57 -12.81 -53.10
C LEU D 304 9.98 -13.42 -54.43
N HIS D 305 9.06 -13.41 -55.39
CA HIS D 305 9.38 -13.85 -56.77
C HIS D 305 8.47 -13.18 -57.79
N LEU D 306 8.99 -13.10 -58.99
CA LEU D 306 8.25 -12.69 -60.19
C LEU D 306 8.37 -13.82 -61.20
N VAL D 307 7.23 -14.34 -61.64
CA VAL D 307 7.11 -15.39 -62.68
C VAL D 307 6.58 -14.73 -63.94
N PRO D 308 7.30 -14.82 -65.08
CA PRO D 308 6.80 -14.28 -66.34
C PRO D 308 5.48 -14.94 -66.74
N ARG D 309 4.62 -14.15 -67.39
CA ARG D 309 3.37 -14.62 -68.05
C ARG D 309 3.34 -14.06 -69.48
N ALA D 310 2.51 -14.64 -70.35
CA ALA D 310 2.27 -14.12 -71.72
C ALA D 310 1.40 -12.86 -71.62
N GLY D 311 1.46 -11.99 -72.63
CA GLY D 311 0.48 -10.92 -72.87
C GLY D 311 0.64 -9.71 -71.96
N GLY D 312 1.88 -9.34 -71.59
CA GLY D 312 2.17 -8.09 -70.85
C GLY D 312 1.75 -8.16 -69.38
N SER D 313 1.56 -9.37 -68.85
CA SER D 313 1.25 -9.65 -67.43
C SER D 313 2.50 -10.22 -66.74
N VAL D 314 2.65 -9.98 -65.43
CA VAL D 314 3.62 -10.71 -64.58
C VAL D 314 2.87 -11.18 -63.34
N TYR D 315 3.31 -12.32 -62.81
CA TYR D 315 2.85 -12.86 -61.51
C TYR D 315 3.86 -12.41 -60.45
N ILE D 316 3.39 -11.86 -59.34
CA ILE D 316 4.26 -11.56 -58.17
C ILE D 316 3.71 -12.35 -56.98
N GLY D 317 4.62 -12.96 -56.24
CA GLY D 317 4.28 -13.68 -55.01
C GLY D 317 5.45 -13.64 -54.06
N ALA D 318 5.27 -14.27 -52.90
CA ALA D 318 4.00 -14.77 -52.42
C ALA D 318 4.08 -14.77 -50.90
N THR D 319 3.02 -14.38 -50.22
CA THR D 319 2.99 -14.38 -48.74
C THR D 319 2.67 -15.81 -48.30
N ASN D 320 2.95 -16.11 -47.05
CA ASN D 320 2.52 -17.39 -46.43
C ASN D 320 2.21 -17.11 -44.96
N ALA D 321 1.10 -17.64 -44.49
CA ALA D 321 0.68 -17.58 -43.07
C ALA D 321 -0.08 -18.87 -42.79
N VAL D 322 0.42 -19.69 -41.88
CA VAL D 322 -0.32 -20.88 -41.42
C VAL D 322 -1.49 -20.39 -40.59
N CYS D 323 -2.71 -20.78 -40.97
CA CYS D 323 -3.95 -20.45 -40.24
C CYS D 323 -4.58 -21.75 -39.76
N LEU D 324 -5.07 -21.76 -38.53
CA LEU D 324 -5.67 -22.96 -37.89
C LEU D 324 -7.06 -23.18 -38.48
N GLU D 325 -7.65 -22.17 -39.12
CA GLU D 325 -8.90 -22.31 -39.91
C GLU D 325 -8.68 -21.66 -41.28
N PRO D 326 -9.33 -22.16 -42.35
CA PRO D 326 -9.13 -21.61 -43.69
C PRO D 326 -9.55 -20.13 -43.81
N ARG D 327 -8.91 -19.41 -44.72
CA ARG D 327 -9.20 -17.98 -45.02
C ARG D 327 -9.11 -17.82 -46.53
N GLY D 328 -10.13 -17.21 -47.14
CA GLY D 328 -10.27 -17.10 -48.59
C GLY D 328 -9.97 -15.70 -49.12
N ALA D 329 -9.62 -14.74 -48.26
CA ALA D 329 -9.33 -13.34 -48.68
C ALA D 329 -7.97 -12.89 -48.14
N ALA D 330 -7.25 -12.10 -48.93
CA ALA D 330 -5.99 -11.44 -48.55
C ALA D 330 -6.27 -10.45 -47.43
N SER D 331 -5.36 -10.32 -46.49
CA SER D 331 -5.36 -9.20 -45.52
C SER D 331 -4.71 -7.99 -46.19
N ILE D 332 -4.99 -6.80 -45.67
CA ILE D 332 -4.32 -5.54 -46.10
C ILE D 332 -2.81 -5.73 -45.98
N GLU D 333 -2.36 -6.19 -44.82
CA GLU D 333 -0.92 -6.42 -44.48
C GLU D 333 -0.21 -7.23 -45.57
N GLU D 334 -0.85 -8.31 -46.02
CA GLU D 334 -0.28 -9.25 -47.03
C GLU D 334 -0.11 -8.52 -48.35
N THR D 335 -1.12 -7.79 -48.79
CA THR D 335 -1.08 -7.05 -50.08
C THR D 335 0.03 -5.99 -50.01
N VAL D 336 0.12 -5.24 -48.91
CA VAL D 336 1.11 -4.13 -48.79
C VAL D 336 2.52 -4.74 -48.81
N PHE D 337 2.75 -5.79 -48.05
CA PHE D 337 4.10 -6.41 -47.93
C PHE D 337 4.53 -6.93 -49.31
N LEU D 338 3.66 -7.68 -49.98
CA LEU D 338 3.97 -8.24 -51.31
C LEU D 338 4.34 -7.12 -52.28
N PHE D 339 3.49 -6.10 -52.40
CA PHE D 339 3.67 -5.00 -53.36
C PHE D 339 4.94 -4.22 -53.01
N ASN D 340 5.13 -3.93 -51.73
CA ASN D 340 6.29 -3.15 -51.26
C ASN D 340 7.60 -3.88 -51.64
N CYS D 341 7.68 -5.18 -51.38
CA CYS D 341 8.89 -5.98 -51.68
C CYS D 341 9.16 -5.97 -53.19
N ALA D 342 8.15 -6.23 -54.02
CA ALA D 342 8.31 -6.34 -55.49
C ALA D 342 8.77 -5.00 -56.08
N THR D 343 8.14 -3.88 -55.68
CA THR D 343 8.43 -2.54 -56.25
C THR D 343 9.83 -2.11 -55.87
N HIS D 344 10.31 -2.41 -54.66
CA HIS D 344 11.65 -1.98 -54.19
C HIS D 344 12.75 -2.94 -54.66
N GLN D 345 12.52 -4.24 -54.54
CA GLN D 345 13.61 -5.25 -54.69
C GLN D 345 13.72 -5.73 -56.15
N LEU D 346 12.65 -5.67 -56.93
CA LEU D 346 12.63 -6.22 -58.32
C LEU D 346 12.55 -5.10 -59.35
N HIS D 347 11.46 -4.32 -59.37
CA HIS D 347 11.25 -3.29 -60.42
C HIS D 347 10.32 -2.16 -59.93
N ARG D 348 10.86 -0.95 -59.84
CA ARG D 348 10.10 0.26 -59.44
C ARG D 348 8.97 0.56 -60.41
N GLY D 349 9.12 0.18 -61.68
CA GLY D 349 8.07 0.28 -62.72
C GLY D 349 6.79 -0.44 -62.33
N LEU D 350 6.86 -1.45 -61.46
CA LEU D 350 5.64 -2.15 -60.99
C LEU D 350 4.76 -1.18 -60.20
N ASN D 351 5.35 -0.15 -59.61
CA ASN D 351 4.62 0.84 -58.78
C ASN D 351 3.50 1.48 -59.60
N GLY D 352 3.78 1.84 -60.84
CA GLY D 352 2.85 2.52 -61.77
C GLY D 352 2.08 1.53 -62.61
N SER D 353 2.27 0.24 -62.37
CA SER D 353 1.60 -0.82 -63.17
C SER D 353 0.21 -1.09 -62.59
N GLU D 354 -0.68 -1.62 -63.43
CA GLU D 354 -2.09 -1.88 -63.06
C GLU D 354 -2.22 -3.24 -62.39
N LEU D 355 -2.87 -3.25 -61.23
CA LEU D 355 -3.25 -4.47 -60.47
C LEU D 355 -4.44 -5.11 -61.18
N ARG D 356 -4.26 -6.29 -61.74
CA ARG D 356 -5.33 -7.03 -62.46
C ARG D 356 -6.06 -7.95 -61.47
N LYS D 357 -5.35 -8.59 -60.55
CA LYS D 357 -5.96 -9.64 -59.68
C LYS D 357 -5.10 -9.85 -58.44
N VAL D 358 -5.72 -9.85 -57.27
CA VAL D 358 -5.15 -10.37 -56.00
C VAL D 358 -5.63 -11.80 -55.87
N GLN D 359 -4.73 -12.77 -55.79
CA GLN D 359 -5.08 -14.22 -55.71
C GLN D 359 -4.75 -14.73 -54.30
N VAL D 360 -5.61 -15.61 -53.79
CA VAL D 360 -5.46 -16.25 -52.46
C VAL D 360 -5.68 -17.75 -52.63
N GLY D 361 -4.74 -18.55 -52.12
CA GLY D 361 -4.84 -20.03 -52.07
C GLY D 361 -4.23 -20.58 -50.80
N SER D 362 -4.54 -21.84 -50.48
CA SER D 362 -4.07 -22.53 -49.24
C SER D 362 -3.03 -23.56 -49.63
N ARG D 363 -1.77 -23.30 -49.32
CA ARG D 363 -0.74 -24.35 -49.28
C ARG D 363 -1.14 -25.36 -48.21
N PRO D 364 -1.30 -26.66 -48.55
CA PRO D 364 -1.54 -27.70 -47.55
C PRO D 364 -0.30 -27.81 -46.64
N ALA D 365 -0.41 -27.37 -45.38
CA ALA D 365 0.69 -27.29 -44.40
C ALA D 365 0.65 -28.47 -43.45
N PRO D 366 1.45 -29.53 -43.67
CA PRO D 366 1.44 -30.68 -42.75
C PRO D 366 2.05 -30.32 -41.39
N ILE D 367 1.43 -30.77 -40.29
CA ILE D 367 1.83 -30.41 -38.90
C ILE D 367 3.27 -30.85 -38.60
N ASP D 368 3.81 -31.86 -39.30
CA ASP D 368 5.18 -32.37 -39.01
C ASP D 368 6.16 -31.92 -40.11
N GLY D 369 5.69 -31.10 -41.06
CA GLY D 369 6.56 -30.41 -42.02
C GLY D 369 6.87 -31.21 -43.26
N PHE D 370 6.24 -32.38 -43.47
CA PHE D 370 6.54 -33.24 -44.65
C PHE D 370 5.27 -33.76 -45.28
N PRO D 371 5.30 -34.03 -46.61
CA PRO D 371 4.11 -34.46 -47.33
C PRO D 371 3.58 -35.82 -46.88
N LEU D 372 2.34 -36.08 -47.27
CA LEU D 372 1.57 -37.32 -47.04
C LEU D 372 1.30 -37.92 -48.42
N ILE D 373 2.12 -38.91 -48.81
CA ILE D 373 2.13 -39.50 -50.18
C ILE D 373 2.14 -41.02 -50.07
N GLY D 374 1.08 -41.68 -50.53
CA GLY D 374 1.08 -43.14 -50.71
C GLY D 374 -0.16 -43.79 -50.11
N GLY D 375 0.01 -45.04 -49.67
CA GLY D 375 -1.08 -45.92 -49.23
C GLY D 375 -1.36 -45.77 -47.75
N THR D 376 -2.46 -46.36 -47.31
CA THR D 376 -2.95 -46.35 -45.91
C THR D 376 -3.20 -47.80 -45.47
N SER D 377 -3.70 -47.98 -44.26
CA SER D 377 -4.28 -49.25 -43.76
C SER D 377 -5.65 -49.45 -44.41
N LEU D 381 -7.27 -47.09 -50.47
CA LEU D 381 -7.28 -45.66 -50.03
C LEU D 381 -5.85 -45.11 -50.12
N TRP D 382 -5.68 -44.06 -50.93
CA TRP D 382 -4.39 -43.38 -51.21
C TRP D 382 -4.53 -41.89 -50.88
N MET D 383 -3.41 -41.25 -50.55
CA MET D 383 -3.34 -39.81 -50.20
C MET D 383 -2.17 -39.18 -50.98
N LEU D 384 -2.43 -37.99 -51.51
CA LEU D 384 -1.42 -37.13 -52.17
C LEU D 384 -1.67 -35.70 -51.66
N SER D 385 -0.96 -35.28 -50.62
CA SER D 385 -1.22 -33.98 -49.96
C SER D 385 -0.07 -33.55 -49.04
N GLY D 386 -0.27 -32.40 -48.38
CA GLY D 386 0.68 -31.79 -47.43
C GLY D 386 1.94 -31.37 -48.16
N THR D 387 1.82 -30.89 -49.39
CA THR D 387 2.99 -30.54 -50.24
C THR D 387 3.44 -29.08 -50.01
N TYR D 388 2.66 -28.28 -49.28
CA TYR D 388 3.07 -26.92 -48.84
C TYR D 388 3.46 -26.09 -50.07
N ARG D 389 4.76 -25.77 -50.26
CA ARG D 389 5.23 -24.80 -51.28
C ARG D 389 5.49 -25.45 -52.66
N ASP D 390 5.55 -26.79 -52.78
CA ASP D 390 6.17 -27.41 -53.97
C ASP D 390 5.47 -28.70 -54.42
N GLY D 391 4.17 -28.83 -54.15
CA GLY D 391 3.35 -29.93 -54.70
C GLY D 391 3.19 -29.80 -56.22
N LEU D 392 3.03 -28.58 -56.71
CA LEU D 392 2.90 -28.31 -58.17
C LEU D 392 4.19 -28.80 -58.85
N HIS D 393 5.35 -28.40 -58.36
CA HIS D 393 6.65 -28.81 -58.95
C HIS D 393 6.78 -30.33 -58.91
N MET D 394 6.40 -30.97 -57.81
CA MET D 394 6.64 -32.42 -57.61
C MET D 394 5.54 -33.26 -58.29
N SER D 395 4.48 -32.62 -58.79
CA SER D 395 3.24 -33.29 -59.27
C SER D 395 3.54 -34.46 -60.24
N PRO D 396 4.34 -34.33 -61.32
CA PRO D 396 4.51 -35.45 -62.24
C PRO D 396 5.19 -36.65 -61.58
N LEU D 397 6.14 -36.42 -60.67
CA LEU D 397 6.82 -37.50 -59.92
C LEU D 397 5.83 -38.14 -58.94
N LEU D 398 5.05 -37.34 -58.20
CA LEU D 398 4.13 -37.88 -57.17
C LEU D 398 3.03 -38.70 -57.85
N ALA D 399 2.53 -38.23 -59.00
CA ALA D 399 1.47 -38.89 -59.77
C ALA D 399 1.95 -40.29 -60.17
N ARG D 400 3.14 -40.37 -60.76
CA ARG D 400 3.76 -41.64 -61.23
C ARG D 400 4.04 -42.56 -60.05
N HIS D 401 4.52 -42.02 -58.93
CA HIS D 401 4.75 -42.80 -57.69
C HIS D 401 3.45 -43.49 -57.28
N VAL D 402 2.34 -42.75 -57.15
CA VAL D 402 1.08 -43.32 -56.59
C VAL D 402 0.49 -44.32 -57.60
N VAL D 403 0.60 -44.04 -58.90
CA VAL D 403 0.09 -44.94 -59.98
C VAL D 403 0.88 -46.26 -59.94
N SER D 404 2.19 -46.21 -59.78
CA SER D 404 3.07 -47.39 -59.59
C SER D 404 2.57 -48.20 -58.39
N LEU D 405 2.37 -47.57 -57.23
CA LEU D 405 1.87 -48.25 -56.00
C LEU D 405 0.53 -48.94 -56.29
N MET D 406 -0.39 -48.26 -56.96
CA MET D 406 -1.76 -48.78 -57.26
C MET D 406 -1.65 -50.00 -58.18
N ASP D 407 -0.58 -50.11 -58.96
CA ASP D 407 -0.33 -51.19 -59.95
C ASP D 407 0.49 -52.31 -59.31
N GLY D 408 0.76 -52.25 -58.01
CA GLY D 408 1.54 -53.27 -57.26
C GLY D 408 3.04 -53.01 -57.31
N GLY D 409 3.48 -51.90 -57.90
CA GLY D 409 4.90 -51.48 -57.95
C GLY D 409 5.35 -50.89 -56.63
N THR D 410 6.61 -50.43 -56.56
CA THR D 410 7.18 -49.74 -55.37
C THR D 410 7.41 -48.26 -55.68
N GLY D 411 7.04 -47.80 -56.88
CA GLY D 411 7.13 -46.38 -57.29
C GLY D 411 8.53 -45.84 -57.15
N VAL D 412 8.69 -44.68 -56.53
CA VAL D 412 9.96 -43.92 -56.45
C VAL D 412 10.61 -44.23 -55.10
N ASP D 413 11.91 -44.54 -55.11
CA ASP D 413 12.62 -45.17 -53.96
C ASP D 413 12.46 -44.36 -52.66
N GLY D 414 12.71 -43.05 -52.63
CA GLY D 414 12.97 -42.35 -51.36
C GLY D 414 11.74 -41.77 -50.69
N LEU D 415 10.52 -42.19 -51.07
CA LEU D 415 9.24 -41.55 -50.63
C LEU D 415 8.67 -42.26 -49.39
N ARG D 416 9.31 -43.31 -48.87
CA ARG D 416 8.72 -44.23 -47.84
C ARG D 416 8.47 -43.48 -46.53
N GLU D 417 9.41 -42.60 -46.14
CA GLU D 417 9.31 -41.81 -44.88
C GLU D 417 8.08 -40.89 -44.92
N PHE D 418 7.55 -40.60 -46.11
CA PHE D 418 6.46 -39.61 -46.31
C PHE D 418 5.12 -40.32 -46.55
N ARG D 419 5.05 -41.62 -46.23
CA ARG D 419 3.79 -42.41 -46.21
C ARG D 419 2.79 -41.67 -45.34
N PRO D 420 1.51 -41.56 -45.74
CA PRO D 420 0.54 -40.71 -45.03
C PRO D 420 0.13 -41.21 -43.65
N GLU D 421 0.17 -42.53 -43.42
CA GLU D 421 -0.21 -43.13 -42.12
C GLU D 421 1.07 -43.34 -41.32
N ARG D 422 1.31 -42.48 -40.34
CA ARG D 422 2.62 -42.40 -39.64
C ARG D 422 2.45 -41.65 -38.32
N ASP D 423 3.33 -41.94 -37.37
CA ASP D 423 3.64 -41.07 -36.23
C ASP D 423 4.15 -39.74 -36.81
N LEU D 424 3.89 -38.62 -36.14
CA LEU D 424 4.47 -37.32 -36.56
C LEU D 424 5.98 -37.47 -36.67
N ILE D 425 6.56 -37.04 -37.80
CA ILE D 425 8.03 -36.94 -37.98
C ILE D 425 8.57 -35.87 -37.02
N SER D 426 9.75 -36.13 -36.45
CA SER D 426 10.56 -35.16 -35.66
C SER D 426 11.88 -34.95 -36.38
N ALA D 427 11.89 -34.09 -37.41
CA ALA D 427 13.04 -33.93 -38.34
C ALA D 427 14.11 -33.05 -37.71
N TRP D 428 13.75 -32.30 -36.65
CA TRP D 428 14.69 -31.37 -35.95
C TRP D 428 14.53 -31.53 -34.45
N SER D 429 15.59 -31.25 -33.70
CA SER D 429 15.57 -31.10 -32.22
C SER D 429 14.69 -29.88 -31.86
N ARG D 430 14.12 -29.89 -30.66
CA ARG D 430 13.36 -28.76 -30.09
C ARG D 430 14.23 -27.50 -30.11
N GLU D 431 15.51 -27.65 -29.75
CA GLU D 431 16.50 -26.55 -29.70
C GLU D 431 16.64 -25.93 -31.10
N GLU D 432 16.79 -26.75 -32.14
CA GLU D 432 16.91 -26.28 -33.54
C GLU D 432 15.66 -25.45 -33.89
N ILE D 433 14.47 -25.94 -33.55
CA ILE D 433 13.20 -25.28 -33.91
C ILE D 433 13.08 -23.96 -33.14
N LEU D 434 13.44 -23.95 -31.86
CA LEU D 434 13.42 -22.72 -31.03
C LEU D 434 14.39 -21.67 -31.60
N ASP D 435 15.59 -22.06 -32.02
CA ASP D 435 16.52 -21.12 -32.72
C ASP D 435 15.83 -20.61 -34.00
N ASP D 436 15.20 -21.50 -34.76
CA ASP D 436 14.58 -21.17 -36.07
C ASP D 436 13.43 -20.18 -35.83
N VAL D 437 12.53 -20.43 -34.88
CA VAL D 437 11.30 -19.62 -34.72
C VAL D 437 11.70 -18.19 -34.32
N VAL D 438 12.72 -18.03 -33.47
CA VAL D 438 13.20 -16.70 -33.04
C VAL D 438 13.83 -15.98 -34.23
N ARG D 439 14.67 -16.66 -35.01
CA ARG D 439 15.32 -16.08 -36.21
C ARG D 439 14.23 -15.62 -37.20
N HIS D 440 13.22 -16.46 -37.45
CA HIS D 440 12.14 -16.15 -38.41
C HIS D 440 11.33 -14.96 -37.88
N THR D 441 11.05 -14.90 -36.57
CA THR D 441 10.33 -13.77 -35.95
C THR D 441 11.12 -12.48 -36.20
N MET D 442 12.42 -12.49 -35.94
CA MET D 442 13.30 -11.32 -36.14
C MET D 442 13.32 -10.98 -37.65
N ALA D 443 13.31 -11.98 -38.52
CA ALA D 443 13.33 -11.78 -39.98
C ALA D 443 12.10 -11.00 -40.45
N THR D 444 10.95 -11.12 -39.78
CA THR D 444 9.73 -10.33 -40.15
C THR D 444 10.04 -8.83 -39.99
N GLY D 445 10.92 -8.47 -39.07
CA GLY D 445 11.41 -7.09 -38.91
C GLY D 445 12.33 -6.67 -40.05
N TYR D 446 13.39 -7.44 -40.29
CA TYR D 446 14.43 -7.08 -41.27
C TYR D 446 13.86 -7.09 -42.69
N GLU D 447 12.82 -7.89 -42.95
CA GLU D 447 12.23 -8.01 -44.31
C GLU D 447 11.26 -6.83 -44.59
N PHE D 448 10.83 -6.10 -43.58
CA PHE D 448 9.78 -5.06 -43.69
C PHE D 448 10.21 -3.97 -44.68
N PRO D 449 11.41 -3.35 -44.61
CA PRO D 449 12.36 -3.48 -43.52
C PRO D 449 12.07 -2.42 -42.46
N TRP D 450 12.24 -2.76 -41.19
CA TRP D 450 11.99 -1.82 -40.08
C TRP D 450 13.18 -0.86 -39.95
N ARG D 451 12.99 0.21 -39.20
CA ARG D 451 14.08 1.11 -38.73
C ARG D 451 13.85 1.34 -37.23
N LEU D 452 14.76 0.87 -36.40
CA LEU D 452 14.63 0.76 -34.93
C LEU D 452 15.88 1.29 -34.29
N PRO D 453 15.84 1.71 -33.02
CA PRO D 453 17.06 1.96 -32.25
C PRO D 453 17.88 0.66 -32.22
N LEU D 454 19.20 0.79 -32.26
CA LEU D 454 20.10 -0.38 -32.45
C LEU D 454 20.07 -1.33 -31.26
N GLU D 455 19.63 -0.93 -30.07
CA GLU D 455 19.55 -1.86 -28.89
C GLU D 455 18.28 -2.71 -28.99
N TRP D 456 17.31 -2.33 -29.82
CA TRP D 456 15.97 -2.98 -29.75
C TRP D 456 16.03 -4.42 -30.26
N PRO D 457 16.67 -4.73 -31.41
CA PRO D 457 16.71 -6.12 -31.90
C PRO D 457 17.25 -7.13 -30.88
N HIS D 458 18.36 -6.83 -30.22
CA HIS D 458 18.95 -7.73 -29.20
C HIS D 458 17.96 -7.88 -28.04
N MET D 459 17.33 -6.81 -27.60
CA MET D 459 16.30 -6.84 -26.53
C MET D 459 15.15 -7.76 -26.96
N MET D 460 14.68 -7.67 -28.20
CA MET D 460 13.54 -8.50 -28.65
C MET D 460 13.98 -9.97 -28.78
N GLU D 461 15.18 -10.26 -29.29
CA GLU D 461 15.72 -11.65 -29.37
C GLU D 461 15.70 -12.26 -27.97
N THR D 462 16.26 -11.57 -26.98
CA THR D 462 16.32 -12.04 -25.57
C THR D 462 14.90 -12.32 -25.06
N PHE D 463 13.93 -11.44 -25.29
CA PHE D 463 12.58 -11.56 -24.68
C PHE D 463 11.67 -12.49 -25.50
N LEU D 464 12.07 -12.91 -26.70
CA LEU D 464 11.28 -13.88 -27.52
C LEU D 464 11.61 -15.32 -27.08
N GLN D 465 12.81 -15.59 -26.60
CA GLN D 465 13.34 -16.96 -26.37
C GLN D 465 12.48 -17.68 -25.32
N GLY D 466 12.24 -17.02 -24.19
CA GLY D 466 11.49 -17.57 -23.03
C GLY D 466 10.09 -18.02 -23.43
N PRO D 467 9.23 -17.11 -23.95
CA PRO D 467 7.87 -17.51 -24.31
C PRO D 467 7.76 -18.65 -25.33
N PHE D 468 8.68 -18.73 -26.30
CA PHE D 468 8.66 -19.82 -27.31
C PHE D 468 9.12 -21.15 -26.65
N ALA D 469 10.15 -21.10 -25.79
CA ALA D 469 10.62 -22.28 -25.03
C ALA D 469 9.47 -22.80 -24.16
N GLU D 470 8.78 -21.91 -23.45
CA GLU D 470 7.63 -22.23 -22.56
C GLU D 470 6.52 -22.88 -23.39
N LEU D 471 6.22 -22.33 -24.57
CA LEU D 471 5.12 -22.85 -25.44
C LEU D 471 5.48 -24.28 -25.88
N ALA D 472 6.70 -24.47 -26.39
CA ALA D 472 7.19 -25.76 -26.93
C ALA D 472 7.09 -26.84 -25.84
N ASP D 473 7.51 -26.51 -24.62
CA ASP D 473 7.52 -27.43 -23.46
C ASP D 473 6.08 -27.78 -23.04
N ARG D 474 5.17 -26.82 -23.13
CA ARG D 474 3.75 -26.97 -22.75
C ARG D 474 3.00 -27.83 -23.79
N LEU D 475 3.36 -27.76 -25.08
CA LEU D 475 2.56 -28.40 -26.15
C LEU D 475 2.68 -29.92 -26.03
N SER D 476 3.87 -30.44 -25.74
CA SER D 476 4.17 -31.89 -25.78
C SER D 476 5.58 -32.16 -25.24
N ASP D 477 5.81 -33.34 -24.66
CA ASP D 477 7.13 -33.80 -24.19
C ASP D 477 7.91 -34.38 -25.37
N THR D 478 7.26 -34.68 -26.50
CA THR D 478 7.95 -35.41 -27.60
C THR D 478 7.83 -34.61 -28.92
N TYR D 479 6.68 -34.04 -29.26
CA TYR D 479 6.47 -33.36 -30.57
C TYR D 479 6.76 -31.86 -30.45
N THR D 480 7.45 -31.31 -31.45
CA THR D 480 7.65 -29.85 -31.62
C THR D 480 7.17 -29.43 -33.00
N PRO D 481 6.20 -28.49 -33.10
CA PRO D 481 5.76 -27.99 -34.39
C PRO D 481 6.88 -27.19 -35.05
N PRO D 482 7.05 -27.27 -36.38
CA PRO D 482 8.00 -26.41 -37.10
C PRO D 482 7.61 -24.93 -36.90
N ALA D 483 8.59 -24.03 -37.07
CA ALA D 483 8.49 -22.57 -36.79
C ALA D 483 7.20 -21.96 -37.38
N ASP D 484 6.90 -22.27 -38.64
CA ASP D 484 5.75 -21.71 -39.40
C ASP D 484 4.46 -21.94 -38.60
N LEU D 485 4.32 -23.14 -38.03
CA LEU D 485 3.10 -23.52 -37.27
C LEU D 485 3.24 -23.02 -35.84
N MET D 486 4.43 -23.06 -35.26
CA MET D 486 4.65 -22.65 -33.85
C MET D 486 4.23 -21.18 -33.68
N THR D 487 4.56 -20.28 -34.64
CA THR D 487 4.19 -18.85 -34.53
C THR D 487 2.66 -18.74 -34.58
N ALA D 488 1.97 -19.47 -35.46
CA ALA D 488 0.50 -19.45 -35.53
C ALA D 488 -0.09 -19.91 -34.19
N ILE D 489 0.47 -20.96 -33.59
CA ILE D 489 -0.04 -21.49 -32.29
C ILE D 489 0.25 -20.46 -31.18
N MET D 490 1.45 -19.89 -31.16
CA MET D 490 1.84 -18.86 -30.14
C MET D 490 0.76 -17.77 -30.07
N PHE D 491 0.22 -17.34 -31.20
CA PHE D 491 -0.70 -16.16 -31.25
C PHE D 491 -2.16 -16.60 -31.45
N SER D 492 -2.47 -17.88 -31.27
CA SER D 492 -3.86 -18.42 -31.35
C SER D 492 -4.52 -18.31 -29.97
N GLU D 493 -5.83 -18.58 -29.87
CA GLU D 493 -6.58 -18.57 -28.59
C GLU D 493 -6.10 -19.73 -27.70
N ARG D 494 -6.21 -19.57 -26.38
CA ARG D 494 -5.87 -20.60 -25.37
C ARG D 494 -6.58 -21.93 -25.70
N GLU D 495 -7.85 -21.86 -26.12
CA GLU D 495 -8.69 -23.04 -26.47
C GLU D 495 -8.04 -23.80 -27.64
N GLN D 496 -7.50 -23.08 -28.62
CA GLN D 496 -6.84 -23.69 -29.82
C GLN D 496 -5.51 -24.33 -29.40
N GLN D 497 -4.77 -23.70 -28.49
CA GLN D 497 -3.52 -24.27 -27.93
C GLN D 497 -3.84 -25.56 -27.19
N ASP D 498 -4.87 -25.55 -26.33
CA ASP D 498 -5.25 -26.71 -25.49
C ASP D 498 -5.69 -27.86 -26.40
N GLU D 499 -6.45 -27.56 -27.46
CA GLU D 499 -6.92 -28.58 -28.43
C GLU D 499 -5.69 -29.25 -29.07
N LEU D 500 -4.63 -28.50 -29.38
CA LEU D 500 -3.38 -29.06 -29.98
C LEU D 500 -2.65 -29.92 -28.96
N ILE D 501 -2.62 -29.49 -27.68
CA ILE D 501 -1.98 -30.29 -26.59
C ILE D 501 -2.66 -31.66 -26.55
N ALA D 502 -4.00 -31.69 -26.59
CA ALA D 502 -4.82 -32.92 -26.62
C ALA D 502 -4.47 -33.74 -27.87
N TYR D 503 -4.44 -33.09 -29.04
CA TYR D 503 -4.12 -33.77 -30.32
C TYR D 503 -2.76 -34.49 -30.19
N TYR D 504 -1.73 -33.77 -29.76
CA TYR D 504 -0.35 -34.31 -29.63
C TYR D 504 -0.35 -35.50 -28.66
N ALA D 505 -1.07 -35.39 -27.54
CA ALA D 505 -1.15 -36.45 -26.51
C ALA D 505 -1.85 -37.69 -27.08
N ASP D 506 -2.92 -37.50 -27.87
CA ASP D 506 -3.66 -38.61 -28.55
C ASP D 506 -2.75 -39.29 -29.57
N VAL D 507 -1.94 -38.53 -30.31
CA VAL D 507 -1.00 -39.12 -31.30
C VAL D 507 0.05 -39.96 -30.54
N HIS D 508 0.59 -39.44 -29.43
CA HIS D 508 1.63 -40.13 -28.63
C HIS D 508 1.09 -41.50 -28.17
N ARG D 509 -0.10 -41.48 -27.56
CA ARG D 509 -0.89 -42.65 -27.08
C ARG D 509 -1.06 -43.67 -28.20
N GLU D 510 -1.33 -43.23 -29.43
CA GLU D 510 -1.63 -44.12 -30.59
C GLU D 510 -0.36 -44.83 -31.06
N TRP D 511 0.81 -44.18 -31.03
CA TRP D 511 2.04 -44.68 -31.70
C TRP D 511 3.09 -45.17 -30.69
N HIS D 512 2.87 -44.98 -29.38
CA HIS D 512 3.85 -45.37 -28.32
C HIS D 512 3.15 -46.14 -27.19
N GLN E 31 -31.40 -53.91 -0.90
CA GLN E 31 -30.16 -53.24 -0.41
C GLN E 31 -29.88 -53.61 1.04
N THR E 32 -28.72 -53.22 1.57
CA THR E 32 -28.16 -53.65 2.88
C THR E 32 -28.15 -52.44 3.82
N ASP E 33 -29.07 -52.43 4.79
CA ASP E 33 -29.47 -51.21 5.55
C ASP E 33 -28.35 -50.70 6.46
N VAL E 34 -28.19 -49.38 6.46
CA VAL E 34 -27.29 -48.65 7.40
C VAL E 34 -28.16 -47.75 8.28
N ILE E 35 -27.98 -47.83 9.59
CA ILE E 35 -28.58 -46.89 10.59
C ILE E 35 -27.45 -46.04 11.16
N VAL E 36 -27.57 -44.72 11.03
CA VAL E 36 -26.71 -43.72 11.73
C VAL E 36 -27.47 -43.28 12.98
N VAL E 37 -26.90 -43.53 14.16
CA VAL E 37 -27.47 -43.08 15.46
C VAL E 37 -26.83 -41.74 15.84
N GLY E 38 -27.58 -40.65 15.64
CA GLY E 38 -27.19 -39.29 16.05
C GLY E 38 -27.34 -38.33 14.90
N ASN E 39 -27.83 -37.12 15.19
CA ASN E 39 -28.18 -36.12 14.15
C ASN E 39 -27.43 -34.80 14.43
N GLY E 40 -26.24 -34.90 15.01
CA GLY E 40 -25.29 -33.78 15.07
C GLY E 40 -24.52 -33.67 13.76
N VAL E 41 -23.47 -32.87 13.74
CA VAL E 41 -22.60 -32.73 12.55
C VAL E 41 -21.97 -34.07 12.15
N LEU E 42 -21.58 -34.92 13.09
CA LEU E 42 -20.80 -36.16 12.73
C LEU E 42 -21.76 -37.18 12.09
N GLY E 43 -22.91 -37.42 12.72
CA GLY E 43 -23.95 -38.34 12.20
C GLY E 43 -24.42 -37.93 10.82
N LEU E 44 -24.81 -36.67 10.67
CA LEU E 44 -25.34 -36.15 9.39
C LEU E 44 -24.23 -36.14 8.34
N SER E 45 -22.99 -35.81 8.70
CA SER E 45 -21.86 -35.73 7.74
C SER E 45 -21.58 -37.15 7.21
N VAL E 46 -21.60 -38.16 8.08
CA VAL E 46 -21.37 -39.58 7.69
C VAL E 46 -22.59 -40.04 6.87
N GLY E 47 -23.80 -39.69 7.31
CA GLY E 47 -25.05 -39.98 6.58
C GLY E 47 -25.00 -39.46 5.13
N VAL E 48 -24.58 -38.22 4.96
CA VAL E 48 -24.49 -37.57 3.63
C VAL E 48 -23.48 -38.35 2.78
N GLU E 49 -22.31 -38.68 3.34
CA GLU E 49 -21.23 -39.33 2.55
C GLU E 49 -21.66 -40.73 2.14
N ILE E 50 -22.30 -41.49 3.03
CA ILE E 50 -22.81 -42.86 2.74
C ILE E 50 -23.87 -42.76 1.63
N ALA E 51 -24.88 -41.90 1.80
CA ALA E 51 -26.02 -41.75 0.87
C ALA E 51 -25.50 -41.37 -0.53
N ARG E 52 -24.51 -40.47 -0.62
CA ARG E 52 -23.94 -40.01 -1.91
C ARG E 52 -23.08 -41.10 -2.56
N THR E 53 -22.48 -42.00 -1.79
CA THR E 53 -21.34 -42.88 -2.19
C THR E 53 -21.84 -44.30 -2.45
N ARG E 54 -22.95 -44.72 -1.85
CA ARG E 54 -23.34 -46.15 -1.69
C ARG E 54 -24.76 -46.34 -2.20
N PRO E 55 -24.98 -46.42 -3.54
CA PRO E 55 -26.33 -46.63 -4.10
C PRO E 55 -26.96 -47.96 -3.66
N ASP E 56 -26.12 -48.89 -3.19
CA ASP E 56 -26.48 -50.25 -2.74
C ASP E 56 -27.08 -50.23 -1.31
N VAL E 57 -26.89 -49.16 -0.53
CA VAL E 57 -27.39 -49.10 0.89
C VAL E 57 -28.60 -48.15 0.99
N ARG E 58 -29.58 -48.55 1.77
CA ARG E 58 -30.63 -47.68 2.35
C ARG E 58 -30.08 -47.13 3.68
N VAL E 59 -29.96 -45.82 3.83
CA VAL E 59 -29.35 -45.17 5.03
C VAL E 59 -30.42 -44.38 5.77
N THR E 60 -30.68 -44.78 7.02
CA THR E 60 -31.63 -44.12 7.95
C THR E 60 -30.84 -43.44 9.07
N LEU E 61 -31.16 -42.18 9.37
CA LEU E 61 -30.50 -41.41 10.45
C LEU E 61 -31.52 -41.11 11.56
N LEU E 62 -31.20 -41.55 12.77
CA LEU E 62 -32.02 -41.38 13.99
C LEU E 62 -31.60 -40.10 14.74
N GLY E 63 -32.50 -39.58 15.56
CA GLY E 63 -32.29 -38.34 16.35
C GLY E 63 -33.44 -37.37 16.13
N LYS E 64 -33.70 -36.50 17.12
CA LYS E 64 -34.90 -35.63 17.17
C LYS E 64 -34.54 -34.18 16.90
N PRO E 65 -35.52 -33.34 16.45
CA PRO E 65 -35.25 -31.93 16.17
C PRO E 65 -34.77 -31.15 17.41
N ALA E 66 -35.18 -31.56 18.60
CA ALA E 66 -34.79 -30.94 19.90
C ALA E 66 -33.27 -31.04 20.09
N ARG E 67 -32.61 -32.07 19.54
CA ARG E 67 -31.14 -32.31 19.66
C ARG E 67 -30.72 -32.08 21.12
N GLN E 68 -31.30 -32.83 22.03
CA GLN E 68 -30.98 -32.77 23.47
C GLN E 68 -29.45 -32.91 23.66
N TYR E 69 -28.86 -32.01 24.46
CA TYR E 69 -27.42 -31.96 24.83
C TYR E 69 -26.54 -31.74 23.61
N GLY E 70 -27.14 -31.41 22.45
CA GLY E 70 -26.43 -31.33 21.16
C GLY E 70 -25.33 -30.28 21.18
N ALA E 71 -24.08 -30.72 20.99
CA ALA E 71 -22.89 -29.85 20.85
C ALA E 71 -23.04 -28.94 19.62
N THR E 72 -23.38 -29.53 18.46
CA THR E 72 -23.33 -28.86 17.14
C THR E 72 -24.18 -27.57 17.14
N PRO E 73 -25.46 -27.58 17.55
CA PRO E 73 -26.28 -26.36 17.52
C PRO E 73 -25.81 -25.27 18.48
N ALA E 74 -25.05 -25.62 19.53
CA ALA E 74 -24.48 -24.68 20.51
C ALA E 74 -23.16 -24.10 19.99
N ALA E 75 -22.65 -24.58 18.86
CA ALA E 75 -21.31 -24.19 18.34
C ALA E 75 -21.43 -22.96 17.44
N GLY E 76 -20.35 -22.19 17.33
CA GLY E 76 -20.33 -20.89 16.65
C GLY E 76 -20.57 -21.02 15.14
N ALA E 77 -19.67 -21.69 14.42
CA ALA E 77 -18.55 -22.43 14.99
C ALA E 77 -17.27 -22.09 14.22
N MET E 78 -16.16 -22.07 14.93
CA MET E 78 -14.82 -21.83 14.37
C MET E 78 -14.35 -23.11 13.64
N LEU E 79 -13.77 -22.95 12.45
CA LEU E 79 -13.03 -24.04 11.77
C LEU E 79 -11.60 -24.03 12.35
N GLY E 80 -11.51 -24.45 13.61
CA GLY E 80 -10.34 -24.30 14.49
C GLY E 80 -9.32 -25.38 14.22
N ALA E 81 -8.15 -24.95 13.75
CA ALA E 81 -6.95 -25.79 13.50
C ALA E 81 -5.78 -25.18 14.28
N PHE E 82 -5.23 -24.07 13.77
CA PHE E 82 -4.11 -23.34 14.43
C PHE E 82 -4.61 -22.64 15.70
N GLY E 83 -5.82 -22.06 15.69
CA GLY E 83 -6.43 -21.39 16.86
C GLY E 83 -6.56 -22.33 18.06
N GLU E 84 -6.71 -23.64 17.80
CA GLU E 84 -6.86 -24.69 18.84
C GLU E 84 -5.52 -25.16 19.39
N VAL E 85 -4.39 -24.70 18.86
CA VAL E 85 -3.05 -25.16 19.31
C VAL E 85 -2.82 -24.69 20.75
N THR E 86 -2.36 -25.59 21.62
CA THR E 86 -1.79 -25.28 22.95
C THR E 86 -0.40 -25.92 23.07
N ALA E 87 0.49 -25.32 23.88
CA ALA E 87 1.81 -25.89 24.21
C ALA E 87 1.62 -27.33 24.72
N HIS E 88 0.65 -27.55 25.62
CA HIS E 88 0.41 -28.87 26.28
C HIS E 88 0.02 -29.94 25.24
N ALA E 89 -0.90 -29.63 24.32
CA ALA E 89 -1.36 -30.57 23.29
C ALA E 89 -0.16 -30.99 22.41
N LEU E 90 0.59 -30.00 21.90
CA LEU E 90 1.73 -30.23 20.96
C LEU E 90 2.97 -30.80 21.67
N ALA E 91 2.95 -30.94 22.99
CA ALA E 91 4.04 -31.58 23.77
C ALA E 91 3.85 -33.11 23.77
N SER E 92 2.67 -33.61 23.37
CA SER E 92 2.39 -35.07 23.30
C SER E 92 2.34 -35.52 21.85
N GLU E 93 2.74 -36.77 21.60
CA GLU E 93 2.71 -37.39 20.26
C GLU E 93 1.26 -37.43 19.76
N HIS E 94 0.32 -37.87 20.63
CA HIS E 94 -1.12 -37.99 20.29
C HIS E 94 -1.67 -36.59 19.94
N GLY E 95 -1.24 -35.56 20.67
CA GLY E 95 -1.64 -34.16 20.43
C GLY E 95 -1.18 -33.67 19.06
N ARG E 96 0.07 -33.95 18.68
CA ARG E 96 0.61 -33.56 17.36
C ARG E 96 -0.14 -34.30 16.25
N LYS E 97 -0.50 -35.57 16.46
CA LYS E 97 -1.28 -36.39 15.47
C LYS E 97 -2.65 -35.73 15.25
N LYS E 98 -3.36 -35.40 16.34
CA LYS E 98 -4.70 -34.76 16.27
C LYS E 98 -4.58 -33.41 15.55
N HIS E 99 -3.54 -32.64 15.82
CA HIS E 99 -3.32 -31.32 15.16
C HIS E 99 -3.14 -31.50 13.64
N ALA E 100 -2.32 -32.48 13.22
CA ALA E 100 -2.08 -32.78 11.79
C ALA E 100 -3.43 -33.04 11.09
N LEU E 101 -4.31 -33.82 11.72
CA LEU E 101 -5.65 -34.15 11.18
C LEU E 101 -6.50 -32.87 11.03
N ALA E 102 -6.44 -31.94 11.99
CA ALA E 102 -7.18 -30.65 11.94
C ALA E 102 -6.71 -29.86 10.71
N VAL E 103 -5.40 -29.83 10.46
CA VAL E 103 -4.82 -29.08 9.31
C VAL E 103 -5.33 -29.72 8.01
N GLN E 104 -5.36 -31.06 7.95
CA GLN E 104 -5.85 -31.81 6.77
C GLN E 104 -7.34 -31.50 6.56
N ALA E 105 -8.15 -31.52 7.62
CA ALA E 105 -9.61 -31.27 7.57
C ALA E 105 -9.89 -29.88 6.96
N GLN E 106 -9.09 -28.87 7.32
CA GLN E 106 -9.29 -27.47 6.83
C GLN E 106 -9.37 -27.44 5.30
N ARG E 107 -8.52 -28.23 4.63
CA ARG E 107 -8.39 -28.26 3.14
C ARG E 107 -9.70 -28.77 2.52
N LEU E 108 -10.50 -29.56 3.22
CA LEU E 108 -11.74 -30.15 2.67
C LEU E 108 -12.92 -29.17 2.70
N TRP E 109 -12.85 -28.11 3.50
CA TRP E 109 -14.07 -27.30 3.82
C TRP E 109 -14.63 -26.59 2.60
N PRO E 110 -13.83 -25.88 1.78
CA PRO E 110 -14.38 -25.14 0.65
C PRO E 110 -15.25 -25.99 -0.32
N GLU E 111 -14.78 -27.16 -0.74
CA GLU E 111 -15.54 -28.06 -1.66
C GLU E 111 -16.74 -28.67 -0.92
N TRP E 112 -16.56 -29.06 0.34
CA TRP E 112 -17.63 -29.62 1.21
C TRP E 112 -18.80 -28.64 1.28
N ILE E 113 -18.53 -27.37 1.56
CA ILE E 113 -19.56 -26.29 1.69
C ILE E 113 -20.25 -26.11 0.32
N GLU E 114 -19.47 -26.02 -0.75
CA GLU E 114 -19.99 -25.91 -2.14
C GLU E 114 -20.98 -27.04 -2.40
N SER E 115 -20.62 -28.29 -2.07
CA SER E 115 -21.42 -29.51 -2.32
C SER E 115 -22.70 -29.49 -1.47
N LEU E 116 -22.70 -28.81 -0.31
CA LEU E 116 -23.88 -28.77 0.58
C LEU E 116 -24.81 -27.63 0.14
N GLU E 117 -24.26 -26.46 -0.20
CA GLU E 117 -25.05 -25.29 -0.64
C GLU E 117 -25.68 -25.57 -2.01
N ALA E 118 -25.03 -26.40 -2.84
CA ALA E 118 -25.49 -26.81 -4.19
C ALA E 118 -26.90 -27.39 -4.12
N THR E 119 -27.28 -28.07 -3.02
CA THR E 119 -28.58 -28.74 -2.87
C THR E 119 -29.67 -27.75 -2.39
N GLY E 120 -29.31 -26.49 -2.14
CA GLY E 120 -30.24 -25.45 -1.66
C GLY E 120 -30.30 -24.28 -2.63
N THR E 121 -30.83 -23.15 -2.18
CA THR E 121 -30.96 -21.89 -2.95
C THR E 121 -30.50 -20.71 -2.09
N ALA E 122 -30.41 -19.51 -2.67
CA ALA E 122 -29.96 -18.25 -2.03
C ALA E 122 -30.63 -18.09 -0.65
N ALA E 123 -31.93 -18.38 -0.55
CA ALA E 123 -32.78 -18.12 0.63
C ALA E 123 -32.41 -19.04 1.82
N ASP E 124 -31.63 -20.10 1.58
CA ASP E 124 -31.18 -21.04 2.64
C ASP E 124 -30.07 -20.40 3.47
N GLY E 125 -29.46 -19.31 3.00
CA GLY E 125 -28.37 -18.62 3.72
C GLY E 125 -27.04 -19.25 3.45
N ARG E 126 -25.96 -18.61 3.91
CA ARG E 126 -24.57 -19.04 3.62
C ARG E 126 -24.01 -19.79 4.83
N ILE E 127 -23.37 -20.94 4.59
CA ILE E 127 -22.72 -21.77 5.64
C ILE E 127 -21.52 -20.99 6.19
N LYS E 128 -20.67 -20.45 5.32
CA LYS E 128 -19.41 -19.76 5.73
C LYS E 128 -19.77 -18.35 6.23
N THR E 129 -19.27 -17.95 7.41
CA THR E 129 -19.57 -16.62 8.00
C THR E 129 -18.28 -15.78 8.09
N ALA E 130 -17.11 -16.39 7.96
CA ALA E 130 -15.81 -15.67 7.99
C ALA E 130 -14.74 -16.53 7.34
N ASP E 131 -13.73 -15.90 6.77
CA ASP E 131 -12.58 -16.59 6.12
C ASP E 131 -11.38 -16.62 7.06
N ASP E 132 -11.22 -15.60 7.90
CA ASP E 132 -9.98 -15.40 8.71
C ASP E 132 -10.31 -15.32 10.20
N THR E 133 -9.29 -15.46 11.03
CA THR E 133 -9.35 -15.45 12.50
C THR E 133 -8.28 -14.50 13.02
N VAL E 134 -8.62 -13.61 13.95
CA VAL E 134 -7.61 -12.88 14.76
C VAL E 134 -7.56 -13.51 16.16
N VAL E 135 -6.38 -13.94 16.58
CA VAL E 135 -6.10 -14.40 17.97
C VAL E 135 -5.58 -13.21 18.76
N LEU E 136 -6.22 -12.86 19.87
CA LEU E 136 -5.84 -11.69 20.71
C LEU E 136 -5.10 -12.20 21.95
N LEU E 137 -4.10 -11.45 22.39
CA LEU E 137 -3.38 -11.73 23.65
C LEU E 137 -3.58 -10.55 24.60
N ASN E 138 -4.28 -10.80 25.71
CA ASN E 138 -4.52 -9.80 26.79
C ASN E 138 -4.01 -10.40 28.10
N THR E 139 -4.15 -9.68 29.22
CA THR E 139 -3.58 -10.11 30.52
C THR E 139 -4.70 -10.59 31.44
N VAL E 140 -5.87 -10.90 30.90
CA VAL E 140 -7.01 -11.40 31.71
C VAL E 140 -6.94 -12.93 31.70
N GLY E 141 -5.85 -13.46 32.23
CA GLY E 141 -5.57 -14.89 32.22
C GLY E 141 -4.20 -15.20 32.78
N HIS E 142 -3.88 -16.48 32.87
CA HIS E 142 -2.59 -16.99 33.38
C HIS E 142 -1.53 -16.83 32.28
N SER E 143 -0.38 -16.24 32.61
CA SER E 143 0.82 -16.24 31.73
C SER E 143 1.19 -17.68 31.33
N ALA E 144 1.07 -18.64 32.25
CA ALA E 144 1.49 -20.05 32.03
C ALA E 144 0.59 -20.73 30.99
N LEU E 145 -0.62 -20.23 30.73
CA LEU E 145 -1.45 -20.72 29.61
C LEU E 145 -1.33 -19.75 28.43
N ASP E 146 -1.78 -18.49 28.60
CA ASP E 146 -1.99 -17.57 27.46
C ASP E 146 -0.65 -17.24 26.78
N ASP E 147 0.43 -16.96 27.53
CA ASP E 147 1.72 -16.58 26.91
C ASP E 147 2.30 -17.82 26.21
N ALA E 148 2.33 -18.98 26.87
CA ALA E 148 2.83 -20.24 26.30
C ALA E 148 2.03 -20.59 25.04
N ASN E 149 0.71 -20.47 25.09
CA ASN E 149 -0.18 -20.91 23.99
C ASN E 149 -0.03 -19.97 22.81
N PHE E 150 0.13 -18.67 23.04
CA PHE E 150 0.33 -17.69 21.93
C PHE E 150 1.60 -18.06 21.17
N ALA E 151 2.70 -18.34 21.89
CA ALA E 151 3.99 -18.72 21.29
C ALA E 151 3.82 -20.05 20.53
N ALA E 152 3.06 -21.00 21.08
CA ALA E 152 2.84 -22.34 20.46
C ALA E 152 2.06 -22.19 19.15
N VAL E 153 1.08 -21.28 19.11
CA VAL E 153 0.26 -21.02 17.88
C VAL E 153 1.18 -20.45 16.81
N LEU E 154 1.96 -19.42 17.14
CA LEU E 154 2.95 -18.78 16.23
C LEU E 154 3.90 -19.86 15.66
N THR E 155 4.40 -20.75 16.51
CA THR E 155 5.39 -21.79 16.11
C THR E 155 4.70 -22.77 15.16
N ALA E 156 3.49 -23.23 15.48
CA ALA E 156 2.74 -24.21 14.67
C ALA E 156 2.44 -23.63 13.28
N LEU E 157 2.10 -22.33 13.21
CA LEU E 157 1.82 -21.63 11.93
C LEU E 157 3.09 -21.63 11.07
N LYS E 158 4.23 -21.25 11.65
CA LYS E 158 5.55 -21.15 10.96
C LYS E 158 5.96 -22.54 10.47
N GLU E 159 5.86 -23.57 11.31
CA GLU E 159 6.24 -24.98 10.96
C GLU E 159 5.38 -25.48 9.80
N ALA E 160 4.10 -25.11 9.73
CA ALA E 160 3.16 -25.60 8.69
C ALA E 160 3.27 -24.71 7.43
N ASN E 161 4.05 -23.63 7.49
CA ASN E 161 4.15 -22.63 6.42
C ASN E 161 2.76 -22.05 6.10
N ALA E 162 1.88 -21.97 7.10
CA ALA E 162 0.50 -21.44 6.95
C ALA E 162 0.57 -19.93 6.80
N PRO E 163 -0.30 -19.32 5.97
CA PRO E 163 -0.32 -17.86 5.84
C PRO E 163 -0.91 -17.23 7.11
N HIS E 164 -0.19 -16.26 7.68
CA HIS E 164 -0.52 -15.58 8.95
C HIS E 164 0.34 -14.34 9.08
N GLU E 165 0.02 -13.45 10.02
CA GLU E 165 0.78 -12.20 10.26
C GLU E 165 0.48 -11.74 11.69
N GLU E 166 1.51 -11.46 12.47
CA GLU E 166 1.35 -10.70 13.73
C GLU E 166 1.05 -9.25 13.32
N ILE E 167 -0.07 -8.69 13.80
CA ILE E 167 -0.53 -7.35 13.38
C ILE E 167 -0.58 -6.43 14.60
N ALA E 168 -0.54 -5.12 14.37
CA ALA E 168 -0.75 -4.08 15.39
C ALA E 168 -2.18 -4.25 15.92
N VAL E 169 -2.35 -4.19 17.23
CA VAL E 169 -3.69 -4.33 17.88
C VAL E 169 -4.60 -3.22 17.34
N GLU E 170 -4.04 -2.03 17.10
CA GLU E 170 -4.74 -0.83 16.59
C GLU E 170 -5.37 -1.14 15.22
N SER E 171 -4.83 -2.10 14.48
CA SER E 171 -5.31 -2.46 13.13
C SER E 171 -6.42 -3.51 13.22
N VAL E 172 -6.73 -4.04 14.41
CA VAL E 172 -7.85 -5.02 14.55
C VAL E 172 -9.16 -4.21 14.45
N ASP E 173 -9.97 -4.54 13.46
CA ASP E 173 -11.24 -3.81 13.19
C ASP E 173 -12.27 -4.18 14.27
N TRP E 174 -13.14 -3.23 14.57
CA TRP E 174 -14.45 -3.42 15.25
C TRP E 174 -14.28 -3.47 16.78
N ILE E 175 -13.27 -4.18 17.32
CA ILE E 175 -13.15 -4.44 18.78
C ILE E 175 -13.13 -3.11 19.54
N ASP E 176 -13.71 -3.10 20.74
CA ASP E 176 -13.73 -1.90 21.62
C ASP E 176 -13.61 -2.37 23.06
N PRO E 177 -12.46 -2.96 23.43
CA PRO E 177 -12.29 -3.54 24.76
C PRO E 177 -12.21 -2.46 25.85
N ASP E 178 -12.53 -2.83 27.08
CA ASP E 178 -12.09 -2.11 28.30
C ASP E 178 -10.56 -1.95 28.20
N PRO E 179 -9.99 -0.73 28.30
CA PRO E 179 -8.54 -0.58 28.28
C PRO E 179 -7.77 -1.49 29.26
N ASN E 180 -8.33 -1.77 30.44
CA ASN E 180 -7.66 -2.64 31.45
C ASN E 180 -7.76 -4.11 31.04
N SER E 181 -8.55 -4.44 30.01
CA SER E 181 -8.75 -5.81 29.51
C SER E 181 -8.29 -5.95 28.04
N ARG E 182 -7.58 -4.95 27.51
CA ARG E 182 -7.31 -4.86 26.05
C ARG E 182 -6.18 -5.81 25.67
N PRO E 183 -6.14 -6.22 24.38
CA PRO E 183 -5.02 -6.99 23.87
C PRO E 183 -3.81 -6.09 23.60
N LEU E 184 -2.60 -6.62 23.79
CA LEU E 184 -1.36 -5.90 23.43
C LEU E 184 -0.67 -6.59 22.25
N ARG E 185 -1.06 -7.83 21.93
CA ARG E 185 -0.60 -8.53 20.68
C ARG E 185 -1.81 -9.16 20.00
N ALA E 186 -1.72 -9.30 18.68
CA ALA E 186 -2.78 -9.84 17.81
C ALA E 186 -2.12 -10.59 16.65
N LEU E 187 -2.75 -11.68 16.25
CA LEU E 187 -2.27 -12.63 15.22
C LEU E 187 -3.42 -12.87 14.23
N HIS E 188 -3.25 -12.45 12.98
CA HIS E 188 -4.17 -12.71 11.84
C HIS E 188 -3.83 -14.06 11.22
N ILE E 189 -4.76 -15.01 11.24
CA ILE E 189 -4.63 -16.35 10.62
C ILE E 189 -5.51 -16.36 9.36
N GLU E 190 -4.90 -16.42 8.18
CA GLU E 190 -5.60 -16.37 6.87
C GLU E 190 -6.14 -17.75 6.53
N GLY E 191 -7.41 -17.84 6.11
CA GLY E 191 -8.04 -19.10 5.65
C GLY E 191 -8.46 -19.99 6.81
N GLU E 192 -8.45 -19.46 8.04
CA GLU E 192 -9.04 -20.16 9.22
C GLU E 192 -10.29 -19.37 9.60
N GLY E 193 -11.47 -19.94 9.33
CA GLY E 193 -12.72 -19.17 9.35
C GLY E 193 -13.75 -19.73 10.30
N SER E 194 -15.01 -19.55 9.94
CA SER E 194 -16.17 -19.98 10.76
C SER E 194 -17.34 -20.31 9.84
N VAL E 195 -18.23 -21.14 10.35
CA VAL E 195 -19.50 -21.51 9.70
C VAL E 195 -20.63 -21.21 10.67
N ASP E 196 -21.82 -20.94 10.14
CA ASP E 196 -23.06 -20.93 10.93
C ASP E 196 -23.49 -22.38 11.14
N SER E 197 -23.42 -22.88 12.38
CA SER E 197 -23.67 -24.30 12.70
C SER E 197 -25.12 -24.66 12.42
N GLY E 198 -26.06 -23.71 12.57
CA GLY E 198 -27.50 -23.93 12.31
C GLY E 198 -27.75 -24.09 10.82
N ILE E 199 -27.11 -23.25 10.00
CA ILE E 199 -27.21 -23.31 8.52
C ILE E 199 -26.48 -24.57 8.03
N LEU E 200 -25.35 -24.94 8.65
CA LEU E 200 -24.65 -26.21 8.34
C LEU E 200 -25.58 -27.39 8.58
N LEU E 201 -26.25 -27.46 9.73
CA LEU E 201 -27.12 -28.60 10.08
C LEU E 201 -28.28 -28.68 9.08
N ALA E 202 -28.88 -27.55 8.71
CA ALA E 202 -30.01 -27.49 7.75
C ALA E 202 -29.51 -27.96 6.38
N ALA E 203 -28.33 -27.53 5.94
CA ALA E 203 -27.72 -27.90 4.64
C ALA E 203 -27.39 -29.40 4.64
N LEU E 204 -26.92 -29.96 5.76
CA LEU E 204 -26.57 -31.39 5.86
C LEU E 204 -27.86 -32.21 5.74
N GLU E 205 -28.92 -31.82 6.46
CA GLU E 205 -30.22 -32.55 6.42
C GLU E 205 -30.77 -32.55 4.99
N ARG E 206 -30.81 -31.38 4.36
CA ARG E 206 -31.34 -31.18 2.98
C ARG E 206 -30.51 -32.05 2.02
N SER E 207 -29.18 -32.03 2.15
CA SER E 207 -28.25 -32.80 1.29
C SER E 207 -28.45 -34.31 1.50
N PHE E 208 -28.70 -34.70 2.76
CA PHE E 208 -28.94 -36.11 3.12
C PHE E 208 -30.20 -36.61 2.40
N LEU E 209 -31.30 -35.85 2.49
CA LEU E 209 -32.61 -36.19 1.85
C LEU E 209 -32.44 -36.23 0.32
N GLN E 210 -31.71 -35.26 -0.25
CA GLN E 210 -31.51 -35.17 -1.71
C GLN E 210 -30.79 -36.42 -2.22
N ALA E 211 -29.89 -37.00 -1.42
CA ALA E 211 -29.09 -38.19 -1.80
C ALA E 211 -29.85 -39.47 -1.47
N GLY E 212 -31.10 -39.37 -1.01
CA GLY E 212 -31.98 -40.53 -0.77
C GLY E 212 -31.92 -41.04 0.65
N GLY E 213 -31.30 -40.29 1.58
CA GLY E 213 -31.28 -40.65 3.01
C GLY E 213 -32.65 -40.51 3.63
N ARG E 214 -32.94 -41.27 4.68
CA ARG E 214 -34.22 -41.20 5.42
C ARG E 214 -33.95 -40.67 6.84
N LEU E 215 -34.62 -39.58 7.23
CA LEU E 215 -34.60 -39.05 8.62
C LEU E 215 -35.76 -39.67 9.40
N HIS E 216 -35.46 -40.42 10.46
CA HIS E 216 -36.46 -41.05 11.35
C HIS E 216 -36.30 -40.41 12.73
N PRO E 217 -37.19 -39.45 13.10
CA PRO E 217 -36.97 -38.61 14.28
C PRO E 217 -37.33 -39.31 15.59
N VAL E 218 -36.62 -40.41 15.89
CA VAL E 218 -36.68 -41.14 17.19
C VAL E 218 -35.25 -41.38 17.65
N ASP E 219 -35.08 -41.74 18.92
CA ASP E 219 -33.77 -42.06 19.51
C ASP E 219 -33.61 -43.59 19.56
N ALA E 220 -32.39 -44.08 19.33
CA ALA E 220 -32.00 -45.47 19.66
C ALA E 220 -32.02 -45.62 21.18
N THR E 221 -32.61 -46.68 21.69
CA THR E 221 -32.51 -47.10 23.12
C THR E 221 -31.46 -48.22 23.26
N GLU E 222 -31.30 -49.05 22.23
CA GLU E 222 -30.50 -50.31 22.36
C GLU E 222 -29.97 -50.73 20.99
N ILE E 223 -28.70 -51.13 20.94
CA ILE E 223 -28.10 -51.79 19.75
C ILE E 223 -28.22 -53.30 19.97
N ARG E 224 -28.81 -54.00 19.00
CA ARG E 224 -28.98 -55.47 19.07
C ARG E 224 -27.87 -56.11 18.24
N ALA E 225 -27.15 -57.03 18.85
CA ALA E 225 -26.07 -57.84 18.23
C ALA E 225 -26.15 -59.29 18.75
N SER E 226 -25.81 -60.24 17.89
CA SER E 226 -25.60 -61.67 18.28
C SER E 226 -24.68 -62.31 17.24
N HIS E 227 -23.95 -63.35 17.63
CA HIS E 227 -22.96 -64.04 16.78
C HIS E 227 -21.98 -62.99 16.24
N GLY E 228 -21.57 -62.06 17.13
CA GLY E 228 -20.53 -61.03 16.91
C GLY E 228 -20.84 -60.08 15.76
N ARG E 229 -22.12 -59.77 15.54
CA ARG E 229 -22.58 -59.00 14.36
C ARG E 229 -23.80 -58.16 14.74
N VAL E 230 -23.90 -56.92 14.25
CA VAL E 230 -25.08 -56.05 14.52
C VAL E 230 -26.27 -56.64 13.76
N GLU E 231 -27.43 -56.65 14.42
CA GLU E 231 -28.75 -57.01 13.85
C GLU E 231 -29.56 -55.74 13.61
N GLY E 232 -29.39 -54.73 14.47
CA GLY E 232 -30.02 -53.41 14.28
C GLY E 232 -30.21 -52.68 15.60
N VAL E 233 -31.29 -51.88 15.66
CA VAL E 233 -31.50 -50.84 16.71
C VAL E 233 -32.96 -50.86 17.16
N VAL E 234 -33.19 -51.02 18.47
CA VAL E 234 -34.49 -50.74 19.13
C VAL E 234 -34.55 -49.23 19.40
N THR E 235 -35.64 -48.59 18.97
CA THR E 235 -35.90 -47.13 19.11
C THR E 235 -36.82 -46.90 20.32
N ASP E 236 -36.92 -45.65 20.78
CA ASP E 236 -37.62 -45.29 22.05
C ASP E 236 -39.14 -45.21 21.83
N ASP E 237 -39.63 -45.53 20.63
CA ASP E 237 -41.07 -45.74 20.37
C ASP E 237 -41.39 -47.25 20.36
N GLY E 238 -40.45 -48.10 20.80
CA GLY E 238 -40.65 -49.55 20.98
C GLY E 238 -40.39 -50.36 19.71
N ASP E 239 -40.12 -49.69 18.58
CA ASP E 239 -39.92 -50.32 17.26
C ASP E 239 -38.53 -50.99 17.21
N PHE E 240 -38.34 -51.95 16.30
CA PHE E 240 -37.01 -52.53 15.94
C PHE E 240 -36.72 -52.23 14.47
N LEU E 241 -35.56 -51.62 14.19
CA LEU E 241 -35.08 -51.33 12.81
C LEU E 241 -33.91 -52.26 12.51
N PRO E 242 -34.01 -53.13 11.48
CA PRO E 242 -32.90 -54.01 11.10
C PRO E 242 -31.82 -53.25 10.33
N ALA E 243 -30.57 -53.70 10.43
CA ALA E 243 -29.43 -53.09 9.73
C ALA E 243 -28.25 -54.06 9.69
N GLY E 244 -27.46 -53.99 8.61
CA GLY E 244 -26.14 -54.63 8.50
C GLY E 244 -25.05 -53.76 9.09
N HIS E 245 -25.25 -52.43 9.10
CA HIS E 245 -24.29 -51.44 9.67
C HIS E 245 -25.01 -50.46 10.60
N VAL E 246 -24.45 -50.24 11.79
CA VAL E 246 -24.87 -49.19 12.76
C VAL E 246 -23.67 -48.29 13.04
N VAL E 247 -23.79 -47.01 12.72
CA VAL E 247 -22.78 -45.96 13.02
C VAL E 247 -23.29 -45.15 14.20
N VAL E 248 -22.61 -45.27 15.34
CA VAL E 248 -22.93 -44.51 16.58
C VAL E 248 -22.19 -43.17 16.53
N ALA E 249 -22.95 -42.08 16.34
CA ALA E 249 -22.48 -40.69 16.36
C ALA E 249 -23.43 -39.87 17.24
N ALA E 250 -23.69 -40.36 18.46
CA ALA E 250 -24.70 -39.80 19.39
C ALA E 250 -24.05 -38.83 20.37
N GLY E 251 -22.98 -38.15 19.97
CA GLY E 251 -22.24 -37.24 20.86
C GLY E 251 -21.90 -37.91 22.18
N ALA E 252 -22.16 -37.23 23.30
CA ALA E 252 -21.72 -37.65 24.64
C ALA E 252 -22.46 -38.91 25.11
N ARG E 253 -23.50 -39.36 24.40
CA ARG E 253 -24.26 -40.60 24.74
C ARG E 253 -23.66 -41.82 24.05
N SER E 254 -22.68 -41.64 23.15
CA SER E 254 -22.20 -42.68 22.21
C SER E 254 -21.69 -43.92 22.97
N GLN E 255 -20.80 -43.75 23.95
CA GLN E 255 -20.16 -44.88 24.64
C GLN E 255 -21.20 -45.59 25.53
N ARG E 256 -22.06 -44.84 26.21
CA ARG E 256 -23.10 -45.42 27.11
C ARG E 256 -24.01 -46.34 26.29
N LEU E 257 -24.23 -46.04 25.01
CA LEU E 257 -25.12 -46.83 24.10
C LEU E 257 -24.43 -48.14 23.70
N VAL E 258 -23.13 -48.11 23.42
CA VAL E 258 -22.34 -49.28 22.94
C VAL E 258 -21.90 -50.14 24.13
N ALA E 259 -21.73 -49.56 25.31
CA ALA E 259 -21.15 -50.19 26.52
C ALA E 259 -22.05 -51.29 27.09
N ALA E 260 -23.32 -51.35 26.66
CA ALA E 260 -24.27 -52.39 27.12
C ALA E 260 -23.99 -53.74 26.43
N LEU E 261 -23.32 -53.72 25.27
CA LEU E 261 -22.96 -54.95 24.51
C LEU E 261 -21.85 -55.71 25.24
N PRO E 262 -21.78 -57.06 25.10
CA PRO E 262 -20.86 -57.87 25.90
C PRO E 262 -19.39 -57.43 25.86
N GLY E 263 -18.81 -57.14 27.03
CA GLY E 263 -17.38 -56.83 27.19
C GLY E 263 -17.03 -55.39 26.88
N LEU E 264 -17.92 -54.63 26.23
CA LEU E 264 -17.58 -53.32 25.64
C LEU E 264 -17.52 -52.23 26.70
N ALA E 265 -18.03 -52.47 27.92
CA ALA E 265 -18.05 -51.46 29.01
C ALA E 265 -16.62 -51.04 29.36
N HIS E 266 -15.63 -51.92 29.20
CA HIS E 266 -14.22 -51.68 29.57
C HIS E 266 -13.32 -51.71 28.33
N ARG E 267 -13.91 -51.71 27.13
CA ARG E 267 -13.16 -51.78 25.85
C ARG E 267 -13.38 -50.53 25.01
N ILE E 268 -14.47 -49.81 25.23
CA ILE E 268 -14.76 -48.48 24.60
C ILE E 268 -14.54 -47.42 25.68
N PRO E 269 -13.53 -46.53 25.54
CA PRO E 269 -13.29 -45.50 26.54
C PRO E 269 -14.56 -44.67 26.81
N ARG E 270 -14.82 -44.40 28.07
CA ARG E 270 -15.93 -43.52 28.52
C ARG E 270 -15.84 -42.16 27.83
N ILE E 271 -17.02 -41.62 27.50
CA ILE E 271 -17.21 -40.23 26.99
C ILE E 271 -18.13 -39.52 27.99
N TYR E 272 -17.67 -38.37 28.52
CA TYR E 272 -18.44 -37.52 29.45
C TYR E 272 -18.97 -36.30 28.69
N ASP E 273 -19.78 -35.50 29.38
CA ASP E 273 -20.38 -34.23 28.86
C ASP E 273 -19.44 -33.06 29.18
N GLY E 274 -18.83 -32.49 28.15
CA GLY E 274 -18.13 -31.20 28.25
C GLY E 274 -19.14 -30.07 28.03
N VAL E 275 -19.91 -29.74 29.07
CA VAL E 275 -21.08 -28.82 28.96
C VAL E 275 -20.55 -27.45 28.58
N GLY E 276 -21.05 -26.91 27.49
CA GLY E 276 -20.61 -25.63 26.91
C GLY E 276 -21.75 -24.65 26.80
N VAL E 277 -21.52 -23.42 27.21
CA VAL E 277 -22.52 -22.31 27.15
C VAL E 277 -22.03 -21.29 26.15
N SER E 278 -22.92 -20.88 25.26
CA SER E 278 -22.70 -19.82 24.25
C SER E 278 -23.95 -18.93 24.21
N ALA E 279 -23.90 -17.85 23.44
CA ALA E 279 -25.05 -16.93 23.34
C ALA E 279 -25.10 -16.30 21.96
N LEU E 280 -26.31 -16.07 21.47
CA LEU E 280 -26.57 -15.22 20.29
C LEU E 280 -27.01 -13.85 20.82
N VAL E 281 -26.35 -12.80 20.33
CA VAL E 281 -26.57 -11.40 20.74
C VAL E 281 -26.87 -10.60 19.47
N ASP E 282 -27.96 -9.83 19.48
CA ASP E 282 -28.22 -8.77 18.46
C ASP E 282 -27.44 -7.53 18.86
N THR E 283 -26.44 -7.13 18.07
CA THR E 283 -25.53 -6.02 18.45
C THR E 283 -26.32 -4.71 18.42
N TRP E 284 -25.95 -3.79 19.32
CA TRP E 284 -26.53 -2.44 19.53
C TRP E 284 -26.77 -1.74 18.19
N ASP E 285 -25.86 -1.86 17.22
CA ASP E 285 -25.90 -1.11 15.93
C ASP E 285 -26.02 -2.06 14.74
N GLY E 286 -26.25 -3.36 14.97
CA GLY E 286 -26.34 -4.38 13.90
C GLY E 286 -24.98 -4.70 13.27
N SER E 287 -23.87 -4.14 13.76
CA SER E 287 -22.51 -4.45 13.24
C SER E 287 -22.00 -5.78 13.79
N GLY E 288 -20.91 -6.26 13.20
CA GLY E 288 -20.14 -7.43 13.65
C GLY E 288 -18.73 -7.35 13.09
N PRO E 289 -17.77 -8.14 13.62
CA PRO E 289 -16.44 -8.18 13.03
C PRO E 289 -16.47 -8.99 11.73
N ALA E 290 -15.53 -8.71 10.85
CA ALA E 290 -15.35 -9.39 9.55
C ALA E 290 -14.64 -10.73 9.78
N THR E 291 -13.90 -10.87 10.88
CA THR E 291 -13.13 -12.11 11.19
C THR E 291 -13.66 -12.73 12.49
N VAL E 292 -13.35 -14.00 12.69
CA VAL E 292 -13.42 -14.62 14.03
C VAL E 292 -12.48 -13.81 14.93
N LEU E 293 -12.88 -13.59 16.17
CA LEU E 293 -12.01 -13.01 17.22
C LEU E 293 -11.93 -14.07 18.31
N ARG E 294 -10.74 -14.42 18.76
CA ARG E 294 -10.61 -15.46 19.82
C ARG E 294 -9.36 -15.23 20.65
N THR E 295 -9.36 -15.81 21.85
CA THR E 295 -8.15 -16.10 22.63
C THR E 295 -7.73 -17.53 22.31
N SER E 296 -6.52 -17.90 22.73
CA SER E 296 -6.10 -19.32 22.87
C SER E 296 -7.02 -20.01 23.87
N ASN E 297 -7.02 -21.34 23.86
CA ASN E 297 -7.78 -22.17 24.82
C ASN E 297 -7.27 -21.83 26.22
N ARG E 298 -8.18 -21.79 27.18
CA ARG E 298 -7.97 -21.24 28.54
C ARG E 298 -8.35 -22.32 29.54
N ALA E 299 -8.54 -21.96 30.82
CA ALA E 299 -8.65 -22.93 31.94
C ALA E 299 -9.66 -24.02 31.58
N PHE E 300 -9.20 -25.28 31.64
CA PHE E 300 -10.02 -26.50 31.51
C PHE E 300 -10.79 -26.46 30.19
N ALA E 301 -10.11 -26.07 29.12
CA ALA E 301 -10.57 -26.10 27.71
C ALA E 301 -11.80 -25.20 27.51
N CYS E 302 -11.98 -24.17 28.34
CA CYS E 302 -12.88 -23.02 28.01
C CYS E 302 -12.09 -22.09 27.09
N GLY E 303 -12.74 -21.04 26.61
CA GLY E 303 -12.09 -20.05 25.74
C GLY E 303 -13.06 -18.95 25.42
N LEU E 304 -12.54 -17.83 24.94
CA LEU E 304 -13.37 -16.68 24.58
C LEU E 304 -13.28 -16.49 23.07
N HIS E 305 -14.42 -16.41 22.40
CA HIS E 305 -14.44 -16.10 20.95
C HIS E 305 -15.75 -15.43 20.57
N LEU E 306 -15.69 -14.70 19.47
CA LEU E 306 -16.85 -14.14 18.78
C LEU E 306 -16.79 -14.65 17.35
N VAL E 307 -17.86 -15.30 16.91
CA VAL E 307 -18.03 -15.80 15.53
C VAL E 307 -19.08 -14.92 14.85
N PRO E 308 -18.75 -14.29 13.72
CA PRO E 308 -19.71 -13.51 12.96
C PRO E 308 -20.92 -14.36 12.54
N ARG E 309 -22.10 -13.72 12.51
CA ARG E 309 -23.34 -14.30 11.91
C ARG E 309 -23.94 -13.24 10.98
N ALA E 310 -24.82 -13.65 10.08
CA ALA E 310 -25.60 -12.73 9.21
C ALA E 310 -26.68 -12.05 10.04
N GLY E 311 -27.15 -10.87 9.59
CA GLY E 311 -28.41 -10.26 10.08
C GLY E 311 -28.28 -9.56 11.43
N GLY E 312 -27.14 -8.94 11.72
CA GLY E 312 -26.97 -8.10 12.92
C GLY E 312 -26.83 -8.91 14.21
N SER E 313 -26.52 -10.19 14.10
CA SER E 313 -26.31 -11.14 15.24
C SER E 313 -24.81 -11.45 15.34
N VAL E 314 -24.32 -11.71 16.55
CA VAL E 314 -22.98 -12.34 16.76
C VAL E 314 -23.16 -13.51 17.71
N TYR E 315 -22.31 -14.53 17.54
CA TYR E 315 -22.19 -15.66 18.47
C TYR E 315 -21.03 -15.34 19.43
N ILE E 316 -21.26 -15.50 20.73
CA ILE E 316 -20.15 -15.42 21.74
C ILE E 316 -20.09 -16.76 22.46
N GLY E 317 -18.87 -17.25 22.63
CA GLY E 317 -18.62 -18.50 23.37
C GLY E 317 -17.25 -18.46 24.01
N ALA E 318 -16.89 -19.54 24.69
CA ALA E 318 -17.80 -20.61 25.07
C ALA E 318 -17.23 -21.22 26.34
N THR E 319 -18.08 -21.54 27.31
CA THR E 319 -17.61 -22.12 28.59
C THR E 319 -17.41 -23.61 28.34
N ASN E 320 -16.68 -24.27 29.22
CA ASN E 320 -16.56 -25.74 29.20
C ASN E 320 -16.43 -26.21 30.65
N ALA E 321 -17.18 -27.24 30.99
CA ALA E 321 -17.10 -27.91 32.30
C ALA E 321 -17.44 -29.38 32.06
N VAL E 322 -16.48 -30.26 32.36
CA VAL E 322 -16.73 -31.71 32.27
C VAL E 322 -17.67 -32.07 33.42
N CYS E 323 -18.81 -32.68 33.11
CA CYS E 323 -19.79 -33.16 34.10
C CYS E 323 -19.88 -34.68 33.97
N LEU E 324 -19.95 -35.37 35.10
CA LEU E 324 -20.02 -36.85 35.14
C LEU E 324 -21.44 -37.30 34.76
N GLU E 325 -22.41 -36.40 34.80
CA GLU E 325 -23.79 -36.64 34.30
C GLU E 325 -24.20 -35.47 33.40
N PRO E 326 -25.09 -35.70 32.41
CA PRO E 326 -25.48 -34.64 31.49
C PRO E 326 -26.19 -33.46 32.18
N ARG E 327 -26.05 -32.28 31.60
CA ARG E 327 -26.75 -31.05 32.06
C ARG E 327 -27.16 -30.29 30.82
N GLY E 328 -28.43 -29.89 30.75
CA GLY E 328 -29.02 -29.24 29.56
C GLY E 328 -29.27 -27.76 29.77
N ALA E 329 -28.92 -27.20 30.93
CA ALA E 329 -29.13 -25.76 31.24
C ALA E 329 -27.82 -25.12 31.69
N ALA E 330 -27.61 -23.87 31.28
CA ALA E 330 -26.48 -23.02 31.74
C ALA E 330 -26.62 -22.78 33.24
N SER E 331 -25.50 -22.71 33.92
CA SER E 331 -25.46 -22.22 35.32
C SER E 331 -25.40 -20.69 35.26
N ILE E 332 -25.76 -20.02 36.35
CA ILE E 332 -25.61 -18.54 36.50
C ILE E 332 -24.15 -18.19 36.24
N GLU E 333 -23.23 -18.90 36.90
CA GLU E 333 -21.75 -18.70 36.85
C GLU E 333 -21.28 -18.65 35.39
N GLU E 334 -21.73 -19.60 34.58
CA GLU E 334 -21.32 -19.76 33.16
C GLU E 334 -21.77 -18.54 32.37
N THR E 335 -23.03 -18.11 32.53
CA THR E 335 -23.57 -16.94 31.78
C THR E 335 -22.78 -15.69 32.19
N VAL E 336 -22.55 -15.49 33.49
CA VAL E 336 -21.85 -14.27 33.99
C VAL E 336 -20.43 -14.24 33.43
N PHE E 337 -19.71 -15.36 33.53
CA PHE E 337 -18.28 -15.42 33.10
C PHE E 337 -18.20 -15.14 31.59
N LEU E 338 -19.03 -15.80 30.79
CA LEU E 338 -19.01 -15.63 29.32
C LEU E 338 -19.27 -14.16 28.98
N PHE E 339 -20.34 -13.58 29.52
CA PHE E 339 -20.76 -12.19 29.20
C PHE E 339 -19.68 -11.21 29.68
N ASN E 340 -19.17 -11.43 30.89
CA ASN E 340 -18.16 -10.53 31.47
C ASN E 340 -16.91 -10.51 30.58
N CYS E 341 -16.42 -11.67 30.15
CA CYS E 341 -15.22 -11.78 29.30
C CYS E 341 -15.46 -11.06 27.96
N ALA E 342 -16.58 -11.31 27.29
CA ALA E 342 -16.87 -10.75 25.95
C ALA E 342 -16.99 -9.22 26.01
N THR E 343 -17.69 -8.69 27.02
CA THR E 343 -17.95 -7.23 27.13
C THR E 343 -16.65 -6.50 27.44
N HIS E 344 -15.73 -7.08 28.24
CA HIS E 344 -14.47 -6.42 28.64
C HIS E 344 -13.38 -6.63 27.58
N GLN E 345 -13.23 -7.85 27.07
CA GLN E 345 -12.03 -8.24 26.28
C GLN E 345 -12.28 -8.02 24.77
N LEU E 346 -13.53 -8.05 24.30
CA LEU E 346 -13.85 -7.94 22.85
C LEU E 346 -14.53 -6.60 22.54
N HIS E 347 -15.70 -6.32 23.09
CA HIS E 347 -16.49 -5.11 22.73
C HIS E 347 -17.45 -4.71 23.86
N ARG E 348 -17.23 -3.54 24.45
CA ARG E 348 -18.08 -2.96 25.51
C ARG E 348 -19.50 -2.70 25.01
N GLY E 349 -19.67 -2.45 23.71
CA GLY E 349 -20.99 -2.32 23.06
C GLY E 349 -21.87 -3.53 23.26
N LEU E 350 -21.29 -4.71 23.48
CA LEU E 350 -22.09 -5.95 23.73
C LEU E 350 -22.87 -5.79 25.04
N ASN E 351 -22.39 -4.96 25.96
CA ASN E 351 -23.03 -4.75 27.28
C ASN E 351 -24.47 -4.28 27.09
N GLY E 352 -24.68 -3.35 26.15
CA GLY E 352 -26.00 -2.74 25.88
C GLY E 352 -26.74 -3.48 24.80
N SER E 353 -26.20 -4.59 24.31
CA SER E 353 -26.80 -5.37 23.21
C SER E 353 -27.83 -6.34 23.80
N GLU E 354 -28.77 -6.78 22.97
CA GLU E 354 -29.89 -7.64 23.39
C GLU E 354 -29.45 -9.11 23.30
N LEU E 355 -29.67 -9.84 24.40
CA LEU E 355 -29.49 -11.30 24.51
C LEU E 355 -30.66 -11.97 23.79
N ARG E 356 -30.39 -12.66 22.69
CA ARG E 356 -31.45 -13.37 21.92
C ARG E 356 -31.57 -14.81 22.43
N LYS E 357 -30.47 -15.48 22.77
CA LYS E 357 -30.49 -16.92 23.08
C LYS E 357 -29.24 -17.30 23.89
N VAL E 358 -29.44 -18.01 24.99
CA VAL E 358 -28.39 -18.73 25.75
C VAL E 358 -28.44 -20.17 25.25
N GLN E 359 -27.33 -20.68 24.69
CA GLN E 359 -27.28 -22.05 24.10
C GLN E 359 -26.42 -22.93 25.00
N VAL E 360 -26.80 -24.18 25.15
CA VAL E 360 -26.09 -25.19 25.96
C VAL E 360 -25.98 -26.47 25.12
N GLY E 361 -24.77 -27.02 25.02
CA GLY E 361 -24.51 -28.32 24.36
C GLY E 361 -23.40 -29.06 25.06
N SER E 362 -23.28 -30.35 24.78
CA SER E 362 -22.30 -31.26 25.42
C SER E 362 -21.24 -31.61 24.40
N ARG E 363 -20.03 -31.05 24.57
CA ARG E 363 -18.82 -31.55 23.89
C ARG E 363 -18.61 -32.98 24.38
N PRO E 364 -18.54 -33.99 23.46
CA PRO E 364 -18.22 -35.36 23.86
C PRO E 364 -16.78 -35.41 24.37
N ALA E 365 -16.59 -35.57 25.69
CA ALA E 365 -15.27 -35.51 26.36
C ALA E 365 -14.76 -36.92 26.63
N PRO E 366 -13.86 -37.47 25.80
CA PRO E 366 -13.34 -38.82 26.03
C PRO E 366 -12.42 -38.85 27.27
N ILE E 367 -12.56 -39.87 28.10
CA ILE E 367 -11.82 -40.02 29.39
C ILE E 367 -10.31 -40.04 29.16
N ASP E 368 -9.81 -40.42 27.98
CA ASP E 368 -8.35 -40.54 27.72
C ASP E 368 -7.91 -39.40 26.80
N GLY E 369 -8.80 -38.47 26.48
CA GLY E 369 -8.44 -37.18 25.83
C GLY E 369 -8.40 -37.26 24.31
N PHE E 370 -8.78 -38.39 23.69
CA PHE E 370 -8.69 -38.53 22.21
C PHE E 370 -9.98 -39.14 21.64
N PRO E 371 -10.30 -38.82 20.37
CA PRO E 371 -11.55 -39.27 19.77
C PRO E 371 -11.62 -40.80 19.59
N LEU E 372 -12.86 -41.25 19.37
CA LEU E 372 -13.25 -42.64 19.12
C LEU E 372 -13.83 -42.71 17.70
N ILE E 373 -13.02 -43.13 16.74
CA ILE E 373 -13.33 -43.07 15.28
C ILE E 373 -12.97 -44.41 14.64
N GLY E 374 -13.96 -45.16 14.16
CA GLY E 374 -13.72 -46.35 13.33
C GLY E 374 -14.53 -47.54 13.79
N GLY E 375 -14.01 -48.74 13.56
CA GLY E 375 -14.71 -50.03 13.71
C GLY E 375 -14.50 -50.59 15.11
N THR E 376 -15.24 -51.66 15.43
CA THR E 376 -15.24 -52.35 16.73
C THR E 376 -15.04 -53.85 16.48
N SER E 377 -15.06 -54.65 17.54
CA SER E 377 -14.99 -56.12 17.51
C SER E 377 -16.33 -56.69 17.03
N VAL E 378 -17.36 -55.84 16.88
CA VAL E 378 -18.72 -56.25 16.45
C VAL E 378 -18.87 -55.88 14.97
N GLU E 379 -19.08 -56.89 14.11
CA GLU E 379 -19.17 -56.70 12.65
C GLU E 379 -20.30 -55.70 12.37
N GLY E 380 -20.04 -54.70 11.54
CA GLY E 380 -21.01 -53.65 11.16
C GLY E 380 -21.22 -52.56 12.19
N LEU E 381 -20.56 -52.61 13.36
CA LEU E 381 -20.69 -51.57 14.41
C LEU E 381 -19.50 -50.59 14.31
N TRP E 382 -19.81 -49.32 14.08
CA TRP E 382 -18.86 -48.20 13.90
C TRP E 382 -19.20 -47.09 14.91
N MET E 383 -18.20 -46.27 15.25
CA MET E 383 -18.30 -45.16 16.21
C MET E 383 -17.62 -43.93 15.60
N LEU E 384 -18.27 -42.78 15.75
CA LEU E 384 -17.74 -41.44 15.43
C LEU E 384 -18.10 -40.53 16.61
N SER E 385 -17.16 -40.32 17.53
CA SER E 385 -17.44 -39.56 18.77
C SER E 385 -16.16 -39.18 19.51
N GLY E 386 -16.35 -38.59 20.69
CA GLY E 386 -15.27 -38.12 21.58
C GLY E 386 -14.44 -37.03 20.95
N THR E 387 -15.03 -36.15 20.14
CA THR E 387 -14.28 -35.10 19.41
C THR E 387 -14.11 -33.80 20.24
N TYR E 388 -14.77 -33.70 21.38
CA TYR E 388 -14.57 -32.59 22.36
C TYR E 388 -14.80 -31.24 21.66
N ARG E 389 -13.74 -30.45 21.43
CA ARG E 389 -13.83 -29.03 20.97
C ARG E 389 -13.85 -28.92 19.44
N ASP E 390 -13.54 -29.98 18.67
CA ASP E 390 -13.21 -29.78 17.23
C ASP E 390 -13.74 -30.90 16.33
N GLY E 391 -14.80 -31.59 16.72
CA GLY E 391 -15.47 -32.56 15.85
C GLY E 391 -16.17 -31.89 14.70
N LEU E 392 -16.76 -30.71 14.90
CA LEU E 392 -17.43 -29.99 13.79
C LEU E 392 -16.37 -29.64 12.74
N HIS E 393 -15.23 -29.09 13.15
CA HIS E 393 -14.14 -28.73 12.20
C HIS E 393 -13.65 -30.00 11.47
N MET E 394 -13.49 -31.11 12.18
CA MET E 394 -12.87 -32.33 11.61
C MET E 394 -13.91 -33.16 10.83
N SER E 395 -15.20 -32.80 10.91
CA SER E 395 -16.35 -33.61 10.41
C SER E 395 -16.13 -34.11 8.99
N PRO E 396 -15.79 -33.30 7.96
CA PRO E 396 -15.70 -33.84 6.60
C PRO E 396 -14.59 -34.91 6.47
N LEU E 397 -13.47 -34.74 7.17
CA LEU E 397 -12.36 -35.72 7.18
C LEU E 397 -12.82 -36.99 7.91
N LEU E 398 -13.44 -36.86 9.09
CA LEU E 398 -13.81 -38.04 9.91
C LEU E 398 -14.89 -38.85 9.17
N ALA E 399 -15.83 -38.16 8.53
CA ALA E 399 -16.95 -38.78 7.79
C ALA E 399 -16.37 -39.65 6.68
N ARG E 400 -15.46 -39.09 5.88
CA ARG E 400 -14.84 -39.77 4.72
C ARG E 400 -13.99 -40.94 5.21
N HIS E 401 -13.26 -40.77 6.33
CA HIS E 401 -12.48 -41.87 6.94
C HIS E 401 -13.41 -43.06 7.22
N VAL E 402 -14.51 -42.85 7.95
CA VAL E 402 -15.37 -43.97 8.41
C VAL E 402 -16.06 -44.61 7.20
N VAL E 403 -16.48 -43.80 6.23
CA VAL E 403 -17.18 -44.30 5.00
C VAL E 403 -16.22 -45.16 4.18
N SER E 404 -14.96 -44.73 4.05
CA SER E 404 -13.87 -45.52 3.41
C SER E 404 -13.73 -46.87 4.11
N LEU E 405 -13.62 -46.89 5.45
CA LEU E 405 -13.52 -48.15 6.24
C LEU E 405 -14.72 -49.05 5.95
N MET E 406 -15.93 -48.50 5.93
CA MET E 406 -17.18 -49.27 5.71
C MET E 406 -17.19 -49.90 4.31
N ASP E 407 -16.46 -49.31 3.37
CA ASP E 407 -16.38 -49.72 1.95
C ASP E 407 -15.18 -50.67 1.74
N GLY E 408 -14.47 -51.06 2.80
CA GLY E 408 -13.30 -51.95 2.75
C GLY E 408 -11.99 -51.20 2.50
N GLY E 409 -12.03 -49.86 2.45
CA GLY E 409 -10.83 -49.00 2.29
C GLY E 409 -10.06 -48.87 3.60
N THR E 410 -8.99 -48.08 3.61
CA THR E 410 -8.15 -47.80 4.80
C THR E 410 -8.35 -46.34 5.26
N GLY E 411 -9.21 -45.58 4.58
CA GLY E 411 -9.55 -44.19 4.94
C GLY E 411 -8.32 -43.32 5.05
N VAL E 412 -8.20 -42.55 6.13
CA VAL E 412 -7.14 -41.51 6.32
C VAL E 412 -6.05 -42.11 7.17
N ASP E 413 -4.78 -41.97 6.77
CA ASP E 413 -3.61 -42.41 7.57
C ASP E 413 -3.61 -41.64 8.90
N GLY E 414 -3.21 -42.29 9.98
CA GLY E 414 -3.00 -41.62 11.28
C GLY E 414 -4.25 -41.52 12.15
N LEU E 415 -5.43 -41.90 11.65
CA LEU E 415 -6.68 -42.00 12.44
C LEU E 415 -6.86 -43.41 13.05
N ARG E 416 -5.99 -44.37 12.71
CA ARG E 416 -5.99 -45.75 13.26
C ARG E 416 -5.75 -45.72 14.77
N GLU E 417 -4.88 -44.84 15.25
CA GLU E 417 -4.55 -44.71 16.70
C GLU E 417 -5.79 -44.34 17.51
N PHE E 418 -6.83 -43.78 16.86
CA PHE E 418 -8.05 -43.26 17.54
C PHE E 418 -9.21 -44.21 17.35
N ARG E 419 -8.93 -45.46 16.99
CA ARG E 419 -9.92 -46.57 16.92
C ARG E 419 -10.67 -46.62 18.24
N PRO E 420 -12.00 -46.81 18.22
CA PRO E 420 -12.82 -46.68 19.43
C PRO E 420 -12.62 -47.79 20.46
N GLU E 421 -12.25 -48.99 20.01
CA GLU E 421 -12.09 -50.16 20.89
C GLU E 421 -10.60 -50.26 21.24
N ARG E 422 -10.23 -49.85 22.44
CA ARG E 422 -8.82 -49.64 22.82
C ARG E 422 -8.72 -49.60 24.35
N ASP E 423 -7.54 -49.95 24.85
CA ASP E 423 -7.08 -49.57 26.20
C ASP E 423 -7.06 -48.02 26.24
N LEU E 424 -7.31 -47.43 27.40
CA LEU E 424 -7.17 -45.96 27.58
C LEU E 424 -5.77 -45.55 27.11
N ILE E 425 -5.70 -44.52 26.28
CA ILE E 425 -4.42 -43.83 25.93
C ILE E 425 -3.86 -43.14 27.17
N SER E 426 -2.54 -43.16 27.34
CA SER E 426 -1.79 -42.36 28.35
C SER E 426 -0.85 -41.42 27.59
N ALA E 427 -1.35 -40.28 27.11
CA ALA E 427 -0.63 -39.37 26.20
C ALA E 427 0.35 -38.50 27.01
N TRP E 428 0.18 -38.41 28.33
CA TRP E 428 1.05 -37.58 29.21
C TRP E 428 1.43 -38.38 30.46
N SER E 429 2.59 -38.08 31.03
CA SER E 429 3.00 -38.55 32.38
C SER E 429 2.05 -37.98 33.43
N ARG E 430 1.90 -38.68 34.55
CA ARG E 430 1.16 -38.21 35.74
C ARG E 430 1.70 -36.85 36.17
N GLU E 431 3.02 -36.69 36.18
CA GLU E 431 3.70 -35.43 36.57
C GLU E 431 3.24 -34.28 35.66
N GLU E 432 3.22 -34.51 34.35
CA GLU E 432 2.77 -33.49 33.36
C GLU E 432 1.34 -33.07 33.70
N ILE E 433 0.46 -34.03 33.97
CA ILE E 433 -0.98 -33.77 34.22
C ILE E 433 -1.13 -33.01 35.54
N LEU E 434 -0.38 -33.39 36.57
CA LEU E 434 -0.42 -32.70 37.88
C LEU E 434 0.06 -31.26 37.73
N ASP E 435 1.13 -30.98 36.98
CA ASP E 435 1.55 -29.59 36.68
C ASP E 435 0.40 -28.87 35.96
N ASP E 436 -0.23 -29.53 34.98
CA ASP E 436 -1.29 -28.91 34.13
C ASP E 436 -2.50 -28.57 35.01
N VAL E 437 -2.96 -29.50 35.86
CA VAL E 437 -4.23 -29.31 36.61
C VAL E 437 -4.06 -28.14 37.58
N VAL E 438 -2.88 -28.00 38.20
CA VAL E 438 -2.62 -26.88 39.15
C VAL E 438 -2.58 -25.55 38.38
N ARG E 439 -1.90 -25.52 37.23
CA ARG E 439 -1.84 -24.30 36.39
C ARG E 439 -3.25 -23.89 35.96
N HIS E 440 -4.06 -24.84 35.50
CA HIS E 440 -5.44 -24.57 35.01
C HIS E 440 -6.30 -24.09 36.19
N THR E 441 -6.14 -24.69 37.38
CA THR E 441 -6.88 -24.26 38.59
C THR E 441 -6.55 -22.78 38.88
N MET E 442 -5.27 -22.44 38.88
CA MET E 442 -4.82 -21.04 39.12
C MET E 442 -5.35 -20.13 38.02
N ALA E 443 -5.41 -20.62 36.77
CA ALA E 443 -5.91 -19.84 35.61
C ALA E 443 -7.37 -19.43 35.82
N THR E 444 -8.19 -20.23 36.52
CA THR E 444 -9.60 -19.87 36.80
C THR E 444 -9.63 -18.58 37.63
N GLY E 445 -8.60 -18.32 38.44
CA GLY E 445 -8.47 -17.06 39.20
C GLY E 445 -8.10 -15.91 38.27
N TYR E 446 -7.02 -16.05 37.52
CA TYR E 446 -6.48 -14.96 36.67
C TYR E 446 -7.47 -14.60 35.56
N GLU E 447 -8.31 -15.54 35.11
CA GLU E 447 -9.27 -15.32 33.99
C GLU E 447 -10.51 -14.56 34.48
N PHE E 448 -10.77 -14.54 35.80
CA PHE E 448 -12.02 -14.01 36.39
C PHE E 448 -12.24 -12.55 36.02
N PRO E 449 -11.27 -11.61 36.17
CA PRO E 449 -10.00 -11.81 36.86
C PRO E 449 -10.17 -11.47 38.35
N TRP E 450 -9.52 -12.21 39.22
CA TRP E 450 -9.61 -11.95 40.68
C TRP E 450 -8.73 -10.76 41.05
N ARG E 451 -8.90 -10.23 42.24
CA ARG E 451 -7.98 -9.26 42.89
C ARG E 451 -7.77 -9.75 44.31
N LEU E 452 -6.54 -10.13 44.65
CA LEU E 452 -6.16 -10.86 45.89
C LEU E 452 -4.94 -10.18 46.48
N PRO E 453 -4.64 -10.38 47.78
CA PRO E 453 -3.33 -10.05 48.32
C PRO E 453 -2.25 -10.82 47.54
N LEU E 454 -1.10 -10.20 47.35
CA LEU E 454 -0.05 -10.72 46.44
C LEU E 454 0.55 -12.04 46.96
N GLU E 455 0.46 -12.37 48.26
CA GLU E 455 1.01 -13.65 48.79
C GLU E 455 0.03 -14.80 48.52
N TRP E 456 -1.23 -14.50 48.19
CA TRP E 456 -2.27 -15.56 48.17
C TRP E 456 -2.06 -16.56 47.03
N PRO E 457 -1.78 -16.12 45.78
CA PRO E 457 -1.60 -17.07 44.68
C PRO E 457 -0.51 -18.13 44.96
N HIS E 458 0.65 -17.73 45.45
CA HIS E 458 1.75 -18.69 45.78
C HIS E 458 1.26 -19.67 46.86
N MET E 459 0.57 -19.16 47.88
CA MET E 459 0.01 -20.01 48.96
C MET E 459 -0.97 -21.03 48.34
N MET E 460 -1.83 -20.61 47.41
CA MET E 460 -2.83 -21.54 46.83
C MET E 460 -2.13 -22.58 45.92
N GLU E 461 -1.13 -22.16 45.13
CA GLU E 461 -0.34 -23.09 44.28
C GLU E 461 0.25 -24.19 45.16
N THR E 462 0.93 -23.82 46.25
CA THR E 462 1.56 -24.75 47.21
C THR E 462 0.49 -25.72 47.74
N PHE E 463 -0.68 -25.25 48.14
CA PHE E 463 -1.68 -26.09 48.85
C PHE E 463 -2.56 -26.88 47.87
N LEU E 464 -2.49 -26.60 46.56
CA LEU E 464 -3.24 -27.37 45.53
C LEU E 464 -2.48 -28.65 45.14
N GLN E 465 -1.15 -28.65 45.24
CA GLN E 465 -0.29 -29.73 44.67
C GLN E 465 -0.59 -31.07 45.35
N GLY E 466 -0.60 -31.06 46.69
CA GLY E 466 -0.80 -32.27 47.53
C GLY E 466 -2.12 -32.97 47.23
N PRO E 467 -3.27 -32.29 47.36
CA PRO E 467 -4.56 -32.93 47.11
C PRO E 467 -4.72 -33.53 45.71
N PHE E 468 -4.16 -32.90 44.67
CA PHE E 468 -4.25 -33.44 43.29
C PHE E 468 -3.33 -34.66 43.15
N ALA E 469 -2.12 -34.60 43.71
CA ALA E 469 -1.17 -35.76 43.73
C ALA E 469 -1.84 -36.95 44.43
N GLU E 470 -2.47 -36.72 45.58
CA GLU E 470 -3.16 -37.75 46.39
C GLU E 470 -4.31 -38.36 45.56
N LEU E 471 -5.08 -37.53 44.86
CA LEU E 471 -6.24 -38.00 44.07
C LEU E 471 -5.74 -38.89 42.93
N ALA E 472 -4.72 -38.43 42.20
CA ALA E 472 -4.16 -39.12 41.01
C ALA E 472 -3.67 -40.53 41.42
N ASP E 473 -2.97 -40.60 42.56
CA ASP E 473 -2.39 -41.85 43.12
C ASP E 473 -3.51 -42.80 43.54
N ARG E 474 -4.59 -42.28 44.10
CA ARG E 474 -5.75 -43.04 44.58
C ARG E 474 -6.56 -43.61 43.40
N LEU E 475 -6.66 -42.89 42.29
CA LEU E 475 -7.61 -43.27 41.19
C LEU E 475 -7.12 -44.56 40.52
N SER E 476 -5.81 -44.71 40.31
CA SER E 476 -5.23 -45.82 39.52
C SER E 476 -3.71 -45.79 39.61
N ASP E 477 -3.09 -46.97 39.51
CA ASP E 477 -1.60 -47.13 39.44
C ASP E 477 -1.13 -46.89 38.01
N THR E 478 -2.03 -46.90 37.01
CA THR E 478 -1.58 -46.83 35.59
C THR E 478 -2.25 -45.65 34.87
N TYR E 479 -3.55 -45.41 35.05
CA TYR E 479 -4.28 -44.36 34.29
C TYR E 479 -4.30 -43.04 35.07
N THR E 480 -4.09 -41.92 34.37
CA THR E 480 -4.28 -40.55 34.90
C THR E 480 -5.26 -39.79 33.99
N PRO E 481 -6.40 -39.31 34.54
CA PRO E 481 -7.32 -38.48 33.76
C PRO E 481 -6.65 -37.16 33.39
N PRO E 482 -6.89 -36.63 32.17
CA PRO E 482 -6.43 -35.29 31.83
C PRO E 482 -7.05 -34.23 32.76
N ALA E 483 -6.42 -33.06 32.88
CA ALA E 483 -6.76 -31.99 33.85
C ALA E 483 -8.26 -31.67 33.85
N ASP E 484 -8.86 -31.52 32.67
CA ASP E 484 -10.29 -31.13 32.50
C ASP E 484 -11.17 -32.10 33.29
N LEU E 485 -10.86 -33.40 33.21
CA LEU E 485 -11.65 -34.44 33.89
C LEU E 485 -11.19 -34.57 35.35
N MET E 486 -9.89 -34.41 35.62
CA MET E 486 -9.35 -34.57 36.99
C MET E 486 -10.01 -33.55 37.92
N THR E 487 -10.20 -32.29 37.48
CA THR E 487 -10.86 -31.26 38.33
C THR E 487 -12.30 -31.70 38.60
N ALA E 488 -13.04 -32.19 37.60
CA ALA E 488 -14.42 -32.66 37.78
C ALA E 488 -14.45 -33.80 38.81
N ILE E 489 -13.51 -34.73 38.72
CA ILE E 489 -13.44 -35.89 39.67
C ILE E 489 -13.09 -35.38 41.07
N MET E 490 -12.10 -34.48 41.18
CA MET E 490 -11.67 -33.91 42.49
C MET E 490 -12.91 -33.38 43.25
N PHE E 491 -13.84 -32.74 42.57
CA PHE E 491 -14.99 -32.04 43.22
C PHE E 491 -16.29 -32.83 43.07
N SER E 492 -16.21 -34.10 42.66
CA SER E 492 -17.41 -35.01 42.57
C SER E 492 -17.64 -35.68 43.92
N GLU E 493 -18.74 -36.40 44.09
CA GLU E 493 -19.07 -37.17 45.33
C GLU E 493 -18.07 -38.33 45.48
N ARG E 494 -17.80 -38.76 46.71
CA ARG E 494 -16.93 -39.92 47.05
C ARG E 494 -17.38 -41.17 46.26
N GLU E 495 -18.69 -41.39 46.15
CA GLU E 495 -19.30 -42.56 45.45
C GLU E 495 -18.91 -42.51 43.97
N GLN E 496 -18.89 -41.31 43.36
CA GLN E 496 -18.52 -41.13 41.93
C GLN E 496 -17.02 -41.38 41.75
N GLN E 497 -16.19 -40.94 42.70
CA GLN E 497 -14.74 -41.20 42.68
C GLN E 497 -14.49 -42.72 42.76
N ASP E 498 -15.17 -43.40 43.68
CA ASP E 498 -14.98 -44.85 43.93
C ASP E 498 -15.42 -45.62 42.69
N GLU E 499 -16.52 -45.22 42.05
CA GLU E 499 -17.03 -45.86 40.81
C GLU E 499 -15.96 -45.74 39.72
N LEU E 500 -15.25 -44.62 39.63
CA LEU E 500 -14.18 -44.40 38.61
C LEU E 500 -12.96 -45.27 38.95
N ILE E 501 -12.63 -45.40 40.23
CA ILE E 501 -11.50 -46.28 40.69
C ILE E 501 -11.80 -47.70 40.18
N ALA E 502 -13.03 -48.18 40.37
CA ALA E 502 -13.50 -49.50 39.92
C ALA E 502 -13.42 -49.57 38.38
N TYR E 503 -13.91 -48.55 37.68
CA TYR E 503 -13.88 -48.48 36.19
C TYR E 503 -12.43 -48.66 35.71
N TYR E 504 -11.50 -47.87 36.24
CA TYR E 504 -10.07 -47.89 35.84
C TYR E 504 -9.49 -49.29 36.10
N ALA E 505 -9.82 -49.91 37.23
CA ALA E 505 -9.32 -51.26 37.62
C ALA E 505 -9.88 -52.31 36.65
N ASP E 506 -11.17 -52.19 36.26
CA ASP E 506 -11.83 -53.12 35.29
C ASP E 506 -11.18 -52.96 33.91
N VAL E 507 -10.84 -51.74 33.49
CA VAL E 507 -10.15 -51.50 32.19
C VAL E 507 -8.77 -52.17 32.25
N HIS E 508 -8.03 -52.00 33.35
CA HIS E 508 -6.66 -52.56 33.51
C HIS E 508 -6.72 -54.09 33.32
N ARG E 509 -7.62 -54.72 34.07
CA ARG E 509 -7.93 -56.18 34.07
C ARG E 509 -8.25 -56.65 32.64
N GLU E 510 -8.99 -55.87 31.86
CA GLU E 510 -9.45 -56.25 30.48
C GLU E 510 -8.27 -56.23 29.51
N TRP E 511 -7.32 -55.30 29.64
CA TRP E 511 -6.30 -55.03 28.58
C TRP E 511 -4.90 -55.51 29.02
N HIS E 512 -4.72 -55.94 30.27
CA HIS E 512 -3.40 -56.37 30.81
C HIS E 512 -3.52 -57.72 31.54
N GLN F 31 -74.35 -0.45 22.95
CA GLN F 31 -74.50 -1.71 23.74
C GLN F 31 -74.40 -1.35 25.23
N THR F 32 -74.66 -2.32 26.11
CA THR F 32 -74.20 -2.38 27.52
C THR F 32 -73.04 -3.37 27.63
N ASP F 33 -72.49 -3.78 26.50
CA ASP F 33 -71.28 -4.65 26.38
C ASP F 33 -70.06 -3.92 26.96
N VAL F 34 -69.19 -4.66 27.66
CA VAL F 34 -67.90 -4.15 28.19
C VAL F 34 -66.76 -4.85 27.45
N ILE F 35 -65.81 -4.08 26.93
CA ILE F 35 -64.51 -4.59 26.41
C ILE F 35 -63.41 -4.14 27.36
N VAL F 36 -62.65 -5.09 27.91
CA VAL F 36 -61.38 -4.84 28.65
C VAL F 36 -60.24 -5.04 27.66
N VAL F 37 -59.46 -3.98 27.40
CA VAL F 37 -58.27 -4.03 26.52
C VAL F 37 -57.04 -4.28 27.41
N GLY F 38 -56.54 -5.52 27.40
CA GLY F 38 -55.32 -5.92 28.09
C GLY F 38 -55.54 -7.14 28.97
N ASN F 39 -54.58 -8.06 28.98
CA ASN F 39 -54.73 -9.37 29.66
C ASN F 39 -53.58 -9.57 30.66
N GLY F 40 -53.10 -8.49 31.24
CA GLY F 40 -52.21 -8.53 32.42
C GLY F 40 -53.03 -8.70 33.67
N VAL F 41 -52.41 -8.51 34.83
CA VAL F 41 -53.11 -8.58 36.15
C VAL F 41 -54.21 -7.52 36.21
N LEU F 42 -54.02 -6.32 35.67
CA LEU F 42 -55.00 -5.22 35.88
C LEU F 42 -56.23 -5.49 35.01
N GLY F 43 -56.03 -5.82 33.73
CA GLY F 43 -57.15 -6.13 32.80
C GLY F 43 -57.97 -7.29 33.30
N LEU F 44 -57.32 -8.39 33.64
CA LEU F 44 -57.99 -9.61 34.10
C LEU F 44 -58.68 -9.37 35.44
N SER F 45 -58.05 -8.61 36.35
CA SER F 45 -58.60 -8.34 37.70
C SER F 45 -59.88 -7.51 37.55
N VAL F 46 -59.87 -6.49 36.69
CA VAL F 46 -61.04 -5.63 36.44
C VAL F 46 -62.09 -6.45 35.66
N GLY F 47 -61.66 -7.29 34.71
CA GLY F 47 -62.56 -8.21 33.96
C GLY F 47 -63.31 -9.11 34.91
N VAL F 48 -62.61 -9.72 35.87
CA VAL F 48 -63.22 -10.64 36.87
C VAL F 48 -64.25 -9.85 37.69
N GLU F 49 -63.90 -8.65 38.17
CA GLU F 49 -64.79 -7.88 39.08
C GLU F 49 -66.04 -7.41 38.32
N ILE F 50 -65.89 -6.98 37.08
CA ILE F 50 -67.02 -6.53 36.22
C ILE F 50 -67.94 -7.73 35.99
N ALA F 51 -67.39 -8.86 35.51
CA ALA F 51 -68.14 -10.09 35.18
C ALA F 51 -68.90 -10.59 36.40
N ARG F 52 -68.30 -10.56 37.60
CA ARG F 52 -68.92 -11.04 38.86
C ARG F 52 -70.03 -10.08 39.32
N THR F 53 -69.95 -8.80 38.97
CA THR F 53 -70.81 -7.72 39.53
C THR F 53 -71.97 -7.37 38.58
N ARG F 54 -71.80 -7.58 37.27
CA ARG F 54 -72.85 -7.38 36.22
C ARG F 54 -73.05 -8.68 35.43
N PRO F 55 -73.70 -9.72 36.00
CA PRO F 55 -73.90 -10.99 35.31
C PRO F 55 -74.78 -10.83 34.05
N ASP F 56 -75.52 -9.72 33.98
CA ASP F 56 -76.47 -9.37 32.89
C ASP F 56 -75.73 -8.82 31.66
N VAL F 57 -74.47 -8.38 31.77
CA VAL F 57 -73.72 -7.75 30.64
C VAL F 57 -72.67 -8.74 30.10
N ARG F 58 -72.41 -8.67 28.80
CA ARG F 58 -71.29 -9.35 28.12
C ARG F 58 -69.99 -8.56 28.38
N VAL F 59 -69.00 -9.19 29.02
CA VAL F 59 -67.63 -8.66 29.20
C VAL F 59 -66.67 -9.48 28.35
N THR F 60 -65.99 -8.84 27.41
CA THR F 60 -64.96 -9.43 26.52
C THR F 60 -63.60 -8.87 26.90
N LEU F 61 -62.59 -9.73 27.04
CA LEU F 61 -61.21 -9.29 27.39
C LEU F 61 -60.27 -9.64 26.22
N LEU F 62 -59.62 -8.61 25.68
CA LEU F 62 -58.71 -8.67 24.52
C LEU F 62 -57.27 -8.84 25.03
N GLY F 63 -56.38 -9.38 24.20
CA GLY F 63 -54.97 -9.66 24.50
C GLY F 63 -54.61 -11.10 24.18
N LYS F 64 -53.33 -11.35 23.89
CA LYS F 64 -52.85 -12.64 23.31
C LYS F 64 -52.05 -13.41 24.34
N PRO F 65 -51.93 -14.75 24.17
CA PRO F 65 -51.17 -15.59 25.11
C PRO F 65 -49.69 -15.19 25.20
N ALA F 66 -49.11 -14.64 24.13
CA ALA F 66 -47.71 -14.16 24.07
C ALA F 66 -47.46 -13.08 25.12
N ARG F 67 -48.49 -12.26 25.44
CA ARG F 67 -48.39 -11.14 26.41
C ARG F 67 -47.11 -10.34 26.13
N GLN F 68 -46.99 -9.83 24.93
CA GLN F 68 -45.81 -9.04 24.50
C GLN F 68 -45.60 -7.90 25.50
N TYR F 69 -44.35 -7.72 25.95
CA TYR F 69 -43.89 -6.66 26.88
C TYR F 69 -44.58 -6.77 28.24
N GLY F 70 -45.29 -7.87 28.50
CA GLY F 70 -46.15 -8.04 29.69
C GLY F 70 -45.34 -7.96 30.96
N ALA F 71 -45.64 -6.98 31.81
CA ALA F 71 -45.06 -6.80 33.16
C ALA F 71 -45.40 -8.00 34.05
N THR F 72 -46.68 -8.39 34.10
CA THR F 72 -47.24 -9.36 35.07
C THR F 72 -46.48 -10.69 35.00
N PRO F 73 -46.31 -11.33 33.83
CA PRO F 73 -45.62 -12.63 33.76
C PRO F 73 -44.13 -12.57 34.14
N ALA F 74 -43.52 -11.38 34.04
CA ALA F 74 -42.11 -11.15 34.43
C ALA F 74 -41.99 -10.87 35.95
N ALA F 75 -43.11 -10.76 36.65
CA ALA F 75 -43.12 -10.38 38.09
C ALA F 75 -43.02 -11.61 38.98
N GLY F 76 -42.48 -11.44 40.19
CA GLY F 76 -42.15 -12.52 41.12
C GLY F 76 -43.38 -13.29 41.60
N ALA F 77 -44.27 -12.61 42.34
CA ALA F 77 -44.23 -11.18 42.57
C ALA F 77 -44.46 -10.90 44.06
N MET F 78 -43.82 -9.86 44.56
CA MET F 78 -43.95 -9.40 45.95
C MET F 78 -45.28 -8.65 46.11
N LEU F 79 -46.02 -8.90 47.18
CA LEU F 79 -47.16 -8.06 47.60
C LEU F 79 -46.57 -6.89 48.41
N GLY F 80 -45.89 -6.00 47.70
CA GLY F 80 -45.01 -4.95 48.23
C GLY F 80 -45.82 -3.74 48.67
N ALA F 81 -45.77 -3.46 49.97
CA ALA F 81 -46.38 -2.30 50.62
C ALA F 81 -45.28 -1.57 51.42
N PHE F 82 -44.89 -2.12 52.56
CA PHE F 82 -43.81 -1.56 53.42
C PHE F 82 -42.43 -1.74 52.74
N GLY F 83 -42.20 -2.88 52.07
CA GLY F 83 -40.94 -3.15 51.34
C GLY F 83 -40.69 -2.12 50.25
N GLU F 84 -41.74 -1.53 49.68
CA GLU F 84 -41.65 -0.51 48.61
C GLU F 84 -41.40 0.91 49.15
N VAL F 85 -41.39 1.10 50.47
CA VAL F 85 -41.21 2.45 51.08
C VAL F 85 -39.80 2.98 50.77
N THR F 86 -39.71 4.22 50.29
CA THR F 86 -38.44 4.99 50.20
C THR F 86 -38.62 6.34 50.90
N ALA F 87 -37.52 6.91 51.43
CA ALA F 87 -37.51 8.26 52.03
C ALA F 87 -38.08 9.25 51.00
N HIS F 88 -37.65 9.16 49.74
CA HIS F 88 -38.06 10.10 48.65
C HIS F 88 -39.56 10.05 48.39
N ALA F 89 -40.15 8.86 48.30
CA ALA F 89 -41.61 8.68 48.06
C ALA F 89 -42.39 9.32 49.22
N LEU F 90 -42.05 8.98 50.46
CA LEU F 90 -42.78 9.43 51.68
C LEU F 90 -42.49 10.91 52.01
N ALA F 91 -41.58 11.57 51.29
CA ALA F 91 -41.30 13.02 51.43
C ALA F 91 -42.32 13.85 50.63
N SER F 92 -43.07 13.22 49.72
CA SER F 92 -44.09 13.90 48.88
C SER F 92 -45.50 13.49 49.36
N GLU F 93 -46.45 14.41 49.21
CA GLU F 93 -47.88 14.15 49.55
C GLU F 93 -48.41 13.02 48.67
N HIS F 94 -48.13 13.07 47.35
CA HIS F 94 -48.59 12.06 46.37
C HIS F 94 -48.00 10.68 46.75
N GLY F 95 -46.73 10.65 47.17
CA GLY F 95 -46.06 9.43 47.63
C GLY F 95 -46.72 8.81 48.86
N ARG F 96 -47.07 9.64 49.86
CA ARG F 96 -47.75 9.15 51.09
C ARG F 96 -49.15 8.61 50.72
N LYS F 97 -49.84 9.25 49.76
CA LYS F 97 -51.19 8.80 49.30
C LYS F 97 -51.05 7.40 48.66
N LYS F 98 -50.08 7.23 47.76
CA LYS F 98 -49.83 5.94 47.06
C LYS F 98 -49.50 4.87 48.09
N HIS F 99 -48.70 5.19 49.11
CA HIS F 99 -48.32 4.22 50.16
C HIS F 99 -49.56 3.76 50.95
N ALA F 100 -50.44 4.70 51.34
CA ALA F 100 -51.69 4.39 52.08
C ALA F 100 -52.52 3.37 51.28
N LEU F 101 -52.63 3.57 49.96
CA LEU F 101 -53.38 2.66 49.06
C LEU F 101 -52.75 1.26 49.05
N ALA F 102 -51.41 1.15 49.06
CA ALA F 102 -50.70 -0.15 49.08
C ALA F 102 -51.06 -0.88 50.38
N VAL F 103 -51.10 -0.16 51.50
CA VAL F 103 -51.43 -0.78 52.81
C VAL F 103 -52.89 -1.29 52.77
N GLN F 104 -53.79 -0.51 52.19
CA GLN F 104 -55.22 -0.90 52.03
C GLN F 104 -55.33 -2.15 51.14
N ALA F 105 -54.62 -2.17 50.02
CA ALA F 105 -54.64 -3.29 49.05
C ALA F 105 -54.24 -4.60 49.73
N GLN F 106 -53.24 -4.56 50.63
CA GLN F 106 -52.73 -5.76 51.31
C GLN F 106 -53.87 -6.51 52.02
N ARG F 107 -54.79 -5.78 52.64
CA ARG F 107 -55.92 -6.33 53.43
C ARG F 107 -56.86 -7.15 52.51
N LEU F 108 -56.91 -6.85 51.20
CA LEU F 108 -57.85 -7.54 50.26
C LEU F 108 -57.30 -8.88 49.78
N TRP F 109 -56.01 -9.16 49.93
CA TRP F 109 -55.36 -10.28 49.21
C TRP F 109 -55.89 -11.64 49.67
N PRO F 110 -55.99 -11.93 50.99
CA PRO F 110 -56.42 -13.25 51.43
C PRO F 110 -57.78 -13.70 50.85
N GLU F 111 -58.81 -12.85 50.89
CA GLU F 111 -60.16 -13.19 50.36
C GLU F 111 -60.12 -13.25 48.82
N TRP F 112 -59.39 -12.33 48.19
CA TRP F 112 -59.21 -12.28 46.72
C TRP F 112 -58.65 -13.62 46.22
N ILE F 113 -57.58 -14.12 46.86
CA ILE F 113 -56.91 -15.39 46.48
C ILE F 113 -57.90 -16.55 46.69
N GLU F 114 -58.56 -16.60 47.83
CA GLU F 114 -59.61 -17.61 48.15
C GLU F 114 -60.64 -17.66 47.01
N SER F 115 -61.14 -16.49 46.58
CA SER F 115 -62.19 -16.35 45.54
C SER F 115 -61.66 -16.79 44.18
N LEU F 116 -60.34 -16.71 43.94
CA LEU F 116 -59.73 -17.11 42.64
C LEU F 116 -59.44 -18.62 42.63
N GLU F 117 -58.92 -19.14 43.74
CA GLU F 117 -58.57 -20.58 43.86
C GLU F 117 -59.86 -21.41 43.90
N ALA F 118 -60.96 -20.83 44.42
CA ALA F 118 -62.29 -21.47 44.51
C ALA F 118 -62.75 -21.99 43.14
N THR F 119 -62.37 -21.31 42.04
CA THR F 119 -62.80 -21.64 40.66
C THR F 119 -61.94 -22.75 40.04
N GLY F 120 -60.91 -23.23 40.77
CA GLY F 120 -59.99 -24.28 40.29
C GLY F 120 -60.00 -25.48 41.20
N THR F 121 -58.99 -26.36 41.06
CA THR F 121 -58.83 -27.60 41.86
C THR F 121 -57.40 -27.69 42.36
N ALA F 122 -57.11 -28.68 43.23
CA ALA F 122 -55.79 -28.87 43.89
C ALA F 122 -54.65 -28.75 42.87
N ALA F 123 -54.83 -29.34 41.68
CA ALA F 123 -53.73 -29.52 40.68
C ALA F 123 -53.40 -28.18 40.01
N ASP F 124 -54.22 -27.14 40.19
CA ASP F 124 -53.95 -25.80 39.63
C ASP F 124 -52.82 -25.10 40.41
N GLY F 125 -52.50 -25.58 41.61
CA GLY F 125 -51.38 -25.01 42.39
C GLY F 125 -51.79 -23.78 43.16
N ARG F 126 -50.91 -23.27 44.01
CA ARG F 126 -51.26 -22.23 45.02
C ARG F 126 -50.77 -20.87 44.50
N ILE F 127 -51.62 -19.85 44.58
CA ILE F 127 -51.28 -18.46 44.19
C ILE F 127 -50.24 -17.92 45.17
N LYS F 128 -50.44 -18.08 46.48
CA LYS F 128 -49.55 -17.52 47.54
C LYS F 128 -48.30 -18.39 47.64
N THR F 129 -47.11 -17.79 47.63
CA THR F 129 -45.83 -18.54 47.72
C THR F 129 -45.08 -18.20 49.01
N ALA F 130 -45.45 -17.13 49.70
CA ALA F 130 -44.84 -16.73 50.99
C ALA F 130 -45.77 -15.79 51.74
N ASP F 131 -45.71 -15.80 53.07
CA ASP F 131 -46.54 -14.91 53.94
C ASP F 131 -45.73 -13.70 54.40
N ASP F 132 -44.41 -13.84 54.55
CA ASP F 132 -43.55 -12.80 55.20
C ASP F 132 -42.41 -12.40 54.26
N THR F 133 -41.78 -11.27 54.58
CA THR F 133 -40.66 -10.67 53.83
C THR F 133 -39.55 -10.33 54.82
N VAL F 134 -38.30 -10.66 54.50
CA VAL F 134 -37.13 -10.09 55.20
C VAL F 134 -36.49 -9.04 54.29
N VAL F 135 -36.35 -7.81 54.78
CA VAL F 135 -35.58 -6.72 54.12
C VAL F 135 -34.15 -6.76 54.67
N LEU F 136 -33.16 -6.88 53.79
CA LEU F 136 -31.73 -6.97 54.21
C LEU F 136 -31.06 -5.63 53.95
N LEU F 137 -30.16 -5.22 54.84
CA LEU F 137 -29.32 -4.02 54.62
C LEU F 137 -27.86 -4.46 54.54
N ASN F 138 -27.24 -4.26 53.38
CA ASN F 138 -25.81 -4.54 53.12
C ASN F 138 -25.16 -3.25 52.61
N THR F 139 -23.86 -3.27 52.28
CA THR F 139 -23.12 -2.04 51.90
C THR F 139 -22.83 -2.07 50.40
N VAL F 140 -23.56 -2.89 49.64
CA VAL F 140 -23.38 -2.95 48.16
C VAL F 140 -24.37 -1.97 47.54
N GLY F 141 -24.18 -0.69 47.86
CA GLY F 141 -25.11 0.37 47.43
C GLY F 141 -24.76 1.69 48.05
N HIS F 142 -25.50 2.72 47.67
CA HIS F 142 -25.31 4.11 48.16
C HIS F 142 -25.92 4.23 49.56
N SER F 143 -25.18 4.77 50.53
CA SER F 143 -25.73 5.16 51.86
C SER F 143 -26.92 6.10 51.68
N ALA F 144 -26.87 7.02 50.71
CA ALA F 144 -27.91 8.06 50.51
C ALA F 144 -29.24 7.43 50.05
N LEU F 145 -29.22 6.21 49.48
CA LEU F 145 -30.47 5.46 49.19
C LEU F 145 -30.70 4.42 50.30
N ASP F 146 -29.81 3.45 50.44
CA ASP F 146 -30.06 2.22 51.23
C ASP F 146 -30.22 2.57 52.72
N ASP F 147 -29.37 3.45 53.29
CA ASP F 147 -29.47 3.79 54.73
C ASP F 147 -30.78 4.59 54.96
N ALA F 148 -31.03 5.60 54.15
CA ALA F 148 -32.25 6.45 54.25
C ALA F 148 -33.50 5.56 54.10
N ASN F 149 -33.49 4.65 53.12
CA ASN F 149 -34.69 3.85 52.79
C ASN F 149 -34.94 2.82 53.90
N PHE F 150 -33.90 2.24 54.48
CA PHE F 150 -34.07 1.26 55.59
C PHE F 150 -34.75 1.97 56.77
N ALA F 151 -34.29 3.17 57.12
CA ALA F 151 -34.87 3.97 58.23
C ALA F 151 -36.31 4.31 57.89
N ALA F 152 -36.61 4.67 56.64
CA ALA F 152 -37.97 5.07 56.19
C ALA F 152 -38.93 3.87 56.29
N VAL F 153 -38.47 2.66 55.97
CA VAL F 153 -39.28 1.41 56.05
C VAL F 153 -39.63 1.17 57.53
N LEU F 154 -38.63 1.20 58.41
CA LEU F 154 -38.80 1.03 59.87
C LEU F 154 -39.83 2.05 60.40
N THR F 155 -39.73 3.31 59.98
CA THR F 155 -40.61 4.41 60.45
C THR F 155 -42.03 4.14 59.96
N ALA F 156 -42.21 3.77 58.69
CA ALA F 156 -43.54 3.52 58.08
C ALA F 156 -44.21 2.34 58.80
N LEU F 157 -43.46 1.29 59.14
CA LEU F 157 -43.99 0.11 59.86
C LEU F 157 -44.51 0.56 61.25
N LYS F 158 -43.70 1.33 61.99
CA LYS F 158 -44.03 1.82 63.36
C LYS F 158 -45.28 2.73 63.29
N GLU F 159 -45.33 3.66 62.34
CA GLU F 159 -46.46 4.60 62.16
C GLU F 159 -47.76 3.83 61.87
N ALA F 160 -47.70 2.75 61.10
CA ALA F 160 -48.89 1.96 60.69
C ALA F 160 -49.24 0.93 61.78
N ASN F 161 -48.40 0.81 62.81
CA ASN F 161 -48.53 -0.22 63.86
C ASN F 161 -48.54 -1.63 63.23
N ALA F 162 -47.83 -1.81 62.11
CA ALA F 162 -47.75 -3.09 61.37
C ALA F 162 -46.88 -4.07 62.14
N PRO F 163 -47.18 -5.37 62.15
CA PRO F 163 -46.33 -6.35 62.84
C PRO F 163 -45.02 -6.54 62.06
N HIS F 164 -43.89 -6.43 62.76
CA HIS F 164 -42.53 -6.47 62.20
C HIS F 164 -41.55 -6.62 63.34
N GLU F 165 -40.30 -6.95 63.03
CA GLU F 165 -39.22 -7.12 64.03
C GLU F 165 -37.88 -6.96 63.32
N GLU F 166 -37.02 -6.10 63.86
CA GLU F 166 -35.58 -6.10 63.47
C GLU F 166 -34.98 -7.36 64.08
N ILE F 167 -34.37 -8.21 63.27
CA ILE F 167 -33.85 -9.54 63.70
C ILE F 167 -32.33 -9.59 63.47
N ALA F 168 -31.67 -10.47 64.20
CA ALA F 168 -30.24 -10.78 64.00
C ALA F 168 -30.09 -11.38 62.59
N VAL F 169 -29.08 -10.92 61.85
CA VAL F 169 -28.83 -11.42 60.47
C VAL F 169 -28.61 -12.93 60.53
N GLU F 170 -27.94 -13.43 61.59
CA GLU F 170 -27.64 -14.88 61.79
C GLU F 170 -28.94 -15.69 61.85
N SER F 171 -30.06 -15.07 62.22
CA SER F 171 -31.37 -15.76 62.33
C SER F 171 -32.10 -15.77 60.98
N VAL F 172 -31.56 -15.10 59.94
CA VAL F 172 -32.20 -15.16 58.59
C VAL F 172 -31.89 -16.54 58.00
N ASP F 173 -32.92 -17.32 57.72
CA ASP F 173 -32.78 -18.72 57.22
C ASP F 173 -32.31 -18.66 55.75
N TRP F 174 -31.53 -19.68 55.38
CA TRP F 174 -31.27 -20.10 53.99
C TRP F 174 -30.13 -19.27 53.37
N ILE F 175 -30.09 -17.95 53.56
CA ILE F 175 -29.14 -17.05 52.82
C ILE F 175 -27.70 -17.51 53.07
N ASP F 176 -26.85 -17.35 52.06
CA ASP F 176 -25.41 -17.70 52.16
C ASP F 176 -24.62 -16.68 51.35
N PRO F 177 -24.61 -15.40 51.78
CA PRO F 177 -23.96 -14.34 51.02
C PRO F 177 -22.44 -14.45 51.04
N ASP F 178 -21.78 -13.90 50.03
CA ASP F 178 -20.36 -13.50 50.10
C ASP F 178 -20.18 -12.66 51.37
N PRO F 179 -19.25 -12.99 52.31
CA PRO F 179 -19.04 -12.14 53.49
C PRO F 179 -18.84 -10.64 53.18
N ASN F 180 -18.17 -10.29 52.07
CA ASN F 180 -17.92 -8.88 51.71
C ASN F 180 -19.20 -8.22 51.17
N SER F 181 -20.26 -9.00 50.92
CA SER F 181 -21.56 -8.52 50.39
C SER F 181 -22.70 -8.81 51.38
N ARG F 182 -22.39 -9.21 52.62
CA ARG F 182 -23.40 -9.73 53.56
C ARG F 182 -24.21 -8.58 54.17
N PRO F 183 -25.43 -8.88 54.65
CA PRO F 183 -26.21 -7.90 55.40
C PRO F 183 -25.70 -7.79 56.84
N LEU F 184 -25.79 -6.59 57.43
CA LEU F 184 -25.48 -6.41 58.87
C LEU F 184 -26.75 -6.05 59.65
N ARG F 185 -27.84 -5.68 58.95
CA ARG F 185 -29.17 -5.53 59.58
C ARG F 185 -30.23 -6.22 58.73
N ALA F 186 -31.29 -6.69 59.39
CA ALA F 186 -32.40 -7.43 58.75
C ALA F 186 -33.70 -7.08 59.47
N LEU F 187 -34.77 -7.00 58.70
CA LEU F 187 -36.11 -6.59 59.13
C LEU F 187 -37.12 -7.63 58.64
N HIS F 188 -37.76 -8.34 59.57
CA HIS F 188 -38.87 -9.30 59.30
C HIS F 188 -40.19 -8.52 59.25
N ILE F 189 -40.88 -8.54 58.12
CA ILE F 189 -42.21 -7.91 57.93
C ILE F 189 -43.25 -9.04 57.84
N GLU F 190 -44.11 -9.15 58.86
CA GLU F 190 -45.13 -10.22 58.98
C GLU F 190 -46.34 -9.87 58.10
N GLY F 191 -46.82 -10.81 57.30
CA GLY F 191 -48.05 -10.65 56.50
C GLY F 191 -47.81 -9.86 55.24
N GLU F 192 -46.54 -9.64 54.87
CA GLU F 192 -46.17 -9.04 53.56
C GLU F 192 -45.49 -10.15 52.77
N GLY F 193 -46.17 -10.69 51.76
CA GLY F 193 -45.75 -11.96 51.14
C GLY F 193 -45.54 -11.85 49.66
N SER F 194 -45.80 -12.94 48.95
CA SER F 194 -45.58 -13.05 47.49
C SER F 194 -46.60 -14.01 46.89
N VAL F 195 -46.83 -13.85 45.60
CA VAL F 195 -47.71 -14.74 44.79
C VAL F 195 -46.89 -15.22 43.59
N ASP F 196 -47.24 -16.39 43.08
CA ASP F 196 -46.74 -16.87 41.77
C ASP F 196 -47.56 -16.15 40.68
N SER F 197 -46.95 -15.25 39.92
CA SER F 197 -47.66 -14.38 38.94
C SER F 197 -48.26 -15.24 37.81
N GLY F 198 -47.62 -16.36 37.46
CA GLY F 198 -48.09 -17.28 36.41
C GLY F 198 -49.35 -18.01 36.88
N ILE F 199 -49.35 -18.48 38.12
CA ILE F 199 -50.51 -19.16 38.74
C ILE F 199 -51.62 -18.14 38.96
N LEU F 200 -51.27 -16.91 39.34
CA LEU F 200 -52.27 -15.82 39.48
C LEU F 200 -52.97 -15.59 38.14
N LEU F 201 -52.22 -15.45 37.04
CA LEU F 201 -52.79 -15.14 35.70
C LEU F 201 -53.72 -16.28 35.28
N ALA F 202 -53.31 -17.55 35.50
CA ALA F 202 -54.12 -18.74 35.14
C ALA F 202 -55.41 -18.72 35.96
N ALA F 203 -55.33 -18.42 37.27
CA ALA F 203 -56.49 -18.37 38.18
C ALA F 203 -57.43 -17.22 37.77
N LEU F 204 -56.89 -16.08 37.35
CA LEU F 204 -57.70 -14.91 36.93
C LEU F 204 -58.46 -15.27 35.65
N GLU F 205 -57.80 -15.89 34.67
CA GLU F 205 -58.45 -16.28 33.38
C GLU F 205 -59.61 -17.25 33.66
N ARG F 206 -59.33 -18.28 34.44
CA ARG F 206 -60.31 -19.32 34.82
C ARG F 206 -61.48 -18.67 35.56
N SER F 207 -61.22 -17.74 36.47
CA SER F 207 -62.24 -17.02 37.28
C SER F 207 -63.06 -16.12 36.38
N PHE F 208 -62.42 -15.51 35.39
CA PHE F 208 -63.09 -14.62 34.41
C PHE F 208 -64.12 -15.44 33.63
N LEU F 209 -63.72 -16.61 33.11
CA LEU F 209 -64.61 -17.54 32.37
C LEU F 209 -65.75 -18.02 33.28
N GLN F 210 -65.45 -18.37 34.53
CA GLN F 210 -66.44 -18.88 35.51
C GLN F 210 -67.53 -17.83 35.74
N ALA F 211 -67.18 -16.54 35.68
CA ALA F 211 -68.10 -15.42 35.93
C ALA F 211 -68.83 -15.02 34.64
N GLY F 212 -68.60 -15.74 33.53
CA GLY F 212 -69.29 -15.51 32.25
C GLY F 212 -68.54 -14.56 31.33
N GLY F 213 -67.28 -14.25 31.63
CA GLY F 213 -66.41 -13.47 30.75
C GLY F 213 -66.04 -14.22 29.49
N ARG F 214 -65.76 -13.52 28.41
CA ARG F 214 -65.30 -14.08 27.12
C ARG F 214 -63.86 -13.59 26.85
N LEU F 215 -62.93 -14.52 26.61
CA LEU F 215 -61.54 -14.21 26.19
C LEU F 215 -61.46 -14.22 24.66
N HIS F 216 -61.09 -13.08 24.06
CA HIS F 216 -60.92 -12.94 22.60
C HIS F 216 -59.44 -12.63 22.34
N PRO F 217 -58.62 -13.63 21.94
CA PRO F 217 -57.16 -13.46 21.88
C PRO F 217 -56.69 -12.67 20.65
N VAL F 218 -57.11 -11.40 20.57
CA VAL F 218 -56.61 -10.41 19.57
C VAL F 218 -56.27 -9.12 20.33
N ASP F 219 -55.55 -8.21 19.69
CA ASP F 219 -55.19 -6.89 20.26
C ASP F 219 -56.14 -5.83 19.69
N ALA F 220 -56.48 -4.83 20.50
CA ALA F 220 -57.15 -3.59 20.03
C ALA F 220 -56.12 -2.82 19.20
N THR F 221 -56.51 -2.31 18.04
CA THR F 221 -55.72 -1.35 17.23
C THR F 221 -56.25 0.08 17.47
N GLU F 222 -57.53 0.24 17.73
CA GLU F 222 -58.19 1.58 17.71
C GLU F 222 -59.44 1.57 18.60
N ILE F 223 -59.61 2.61 19.41
CA ILE F 223 -60.87 2.86 20.16
C ILE F 223 -61.73 3.79 19.30
N ARG F 224 -62.97 3.40 19.05
CA ARG F 224 -63.93 4.22 18.25
C ARG F 224 -64.82 4.97 19.23
N ALA F 225 -64.91 6.28 19.06
CA ALA F 225 -65.79 7.18 19.85
C ALA F 225 -66.34 8.27 18.91
N SER F 226 -67.56 8.72 19.17
CA SER F 226 -68.16 9.91 18.53
C SER F 226 -69.26 10.44 19.45
N HIS F 227 -69.56 11.74 19.35
CA HIS F 227 -70.56 12.42 20.19
C HIS F 227 -70.19 12.16 21.66
N GLY F 228 -68.89 12.24 21.98
CA GLY F 228 -68.30 12.16 23.33
C GLY F 228 -68.57 10.86 24.06
N ARG F 229 -68.67 9.75 23.32
CA ARG F 229 -69.10 8.44 23.87
C ARG F 229 -68.38 7.31 23.13
N VAL F 230 -67.94 6.26 23.85
CA VAL F 230 -67.28 5.08 23.19
C VAL F 230 -68.35 4.33 22.40
N GLU F 231 -67.99 3.88 21.19
CA GLU F 231 -68.78 3.00 20.31
C GLU F 231 -68.21 1.58 20.36
N GLY F 232 -66.89 1.45 20.51
CA GLY F 232 -66.22 0.15 20.70
C GLY F 232 -64.78 0.15 20.23
N VAL F 233 -64.31 -1.00 19.75
CA VAL F 233 -62.87 -1.29 19.51
C VAL F 233 -62.69 -2.03 18.19
N VAL F 234 -61.84 -1.49 17.31
CA VAL F 234 -61.29 -2.20 16.13
C VAL F 234 -60.10 -3.06 16.60
N THR F 235 -60.11 -4.35 16.27
CA THR F 235 -59.07 -5.34 16.64
C THR F 235 -58.12 -5.52 15.46
N ASP F 236 -56.95 -6.15 15.69
CA ASP F 236 -55.85 -6.24 14.70
C ASP F 236 -56.11 -7.38 13.70
N ASP F 237 -57.26 -8.05 13.77
CA ASP F 237 -57.74 -8.96 12.70
C ASP F 237 -58.78 -8.23 11.82
N GLY F 238 -58.91 -6.90 11.96
CA GLY F 238 -59.77 -6.05 11.10
C GLY F 238 -61.21 -5.97 11.56
N ASP F 239 -61.58 -6.73 12.60
CA ASP F 239 -62.97 -6.82 13.13
C ASP F 239 -63.31 -5.54 13.91
N PHE F 240 -64.59 -5.25 14.09
CA PHE F 240 -65.11 -4.21 15.01
C PHE F 240 -65.98 -4.86 16.10
N LEU F 241 -65.67 -4.61 17.37
CA LEU F 241 -66.45 -5.09 18.53
C LEU F 241 -67.16 -3.89 19.16
N PRO F 242 -68.52 -3.89 19.22
CA PRO F 242 -69.25 -2.79 19.85
C PRO F 242 -69.22 -2.89 21.38
N ALA F 243 -69.33 -1.74 22.06
CA ALA F 243 -69.30 -1.67 23.53
C ALA F 243 -69.88 -0.35 24.02
N GLY F 244 -70.55 -0.38 25.16
CA GLY F 244 -70.92 0.81 25.96
C GLY F 244 -69.78 1.24 26.88
N HIS F 245 -68.91 0.30 27.29
CA HIS F 245 -67.75 0.56 28.17
C HIS F 245 -66.49 -0.08 27.59
N VAL F 246 -65.41 0.69 27.50
CA VAL F 246 -64.04 0.20 27.15
C VAL F 246 -63.11 0.56 28.31
N VAL F 247 -62.52 -0.46 28.94
CA VAL F 247 -61.50 -0.32 30.01
C VAL F 247 -60.14 -0.62 29.39
N VAL F 248 -59.28 0.40 29.29
CA VAL F 248 -57.90 0.27 28.76
C VAL F 248 -56.99 -0.08 29.94
N ALA F 249 -56.50 -1.33 29.93
CA ALA F 249 -55.49 -1.86 30.87
C ALA F 249 -54.41 -2.59 30.08
N ALA F 250 -53.85 -1.90 29.08
CA ALA F 250 -52.91 -2.46 28.09
C ALA F 250 -51.46 -2.20 28.52
N GLY F 251 -51.20 -2.13 29.82
CA GLY F 251 -49.86 -1.81 30.35
C GLY F 251 -49.28 -0.59 29.68
N ALA F 252 -48.04 -0.67 29.24
CA ALA F 252 -47.24 0.47 28.76
C ALA F 252 -47.78 0.99 27.41
N ARG F 253 -48.72 0.30 26.77
CA ARG F 253 -49.34 0.73 25.48
C ARG F 253 -50.60 1.55 25.74
N SER F 254 -51.05 1.66 27.00
CA SER F 254 -52.41 2.17 27.36
C SER F 254 -52.61 3.62 26.85
N GLN F 255 -51.68 4.52 27.12
CA GLN F 255 -51.84 5.96 26.75
C GLN F 255 -51.76 6.11 25.24
N ARG F 256 -50.84 5.41 24.57
CA ARG F 256 -50.66 5.50 23.10
C ARG F 256 -51.98 5.12 22.41
N LEU F 257 -52.75 4.20 23.00
CA LEU F 257 -54.04 3.71 22.43
C LEU F 257 -55.13 4.78 22.57
N VAL F 258 -55.19 5.47 23.72
CA VAL F 258 -56.25 6.47 24.04
C VAL F 258 -55.89 7.84 23.43
N ALA F 259 -54.60 8.12 23.22
CA ALA F 259 -54.06 9.43 22.80
C ALA F 259 -54.45 9.77 21.36
N ALA F 260 -54.93 8.80 20.59
CA ALA F 260 -55.36 8.97 19.18
C ALA F 260 -56.73 9.67 19.14
N LEU F 261 -57.53 9.58 20.22
CA LEU F 261 -58.86 10.22 20.31
C LEU F 261 -58.71 11.74 20.44
N PRO F 262 -59.70 12.54 19.95
CA PRO F 262 -59.57 14.00 19.90
C PRO F 262 -59.16 14.67 21.23
N GLY F 263 -58.04 15.41 21.21
CA GLY F 263 -57.58 16.22 22.35
C GLY F 263 -56.83 15.44 23.41
N LEU F 264 -56.90 14.11 23.39
CA LEU F 264 -56.45 13.27 24.53
C LEU F 264 -54.92 13.12 24.52
N ALA F 265 -54.24 13.48 23.43
CA ALA F 265 -52.77 13.35 23.31
C ALA F 265 -52.06 14.16 24.40
N HIS F 266 -52.65 15.28 24.84
CA HIS F 266 -52.04 16.20 25.84
C HIS F 266 -52.88 16.25 27.12
N ARG F 267 -53.85 15.34 27.25
CA ARG F 267 -54.76 15.29 28.42
C ARG F 267 -54.58 14.00 29.22
N ILE F 268 -54.04 12.94 28.60
CA ILE F 268 -53.67 11.65 29.28
C ILE F 268 -52.15 11.63 29.38
N PRO F 269 -51.57 11.69 30.60
CA PRO F 269 -50.11 11.64 30.74
C PRO F 269 -49.51 10.42 30.03
N ARG F 270 -48.40 10.64 29.32
CA ARG F 270 -47.62 9.58 28.65
C ARG F 270 -47.22 8.48 29.64
N ILE F 271 -47.24 7.24 29.15
CA ILE F 271 -46.72 6.04 29.86
C ILE F 271 -45.60 5.44 29.02
N TYR F 272 -44.41 5.28 29.60
CA TYR F 272 -43.22 4.68 28.95
C TYR F 272 -43.01 3.26 29.48
N ASP F 273 -42.05 2.54 28.90
CA ASP F 273 -41.69 1.14 29.26
C ASP F 273 -40.59 1.17 30.34
N GLY F 274 -40.94 0.76 31.55
CA GLY F 274 -39.96 0.45 32.61
C GLY F 274 -39.47 -0.99 32.46
N VAL F 275 -38.55 -1.22 31.52
CA VAL F 275 -38.13 -2.60 31.09
C VAL F 275 -37.48 -3.27 32.28
N GLY F 276 -38.00 -4.42 32.66
CA GLY F 276 -37.56 -5.19 33.84
C GLY F 276 -37.09 -6.58 33.45
N VAL F 277 -35.96 -7.00 33.99
CA VAL F 277 -35.38 -8.35 33.75
C VAL F 277 -35.43 -9.12 35.07
N SER F 278 -35.91 -10.34 35.00
CA SER F 278 -35.96 -11.29 36.13
C SER F 278 -35.53 -12.67 35.61
N ALA F 279 -35.42 -13.65 36.49
CA ALA F 279 -35.00 -15.00 36.08
C ALA F 279 -35.63 -16.05 36.99
N LEU F 280 -35.96 -17.20 36.41
CA LEU F 280 -36.32 -18.43 37.17
C LEU F 280 -35.08 -19.32 37.20
N VAL F 281 -34.71 -19.76 38.38
CA VAL F 281 -33.51 -20.58 38.64
C VAL F 281 -33.98 -21.84 39.38
N ASP F 282 -33.56 -23.01 38.90
CA ASP F 282 -33.67 -24.29 39.65
C ASP F 282 -32.48 -24.37 40.62
N THR F 283 -32.72 -24.34 41.92
CA THR F 283 -31.63 -24.27 42.92
C THR F 283 -30.85 -25.60 42.92
N TRP F 284 -29.55 -25.52 43.18
CA TRP F 284 -28.58 -26.62 43.25
C TRP F 284 -29.17 -27.82 44.03
N ASP F 285 -29.89 -27.58 45.12
CA ASP F 285 -30.38 -28.65 46.04
C ASP F 285 -31.91 -28.67 46.09
N GLY F 286 -32.59 -27.91 45.24
CA GLY F 286 -34.07 -27.83 45.23
C GLY F 286 -34.62 -27.02 46.40
N SER F 287 -33.79 -26.41 47.25
CA SER F 287 -34.25 -25.59 48.40
C SER F 287 -34.66 -24.19 47.92
N GLY F 288 -35.30 -23.46 48.82
CA GLY F 288 -35.64 -22.03 48.67
C GLY F 288 -35.87 -21.43 50.04
N PRO F 289 -35.89 -20.09 50.16
CA PRO F 289 -36.22 -19.46 51.43
C PRO F 289 -37.74 -19.56 51.68
N ALA F 290 -38.11 -19.51 52.95
CA ALA F 290 -39.51 -19.58 53.42
C ALA F 290 -40.14 -18.19 53.27
N THR F 291 -39.33 -17.13 53.21
CA THR F 291 -39.84 -15.74 53.07
C THR F 291 -39.33 -15.12 51.77
N VAL F 292 -39.98 -14.05 51.34
CA VAL F 292 -39.37 -13.10 50.37
C VAL F 292 -38.07 -12.59 51.02
N LEU F 293 -37.03 -12.42 50.22
CA LEU F 293 -35.78 -11.75 50.63
C LEU F 293 -35.63 -10.55 49.70
N ARG F 294 -35.42 -9.35 50.23
CA ARG F 294 -35.30 -8.15 49.36
C ARG F 294 -34.41 -7.10 50.00
N THR F 295 -33.89 -6.21 49.17
CA THR F 295 -33.37 -4.90 49.58
C THR F 295 -34.50 -3.89 49.41
N SER F 296 -34.32 -2.69 49.95
CA SER F 296 -35.15 -1.52 49.58
C SER F 296 -34.90 -1.21 48.10
N ASN F 297 -35.77 -0.39 47.51
CA ASN F 297 -35.65 0.06 46.11
C ASN F 297 -34.32 0.81 45.98
N ARG F 298 -33.65 0.61 44.85
CA ARG F 298 -32.26 1.05 44.60
C ARG F 298 -32.25 1.91 43.35
N ALA F 299 -31.07 2.13 42.74
CA ALA F 299 -30.87 3.16 41.69
C ALA F 299 -31.96 3.02 40.62
N PHE F 300 -32.68 4.11 40.36
CA PHE F 300 -33.65 4.25 39.25
C PHE F 300 -34.70 3.15 39.34
N ALA F 301 -35.19 2.88 40.55
CA ALA F 301 -36.30 1.96 40.86
C ALA F 301 -35.99 0.51 40.43
N CYS F 302 -34.71 0.14 40.35
N CYS F 302 -34.71 0.13 40.34
CA CYS F 302 -34.29 -1.29 40.35
CA CYS F 302 -34.28 -1.29 40.35
C CYS F 302 -34.30 -1.78 41.80
C CYS F 302 -34.32 -1.78 41.80
N GLY F 303 -34.07 -3.06 42.01
CA GLY F 303 -34.00 -3.63 43.36
C GLY F 303 -33.59 -5.08 43.26
N LEU F 304 -33.18 -5.65 44.39
CA LEU F 304 -32.78 -7.05 44.45
C LEU F 304 -33.78 -7.79 45.32
N HIS F 305 -34.33 -8.88 44.82
CA HIS F 305 -35.24 -9.73 45.62
C HIS F 305 -35.23 -11.16 45.11
N LEU F 306 -35.55 -12.06 46.02
CA LEU F 306 -35.82 -13.47 45.73
C LEU F 306 -37.22 -13.77 46.24
N VAL F 307 -38.09 -14.24 45.34
CA VAL F 307 -39.46 -14.69 45.65
C VAL F 307 -39.51 -16.20 45.57
N PRO F 308 -39.93 -16.90 46.66
CA PRO F 308 -40.10 -18.34 46.62
C PRO F 308 -41.07 -18.77 45.51
N ARG F 309 -40.80 -19.94 44.93
CA ARG F 309 -41.73 -20.65 44.00
C ARG F 309 -41.82 -22.10 44.48
N ALA F 310 -42.85 -22.82 44.05
CA ALA F 310 -42.99 -24.28 44.30
C ALA F 310 -42.01 -25.04 43.39
N GLY F 311 -41.63 -26.26 43.79
CA GLY F 311 -40.99 -27.25 42.88
C GLY F 311 -39.52 -27.00 42.63
N GLY F 312 -38.77 -26.52 43.62
CA GLY F 312 -37.29 -26.41 43.53
C GLY F 312 -36.84 -25.23 42.66
N SER F 313 -37.72 -24.28 42.39
CA SER F 313 -37.45 -23.05 41.61
C SER F 313 -37.42 -21.84 42.55
N VAL F 314 -36.64 -20.82 42.22
CA VAL F 314 -36.75 -19.47 42.85
C VAL F 314 -36.82 -18.43 41.74
N TYR F 315 -37.53 -17.35 42.01
CA TYR F 315 -37.56 -16.14 41.15
C TYR F 315 -36.53 -15.16 41.71
N ILE F 316 -35.67 -14.61 40.85
CA ILE F 316 -34.76 -13.50 41.23
C ILE F 316 -35.07 -12.30 40.33
N GLY F 317 -35.15 -11.13 40.96
CA GLY F 317 -35.38 -9.88 40.24
C GLY F 317 -34.73 -8.73 40.98
N ALA F 318 -34.88 -7.52 40.44
CA ALA F 318 -35.38 -7.29 39.10
C ALA F 318 -34.78 -5.97 38.65
N THR F 319 -34.32 -5.89 37.40
CA THR F 319 -33.71 -4.66 36.87
C THR F 319 -34.86 -3.72 36.48
N ASN F 320 -34.55 -2.45 36.33
CA ASN F 320 -35.53 -1.47 35.78
C ASN F 320 -34.74 -0.44 34.96
N ALA F 321 -35.22 -0.14 33.78
CA ALA F 321 -34.65 0.91 32.90
C ALA F 321 -35.82 1.48 32.10
N VAL F 322 -36.08 2.77 32.29
CA VAL F 322 -37.11 3.47 31.48
C VAL F 322 -36.56 3.58 30.06
N CYS F 323 -37.30 3.08 29.08
CA CYS F 323 -36.97 3.20 27.64
C CYS F 323 -38.08 4.01 26.95
N LEU F 324 -37.71 4.90 26.04
CA LEU F 324 -38.67 5.77 25.32
C LEU F 324 -39.38 4.94 24.24
N GLU F 325 -38.82 3.78 23.89
CA GLU F 325 -39.47 2.80 22.98
C GLU F 325 -39.43 1.42 23.64
N PRO F 326 -40.42 0.54 23.36
CA PRO F 326 -40.47 -0.77 23.98
C PRO F 326 -39.25 -1.65 23.61
N ARG F 327 -38.88 -2.54 24.53
CA ARG F 327 -37.79 -3.52 24.31
C ARG F 327 -38.25 -4.83 24.94
N GLY F 328 -38.17 -5.93 24.19
CA GLY F 328 -38.69 -7.25 24.59
C GLY F 328 -37.59 -8.22 24.97
N ALA F 329 -36.33 -7.82 24.93
CA ALA F 329 -35.18 -8.71 25.26
C ALA F 329 -34.29 -8.05 26.31
N ALA F 330 -33.75 -8.86 27.22
CA ALA F 330 -32.77 -8.45 28.24
C ALA F 330 -31.50 -8.01 27.53
N SER F 331 -30.82 -7.01 28.08
CA SER F 331 -29.45 -6.67 27.67
C SER F 331 -28.50 -7.60 28.43
N ILE F 332 -27.28 -7.77 27.92
CA ILE F 332 -26.19 -8.51 28.61
C ILE F 332 -26.01 -7.89 29.99
N GLU F 333 -25.88 -6.57 30.04
CA GLU F 333 -25.64 -5.75 31.27
C GLU F 333 -26.65 -6.12 32.36
N GLU F 334 -27.93 -6.18 32.00
CA GLU F 334 -29.06 -6.44 32.93
C GLU F 334 -28.91 -7.84 33.52
N THR F 335 -28.63 -8.85 32.69
CA THR F 335 -28.49 -10.25 33.14
C THR F 335 -27.29 -10.33 34.11
N VAL F 336 -26.16 -9.72 33.76
CA VAL F 336 -24.93 -9.81 34.59
C VAL F 336 -25.19 -9.14 35.94
N PHE F 337 -25.78 -7.94 35.93
CA PHE F 337 -26.01 -7.18 37.18
C PHE F 337 -26.95 -7.97 38.10
N LEU F 338 -28.07 -8.45 37.58
CA LEU F 338 -29.06 -9.22 38.37
C LEU F 338 -28.38 -10.44 38.99
N PHE F 339 -27.70 -11.25 38.18
CA PHE F 339 -27.08 -12.52 38.64
C PHE F 339 -25.97 -12.21 39.66
N ASN F 340 -25.16 -11.20 39.37
CA ASN F 340 -24.04 -10.82 40.25
C ASN F 340 -24.56 -10.44 41.63
N CYS F 341 -25.60 -9.60 41.68
CA CYS F 341 -26.20 -9.13 42.95
C CYS F 341 -26.76 -10.33 43.73
N ALA F 342 -27.54 -11.21 43.10
CA ALA F 342 -28.21 -12.34 43.77
C ALA F 342 -27.17 -13.32 44.33
N THR F 343 -26.14 -13.66 43.56
CA THR F 343 -25.12 -14.67 43.97
C THR F 343 -24.28 -14.14 45.13
N HIS F 344 -23.98 -12.83 45.17
CA HIS F 344 -23.14 -12.22 46.23
C HIS F 344 -23.97 -11.87 47.47
N GLN F 345 -25.14 -11.26 47.27
CA GLN F 345 -25.88 -10.61 48.38
C GLN F 345 -26.90 -11.58 49.01
N LEU F 346 -27.37 -12.59 48.29
CA LEU F 346 -28.44 -13.52 48.79
C LEU F 346 -27.85 -14.92 49.02
N HIS F 347 -27.37 -15.60 47.98
CA HIS F 347 -26.92 -17.02 48.11
C HIS F 347 -25.91 -17.38 47.02
N ARG F 348 -24.68 -17.69 47.44
CA ARG F 348 -23.59 -18.12 46.54
C ARG F 348 -23.94 -19.44 45.83
N GLY F 349 -24.78 -20.27 46.42
CA GLY F 349 -25.30 -21.51 45.81
C GLY F 349 -26.03 -21.24 44.51
N LEU F 350 -26.57 -20.03 44.31
CA LEU F 350 -27.25 -19.68 43.04
C LEU F 350 -26.25 -19.69 41.89
N ASN F 351 -24.96 -19.49 42.19
CA ASN F 351 -23.89 -19.46 41.18
C ASN F 351 -23.87 -20.76 40.38
N GLY F 352 -24.01 -21.90 41.07
CA GLY F 352 -23.95 -23.24 40.47
C GLY F 352 -25.33 -23.75 40.12
N SER F 353 -26.36 -22.90 40.27
CA SER F 353 -27.75 -23.29 39.99
C SER F 353 -28.04 -23.11 38.50
N GLU F 354 -29.03 -23.83 37.98
CA GLU F 354 -29.38 -23.83 36.55
C GLU F 354 -30.36 -22.69 36.27
N LEU F 355 -30.03 -21.90 35.25
CA LEU F 355 -30.89 -20.83 34.68
C LEU F 355 -31.98 -21.50 33.84
N ARG F 356 -33.23 -21.41 34.25
CA ARG F 356 -34.37 -21.98 33.50
C ARG F 356 -34.91 -20.94 32.53
N LYS F 357 -35.00 -19.67 32.91
CA LYS F 357 -35.70 -18.65 32.08
C LYS F 357 -35.23 -17.26 32.47
N VAL F 358 -34.86 -16.46 31.47
CA VAL F 358 -34.68 -14.99 31.60
C VAL F 358 -36.00 -14.36 31.16
N GLN F 359 -36.64 -13.58 32.03
CA GLN F 359 -37.97 -12.97 31.75
C GLN F 359 -37.77 -11.46 31.59
N VAL F 360 -38.53 -10.88 30.67
CA VAL F 360 -38.50 -9.43 30.36
C VAL F 360 -39.94 -8.95 30.25
N GLY F 361 -40.26 -7.89 30.99
CA GLY F 361 -41.58 -7.21 30.94
C GLY F 361 -41.44 -5.71 31.09
N SER F 362 -42.49 -4.97 30.74
CA SER F 362 -42.51 -3.49 30.77
C SER F 362 -43.40 -3.04 31.91
N ARG F 363 -42.80 -2.54 32.99
CA ARG F 363 -43.53 -1.75 34.01
C ARG F 363 -44.07 -0.50 33.31
N PRO F 364 -45.40 -0.26 33.35
CA PRO F 364 -45.97 0.96 32.79
C PRO F 364 -45.48 2.17 33.60
N ALA F 365 -44.59 2.99 33.03
CA ALA F 365 -43.91 4.12 33.72
C ALA F 365 -44.58 5.43 33.35
N PRO F 366 -45.48 5.98 34.20
CA PRO F 366 -46.13 7.25 33.90
C PRO F 366 -45.14 8.42 33.97
N ILE F 367 -45.20 9.33 33.01
CA ILE F 367 -44.24 10.48 32.87
C ILE F 367 -44.26 11.38 34.12
N ASP F 368 -45.35 11.40 34.91
CA ASP F 368 -45.46 12.30 36.10
C ASP F 368 -45.32 11.47 37.38
N GLY F 369 -45.06 10.16 37.26
CA GLY F 369 -44.69 9.31 38.41
C GLY F 369 -45.86 8.72 39.16
N PHE F 370 -47.10 8.87 38.67
CA PHE F 370 -48.30 8.35 39.41
C PHE F 370 -49.25 7.65 38.44
N PRO F 371 -50.03 6.68 38.95
CA PRO F 371 -50.91 5.88 38.10
C PRO F 371 -52.02 6.68 37.44
N LEU F 372 -52.62 6.07 36.42
CA LEU F 372 -53.76 6.56 35.62
C LEU F 372 -54.93 5.60 35.84
N ILE F 373 -55.82 5.93 36.76
CA ILE F 373 -56.91 5.03 37.25
C ILE F 373 -58.22 5.81 37.25
N GLY F 374 -59.18 5.41 36.42
CA GLY F 374 -60.56 5.92 36.49
C GLY F 374 -61.08 6.37 35.14
N GLY F 375 -61.98 7.35 35.14
CA GLY F 375 -62.79 7.76 33.99
C GLY F 375 -62.10 8.86 33.21
N THR F 376 -62.64 9.16 32.03
CA THR F 376 -62.13 10.18 31.09
C THR F 376 -63.30 11.11 30.72
N SER F 377 -63.05 12.07 29.84
CA SER F 377 -64.05 13.01 29.28
C SER F 377 -64.89 12.28 28.23
N VAL F 378 -64.55 11.02 27.91
CA VAL F 378 -65.30 10.18 26.93
C VAL F 378 -66.16 9.20 27.72
N GLU F 379 -67.49 9.30 27.57
CA GLU F 379 -68.46 8.46 28.32
C GLU F 379 -68.14 6.98 28.01
N GLY F 380 -68.07 6.17 29.06
CA GLY F 380 -67.77 4.72 28.96
C GLY F 380 -66.28 4.38 28.74
N LEU F 381 -65.39 5.37 28.63
CA LEU F 381 -63.93 5.11 28.46
C LEU F 381 -63.22 5.25 29.83
N TRP F 382 -62.60 4.16 30.27
CA TRP F 382 -61.89 3.99 31.56
C TRP F 382 -60.46 3.54 31.29
N MET F 383 -59.56 3.85 32.22
CA MET F 383 -58.11 3.53 32.15
C MET F 383 -57.69 2.94 33.49
N LEU F 384 -56.88 1.87 33.44
CA LEU F 384 -56.20 1.25 34.59
C LEU F 384 -54.76 0.98 34.15
N SER F 385 -53.83 1.88 34.47
CA SER F 385 -52.44 1.79 33.99
C SER F 385 -51.50 2.71 34.77
N GLY F 386 -50.25 2.74 34.33
CA GLY F 386 -49.18 3.56 34.91
C GLY F 386 -48.85 3.15 36.33
N THR F 387 -48.96 1.85 36.67
CA THR F 387 -48.75 1.36 38.06
C THR F 387 -47.26 1.05 38.34
N TYR F 388 -46.40 1.08 37.33
CA TYR F 388 -44.93 0.95 37.50
C TYR F 388 -44.60 -0.35 38.27
N ARG F 389 -44.15 -0.24 39.54
CA ARG F 389 -43.59 -1.37 40.32
C ARG F 389 -44.67 -2.15 41.08
N ASP F 390 -45.90 -1.64 41.24
CA ASP F 390 -46.82 -2.20 42.27
C ASP F 390 -48.28 -2.24 41.82
N GLY F 391 -48.53 -2.35 40.51
CA GLY F 391 -49.90 -2.56 40.01
C GLY F 391 -50.41 -3.95 40.35
N LEU F 392 -49.54 -4.97 40.33
CA LEU F 392 -49.95 -6.35 40.69
C LEU F 392 -50.41 -6.34 42.15
N HIS F 393 -49.61 -5.75 43.06
CA HIS F 393 -49.99 -5.69 44.50
C HIS F 393 -51.32 -4.93 44.67
N MET F 394 -51.51 -3.83 43.95
CA MET F 394 -52.67 -2.94 44.15
C MET F 394 -53.90 -3.46 43.37
N SER F 395 -53.75 -4.48 42.53
CA SER F 395 -54.74 -4.95 41.54
C SER F 395 -56.13 -5.13 42.17
N PRO F 396 -56.33 -5.87 43.28
CA PRO F 396 -57.69 -6.08 43.79
C PRO F 396 -58.37 -4.76 44.23
N LEU F 397 -57.61 -3.84 44.80
CA LEU F 397 -58.12 -2.50 45.20
C LEU F 397 -58.46 -1.68 43.94
N LEU F 398 -57.57 -1.65 42.96
CA LEU F 398 -57.76 -0.82 41.73
C LEU F 398 -58.97 -1.34 40.94
N ALA F 399 -59.13 -2.66 40.87
CA ALA F 399 -60.23 -3.31 40.14
C ALA F 399 -61.55 -2.88 40.75
N ARG F 400 -61.67 -2.98 42.08
CA ARG F 400 -62.89 -2.62 42.85
C ARG F 400 -63.16 -1.12 42.73
N HIS F 401 -62.12 -0.29 42.77
CA HIS F 401 -62.26 1.17 42.58
C HIS F 401 -62.93 1.44 41.24
N VAL F 402 -62.41 0.91 40.14
CA VAL F 402 -62.90 1.25 38.78
C VAL F 402 -64.32 0.69 38.60
N VAL F 403 -64.60 -0.49 39.14
CA VAL F 403 -65.95 -1.13 39.03
C VAL F 403 -66.97 -0.28 39.80
N SER F 404 -66.62 0.21 40.99
CA SER F 404 -67.44 1.15 41.78
C SER F 404 -67.76 2.40 40.93
N LEU F 405 -66.76 3.02 40.32
CA LEU F 405 -66.94 4.22 39.45
C LEU F 405 -67.90 3.91 38.31
N MET F 406 -67.74 2.74 37.66
CA MET F 406 -68.57 2.32 36.51
C MET F 406 -70.03 2.18 36.93
N ASP F 407 -70.25 1.86 38.21
CA ASP F 407 -71.58 1.58 38.80
C ASP F 407 -72.17 2.85 39.42
N GLY F 408 -71.54 4.02 39.24
CA GLY F 408 -72.00 5.32 39.76
C GLY F 408 -71.52 5.59 41.18
N GLY F 409 -70.68 4.71 41.75
CA GLY F 409 -70.09 4.89 43.09
C GLY F 409 -68.93 5.87 43.05
N THR F 410 -68.27 6.08 44.19
CA THR F 410 -67.07 6.94 44.32
C THR F 410 -65.83 6.08 44.59
N GLY F 411 -65.98 4.75 44.63
CA GLY F 411 -64.87 3.79 44.80
C GLY F 411 -64.08 4.09 46.06
N VAL F 412 -62.74 4.12 45.94
CA VAL F 412 -61.79 4.23 47.08
C VAL F 412 -61.37 5.69 47.20
N ASP F 413 -61.40 6.25 48.40
CA ASP F 413 -61.29 7.72 48.64
C ASP F 413 -60.03 8.33 47.99
N GLY F 414 -58.83 7.80 48.19
CA GLY F 414 -57.59 8.53 47.87
C GLY F 414 -57.12 8.42 46.41
N LEU F 415 -57.85 7.71 45.57
CA LEU F 415 -57.47 7.35 44.17
C LEU F 415 -58.00 8.37 43.17
N ARG F 416 -58.82 9.35 43.58
CA ARG F 416 -59.41 10.36 42.66
C ARG F 416 -58.29 11.26 42.09
N GLU F 417 -57.27 11.56 42.89
CA GLU F 417 -56.08 12.36 42.48
C GLU F 417 -55.33 11.70 41.32
N PHE F 418 -55.53 10.39 41.09
CA PHE F 418 -54.79 9.60 40.08
C PHE F 418 -55.69 9.32 38.87
N ARG F 419 -56.75 10.11 38.71
CA ARG F 419 -57.64 10.14 37.52
C ARG F 419 -56.76 10.28 36.28
N PRO F 420 -57.02 9.53 35.20
CA PRO F 420 -56.13 9.48 34.05
C PRO F 420 -56.09 10.75 33.21
N GLU F 421 -57.18 11.52 33.20
CA GLU F 421 -57.28 12.75 32.37
C GLU F 421 -56.94 13.93 33.30
N ARG F 422 -55.73 14.45 33.16
CA ARG F 422 -55.16 15.41 34.13
C ARG F 422 -53.98 16.13 33.47
N ASP F 423 -53.71 17.34 33.97
CA ASP F 423 -52.39 18.00 33.82
C ASP F 423 -51.36 17.08 34.50
N LEU F 424 -50.12 17.07 34.00
CA LEU F 424 -49.02 16.33 34.66
C LEU F 424 -48.95 16.76 36.12
N ILE F 425 -48.90 15.82 37.05
CA ILE F 425 -48.59 16.06 38.48
C ILE F 425 -47.14 16.55 38.60
N SER F 426 -46.89 17.49 39.51
CA SER F 426 -45.56 17.95 39.95
C SER F 426 -45.40 17.63 41.43
N ALA F 427 -45.06 16.39 41.78
CA ALA F 427 -45.08 15.89 43.18
C ALA F 427 -43.81 16.35 43.92
N TRP F 428 -42.78 16.77 43.19
CA TRP F 428 -41.49 17.23 43.77
C TRP F 428 -41.05 18.53 43.09
N SER F 429 -40.29 19.36 43.81
CA SER F 429 -39.57 20.53 43.25
C SER F 429 -38.51 20.04 42.28
N ARG F 430 -38.14 20.89 41.32
CA ARG F 430 -37.02 20.65 40.38
C ARG F 430 -35.75 20.35 41.16
N GLU F 431 -35.50 21.11 42.23
CA GLU F 431 -34.31 20.96 43.10
C GLU F 431 -34.28 19.55 43.71
N GLU F 432 -35.42 19.08 44.24
CA GLU F 432 -35.53 17.73 44.84
C GLU F 432 -35.16 16.68 43.78
N ILE F 433 -35.68 16.82 42.55
CA ILE F 433 -35.48 15.83 41.47
C ILE F 433 -34.01 15.86 41.04
N LEU F 434 -33.40 17.05 40.92
CA LEU F 434 -31.98 17.18 40.56
C LEU F 434 -31.09 16.55 41.63
N ASP F 435 -31.37 16.74 42.92
CA ASP F 435 -30.64 16.02 44.00
C ASP F 435 -30.80 14.51 43.81
N ASP F 436 -32.03 14.06 43.53
CA ASP F 436 -32.39 12.62 43.43
C ASP F 436 -31.64 12.01 42.23
N VAL F 437 -31.66 12.65 41.06
CA VAL F 437 -31.11 12.03 39.82
C VAL F 437 -29.59 11.86 40.00
N VAL F 438 -28.91 12.81 40.63
CA VAL F 438 -27.44 12.72 40.85
C VAL F 438 -27.16 11.60 41.86
N ARG F 439 -27.92 11.52 42.94
CA ARG F 439 -27.75 10.45 43.96
C ARG F 439 -27.94 9.07 43.30
N HIS F 440 -29.00 8.92 42.49
CA HIS F 440 -29.32 7.64 41.81
C HIS F 440 -28.21 7.31 40.81
N THR F 441 -27.69 8.30 40.08
CA THR F 441 -26.58 8.10 39.13
C THR F 441 -25.36 7.54 39.89
N MET F 442 -25.00 8.16 41.01
CA MET F 442 -23.87 7.72 41.86
C MET F 442 -24.16 6.31 42.41
N ALA F 443 -25.42 6.02 42.76
CA ALA F 443 -25.84 4.70 43.29
C ALA F 443 -25.55 3.59 42.28
N THR F 444 -25.63 3.86 40.97
CA THR F 444 -25.31 2.83 39.93
C THR F 444 -23.84 2.39 40.09
N GLY F 445 -22.98 3.27 40.58
CA GLY F 445 -21.58 2.92 40.89
C GLY F 445 -21.47 2.05 42.13
N TYR F 446 -22.03 2.51 43.25
CA TYR F 446 -21.89 1.82 44.55
C TYR F 446 -22.59 0.46 44.51
N GLU F 447 -23.62 0.28 43.68
CA GLU F 447 -24.40 -0.98 43.61
C GLU F 447 -23.66 -2.04 42.77
N PHE F 448 -22.68 -1.63 41.95
CA PHE F 448 -22.01 -2.51 40.97
C PHE F 448 -21.35 -3.70 41.67
N PRO F 449 -20.54 -3.56 42.74
CA PRO F 449 -20.03 -2.30 43.25
C PRO F 449 -18.70 -1.95 42.58
N TRP F 450 -18.47 -0.67 42.31
CA TRP F 450 -17.22 -0.24 41.63
C TRP F 450 -16.08 -0.22 42.65
N ARG F 451 -14.85 -0.12 42.16
CA ARG F 451 -13.65 0.21 42.96
C ARG F 451 -12.88 1.28 42.20
N LEU F 452 -12.77 2.48 42.76
CA LEU F 452 -12.29 3.73 42.12
C LEU F 452 -11.32 4.41 43.07
N PRO F 453 -10.44 5.29 42.58
CA PRO F 453 -9.70 6.20 43.45
C PRO F 453 -10.71 7.05 44.24
N LEU F 454 -10.38 7.36 45.48
CA LEU F 454 -11.33 7.96 46.45
C LEU F 454 -11.72 9.38 46.04
N GLU F 455 -10.96 10.09 45.20
CA GLU F 455 -11.34 11.47 44.75
C GLU F 455 -12.38 11.38 43.62
N TRP F 456 -12.54 10.23 42.99
CA TRP F 456 -13.33 10.17 41.73
C TRP F 456 -14.83 10.40 41.98
N PRO F 457 -15.45 9.76 43.01
CA PRO F 457 -16.87 9.96 43.27
C PRO F 457 -17.25 11.44 43.46
N HIS F 458 -16.49 12.20 44.27
CA HIS F 458 -16.78 13.63 44.50
C HIS F 458 -16.65 14.39 43.16
N MET F 459 -15.62 14.09 42.37
CA MET F 459 -15.42 14.71 41.05
C MET F 459 -16.65 14.42 40.16
N MET F 460 -17.16 13.19 40.15
CA MET F 460 -18.32 12.86 39.28
C MET F 460 -19.60 13.52 39.80
N GLU F 461 -19.81 13.58 41.10
CA GLU F 461 -20.98 14.28 41.70
C GLU F 461 -20.97 15.74 41.20
N THR F 462 -19.83 16.43 41.34
CA THR F 462 -19.65 17.84 40.92
C THR F 462 -19.99 17.96 39.43
N PHE F 463 -19.49 17.08 38.57
CA PHE F 463 -19.61 17.23 37.09
C PHE F 463 -20.95 16.70 36.57
N LEU F 464 -21.75 16.01 37.40
CA LEU F 464 -23.10 15.53 37.00
C LEU F 464 -24.15 16.63 37.19
N GLN F 465 -23.95 17.53 38.15
CA GLN F 465 -24.99 18.50 38.60
C GLN F 465 -25.36 19.43 37.45
N GLY F 466 -24.36 20.02 36.79
CA GLY F 466 -24.53 20.99 35.70
C GLY F 466 -25.35 20.42 34.55
N PRO F 467 -24.92 19.32 33.90
CA PRO F 467 -25.68 18.75 32.78
C PRO F 467 -27.14 18.38 33.09
N PHE F 468 -27.44 17.90 34.29
CA PHE F 468 -28.84 17.54 34.68
C PHE F 468 -29.64 18.83 34.90
N ALA F 469 -29.06 19.84 35.55
CA ALA F 469 -29.71 21.17 35.75
C ALA F 469 -30.03 21.78 34.37
N GLU F 470 -29.08 21.75 33.44
CA GLU F 470 -29.22 22.29 32.06
C GLU F 470 -30.36 21.55 31.34
N LEU F 471 -30.42 20.22 31.48
CA LEU F 471 -31.44 19.40 30.78
C LEU F 471 -32.83 19.78 31.33
N ALA F 472 -32.96 19.81 32.65
CA ALA F 472 -34.25 20.09 33.36
C ALA F 472 -34.79 21.45 32.90
N ASP F 473 -33.91 22.45 32.85
CA ASP F 473 -34.25 23.84 32.46
C ASP F 473 -34.67 23.91 30.99
N ARG F 474 -34.03 23.12 30.14
CA ARG F 474 -34.29 23.07 28.68
C ARG F 474 -35.63 22.35 28.39
N LEU F 475 -36.01 21.35 29.18
CA LEU F 475 -37.16 20.48 28.85
C LEU F 475 -38.46 21.30 28.96
N SER F 476 -38.58 22.15 29.99
CA SER F 476 -39.83 22.84 30.33
C SER F 476 -39.59 23.85 31.46
N ASP F 477 -40.35 24.94 31.47
CA ASP F 477 -40.33 25.96 32.55
C ASP F 477 -41.19 25.49 33.71
N THR F 478 -42.05 24.49 33.53
CA THR F 478 -43.03 24.09 34.59
C THR F 478 -42.89 22.60 34.95
N TYR F 479 -42.73 21.69 33.99
CA TYR F 479 -42.69 20.23 34.27
C TYR F 479 -41.25 19.76 34.46
N THR F 480 -41.03 18.90 35.46
CA THR F 480 -39.76 18.15 35.66
C THR F 480 -40.03 16.66 35.69
N PRO F 481 -39.42 15.86 34.78
CA PRO F 481 -39.57 14.41 34.83
C PRO F 481 -38.89 13.85 36.08
N PRO F 482 -39.48 12.82 36.74
CA PRO F 482 -38.82 12.15 37.85
C PRO F 482 -37.49 11.52 37.39
N ALA F 483 -36.57 11.26 38.32
CA ALA F 483 -35.18 10.83 38.08
C ALA F 483 -35.12 9.65 37.10
N ASP F 484 -35.97 8.64 37.28
CA ASP F 484 -35.97 7.39 36.47
C ASP F 484 -36.12 7.76 34.99
N LEU F 485 -36.98 8.73 34.69
CA LEU F 485 -37.24 9.15 33.30
C LEU F 485 -36.19 10.19 32.88
N MET F 486 -35.76 11.06 33.79
CA MET F 486 -34.78 12.12 33.46
C MET F 486 -33.48 11.48 32.96
N THR F 487 -33.01 10.39 33.58
CA THR F 487 -31.77 9.70 33.13
C THR F 487 -31.99 9.14 31.72
N ALA F 488 -33.13 8.53 31.45
CA ALA F 488 -33.46 8.01 30.09
C ALA F 488 -33.42 9.15 29.08
N ILE F 489 -34.00 10.31 29.41
CA ILE F 489 -34.04 11.47 28.49
C ILE F 489 -32.63 12.02 28.30
N MET F 490 -31.86 12.14 29.40
CA MET F 490 -30.47 12.65 29.33
C MET F 490 -29.68 11.89 28.26
N PHE F 491 -29.86 10.57 28.15
CA PHE F 491 -29.02 9.70 27.28
C PHE F 491 -29.79 9.27 26.03
N SER F 492 -30.93 9.92 25.72
CA SER F 492 -31.70 9.68 24.47
C SER F 492 -31.14 10.56 23.35
N GLU F 493 -31.60 10.36 22.11
CA GLU F 493 -31.19 11.19 20.94
C GLU F 493 -31.74 12.62 21.10
N ARG F 494 -31.07 13.60 20.51
CA ARG F 494 -31.49 15.02 20.48
C ARG F 494 -32.93 15.14 19.97
N GLU F 495 -33.28 14.37 18.93
CA GLU F 495 -34.64 14.38 18.29
C GLU F 495 -35.67 13.93 19.33
N GLN F 496 -35.35 12.94 20.17
CA GLN F 496 -36.27 12.43 21.23
C GLN F 496 -36.42 13.48 22.33
N GLN F 497 -35.34 14.18 22.69
CA GLN F 497 -35.39 15.28 23.68
C GLN F 497 -36.29 16.41 23.14
N ASP F 498 -36.11 16.79 21.88
CA ASP F 498 -36.86 17.91 21.25
C ASP F 498 -38.34 17.54 21.19
N GLU F 499 -38.66 16.28 20.86
CA GLU F 499 -40.06 15.80 20.80
C GLU F 499 -40.69 15.93 22.19
N LEU F 500 -39.95 15.66 23.27
CA LEU F 500 -40.46 15.78 24.66
C LEU F 500 -40.66 17.25 25.02
N ILE F 501 -39.75 18.13 24.59
CA ILE F 501 -39.89 19.60 24.82
C ILE F 501 -41.23 20.06 24.22
N ALA F 502 -41.52 19.64 22.98
CA ALA F 502 -42.79 19.93 22.27
C ALA F 502 -43.95 19.34 23.05
N TYR F 503 -43.86 18.07 23.48
CA TYR F 503 -44.93 17.39 24.26
C TYR F 503 -45.26 18.24 25.50
N TYR F 504 -44.25 18.58 26.30
CA TYR F 504 -44.42 19.35 27.56
C TYR F 504 -45.08 20.72 27.26
N ALA F 505 -44.67 21.39 26.19
CA ALA F 505 -45.20 22.71 25.77
C ALA F 505 -46.68 22.56 25.37
N ASP F 506 -47.03 21.48 24.64
CA ASP F 506 -48.42 21.19 24.22
C ASP F 506 -49.28 20.90 25.45
N VAL F 507 -48.75 20.18 26.45
CA VAL F 507 -49.51 19.90 27.70
C VAL F 507 -49.77 21.23 28.43
N HIS F 508 -48.76 22.10 28.53
CA HIS F 508 -48.87 23.41 29.23
C HIS F 508 -50.02 24.22 28.62
N ARG F 509 -49.96 24.37 27.29
CA ARG F 509 -50.96 25.05 26.42
C ARG F 509 -52.36 24.50 26.68
N GLU F 510 -52.51 23.18 26.85
CA GLU F 510 -53.83 22.50 27.01
C GLU F 510 -54.43 22.81 28.39
N TRP F 511 -53.60 22.91 29.44
CA TRP F 511 -54.11 22.93 30.85
C TRP F 511 -53.96 24.32 31.48
N HIS F 512 -53.30 25.27 30.83
CA HIS F 512 -53.05 26.63 31.36
C HIS F 512 -53.45 27.67 30.31
N GLN G 31 21.92 -5.73 98.90
CA GLN G 31 21.32 -4.38 99.06
C GLN G 31 19.82 -4.54 99.32
N THR G 32 19.13 -3.44 99.63
CA THR G 32 17.65 -3.25 99.47
C THR G 32 17.38 -2.37 98.23
N ASP G 33 18.42 -2.18 97.41
CA ASP G 33 18.38 -1.45 96.11
C ASP G 33 17.47 -2.20 95.14
N VAL G 34 16.69 -1.45 94.35
CA VAL G 34 15.85 -2.01 93.26
C VAL G 34 16.40 -1.53 91.92
N ILE G 35 16.61 -2.48 90.99
CA ILE G 35 16.91 -2.18 89.57
C ILE G 35 15.70 -2.59 88.72
N VAL G 36 15.15 -1.65 87.97
CA VAL G 36 14.13 -1.91 86.91
C VAL G 36 14.89 -1.99 85.58
N VAL G 37 14.82 -3.14 84.90
CA VAL G 37 15.43 -3.32 83.56
C VAL G 37 14.34 -3.07 82.52
N GLY G 38 14.40 -1.90 81.87
CA GLY G 38 13.51 -1.54 80.74
C GLY G 38 12.88 -0.18 80.97
N ASN G 39 12.82 0.67 79.94
CA ASN G 39 12.39 2.08 80.06
C ASN G 39 11.20 2.37 79.12
N GLY G 40 10.39 1.36 78.85
CA GLY G 40 9.09 1.57 78.15
C GLY G 40 8.05 1.96 79.17
N VAL G 41 6.76 1.88 78.82
CA VAL G 41 5.65 2.19 79.77
C VAL G 41 5.69 1.23 80.97
N LEU G 42 6.01 -0.06 80.78
CA LEU G 42 5.96 -1.04 81.88
C LEU G 42 7.06 -0.74 82.91
N GLY G 43 8.31 -0.61 82.44
CA GLY G 43 9.46 -0.35 83.32
C GLY G 43 9.28 0.95 84.09
N LEU G 44 8.94 2.03 83.39
CA LEU G 44 8.74 3.36 84.01
C LEU G 44 7.56 3.32 84.99
N SER G 45 6.47 2.62 84.64
CA SER G 45 5.26 2.53 85.49
C SER G 45 5.62 1.81 86.80
N VAL G 46 6.36 0.71 86.72
CA VAL G 46 6.80 -0.06 87.91
C VAL G 46 7.84 0.78 88.69
N GLY G 47 8.76 1.46 87.98
CA GLY G 47 9.74 2.39 88.58
C GLY G 47 9.05 3.46 89.41
N VAL G 48 8.03 4.09 88.84
CA VAL G 48 7.26 5.17 89.54
C VAL G 48 6.60 4.57 90.79
N GLU G 49 5.98 3.40 90.70
CA GLU G 49 5.21 2.82 91.83
C GLU G 49 6.19 2.43 92.95
N ILE G 50 7.33 1.84 92.62
CA ILE G 50 8.37 1.44 93.60
C ILE G 50 8.91 2.70 94.29
N ALA G 51 9.35 3.69 93.51
CA ALA G 51 9.93 4.97 94.01
C ALA G 51 8.96 5.68 94.95
N ARG G 52 7.67 5.71 94.61
CA ARG G 52 6.63 6.40 95.42
C ARG G 52 6.32 5.61 96.70
N THR G 53 6.51 4.29 96.70
CA THR G 53 6.04 3.36 97.77
C THR G 53 7.18 3.05 98.76
N ARG G 54 8.43 3.08 98.33
CA ARG G 54 9.63 2.88 99.20
C ARG G 54 10.57 4.08 99.07
N PRO G 55 10.24 5.26 99.66
CA PRO G 55 11.10 6.45 99.56
C PRO G 55 12.48 6.24 100.19
N ASP G 56 12.58 5.23 101.04
CA ASP G 56 13.80 4.84 101.82
C ASP G 56 14.79 4.04 100.95
N VAL G 57 14.38 3.48 99.80
CA VAL G 57 15.25 2.60 98.96
C VAL G 57 15.65 3.34 97.68
N ARG G 58 16.83 3.03 97.16
CA ARG G 58 17.33 3.46 95.84
C ARG G 58 16.68 2.60 94.75
N VAL G 59 15.93 3.24 93.84
CA VAL G 59 15.37 2.56 92.62
C VAL G 59 16.07 3.17 91.41
N THR G 60 16.76 2.33 90.64
CA THR G 60 17.48 2.69 89.41
C THR G 60 16.76 2.03 88.22
N LEU G 61 16.52 2.80 87.16
CA LEU G 61 15.89 2.29 85.93
C LEU G 61 16.90 2.34 84.78
N LEU G 62 17.15 1.18 84.17
CA LEU G 62 18.08 1.00 83.02
C LEU G 62 17.31 1.11 81.71
N GLY G 63 18.02 1.45 80.63
CA GLY G 63 17.48 1.64 79.28
C GLY G 63 17.90 2.98 78.70
N LYS G 64 17.99 3.09 77.37
CA LYS G 64 18.57 4.25 76.64
C LYS G 64 17.46 4.98 75.89
N PRO G 65 17.66 6.24 75.44
CA PRO G 65 16.73 6.85 74.49
C PRO G 65 16.73 6.13 73.12
N GLY G 76 -0.57 4.10 70.08
CA GLY G 76 -1.50 5.22 69.82
C GLY G 76 -1.63 6.18 70.99
N ALA G 77 -2.19 5.68 72.09
CA ALA G 77 -2.50 4.27 72.31
C ALA G 77 -3.90 4.16 72.89
N MET G 78 -4.60 3.10 72.52
CA MET G 78 -5.93 2.78 73.11
C MET G 78 -5.73 2.17 74.50
N LEU G 79 -6.55 2.60 75.46
CA LEU G 79 -6.69 1.87 76.76
C LEU G 79 -7.71 0.75 76.53
N GLY G 80 -7.27 -0.28 75.80
CA GLY G 80 -8.16 -1.31 75.21
C GLY G 80 -8.48 -2.38 76.23
N ALA G 81 -9.76 -2.52 76.52
CA ALA G 81 -10.33 -3.51 77.48
C ALA G 81 -11.47 -4.23 76.79
N PHE G 82 -12.63 -3.59 76.66
CA PHE G 82 -13.83 -4.13 75.97
C PHE G 82 -13.59 -4.17 74.45
N GLY G 83 -12.93 -3.15 73.89
CA GLY G 83 -12.59 -3.11 72.44
C GLY G 83 -11.71 -4.28 72.03
N GLU G 84 -10.94 -4.84 72.95
CA GLU G 84 -10.01 -5.98 72.69
C GLU G 84 -10.74 -7.33 72.79
N VAL G 85 -12.01 -7.36 73.17
CA VAL G 85 -12.74 -8.65 73.37
C VAL G 85 -12.92 -9.35 72.01
N THR G 86 -12.60 -10.65 71.96
CA THR G 86 -12.95 -11.56 70.85
C THR G 86 -13.72 -12.77 71.39
N ALA G 87 -14.61 -13.36 70.57
CA ALA G 87 -15.31 -14.63 70.88
C ALA G 87 -14.27 -15.68 71.28
N HIS G 88 -13.18 -15.80 70.53
CA HIS G 88 -12.13 -16.82 70.74
C HIS G 88 -11.44 -16.66 72.11
N ALA G 89 -11.07 -15.43 72.49
CA ALA G 89 -10.41 -15.14 73.79
C ALA G 89 -11.35 -15.56 74.94
N LEU G 90 -12.61 -15.11 74.90
CA LEU G 90 -13.61 -15.33 75.98
C LEU G 90 -14.16 -16.77 75.99
N ALA G 91 -13.79 -17.60 75.02
CA ALA G 91 -14.16 -19.03 74.97
C ALA G 91 -13.18 -19.85 75.82
N SER G 92 -12.03 -19.27 76.21
CA SER G 92 -11.02 -19.95 77.07
C SER G 92 -11.04 -19.37 78.48
N GLU G 93 -10.73 -20.21 79.48
CA GLU G 93 -10.62 -19.76 80.90
C GLU G 93 -9.50 -18.72 81.01
N HIS G 94 -8.34 -18.96 80.40
CA HIS G 94 -7.18 -18.03 80.44
C HIS G 94 -7.55 -16.71 79.79
N GLY G 95 -8.31 -16.75 78.69
CA GLY G 95 -8.81 -15.55 78.00
C GLY G 95 -9.74 -14.72 78.88
N ARG G 96 -10.67 -15.36 79.59
CA ARG G 96 -11.59 -14.66 80.53
C ARG G 96 -10.78 -14.04 81.68
N LYS G 97 -9.74 -14.72 82.17
CA LYS G 97 -8.84 -14.20 83.25
C LYS G 97 -8.13 -12.93 82.75
N LYS G 98 -7.55 -12.98 81.55
CA LYS G 98 -6.82 -11.83 80.94
C LYS G 98 -7.80 -10.67 80.76
N HIS G 99 -9.03 -10.94 80.30
CA HIS G 99 -10.05 -9.89 80.11
C HIS G 99 -10.42 -9.23 81.45
N ALA G 100 -10.61 -10.01 82.51
CA ALA G 100 -10.94 -9.50 83.87
C ALA G 100 -9.84 -8.53 84.31
N LEU G 101 -8.58 -8.85 84.08
CA LEU G 101 -7.42 -7.97 84.42
C LEU G 101 -7.49 -6.65 83.63
N ALA G 102 -7.85 -6.70 82.36
CA ALA G 102 -7.99 -5.48 81.52
C ALA G 102 -9.09 -4.58 82.11
N VAL G 103 -10.20 -5.17 82.54
CA VAL G 103 -11.34 -4.41 83.13
C VAL G 103 -10.86 -3.78 84.45
N GLN G 104 -10.10 -4.50 85.25
CA GLN G 104 -9.54 -4.01 86.54
C GLN G 104 -8.58 -2.87 86.26
N ALA G 105 -7.69 -3.01 85.27
CA ALA G 105 -6.72 -1.96 84.89
C ALA G 105 -7.45 -0.68 84.51
N GLN G 106 -8.53 -0.77 83.75
CA GLN G 106 -9.30 0.41 83.23
C GLN G 106 -9.72 1.28 84.40
N ARG G 107 -10.14 0.68 85.52
CA ARG G 107 -10.63 1.40 86.72
C ARG G 107 -9.51 2.27 87.32
N LEU G 108 -8.24 1.91 87.13
CA LEU G 108 -7.08 2.62 87.74
C LEU G 108 -6.69 3.83 86.91
N TRP G 109 -7.09 3.95 85.65
CA TRP G 109 -6.47 4.91 84.70
C TRP G 109 -6.75 6.36 85.11
N PRO G 110 -8.00 6.75 85.44
CA PRO G 110 -8.27 8.15 85.78
C PRO G 110 -7.40 8.70 86.92
N GLU G 111 -7.27 7.98 88.04
CA GLU G 111 -6.45 8.42 89.21
C GLU G 111 -4.94 8.36 88.84
N TRP G 112 -4.52 7.32 88.11
CA TRP G 112 -3.13 7.14 87.64
C TRP G 112 -2.70 8.36 86.82
N ILE G 113 -3.52 8.77 85.86
CA ILE G 113 -3.24 9.94 84.98
C ILE G 113 -3.15 11.21 85.84
N GLU G 114 -4.14 11.42 86.72
CA GLU G 114 -4.18 12.56 87.67
C GLU G 114 -2.85 12.61 88.46
N SER G 115 -2.37 11.48 88.98
CA SER G 115 -1.14 11.37 89.80
C SER G 115 0.10 11.66 88.95
N LEU G 116 0.05 11.44 87.64
CA LEU G 116 1.21 11.68 86.73
C LEU G 116 1.20 13.14 86.27
N GLU G 117 0.03 13.68 85.93
CA GLU G 117 -0.11 15.09 85.47
C GLU G 117 0.14 16.03 86.65
N ALA G 118 -0.15 15.60 87.87
CA ALA G 118 0.07 16.36 89.13
C ALA G 118 1.54 16.80 89.25
N THR G 119 2.49 16.03 88.72
CA THR G 119 3.95 16.34 88.81
C THR G 119 4.39 17.31 87.71
N GLY G 120 3.48 17.70 86.80
CA GLY G 120 3.78 18.62 85.68
C GLY G 120 2.88 19.84 85.74
N THR G 121 2.78 20.59 84.64
CA THR G 121 1.92 21.79 84.49
C THR G 121 1.18 21.72 83.15
N ALA G 122 0.25 22.65 82.92
CA ALA G 122 -0.59 22.76 81.70
C ALA G 122 0.26 22.56 80.43
N ALA G 123 1.45 23.16 80.38
CA ALA G 123 2.30 23.25 79.17
C ALA G 123 2.93 21.90 78.84
N ASP G 124 2.86 20.92 79.75
CA ASP G 124 3.38 19.54 79.50
C ASP G 124 2.44 18.77 78.55
N GLY G 125 1.23 19.28 78.32
CA GLY G 125 0.25 18.62 77.44
C GLY G 125 -0.55 17.60 78.24
N ARG G 126 -1.61 17.07 77.64
CA ARG G 126 -2.54 16.14 78.32
C ARG G 126 -2.20 14.71 77.90
N ILE G 127 -2.14 13.80 78.88
CA ILE G 127 -1.90 12.35 78.62
C ILE G 127 -3.11 11.78 77.86
N LYS G 128 -4.32 12.08 78.33
CA LYS G 128 -5.59 11.56 77.78
C LYS G 128 -5.92 12.32 76.50
N THR G 129 -6.24 11.60 75.42
CA THR G 129 -6.57 12.22 74.10
C THR G 129 -8.03 11.94 73.73
N ALA G 130 -8.68 10.99 74.41
CA ALA G 130 -10.10 10.68 74.23
C ALA G 130 -10.58 9.93 75.47
N ASP G 131 -11.86 10.08 75.80
CA ASP G 131 -12.51 9.42 76.96
C ASP G 131 -13.24 8.13 76.53
N ASP G 132 -13.76 8.14 75.31
CA ASP G 132 -14.70 7.13 74.80
C ASP G 132 -14.15 6.51 73.51
N THR G 133 -14.72 5.36 73.15
CA THR G 133 -14.39 4.58 71.95
C THR G 133 -15.68 4.25 71.21
N VAL G 134 -15.70 4.43 69.90
CA VAL G 134 -16.77 3.83 69.04
C VAL G 134 -16.17 2.63 68.31
N VAL G 135 -16.80 1.46 68.47
CA VAL G 135 -16.48 0.23 67.70
C VAL G 135 -17.42 0.20 66.49
N LEU G 136 -16.86 0.12 65.29
CA LEU G 136 -17.64 0.12 64.03
C LEU G 136 -17.71 -1.31 63.50
N LEU G 137 -18.85 -1.67 62.93
CA LEU G 137 -19.01 -2.97 62.24
C LEU G 137 -19.31 -2.70 60.77
N ASN G 138 -18.40 -3.11 59.89
CA ASN G 138 -18.52 -2.99 58.42
C ASN G 138 -18.33 -4.39 57.85
N THR G 139 -18.40 -4.55 56.53
CA THR G 139 -18.34 -5.88 55.87
C THR G 139 -16.98 -6.07 55.19
N VAL G 140 -15.97 -5.27 55.57
CA VAL G 140 -14.61 -5.41 55.00
C VAL G 140 -13.83 -6.37 55.90
N GLY G 141 -14.31 -7.59 56.00
CA GLY G 141 -13.73 -8.60 56.89
C GLY G 141 -14.55 -9.86 56.88
N HIS G 142 -14.08 -10.86 57.63
CA HIS G 142 -14.72 -12.18 57.75
C HIS G 142 -15.91 -12.05 58.71
N SER G 143 -17.10 -12.54 58.33
CA SER G 143 -18.24 -12.70 59.27
C SER G 143 -17.82 -13.54 60.49
N ALA G 144 -17.00 -14.58 60.30
CA ALA G 144 -16.62 -15.52 61.37
C ALA G 144 -15.72 -14.83 62.41
N LEU G 145 -15.07 -13.71 62.08
CA LEU G 145 -14.36 -12.89 63.09
C LEU G 145 -15.25 -11.71 63.48
N ASP G 146 -15.55 -10.81 62.55
CA ASP G 146 -16.13 -9.48 62.87
C ASP G 146 -17.54 -9.63 63.48
N ASP G 147 -18.40 -10.49 62.95
CA ASP G 147 -19.79 -10.65 63.48
C ASP G 147 -19.71 -11.30 64.86
N ALA G 148 -18.94 -12.39 65.01
CA ALA G 148 -18.76 -13.10 66.30
C ALA G 148 -18.18 -12.13 67.34
N ASN G 149 -17.17 -11.35 66.95
CA ASN G 149 -16.43 -10.48 67.91
C ASN G 149 -17.32 -9.31 68.33
N PHE G 150 -18.13 -8.76 67.43
CA PHE G 150 -19.04 -7.65 67.78
C PHE G 150 -20.06 -8.13 68.84
N ALA G 151 -20.63 -9.32 68.65
CA ALA G 151 -21.59 -9.92 69.61
C ALA G 151 -20.88 -10.16 70.95
N ALA G 152 -19.63 -10.64 70.92
CA ALA G 152 -18.84 -10.95 72.14
C ALA G 152 -18.54 -9.66 72.92
N VAL G 153 -18.27 -8.55 72.22
CA VAL G 153 -17.99 -7.22 72.86
C VAL G 153 -19.27 -6.76 73.57
N LEU G 154 -20.40 -6.79 72.87
CA LEU G 154 -21.72 -6.40 73.42
C LEU G 154 -22.00 -7.21 74.70
N THR G 155 -21.76 -8.53 74.66
CA THR G 155 -22.05 -9.44 75.78
C THR G 155 -21.13 -9.09 76.96
N ALA G 156 -19.83 -8.90 76.71
CA ALA G 156 -18.81 -8.59 77.75
C ALA G 156 -19.16 -7.27 78.43
N LEU G 157 -19.62 -6.26 77.68
CA LEU G 157 -20.02 -4.94 78.24
C LEU G 157 -21.20 -5.14 79.20
N LYS G 158 -22.23 -5.88 78.78
CA LYS G 158 -23.47 -6.13 79.57
C LYS G 158 -23.10 -6.90 80.86
N GLU G 159 -22.28 -7.95 80.75
CA GLU G 159 -21.84 -8.78 81.89
C GLU G 159 -21.09 -7.94 82.92
N ALA G 160 -20.27 -6.98 82.48
CA ALA G 160 -19.43 -6.16 83.38
C ALA G 160 -20.20 -4.95 83.87
N ASN G 161 -21.45 -4.76 83.42
CA ASN G 161 -22.29 -3.59 83.78
C ASN G 161 -21.55 -2.30 83.36
N ALA G 162 -20.76 -2.35 82.29
CA ALA G 162 -20.01 -1.18 81.76
C ALA G 162 -20.99 -0.24 81.07
N PRO G 163 -20.82 1.09 81.17
CA PRO G 163 -21.67 2.02 80.44
C PRO G 163 -21.31 1.98 78.94
N HIS G 164 -22.32 1.83 78.09
CA HIS G 164 -22.17 1.65 76.62
C HIS G 164 -23.53 1.81 75.98
N GLU G 165 -23.56 1.97 74.66
CA GLU G 165 -24.82 2.15 73.90
C GLU G 165 -24.55 1.76 72.45
N GLU G 166 -25.39 0.92 71.87
CA GLU G 166 -25.44 0.76 70.39
C GLU G 166 -26.07 2.02 69.84
N ILE G 167 -25.38 2.70 68.92
CA ILE G 167 -25.81 4.02 68.39
C ILE G 167 -26.04 3.90 66.88
N ALA G 168 -26.83 4.80 66.32
CA ALA G 168 -27.03 4.95 64.87
C ALA G 168 -25.68 5.34 64.26
N VAL G 169 -25.31 4.70 63.16
CA VAL G 169 -24.02 4.99 62.46
C VAL G 169 -23.99 6.48 62.07
N GLU G 170 -25.14 7.03 61.70
CA GLU G 170 -25.33 8.44 61.27
C GLU G 170 -24.92 9.37 62.41
N SER G 171 -25.00 8.93 63.66
CA SER G 171 -24.66 9.75 64.85
C SER G 171 -23.15 9.66 65.15
N VAL G 172 -22.39 8.83 64.45
CA VAL G 172 -20.92 8.75 64.66
C VAL G 172 -20.31 10.01 64.04
N ASP G 173 -19.64 10.79 64.90
CA ASP G 173 -18.86 12.02 64.65
C ASP G 173 -17.81 11.79 63.58
N TRP G 174 -17.63 12.71 62.62
CA TRP G 174 -16.39 12.95 61.85
C TRP G 174 -16.20 11.96 60.70
N ILE G 175 -16.50 10.66 60.89
CA ILE G 175 -16.15 9.60 59.88
C ILE G 175 -16.76 9.97 58.53
N ASP G 176 -16.06 9.62 57.44
CA ASP G 176 -16.53 9.84 56.06
C ASP G 176 -16.07 8.66 55.21
N PRO G 177 -16.60 7.45 55.49
CA PRO G 177 -16.14 6.25 54.81
C PRO G 177 -16.59 6.20 53.35
N ASP G 178 -15.86 5.44 52.54
CA ASP G 178 -16.36 4.92 51.24
C ASP G 178 -17.69 4.22 51.52
N PRO G 179 -18.83 4.56 50.86
CA PRO G 179 -20.08 3.86 51.09
C PRO G 179 -19.98 2.31 51.00
N ASN G 180 -19.13 1.76 50.14
CA ASN G 180 -18.99 0.29 49.98
C ASN G 180 -18.16 -0.28 51.15
N SER G 181 -17.57 0.57 51.99
CA SER G 181 -16.73 0.17 53.15
C SER G 181 -17.34 0.68 54.47
N ARG G 182 -18.57 1.20 54.45
CA ARG G 182 -19.14 1.95 55.59
C ARG G 182 -19.62 0.98 56.66
N PRO G 183 -19.69 1.44 57.92
CA PRO G 183 -20.27 0.65 58.99
C PRO G 183 -21.80 0.68 58.92
N LEU G 184 -22.45 -0.42 59.32
CA LEU G 184 -23.92 -0.46 59.44
C LEU G 184 -24.33 -0.58 60.90
N ARG G 185 -23.39 -0.91 61.80
CA ARG G 185 -23.63 -0.87 63.27
C ARG G 185 -22.44 -0.17 63.94
N ALA G 186 -22.71 0.47 65.08
CA ALA G 186 -21.73 1.21 65.87
C ALA G 186 -22.08 1.06 67.35
N LEU G 187 -21.05 0.98 68.17
CA LEU G 187 -21.11 0.75 69.61
C LEU G 187 -20.25 1.81 70.31
N HIS G 188 -20.88 2.68 71.12
CA HIS G 188 -20.22 3.70 71.95
C HIS G 188 -19.86 3.06 73.29
N ILE G 189 -18.58 3.02 73.62
CA ILE G 189 -18.07 2.51 74.94
C ILE G 189 -17.58 3.71 75.74
N GLU G 190 -18.28 4.02 76.83
CA GLU G 190 -18.01 5.20 77.69
C GLU G 190 -16.87 4.87 78.66
N GLY G 191 -15.88 5.75 78.77
CA GLY G 191 -14.76 5.62 79.73
C GLY G 191 -13.70 4.64 79.24
N GLU G 192 -13.76 4.25 77.96
CA GLU G 192 -12.67 3.48 77.31
C GLU G 192 -12.02 4.43 76.30
N GLY G 193 -10.82 4.91 76.61
CA GLY G 193 -10.24 6.06 75.91
C GLY G 193 -8.90 5.73 75.28
N SER G 194 -8.11 6.78 75.16
CA SER G 194 -6.77 6.72 74.54
C SER G 194 -5.86 7.73 75.23
N VAL G 195 -4.56 7.47 75.14
CA VAL G 195 -3.50 8.34 75.69
C VAL G 195 -2.54 8.67 74.55
N ASP G 196 -1.89 9.82 74.64
CA ASP G 196 -0.70 10.12 73.83
C ASP G 196 0.48 9.43 74.51
N SER G 197 1.04 8.40 73.87
CA SER G 197 2.07 7.53 74.50
C SER G 197 3.34 8.33 74.76
N GLY G 198 3.64 9.34 73.93
CA GLY G 198 4.83 10.22 74.08
C GLY G 198 4.69 11.10 75.30
N ILE G 199 3.52 11.70 75.49
CA ILE G 199 3.20 12.53 76.68
C ILE G 199 3.14 11.64 77.92
N LEU G 200 2.61 10.42 77.81
CA LEU G 200 2.60 9.45 78.93
C LEU G 200 4.05 9.16 79.36
N LEU G 201 4.95 8.86 78.42
CA LEU G 201 6.35 8.50 78.72
C LEU G 201 7.05 9.67 79.40
N ALA G 202 6.82 10.91 78.93
CA ALA G 202 7.41 12.14 79.50
C ALA G 202 6.88 12.32 80.93
N ALA G 203 5.58 12.12 81.16
CA ALA G 203 4.94 12.27 82.48
C ALA G 203 5.48 11.19 83.44
N LEU G 204 5.69 9.96 82.95
CA LEU G 204 6.22 8.84 83.78
C LEU G 204 7.67 9.17 84.20
N GLU G 205 8.50 9.63 83.27
CA GLU G 205 9.92 9.97 83.57
C GLU G 205 9.98 11.09 84.61
N ARG G 206 9.20 12.16 84.41
CA ARG G 206 9.11 13.33 85.31
C ARG G 206 8.67 12.84 86.70
N SER G 207 7.64 12.00 86.75
CA SER G 207 7.07 11.46 88.02
C SER G 207 8.11 10.56 88.72
N PHE G 208 8.88 9.80 87.93
CA PHE G 208 9.93 8.87 88.44
C PHE G 208 11.01 9.70 89.16
N LEU G 209 11.48 10.75 88.50
CA LEU G 209 12.54 11.66 89.06
C LEU G 209 11.99 12.38 90.29
N GLN G 210 10.74 12.84 90.26
CA GLN G 210 10.10 13.56 91.39
C GLN G 210 10.05 12.67 92.63
N ALA G 211 9.88 11.36 92.44
CA ALA G 211 9.76 10.38 93.55
C ALA G 211 11.15 9.89 94.00
N GLY G 212 12.22 10.45 93.41
CA GLY G 212 13.62 10.15 93.81
C GLY G 212 14.23 9.02 93.01
N GLY G 213 13.60 8.60 91.91
CA GLY G 213 14.13 7.53 91.05
C GLY G 213 15.37 8.00 90.33
N ARG G 214 16.28 7.08 89.98
CA ARG G 214 17.52 7.41 89.24
C ARG G 214 17.46 6.69 87.87
N LEU G 215 17.66 7.46 86.80
CA LEU G 215 17.77 6.97 85.40
C LEU G 215 19.24 6.72 85.10
N HIS G 216 19.60 5.48 84.77
CA HIS G 216 20.97 5.10 84.33
C HIS G 216 20.90 4.62 82.89
N PRO G 217 21.24 5.48 81.90
CA PRO G 217 20.92 5.21 80.50
C PRO G 217 21.89 4.22 79.84
N VAL G 218 21.93 2.99 80.34
CA VAL G 218 22.67 1.83 79.75
C VAL G 218 21.71 0.63 79.76
N ASP G 219 22.06 -0.42 79.03
CA ASP G 219 21.26 -1.67 78.95
C ASP G 219 21.86 -2.71 79.88
N ALA G 220 21.02 -3.50 80.54
CA ALA G 220 21.42 -4.74 81.24
C ALA G 220 21.87 -5.75 80.18
N THR G 221 23.01 -6.40 80.39
CA THR G 221 23.50 -7.54 79.56
C THR G 221 23.21 -8.85 80.30
N GLU G 222 23.23 -8.85 81.64
CA GLU G 222 23.21 -10.10 82.43
C GLU G 222 22.62 -9.83 83.82
N ILE G 223 21.78 -10.74 84.30
CA ILE G 223 21.33 -10.76 85.72
C ILE G 223 22.26 -11.69 86.47
N ARG G 224 22.83 -11.22 87.58
CA ARG G 224 23.71 -12.03 88.45
C ARG G 224 22.88 -12.54 89.62
N ALA G 225 22.90 -13.86 89.83
CA ALA G 225 22.27 -14.56 90.95
C ALA G 225 23.18 -15.70 91.41
N SER G 226 23.17 -16.00 92.71
CA SER G 226 23.80 -17.20 93.29
C SER G 226 23.07 -17.55 94.58
N HIS G 227 23.08 -18.83 94.94
CA HIS G 227 22.39 -19.34 96.16
C HIS G 227 20.93 -18.92 96.09
N GLY G 228 20.33 -19.03 94.89
CA GLY G 228 18.90 -18.82 94.60
C GLY G 228 18.41 -17.41 94.90
N ARG G 229 19.26 -16.40 94.73
CA ARG G 229 18.95 -15.00 95.12
C ARG G 229 19.66 -14.03 94.17
N VAL G 230 18.99 -12.94 93.76
CA VAL G 230 19.60 -11.92 92.86
C VAL G 230 20.67 -11.17 93.64
N GLU G 231 21.79 -10.91 92.97
CA GLU G 231 22.91 -10.06 93.45
C GLU G 231 22.86 -8.71 92.73
N GLY G 232 22.44 -8.71 91.45
CA GLY G 232 22.25 -7.47 90.67
C GLY G 232 22.39 -7.68 89.17
N VAL G 233 22.91 -6.67 88.46
CA VAL G 233 22.85 -6.56 86.98
C VAL G 233 24.19 -6.05 86.45
N VAL G 234 24.77 -6.79 85.50
CA VAL G 234 25.90 -6.31 84.64
C VAL G 234 25.28 -5.52 83.48
N THR G 235 25.79 -4.31 83.25
CA THR G 235 25.36 -3.38 82.17
C THR G 235 26.32 -3.50 80.98
N ASP G 236 25.93 -2.97 79.81
CA ASP G 236 26.65 -3.16 78.53
C ASP G 236 27.85 -2.21 78.42
N ASP G 237 28.13 -1.43 79.46
CA ASP G 237 29.40 -0.66 79.60
C ASP G 237 30.36 -1.42 80.53
N GLY G 238 30.07 -2.68 80.88
CA GLY G 238 30.95 -3.57 81.66
C GLY G 238 30.78 -3.44 83.16
N ASP G 239 29.99 -2.47 83.62
CA ASP G 239 29.80 -2.12 85.06
C ASP G 239 28.91 -3.18 85.73
N PHE G 240 28.97 -3.30 87.06
CA PHE G 240 28.06 -4.13 87.88
C PHE G 240 27.28 -3.24 88.86
N LEU G 241 25.95 -3.34 88.84
CA LEU G 241 25.04 -2.60 89.76
C LEU G 241 24.44 -3.61 90.74
N PRO G 242 24.66 -3.46 92.07
CA PRO G 242 24.08 -4.38 93.06
C PRO G 242 22.61 -4.08 93.31
N ALA G 243 21.83 -5.09 93.71
CA ALA G 243 20.39 -4.97 94.00
C ALA G 243 19.88 -6.15 94.82
N GLY G 244 18.91 -5.89 95.70
CA GLY G 244 18.10 -6.92 96.37
C GLY G 244 16.91 -7.34 95.52
N HIS G 245 16.43 -6.46 94.64
CA HIS G 245 15.30 -6.74 93.71
C HIS G 245 15.67 -6.29 92.28
N VAL G 246 15.44 -7.16 91.30
CA VAL G 246 15.55 -6.83 89.84
C VAL G 246 14.18 -7.13 89.21
N VAL G 247 13.55 -6.10 88.64
CA VAL G 247 12.30 -6.22 87.85
C VAL G 247 12.65 -6.13 86.36
N VAL G 248 12.47 -7.24 85.65
CA VAL G 248 12.74 -7.31 84.18
C VAL G 248 11.46 -6.91 83.45
N ALA G 249 11.48 -5.74 82.82
CA ALA G 249 10.40 -5.24 81.92
C ALA G 249 11.05 -4.72 80.63
N ALA G 250 11.84 -5.59 80.00
CA ALA G 250 12.69 -5.27 78.83
C ALA G 250 11.99 -5.67 77.52
N GLY G 251 10.66 -5.62 77.50
CA GLY G 251 9.85 -6.05 76.33
C GLY G 251 10.27 -7.40 75.83
N ALA G 252 10.50 -7.55 74.53
CA ALA G 252 10.63 -8.90 73.90
C ALA G 252 11.97 -9.53 74.25
N ARG G 253 12.87 -8.76 74.88
CA ARG G 253 14.23 -9.25 75.28
C ARG G 253 14.18 -9.82 76.72
N SER G 254 13.04 -9.71 77.42
CA SER G 254 12.88 -10.06 78.86
C SER G 254 13.20 -11.53 79.11
N GLN G 255 12.65 -12.47 78.31
CA GLN G 255 12.87 -13.93 78.52
C GLN G 255 14.33 -14.28 78.25
N ARG G 256 14.94 -13.72 77.18
CA ARG G 256 16.34 -14.03 76.79
C ARG G 256 17.26 -13.66 77.95
N LEU G 257 16.91 -12.62 78.70
CA LEU G 257 17.72 -12.07 79.82
C LEU G 257 17.66 -12.99 81.03
N VAL G 258 16.48 -13.53 81.34
CA VAL G 258 16.26 -14.39 82.54
C VAL G 258 16.64 -15.84 82.24
N ALA G 259 16.54 -16.27 80.97
CA ALA G 259 16.73 -17.67 80.51
C ALA G 259 18.20 -18.10 80.63
N ALA G 260 19.12 -17.16 80.84
CA ALA G 260 20.58 -17.42 80.96
C ALA G 260 20.88 -18.00 82.35
N LEU G 261 20.01 -17.79 83.33
CA LEU G 261 20.17 -18.33 84.70
C LEU G 261 19.96 -19.85 84.71
N PRO G 262 20.60 -20.60 85.64
CA PRO G 262 20.51 -22.07 85.65
C PRO G 262 19.09 -22.66 85.59
N GLY G 263 18.80 -23.48 84.58
CA GLY G 263 17.54 -24.23 84.44
C GLY G 263 16.44 -23.42 83.79
N LEU G 264 16.57 -22.10 83.73
CA LEU G 264 15.44 -21.20 83.38
C LEU G 264 15.16 -21.20 81.87
N ALA G 265 16.05 -21.74 81.05
CA ALA G 265 15.95 -21.73 79.56
C ALA G 265 14.65 -22.42 79.09
N HIS G 266 14.19 -23.44 79.82
CA HIS G 266 12.95 -24.19 79.48
C HIS G 266 11.90 -24.03 80.58
N ARG G 267 12.07 -23.06 81.47
CA ARG G 267 11.12 -22.75 82.57
C ARG G 267 10.45 -21.38 82.38
N ILE G 268 11.05 -20.49 81.60
CA ILE G 268 10.45 -19.18 81.21
C ILE G 268 9.97 -19.27 79.77
N PRO G 269 8.65 -19.21 79.48
CA PRO G 269 8.18 -19.30 78.09
C PRO G 269 8.85 -18.24 77.19
N ARG G 270 9.27 -18.66 75.99
CA ARG G 270 9.81 -17.77 74.95
C ARG G 270 8.80 -16.64 74.64
N ILE G 271 9.38 -15.50 74.30
CA ILE G 271 8.70 -14.28 73.77
C ILE G 271 9.28 -13.98 72.37
N TYR G 272 8.45 -13.80 71.35
CA TYR G 272 8.87 -13.37 69.98
C TYR G 272 8.51 -11.90 69.77
N ASP G 273 8.94 -11.31 68.63
CA ASP G 273 8.63 -9.91 68.24
C ASP G 273 7.35 -9.82 67.41
N GLY G 274 6.29 -9.26 68.00
CA GLY G 274 5.00 -8.96 67.32
C GLY G 274 5.07 -7.60 66.63
N VAL G 275 5.72 -7.54 65.48
CA VAL G 275 6.07 -6.27 64.77
C VAL G 275 4.77 -5.57 64.40
N GLY G 276 4.63 -4.33 64.85
CA GLY G 276 3.41 -3.51 64.65
C GLY G 276 3.73 -2.24 63.89
N VAL G 277 2.91 -1.93 62.89
CA VAL G 277 3.08 -0.70 62.08
C VAL G 277 1.90 0.22 62.37
N SER G 278 2.22 1.48 62.62
CA SER G 278 1.23 2.56 62.81
C SER G 278 1.72 3.80 62.05
N ALA G 279 0.93 4.86 62.02
CA ALA G 279 1.32 6.08 61.28
C ALA G 279 0.72 7.30 61.94
N LEU G 280 1.46 8.41 61.92
CA LEU G 280 0.96 9.75 62.31
C LEU G 280 0.65 10.48 61.01
N VAL G 281 -0.55 11.04 60.94
CA VAL G 281 -1.08 11.76 59.76
C VAL G 281 -1.52 13.14 60.25
N ASP G 282 -1.11 14.19 59.57
CA ASP G 282 -1.69 15.56 59.71
C ASP G 282 -2.93 15.61 58.84
N THR G 283 -4.12 15.76 59.42
CA THR G 283 -5.38 15.72 58.65
C THR G 283 -5.48 16.96 57.76
N TRP G 284 -6.10 16.80 56.60
CA TRP G 284 -6.30 17.80 55.53
C TRP G 284 -6.77 19.13 56.14
N ASP G 285 -7.65 19.12 57.14
CA ASP G 285 -8.28 20.34 57.71
C ASP G 285 -7.91 20.52 59.18
N GLY G 286 -6.98 19.72 59.71
CA GLY G 286 -6.58 19.78 61.13
C GLY G 286 -7.63 19.21 62.08
N SER G 287 -8.72 18.63 61.58
CA SER G 287 -9.78 18.03 62.43
C SER G 287 -9.36 16.62 62.89
N GLY G 288 -10.11 16.09 63.85
CA GLY G 288 -9.99 14.71 64.34
C GLY G 288 -11.29 14.29 65.00
N PRO G 289 -11.52 12.98 65.23
CA PRO G 289 -12.71 12.55 65.94
C PRO G 289 -12.58 12.83 67.43
N ALA G 290 -13.72 12.95 68.10
CA ALA G 290 -13.82 13.19 69.56
C ALA G 290 -13.56 11.88 70.32
N THR G 291 -13.76 10.73 69.68
CA THR G 291 -13.56 9.39 70.30
C THR G 291 -12.49 8.62 69.54
N VAL G 292 -11.98 7.57 70.16
CA VAL G 292 -11.28 6.48 69.45
C VAL G 292 -12.31 5.91 68.46
N LEU G 293 -11.85 5.56 67.27
CA LEU G 293 -12.65 4.80 66.27
C LEU G 293 -11.89 3.50 66.03
N ARG G 294 -12.56 2.36 66.13
CA ARG G 294 -11.89 1.07 65.93
C ARG G 294 -12.85 0.02 65.41
N THR G 295 -12.30 -1.02 64.81
CA THR G 295 -12.95 -2.33 64.60
C THR G 295 -12.56 -3.22 65.77
N SER G 296 -13.21 -4.38 65.90
CA SER G 296 -12.70 -5.47 66.77
C SER G 296 -11.37 -5.96 66.19
N ASN G 297 -10.61 -6.71 66.97
CA ASN G 297 -9.38 -7.39 66.51
C ASN G 297 -9.71 -8.27 65.31
N ARG G 298 -8.80 -8.28 64.34
CA ARG G 298 -9.00 -8.89 63.01
C ARG G 298 -7.88 -9.91 62.78
N ALA G 299 -7.67 -10.32 61.53
CA ALA G 299 -6.81 -11.48 61.20
C ALA G 299 -5.45 -11.35 61.91
N PHE G 300 -5.09 -12.38 62.68
CA PHE G 300 -3.77 -12.56 63.31
C PHE G 300 -3.44 -11.35 64.19
N ALA G 301 -4.44 -10.90 64.96
CA ALA G 301 -4.32 -9.84 65.99
C ALA G 301 -3.87 -8.50 65.38
N CYS G 302 -4.12 -8.27 64.09
N CYS G 302 -4.12 -8.27 64.09
CA CYS G 302 -4.12 -6.92 63.48
CA CYS G 302 -4.12 -6.92 63.48
C CYS G 302 -5.47 -6.27 63.83
C CYS G 302 -5.47 -6.27 63.81
N GLY G 303 -5.66 -5.01 63.42
CA GLY G 303 -6.92 -4.30 63.67
C GLY G 303 -6.83 -2.92 63.08
N LEU G 304 -7.95 -2.25 62.94
CA LEU G 304 -7.99 -0.88 62.42
C LEU G 304 -8.47 0.03 63.53
N HIS G 305 -7.72 1.09 63.80
CA HIS G 305 -8.17 2.13 64.75
C HIS G 305 -7.53 3.49 64.42
N LEU G 306 -8.24 4.53 64.82
CA LEU G 306 -7.78 5.91 64.79
C LEU G 306 -7.87 6.44 66.22
N VAL G 307 -6.75 6.91 66.75
CA VAL G 307 -6.63 7.54 68.09
C VAL G 307 -6.42 9.04 67.88
N PRO G 308 -7.31 9.89 68.43
CA PRO G 308 -7.12 11.35 68.33
C PRO G 308 -5.79 11.76 68.98
N ARG G 309 -5.17 12.80 68.47
CA ARG G 309 -3.99 13.50 69.05
C ARG G 309 -4.27 15.00 69.02
N ALA G 310 -3.56 15.79 69.82
CA ALA G 310 -3.60 17.27 69.78
C ALA G 310 -2.88 17.78 68.53
N GLY G 311 -3.23 18.98 68.07
CA GLY G 311 -2.46 19.75 67.06
C GLY G 311 -2.68 19.26 65.63
N GLY G 312 -3.87 18.81 65.28
CA GLY G 312 -4.24 18.46 63.90
C GLY G 312 -3.63 17.15 63.41
N SER G 313 -3.18 16.30 64.33
CA SER G 313 -2.58 14.97 64.03
C SER G 313 -3.57 13.87 64.41
N VAL G 314 -3.57 12.75 63.69
CA VAL G 314 -4.24 11.51 64.13
C VAL G 314 -3.24 10.36 64.05
N TYR G 315 -3.39 9.42 64.95
CA TYR G 315 -2.67 8.14 64.94
C TYR G 315 -3.57 7.11 64.26
N ILE G 316 -3.04 6.36 63.30
CA ILE G 316 -3.76 5.22 62.68
C ILE G 316 -2.92 3.97 62.91
N GLY G 317 -3.58 2.90 63.30
CA GLY G 317 -2.95 1.59 63.47
C GLY G 317 -3.97 0.50 63.18
N ALA G 318 -3.54 -0.75 63.31
CA ALA G 318 -2.16 -1.12 63.52
C ALA G 318 -1.99 -2.53 62.96
N THR G 319 -0.91 -2.81 62.26
CA THR G 319 -0.63 -4.16 61.73
C THR G 319 0.00 -4.94 62.87
N ASN G 320 -0.06 -6.26 62.73
CA ASN G 320 0.69 -7.17 63.62
C ASN G 320 1.20 -8.33 62.79
N ALA G 321 2.45 -8.71 63.02
CA ALA G 321 3.05 -9.94 62.47
C ALA G 321 4.05 -10.44 63.51
N VAL G 322 3.84 -11.64 64.00
CA VAL G 322 4.83 -12.35 64.85
C VAL G 322 5.99 -12.71 63.92
N CYS G 323 7.19 -12.28 64.26
CA CYS G 323 8.43 -12.61 63.50
C CYS G 323 9.34 -13.41 64.41
N LEU G 324 9.94 -14.48 63.87
CA LEU G 324 10.80 -15.40 64.63
C LEU G 324 12.15 -14.72 64.89
N GLU G 325 12.50 -13.68 64.12
CA GLU G 325 13.64 -12.78 64.41
C GLU G 325 13.15 -11.34 64.28
N PRO G 326 13.72 -10.38 65.04
CA PRO G 326 13.19 -9.01 65.07
C PRO G 326 13.34 -8.29 63.71
N ARG G 327 12.47 -7.34 63.47
CA ARG G 327 12.45 -6.48 62.25
C ARG G 327 12.16 -5.05 62.71
N GLY G 328 12.94 -4.08 62.22
CA GLY G 328 12.87 -2.67 62.66
C GLY G 328 12.17 -1.75 61.66
N ALA G 329 11.73 -2.27 60.51
CA ALA G 329 11.13 -1.47 59.43
C ALA G 329 9.79 -2.07 59.00
N ALA G 330 8.83 -1.22 58.66
CA ALA G 330 7.55 -1.59 58.05
C ALA G 330 7.81 -2.23 56.69
N SER G 331 7.03 -3.23 56.32
CA SER G 331 7.00 -3.74 54.93
C SER G 331 6.08 -2.84 54.11
N ILE G 332 6.25 -2.87 52.79
CA ILE G 332 5.34 -2.16 51.84
C ILE G 332 3.91 -2.62 52.13
N GLU G 333 3.70 -3.92 52.19
CA GLU G 333 2.39 -4.61 52.39
C GLU G 333 1.66 -4.01 53.61
N GLU G 334 2.39 -3.87 54.72
CA GLU G 334 1.84 -3.38 56.01
C GLU G 334 1.35 -1.92 55.83
N THR G 335 2.17 -1.07 55.23
CA THR G 335 1.82 0.36 55.04
C THR G 335 0.59 0.45 54.12
N VAL G 336 0.55 -0.30 53.02
CA VAL G 336 -0.57 -0.22 52.04
C VAL G 336 -1.85 -0.68 52.73
N PHE G 337 -1.80 -1.79 53.45
CA PHE G 337 -3.01 -2.37 54.11
C PHE G 337 -3.55 -1.35 55.14
N LEU G 338 -2.68 -0.83 56.00
CA LEU G 338 -3.09 0.15 57.04
C LEU G 338 -3.76 1.37 56.38
N PHE G 339 -3.10 1.98 55.39
CA PHE G 339 -3.58 3.21 54.73
C PHE G 339 -4.89 2.92 53.99
N ASN G 340 -4.94 1.79 53.30
CA ASN G 340 -6.13 1.43 52.51
C ASN G 340 -7.35 1.27 53.43
N CYS G 341 -7.19 0.57 54.55
CA CYS G 341 -8.29 0.35 55.53
C CYS G 341 -8.76 1.69 56.09
N ALA G 342 -7.85 2.55 56.54
CA ALA G 342 -8.21 3.83 57.20
C ALA G 342 -8.94 4.75 56.22
N THR G 343 -8.46 4.89 54.99
CA THR G 343 -9.04 5.83 53.99
C THR G 343 -10.43 5.35 53.58
N HIS G 344 -10.68 4.04 53.48
CA HIS G 344 -11.98 3.49 53.03
C HIS G 344 -12.96 3.38 54.21
N GLN G 345 -12.51 2.87 55.35
CA GLN G 345 -13.42 2.44 56.44
C GLN G 345 -13.65 3.56 57.45
N LEU G 346 -12.72 4.52 57.58
CA LEU G 346 -12.82 5.62 58.59
C LEU G 346 -13.09 6.97 57.91
N HIS G 347 -12.18 7.45 57.05
CA HIS G 347 -12.30 8.82 56.49
C HIS G 347 -11.53 8.96 55.17
N ARG G 348 -12.23 9.19 54.08
CA ARG G 348 -11.65 9.39 52.73
C ARG G 348 -10.75 10.63 52.69
N GLY G 349 -11.01 11.62 53.55
CA GLY G 349 -10.16 12.81 53.73
C GLY G 349 -8.73 12.44 54.10
N LEU G 350 -8.50 11.28 54.71
CA LEU G 350 -7.12 10.84 55.06
C LEU G 350 -6.31 10.62 53.77
N ASN G 351 -6.98 10.33 52.67
CA ASN G 351 -6.33 10.05 51.37
C ASN G 351 -5.45 11.24 50.97
N GLY G 352 -5.96 12.45 51.13
CA GLY G 352 -5.27 13.70 50.76
C GLY G 352 -4.49 14.28 51.91
N SER G 353 -4.43 13.59 53.04
CA SER G 353 -3.73 14.07 54.24
C SER G 353 -2.25 13.71 54.16
N GLU G 354 -1.42 14.46 54.87
CA GLU G 354 0.06 14.32 54.84
C GLU G 354 0.49 13.25 55.84
N LEU G 355 1.28 12.30 55.35
CA LEU G 355 1.96 11.26 56.13
C LEU G 355 3.15 11.91 56.84
N ARG G 356 3.11 11.99 58.16
CA ARG G 356 4.19 12.60 58.97
C ARG G 356 5.19 11.51 59.37
N LYS G 357 4.74 10.29 59.70
CA LYS G 357 5.63 9.26 60.26
C LYS G 357 4.99 7.89 60.11
N VAL G 358 5.75 6.90 59.61
CA VAL G 358 5.43 5.46 59.72
C VAL G 358 6.20 4.97 60.94
N GLN G 359 5.51 4.42 61.94
CA GLN G 359 6.14 3.96 63.20
C GLN G 359 6.11 2.42 63.23
N VAL G 360 7.18 1.85 63.77
CA VAL G 360 7.36 0.39 63.93
C VAL G 360 7.79 0.11 65.37
N GLY G 361 7.09 -0.80 66.04
CA GLY G 361 7.42 -1.27 67.41
C GLY G 361 7.17 -2.77 67.55
N SER G 362 7.76 -3.41 68.56
CA SER G 362 7.68 -4.88 68.76
C SER G 362 6.79 -5.17 69.96
N ARG G 363 5.58 -5.66 69.72
CA ARG G 363 4.75 -6.28 70.78
C ARG G 363 5.50 -7.52 71.27
N PRO G 364 5.83 -7.65 72.58
CA PRO G 364 6.33 -8.90 73.13
C PRO G 364 5.27 -10.00 72.98
N ALA G 365 5.50 -10.97 72.08
CA ALA G 365 4.53 -12.04 71.75
C ALA G 365 4.89 -13.35 72.47
N PRO G 366 4.29 -13.67 73.62
CA PRO G 366 4.63 -14.91 74.34
C PRO G 366 4.15 -16.16 73.58
N ILE G 367 4.98 -17.20 73.51
CA ILE G 367 4.72 -18.42 72.69
C ILE G 367 3.43 -19.13 73.12
N ASP G 368 2.96 -18.96 74.36
CA ASP G 368 1.74 -19.67 74.85
C ASP G 368 0.55 -18.69 74.91
N GLY G 369 0.74 -17.44 74.48
CA GLY G 369 -0.36 -16.49 74.26
C GLY G 369 -0.73 -15.70 75.51
N PHE G 370 0.05 -15.79 76.59
CA PHE G 370 -0.30 -15.10 77.85
C PHE G 370 0.94 -14.43 78.44
N PRO G 371 0.74 -13.33 79.19
CA PRO G 371 1.83 -12.57 79.76
C PRO G 371 2.60 -13.38 80.83
N LEU G 372 3.79 -12.85 81.13
CA LEU G 372 4.76 -13.34 82.13
C LEU G 372 4.87 -12.25 83.20
N ILE G 373 4.12 -12.42 84.30
CA ILE G 373 3.95 -11.37 85.36
C ILE G 373 4.16 -12.02 86.72
N GLY G 374 5.19 -11.60 87.45
CA GLY G 374 5.36 -11.97 88.85
C GLY G 374 6.74 -12.48 89.17
N GLY G 375 6.81 -13.36 90.17
CA GLY G 375 8.05 -13.88 90.75
C GLY G 375 8.57 -15.08 90.02
N THR G 376 9.80 -15.46 90.35
CA THR G 376 10.55 -16.61 89.78
C THR G 376 11.03 -17.47 90.96
N SER G 377 11.78 -18.52 90.66
CA SER G 377 12.43 -19.40 91.66
C SER G 377 13.65 -18.69 92.25
N VAL G 378 14.01 -17.52 91.71
CA VAL G 378 15.15 -16.68 92.19
C VAL G 378 14.60 -15.54 93.05
N GLU G 379 14.96 -15.52 94.33
CA GLU G 379 14.51 -14.52 95.32
C GLU G 379 14.87 -13.13 94.80
N GLY G 380 13.91 -12.20 94.81
CA GLY G 380 14.11 -10.79 94.37
C GLY G 380 14.08 -10.62 92.84
N LEU G 381 13.89 -11.70 92.07
CA LEU G 381 13.82 -11.59 90.58
C LEU G 381 12.35 -11.64 90.15
N TRP G 382 11.91 -10.56 89.49
CA TRP G 382 10.52 -10.36 89.01
C TRP G 382 10.54 -10.08 87.51
N MET G 383 9.45 -10.41 86.83
CA MET G 383 9.28 -10.22 85.38
C MET G 383 7.91 -9.57 85.12
N LEU G 384 7.90 -8.62 84.19
CA LEU G 384 6.68 -7.94 83.71
C LEU G 384 6.80 -7.84 82.18
N SER G 385 6.24 -8.80 81.44
CA SER G 385 6.47 -8.91 79.98
C SER G 385 5.48 -9.84 79.30
N GLY G 386 5.65 -9.98 77.98
CA GLY G 386 4.80 -10.82 77.10
C GLY G 386 3.39 -10.28 77.07
N THR G 387 3.26 -8.96 77.06
CA THR G 387 1.95 -8.27 77.15
C THR G 387 1.33 -8.06 75.76
N TYR G 388 2.07 -8.32 74.67
CA TYR G 388 1.50 -8.33 73.29
C TYR G 388 0.78 -6.98 73.02
N ARG G 389 -0.55 -6.94 72.94
CA ARG G 389 -1.33 -5.74 72.45
C ARG G 389 -1.61 -4.73 73.58
N ASP G 390 -1.46 -5.10 74.86
CA ASP G 390 -2.13 -4.35 75.96
C ASP G 390 -1.29 -4.30 77.24
N GLY G 391 0.02 -4.29 77.13
CA GLY G 391 0.94 -3.99 78.27
C GLY G 391 0.79 -2.54 78.75
N LEU G 392 0.67 -1.63 77.80
CA LEU G 392 0.46 -0.19 78.08
C LEU G 392 -0.85 -0.04 78.87
N HIS G 393 -1.94 -0.63 78.39
CA HIS G 393 -3.25 -0.55 79.09
C HIS G 393 -3.14 -1.14 80.51
N MET G 394 -2.45 -2.25 80.66
CA MET G 394 -2.42 -2.99 81.96
C MET G 394 -1.36 -2.41 82.91
N SER G 395 -0.52 -1.49 82.42
CA SER G 395 0.68 -0.97 83.14
C SER G 395 0.37 -0.57 84.61
N PRO G 396 -0.64 0.26 84.94
CA PRO G 396 -0.84 0.67 86.33
C PRO G 396 -1.19 -0.51 87.26
N LEU G 397 -1.97 -1.48 86.75
CA LEU G 397 -2.33 -2.70 87.52
C LEU G 397 -1.09 -3.56 87.68
N LEU G 398 -0.29 -3.78 86.63
CA LEU G 398 0.90 -4.67 86.69
C LEU G 398 1.93 -4.09 87.65
N ALA G 399 2.11 -2.77 87.63
CA ALA G 399 3.05 -2.06 88.51
C ALA G 399 2.69 -2.34 89.99
N ARG G 400 1.42 -2.12 90.34
CA ARG G 400 0.88 -2.31 91.70
C ARG G 400 0.97 -3.79 92.11
N HIS G 401 0.67 -4.71 91.19
CA HIS G 401 0.78 -6.16 91.43
C HIS G 401 2.21 -6.49 91.86
N VAL G 402 3.21 -6.09 91.08
CA VAL G 402 4.63 -6.48 91.34
C VAL G 402 5.11 -5.83 92.64
N VAL G 403 4.72 -4.58 92.90
CA VAL G 403 5.11 -3.84 94.14
C VAL G 403 4.52 -4.56 95.37
N SER G 404 3.26 -5.00 95.29
CA SER G 404 2.60 -5.80 96.36
C SER G 404 3.42 -7.08 96.62
N LEU G 405 3.77 -7.83 95.56
CA LEU G 405 4.57 -9.07 95.68
C LEU G 405 5.90 -8.78 96.37
N MET G 406 6.58 -7.72 95.97
CA MET G 406 7.90 -7.31 96.52
C MET G 406 7.79 -7.00 98.01
N ASP G 407 6.61 -6.58 98.45
CA ASP G 407 6.32 -6.15 99.84
C ASP G 407 5.78 -7.32 100.67
N GLY G 408 5.78 -8.54 100.12
CA GLY G 408 5.30 -9.76 100.79
C GLY G 408 3.81 -9.98 100.62
N GLY G 409 3.11 -9.13 99.85
CA GLY G 409 1.68 -9.25 99.55
C GLY G 409 1.43 -10.31 98.51
N THR G 410 0.17 -10.50 98.12
CA THR G 410 -0.26 -11.43 97.04
C THR G 410 -0.73 -10.63 95.82
N GLY G 411 -0.64 -9.31 95.87
CA GLY G 411 -0.96 -8.42 94.73
C GLY G 411 -2.39 -8.60 94.28
N VAL G 412 -2.59 -8.74 92.97
CA VAL G 412 -3.93 -8.78 92.32
C VAL G 412 -4.34 -10.24 92.13
N ASP G 413 -5.58 -10.57 92.51
CA ASP G 413 -6.14 -11.93 92.39
C ASP G 413 -6.19 -12.26 90.88
N GLY G 414 -5.99 -13.53 90.54
CA GLY G 414 -6.20 -14.03 89.17
C GLY G 414 -5.02 -13.82 88.22
N LEU G 415 -3.88 -13.32 88.75
CA LEU G 415 -2.61 -13.23 87.95
C LEU G 415 -1.76 -14.52 88.10
N ARG G 416 -2.18 -15.51 88.89
CA ARG G 416 -1.31 -16.64 89.33
C ARG G 416 -0.94 -17.53 88.13
N GLU G 417 -1.90 -17.77 87.23
CA GLU G 417 -1.70 -18.61 86.03
C GLU G 417 -0.66 -17.96 85.09
N PHE G 418 -0.40 -16.68 85.25
CA PHE G 418 0.48 -15.89 84.33
C PHE G 418 1.84 -15.64 84.97
N ARG G 419 2.16 -16.38 86.05
CA ARG G 419 3.50 -16.37 86.69
C ARG G 419 4.52 -16.69 85.60
N PRO G 420 5.68 -16.00 85.56
CA PRO G 420 6.62 -16.15 84.45
C PRO G 420 7.34 -17.50 84.37
N GLU G 421 7.51 -18.17 85.51
CA GLU G 421 8.18 -19.51 85.54
C GLU G 421 7.08 -20.58 85.54
N ARG G 422 6.87 -21.21 84.39
CA ARG G 422 5.69 -22.08 84.16
C ARG G 422 5.96 -23.00 82.96
N ASP G 423 5.30 -24.14 82.94
CA ASP G 423 5.06 -24.94 81.73
C ASP G 423 4.26 -24.05 80.77
N LEU G 424 4.43 -24.22 79.47
CA LEU G 424 3.60 -23.49 78.47
C LEU G 424 2.12 -23.75 78.81
N ILE G 425 1.33 -22.69 78.86
CA ILE G 425 -0.16 -22.79 78.97
C ILE G 425 -0.71 -23.42 77.67
N SER G 426 -1.74 -24.26 77.80
CA SER G 426 -2.57 -24.79 76.68
C SER G 426 -4.00 -24.30 76.91
N ALA G 427 -4.30 -23.07 76.50
CA ALA G 427 -5.58 -22.39 76.82
C ALA G 427 -6.69 -22.88 75.89
N TRP G 428 -6.34 -23.51 74.77
CA TRP G 428 -7.32 -24.02 73.78
C TRP G 428 -6.94 -25.44 73.37
N SER G 429 -7.93 -26.22 72.96
CA SER G 429 -7.72 -27.52 72.26
C SER G 429 -7.04 -27.26 70.92
N ARG G 430 -6.29 -28.25 70.42
CA ARG G 430 -5.64 -28.22 69.09
C ARG G 430 -6.72 -27.95 68.03
N GLU G 431 -7.88 -28.57 68.18
CA GLU G 431 -9.04 -28.43 67.23
C GLU G 431 -9.49 -26.97 67.20
N GLU G 432 -9.63 -26.32 68.36
CA GLU G 432 -10.03 -24.90 68.46
C GLU G 432 -9.01 -24.04 67.70
N ILE G 433 -7.72 -24.30 67.88
CA ILE G 433 -6.63 -23.48 67.28
C ILE G 433 -6.64 -23.72 65.75
N LEU G 434 -6.81 -24.96 65.31
CA LEU G 434 -6.88 -25.29 63.87
C LEU G 434 -8.09 -24.61 63.21
N ASP G 435 -9.25 -24.58 63.85
CA ASP G 435 -10.42 -23.81 63.34
C ASP G 435 -10.02 -22.33 63.26
N ASP G 436 -9.37 -21.80 64.30
CA ASP G 436 -9.02 -20.37 64.40
C ASP G 436 -8.02 -20.02 63.28
N VAL G 437 -6.97 -20.80 63.08
CA VAL G 437 -5.87 -20.42 62.15
C VAL G 437 -6.45 -20.38 60.71
N VAL G 438 -7.34 -21.30 60.36
CA VAL G 438 -7.98 -21.35 59.01
C VAL G 438 -8.90 -20.14 58.87
N ARG G 439 -9.71 -19.82 59.87
CA ARG G 439 -10.61 -18.64 59.84
C ARG G 439 -9.79 -17.37 59.66
N HIS G 440 -8.69 -17.22 60.41
CA HIS G 440 -7.82 -16.02 60.36
C HIS G 440 -7.16 -15.94 58.98
N THR G 441 -6.72 -17.07 58.42
CA THR G 441 -6.12 -17.12 57.07
C THR G 441 -7.15 -16.60 56.06
N MET G 442 -8.37 -17.10 56.11
CA MET G 442 -9.47 -16.69 55.20
C MET G 442 -9.77 -15.20 55.43
N ALA G 443 -9.71 -14.72 56.68
CA ALA G 443 -9.97 -13.31 57.03
C ALA G 443 -8.97 -12.39 56.33
N THR G 444 -7.73 -12.81 56.07
CA THR G 444 -6.74 -11.98 55.34
C THR G 444 -7.27 -11.71 53.92
N GLY G 445 -8.09 -12.59 53.36
CA GLY G 445 -8.77 -12.35 52.07
C GLY G 445 -9.88 -11.33 52.21
N TYR G 446 -10.83 -11.57 53.11
CA TYR G 446 -12.04 -10.73 53.26
C TYR G 446 -11.68 -9.33 53.72
N GLU G 447 -10.57 -9.15 54.45
CA GLU G 447 -10.16 -7.85 55.00
C GLU G 447 -9.45 -7.00 53.92
N PHE G 448 -9.01 -7.61 52.82
CA PHE G 448 -8.18 -6.93 51.79
C PHE G 448 -8.92 -5.73 51.19
N PRO G 449 -10.19 -5.81 50.73
CA PRO G 449 -10.94 -7.04 50.54
C PRO G 449 -10.70 -7.60 49.14
N TRP G 450 -10.63 -8.92 49.01
CA TRP G 450 -10.40 -9.56 47.71
C TRP G 450 -11.70 -9.57 46.91
N ARG G 451 -11.60 -9.88 45.62
CA ARG G 451 -12.73 -10.22 44.73
C ARG G 451 -12.31 -11.46 43.95
N LEU G 452 -12.99 -12.59 44.17
CA LEU G 452 -12.65 -13.93 43.60
C LEU G 452 -13.91 -14.56 43.07
N PRO G 453 -13.79 -15.61 42.22
CA PRO G 453 -14.92 -16.47 41.91
C PRO G 453 -15.46 -17.07 43.20
N LEU G 454 -16.78 -17.24 43.26
CA LEU G 454 -17.50 -17.60 44.50
C LEU G 454 -17.14 -19.02 44.97
N GLU G 455 -16.63 -19.91 44.12
CA GLU G 455 -16.25 -21.29 44.55
C GLU G 455 -14.88 -21.26 45.22
N TRP G 456 -14.09 -20.20 45.04
CA TRP G 456 -12.67 -20.25 45.46
C TRP G 456 -12.53 -20.27 46.99
N PRO G 457 -13.25 -19.44 47.76
CA PRO G 457 -13.10 -19.44 49.22
C PRO G 457 -13.34 -20.83 49.86
N HIS G 458 -14.40 -21.54 49.47
CA HIS G 458 -14.69 -22.88 50.02
C HIS G 458 -13.55 -23.83 49.63
N MET G 459 -13.07 -23.76 48.40
CA MET G 459 -11.92 -24.59 47.94
C MET G 459 -10.70 -24.30 48.83
N MET G 460 -10.41 -23.04 49.14
CA MET G 460 -9.21 -22.71 49.95
C MET G 460 -9.41 -23.15 51.40
N GLU G 461 -10.58 -22.98 51.97
CA GLU G 461 -10.89 -23.47 53.35
C GLU G 461 -10.58 -24.97 53.43
N THR G 462 -11.11 -25.75 52.49
CA THR G 462 -10.90 -27.21 52.42
C THR G 462 -9.41 -27.53 52.34
N PHE G 463 -8.65 -26.85 51.50
CA PHE G 463 -7.23 -27.18 51.22
C PHE G 463 -6.27 -26.58 52.27
N LEU G 464 -6.75 -25.69 53.14
CA LEU G 464 -5.91 -25.11 54.24
C LEU G 464 -5.89 -26.05 55.45
N GLN G 465 -6.97 -26.83 55.66
CA GLN G 465 -7.17 -27.62 56.90
C GLN G 465 -6.05 -28.64 57.07
N GLY G 466 -5.77 -29.42 56.01
CA GLY G 466 -4.79 -30.52 56.01
C GLY G 466 -3.39 -30.02 56.40
N PRO G 467 -2.79 -29.08 55.67
CA PRO G 467 -1.44 -28.61 56.00
C PRO G 467 -1.28 -28.04 57.42
N PHE G 468 -2.30 -27.36 57.97
CA PHE G 468 -2.23 -26.80 59.34
C PHE G 468 -2.35 -27.95 60.36
N ALA G 469 -3.24 -28.92 60.13
CA ALA G 469 -3.39 -30.12 60.99
C ALA G 469 -2.05 -30.88 61.02
N GLU G 470 -1.43 -31.08 59.86
CA GLU G 470 -0.13 -31.81 59.71
C GLU G 470 0.94 -31.05 60.49
N LEU G 471 0.98 -29.72 60.39
CA LEU G 471 2.01 -28.89 61.06
C LEU G 471 1.85 -29.04 62.57
N ALA G 472 0.62 -28.88 63.08
CA ALA G 472 0.29 -28.91 64.52
C ALA G 472 0.73 -30.26 65.12
N ASP G 473 0.43 -31.35 64.41
CA ASP G 473 0.74 -32.73 64.83
C ASP G 473 2.26 -32.96 64.85
N ARG G 474 2.98 -32.38 63.91
CA ARG G 474 4.45 -32.49 63.76
C ARG G 474 5.17 -31.68 64.85
N LEU G 475 4.63 -30.54 65.27
CA LEU G 475 5.37 -29.61 66.17
C LEU G 475 5.54 -30.23 67.56
N SER G 476 4.50 -30.92 68.06
CA SER G 476 4.47 -31.45 69.44
C SER G 476 3.22 -32.30 69.65
N ASP G 477 3.30 -33.30 70.54
CA ASP G 477 2.15 -34.15 70.94
C ASP G 477 1.33 -33.42 72.01
N THR G 478 1.87 -32.37 72.64
CA THR G 478 1.18 -31.73 73.78
C THR G 478 0.96 -30.22 73.52
N TYR G 479 1.94 -29.48 72.99
CA TYR G 479 1.83 -28.01 72.82
C TYR G 479 1.31 -27.67 71.41
N THR G 480 0.40 -26.70 71.33
CA THR G 480 -0.08 -26.09 70.06
C THR G 480 0.10 -24.57 70.13
N PRO G 481 0.88 -23.97 69.20
CA PRO G 481 1.03 -22.52 69.16
C PRO G 481 -0.30 -21.86 68.79
N PRO G 482 -0.62 -20.69 69.38
CA PRO G 482 -1.80 -19.92 68.95
C PRO G 482 -1.66 -19.51 67.47
N ALA G 483 -2.79 -19.23 66.82
CA ALA G 483 -2.91 -18.97 65.35
C ALA G 483 -1.85 -17.96 64.86
N ASP G 484 -1.69 -16.84 65.57
CA ASP G 484 -0.76 -15.75 65.18
C ASP G 484 0.64 -16.31 64.99
N LEU G 485 1.06 -17.21 65.87
CA LEU G 485 2.42 -17.81 65.81
C LEU G 485 2.41 -18.99 64.83
N MET G 486 1.32 -19.76 64.79
CA MET G 486 1.23 -20.96 63.92
C MET G 486 1.41 -20.52 62.45
N THR G 487 0.81 -19.41 62.01
CA THR G 487 0.93 -18.94 60.61
C THR G 487 2.39 -18.58 60.35
N ALA G 488 3.06 -17.88 61.28
CA ALA G 488 4.49 -17.53 61.12
C ALA G 488 5.32 -18.81 60.99
N ILE G 489 5.05 -19.82 61.80
CA ILE G 489 5.81 -21.11 61.76
C ILE G 489 5.51 -21.84 60.44
N MET G 490 4.23 -21.89 60.03
CA MET G 490 3.83 -22.57 58.76
C MET G 490 4.71 -22.07 57.61
N PHE G 491 5.00 -20.77 57.55
CA PHE G 491 5.67 -20.16 56.38
C PHE G 491 7.14 -19.85 56.69
N SER G 492 7.69 -20.38 57.78
CA SER G 492 9.13 -20.23 58.13
C SER G 492 9.94 -21.35 57.46
N GLU G 493 11.26 -21.27 57.53
CA GLU G 493 12.17 -22.32 56.98
C GLU G 493 12.04 -23.60 57.80
N ARG G 494 12.32 -24.75 57.17
CA ARG G 494 12.31 -26.09 57.82
C ARG G 494 13.19 -26.07 59.09
N GLU G 495 14.35 -25.42 59.03
CA GLU G 495 15.33 -25.31 60.15
C GLU G 495 14.66 -24.60 61.34
N GLN G 496 13.86 -23.57 61.09
CA GLN G 496 13.15 -22.79 62.16
C GLN G 496 12.03 -23.66 62.75
N GLN G 497 11.34 -24.44 61.93
CA GLN G 497 10.31 -25.39 62.40
C GLN G 497 10.96 -26.45 63.30
N ASP G 498 12.08 -27.01 62.86
CA ASP G 498 12.79 -28.11 63.59
C ASP G 498 13.29 -27.55 64.93
N GLU G 499 13.81 -26.33 64.94
CA GLU G 499 14.31 -25.68 66.19
C GLU G 499 13.14 -25.56 67.18
N LEU G 500 11.92 -25.25 66.71
CA LEU G 500 10.73 -25.14 67.60
C LEU G 500 10.32 -26.53 68.11
N ILE G 501 10.40 -27.55 67.26
CA ILE G 501 10.09 -28.95 67.66
C ILE G 501 11.01 -29.30 68.84
N ALA G 502 12.31 -29.01 68.73
CA ALA G 502 13.33 -29.23 69.78
C ALA G 502 12.96 -28.41 71.04
N TYR G 503 12.63 -27.13 70.87
CA TYR G 503 12.24 -26.24 72.00
C TYR G 503 11.07 -26.89 72.77
N TYR G 504 10.00 -27.25 72.06
CA TYR G 504 8.77 -27.83 72.66
C TYR G 504 9.14 -29.12 73.41
N ALA G 505 10.00 -29.97 72.84
CA ALA G 505 10.45 -31.25 73.43
C ALA G 505 11.26 -31.00 74.71
N ASP G 506 12.13 -29.98 74.71
CA ASP G 506 12.93 -29.57 75.89
C ASP G 506 12.01 -29.07 77.01
N VAL G 507 10.97 -28.31 76.65
CA VAL G 507 10.00 -27.81 77.66
C VAL G 507 9.25 -29.02 78.26
N HIS G 508 8.81 -29.96 77.43
CA HIS G 508 8.04 -31.16 77.88
C HIS G 508 8.88 -31.93 78.91
N ARG G 509 10.13 -32.23 78.55
CA ARG G 509 11.16 -32.91 79.37
C ARG G 509 11.32 -32.20 80.73
N GLU G 510 11.31 -30.86 80.75
CA GLU G 510 11.57 -30.06 81.97
C GLU G 510 10.36 -30.15 82.93
N TRP G 511 9.13 -30.21 82.42
CA TRP G 511 7.90 -30.03 83.24
C TRP G 511 7.14 -31.34 83.43
N HIS G 512 7.52 -32.41 82.75
CA HIS G 512 6.80 -33.72 82.80
C HIS G 512 7.78 -34.87 83.04
N VAL H 34 31.36 35.14 41.00
CA VAL H 34 30.14 34.43 40.57
C VAL H 34 29.44 33.86 41.81
N ILE H 35 28.14 34.13 41.95
CA ILE H 35 27.26 33.45 42.94
C ILE H 35 26.29 32.53 42.17
N VAL H 36 26.31 31.24 42.50
CA VAL H 36 25.28 30.26 42.07
C VAL H 36 24.26 30.14 43.19
N VAL H 37 23.00 30.49 42.92
CA VAL H 37 21.88 30.35 43.89
C VAL H 37 21.19 29.01 43.63
N GLY H 38 21.46 28.02 44.49
CA GLY H 38 20.81 26.71 44.50
C GLY H 38 21.83 25.58 44.50
N ASN H 39 21.58 24.53 45.28
CA ASN H 39 22.55 23.44 45.53
C ASN H 39 21.96 22.09 45.13
N GLY H 40 21.07 22.08 44.14
CA GLY H 40 20.62 20.85 43.48
C GLY H 40 21.63 20.42 42.44
N VAL H 41 21.27 19.47 41.58
CA VAL H 41 22.13 19.01 40.47
C VAL H 41 22.48 20.18 39.53
N LEU H 42 21.54 21.10 39.25
CA LEU H 42 21.78 22.14 38.22
C LEU H 42 22.77 23.18 38.77
N GLY H 43 22.54 23.68 39.98
CA GLY H 43 23.41 24.66 40.63
C GLY H 43 24.83 24.11 40.78
N LEU H 44 24.96 22.92 41.35
CA LEU H 44 26.27 22.28 41.58
C LEU H 44 26.96 21.97 40.24
N SER H 45 26.22 21.52 39.23
CA SER H 45 26.78 21.16 37.91
C SER H 45 27.35 22.43 37.25
N VAL H 46 26.62 23.54 37.32
CA VAL H 46 27.08 24.83 36.74
C VAL H 46 28.24 25.36 37.60
N GLY H 47 28.15 25.24 38.92
CA GLY H 47 29.24 25.61 39.86
C GLY H 47 30.53 24.88 39.52
N VAL H 48 30.46 23.58 39.30
CA VAL H 48 31.65 22.74 38.95
C VAL H 48 32.23 23.24 37.62
N GLU H 49 31.40 23.49 36.61
CA GLU H 49 31.88 23.86 35.26
C GLU H 49 32.54 25.25 35.32
N ILE H 50 31.94 26.20 36.05
CA ILE H 50 32.48 27.57 36.21
C ILE H 50 33.83 27.47 36.94
N ALA H 51 33.87 26.80 38.09
CA ALA H 51 35.08 26.65 38.94
C ALA H 51 36.23 26.02 38.14
N ARG H 52 35.94 25.01 37.34
CA ARG H 52 36.96 24.30 36.52
C ARG H 52 37.44 25.16 35.34
N THR H 53 36.62 26.09 34.86
CA THR H 53 36.84 26.87 33.60
C THR H 53 37.39 28.27 33.94
N VAL H 59 33.98 31.60 42.81
CA VAL H 59 32.59 31.08 42.62
C VAL H 59 32.07 30.57 43.97
N THR H 60 30.99 31.17 44.45
CA THR H 60 30.29 30.80 45.72
C THR H 60 28.94 30.19 45.38
N LEU H 61 28.60 29.05 45.99
CA LEU H 61 27.30 28.37 45.79
C LEU H 61 26.49 28.39 47.09
N LEU H 62 25.29 28.97 47.03
CA LEU H 62 24.33 29.12 48.14
C LEU H 62 23.37 27.92 48.18
N GLY H 63 22.77 27.66 49.34
CA GLY H 63 21.82 26.55 49.56
C GLY H 63 22.23 25.72 50.77
N LYS H 64 21.26 25.07 51.43
CA LYS H 64 21.45 24.41 52.76
C LYS H 64 21.43 22.90 52.62
N PRO H 65 22.07 22.17 53.57
CA PRO H 65 22.13 20.70 53.51
C PRO H 65 20.76 20.03 53.53
N ALA H 66 19.76 20.66 54.16
CA ALA H 66 18.38 20.15 54.25
C ALA H 66 17.76 20.02 52.85
N ARG H 67 18.18 20.87 51.90
CA ARG H 67 17.65 20.89 50.50
C ARG H 67 16.12 20.79 50.55
N GLN H 68 15.47 21.73 51.23
CA GLN H 68 13.99 21.78 51.34
C GLN H 68 13.38 21.73 49.93
N TYR H 69 12.38 20.85 49.75
CA TYR H 69 11.60 20.65 48.49
C TYR H 69 12.51 20.18 47.35
N GLY H 70 13.74 19.77 47.66
CA GLY H 70 14.77 19.42 46.67
C GLY H 70 14.34 18.27 45.79
N ALA H 71 14.22 18.51 44.48
CA ALA H 71 13.92 17.49 43.45
C ALA H 71 15.06 16.46 43.40
N THR H 72 16.32 16.91 43.33
CA THR H 72 17.50 16.06 43.05
C THR H 72 17.60 14.90 44.04
N PRO H 73 17.58 15.13 45.38
CA PRO H 73 17.72 14.02 46.33
C PRO H 73 16.55 13.03 46.31
N ALA H 74 15.38 13.44 45.81
CA ALA H 74 14.17 12.58 45.67
C ALA H 74 14.23 11.79 44.35
N ALA H 75 15.23 12.04 43.50
CA ALA H 75 15.32 11.41 42.16
C ALA H 75 16.09 10.09 42.25
N GLY H 76 15.82 9.20 41.31
CA GLY H 76 16.33 7.81 41.32
C GLY H 76 17.84 7.74 41.16
N ALA H 77 18.35 8.19 40.00
CA ALA H 77 17.59 8.88 38.98
C ALA H 77 17.89 8.27 37.62
N MET H 78 16.89 8.24 36.76
CA MET H 78 17.03 7.77 35.36
C MET H 78 17.71 8.86 34.54
N LEU H 79 18.67 8.47 33.69
CA LEU H 79 19.21 9.36 32.63
C LEU H 79 18.25 9.24 31.44
N GLY H 80 17.06 9.83 31.61
CA GLY H 80 15.89 9.62 30.75
C GLY H 80 15.97 10.51 29.52
N ALA H 81 16.03 9.88 28.36
CA ALA H 81 16.03 10.51 27.03
C ALA H 81 14.92 9.87 26.20
N PHE H 82 15.14 8.66 25.73
CA PHE H 82 14.14 7.88 24.93
C PHE H 82 12.99 7.41 25.84
N GLY H 83 13.28 7.01 27.09
CA GLY H 83 12.26 6.61 28.07
C GLY H 83 11.26 7.70 28.35
N GLU H 84 11.66 8.96 28.22
CA GLU H 84 10.81 10.16 28.48
C GLU H 84 9.95 10.52 27.25
N VAL H 85 10.11 9.85 26.12
CA VAL H 85 9.36 10.21 24.89
C VAL H 85 7.87 9.93 25.08
N THR H 86 7.01 10.89 24.73
CA THR H 86 5.55 10.70 24.59
C THR H 86 5.10 11.15 23.20
N ALA H 87 4.03 10.56 22.66
CA ALA H 87 3.39 10.99 21.40
C ALA H 87 3.08 12.49 21.50
N HIS H 88 2.52 12.95 22.62
CA HIS H 88 2.10 14.36 22.84
C HIS H 88 3.30 15.32 22.73
N ALA H 89 4.41 15.01 23.40
CA ALA H 89 5.63 15.84 23.39
C ALA H 89 6.15 15.96 21.94
N LEU H 90 6.32 14.84 21.26
CA LEU H 90 6.92 14.77 19.90
C LEU H 90 5.95 15.26 18.80
N ALA H 91 4.70 15.58 19.15
CA ALA H 91 3.71 16.19 18.22
C ALA H 91 3.93 17.70 18.14
N SER H 92 4.67 18.29 19.08
CA SER H 92 4.96 19.75 19.10
C SER H 92 6.43 20.00 18.70
N GLU H 93 6.69 21.14 18.06
CA GLU H 93 8.06 21.57 17.68
C GLU H 93 8.91 21.72 18.94
N HIS H 94 8.39 22.37 19.97
CA HIS H 94 9.09 22.61 21.26
C HIS H 94 9.43 21.27 21.91
N GLY H 95 8.52 20.30 21.84
CA GLY H 95 8.73 18.94 22.36
C GLY H 95 9.86 18.22 21.66
N ARG H 96 9.91 18.29 20.33
CA ARG H 96 11.01 17.67 19.52
C ARG H 96 12.33 18.35 19.87
N LYS H 97 12.36 19.67 20.08
CA LYS H 97 13.58 20.42 20.46
C LYS H 97 14.09 19.92 21.82
N LYS H 98 13.20 19.81 22.81
CA LYS H 98 13.57 19.34 24.18
C LYS H 98 14.10 17.91 24.08
N HIS H 99 13.48 17.05 23.26
CA HIS H 99 13.94 15.65 23.08
C HIS H 99 15.35 15.61 22.49
N ALA H 100 15.62 16.41 21.46
CA ALA H 100 16.96 16.48 20.79
C ALA H 100 18.02 16.82 21.85
N LEU H 101 17.74 17.77 22.74
CA LEU H 101 18.66 18.18 23.83
C LEU H 101 18.92 17.00 24.78
N ALA H 102 17.90 16.21 25.12
CA ALA H 102 18.05 15.03 25.99
C ALA H 102 18.99 14.03 25.34
N VAL H 103 18.85 13.81 24.02
CA VAL H 103 19.71 12.84 23.27
C VAL H 103 21.15 13.36 23.31
N GLN H 104 21.36 14.67 23.13
CA GLN H 104 22.69 15.31 23.17
C GLN H 104 23.30 15.15 24.56
N ALA H 105 22.52 15.41 25.61
CA ALA H 105 22.96 15.32 27.02
C ALA H 105 23.47 13.91 27.32
N GLN H 106 22.80 12.87 26.82
CA GLN H 106 23.15 11.44 27.08
C GLN H 106 24.62 11.19 26.72
N ARG H 107 25.09 11.76 25.60
CA ARG H 107 26.46 11.56 25.09
C ARG H 107 27.50 12.10 26.08
N LEU H 108 27.15 13.08 26.91
CA LEU H 108 28.11 13.74 27.84
C LEU H 108 28.30 12.93 29.13
N TRP H 109 27.40 11.99 29.45
CA TRP H 109 27.34 11.42 30.83
C TRP H 109 28.59 10.59 31.16
N PRO H 110 29.06 9.68 30.29
CA PRO H 110 30.21 8.84 30.64
C PRO H 110 31.47 9.62 31.07
N GLU H 111 31.87 10.65 30.30
CA GLU H 111 33.07 11.48 30.63
C GLU H 111 32.78 12.35 31.86
N TRP H 112 31.57 12.90 31.97
CA TRP H 112 31.13 13.73 33.11
C TRP H 112 31.29 12.94 34.41
N ILE H 113 30.79 11.70 34.44
CA ILE H 113 30.87 10.81 35.64
C ILE H 113 32.34 10.51 35.97
N GLU H 114 33.13 10.14 34.95
CA GLU H 114 34.59 9.89 35.07
C GLU H 114 35.25 11.09 35.75
N SER H 115 34.95 12.31 35.29
CA SER H 115 35.55 13.59 35.78
C SER H 115 35.12 13.86 37.23
N LEU H 116 33.96 13.36 37.65
CA LEU H 116 33.44 13.60 39.03
C LEU H 116 34.00 12.54 39.98
N GLU H 117 34.05 11.28 39.55
CA GLU H 117 34.58 10.16 40.37
C GLU H 117 36.09 10.32 40.55
N ALA H 118 36.77 10.93 39.56
CA ALA H 118 38.23 11.19 39.56
C ALA H 118 38.64 11.97 40.82
N THR H 119 37.77 12.82 41.37
CA THR H 119 38.07 13.68 42.55
C THR H 119 37.84 12.91 43.86
N GLY H 120 37.37 11.67 43.79
CA GLY H 120 37.09 10.83 44.97
C GLY H 120 37.90 9.55 44.95
N THR H 121 37.52 8.57 45.77
CA THR H 121 38.17 7.23 45.88
C THR H 121 37.09 6.14 45.88
N ALA H 122 37.50 4.88 45.81
CA ALA H 122 36.62 3.68 45.78
C ALA H 122 35.51 3.80 46.82
N ALA H 123 35.82 4.25 48.03
CA ALA H 123 34.91 4.25 49.21
C ALA H 123 33.79 5.28 49.06
N ASP H 124 33.90 6.20 48.10
CA ASP H 124 32.86 7.23 47.82
C ASP H 124 31.66 6.59 47.09
N GLY H 125 31.81 5.38 46.56
CA GLY H 125 30.73 4.67 45.86
C GLY H 125 30.65 5.11 44.41
N ARG H 126 29.82 4.42 43.63
CA ARG H 126 29.73 4.63 42.16
C ARG H 126 28.50 5.49 41.84
N ILE H 127 28.67 6.49 41.00
CA ILE H 127 27.57 7.39 40.55
C ILE H 127 26.62 6.56 39.67
N LYS H 128 27.14 5.79 38.72
CA LYS H 128 26.33 5.03 37.74
C LYS H 128 25.81 3.77 38.43
N THR H 129 24.51 3.49 38.33
CA THR H 129 23.85 2.34 39.01
C THR H 129 23.33 1.34 37.96
N ALA H 130 23.20 1.75 36.70
CA ALA H 130 22.74 0.89 35.59
C ALA H 130 23.13 1.50 34.25
N ASP H 131 23.35 0.68 33.24
CA ASP H 131 23.76 1.13 31.88
C ASP H 131 22.56 1.18 30.94
N ASP H 132 21.59 0.28 31.14
CA ASP H 132 20.47 0.05 30.20
C ASP H 132 19.13 0.22 30.92
N THR H 133 18.07 0.35 30.12
CA THR H 133 16.68 0.53 30.57
C THR H 133 15.81 -0.47 29.82
N VAL H 134 14.92 -1.16 30.53
CA VAL H 134 13.80 -1.90 29.88
C VAL H 134 12.52 -1.12 30.09
N VAL H 135 11.82 -0.77 29.01
CA VAL H 135 10.47 -0.15 29.04
C VAL H 135 9.47 -1.30 28.93
N LEU H 136 8.53 -1.39 29.89
CA LEU H 136 7.50 -2.45 29.89
C LEU H 136 6.18 -1.85 29.41
N LEU H 137 5.41 -2.62 28.65
CA LEU H 137 4.03 -2.27 28.27
C LEU H 137 3.08 -3.29 28.88
N ASN H 138 2.23 -2.83 29.78
CA ASN H 138 1.15 -3.63 30.45
C ASN H 138 -0.17 -2.91 30.20
N THR H 139 -1.29 -3.43 30.71
CA THR H 139 -2.64 -2.87 30.45
C THR H 139 -3.15 -2.18 31.70
N VAL H 140 -2.26 -1.83 32.64
CA VAL H 140 -2.67 -1.10 33.87
C VAL H 140 -2.54 0.40 33.58
N GLY H 141 -3.30 0.87 32.62
CA GLY H 141 -3.23 2.27 32.15
C GLY H 141 -4.12 2.49 30.96
N HIS H 142 -4.16 3.71 30.49
CA HIS H 142 -4.97 4.13 29.32
C HIS H 142 -4.25 3.71 28.04
N SER H 143 -4.94 3.05 27.11
CA SER H 143 -4.44 2.79 25.73
C SER H 143 -4.02 4.12 25.07
N ALA H 144 -4.77 5.20 25.29
CA ALA H 144 -4.55 6.51 24.62
C ALA H 144 -3.23 7.14 25.09
N LEU H 145 -2.69 6.75 26.25
CA LEU H 145 -1.34 7.16 26.67
C LEU H 145 -0.34 6.03 26.37
N ASP H 146 -0.49 4.88 27.02
CA ASP H 146 0.55 3.82 27.07
C ASP H 146 0.80 3.24 25.66
N ASP H 147 -0.23 2.95 24.88
CA ASP H 147 -0.06 2.36 23.52
C ASP H 147 0.59 3.41 22.61
N ALA H 148 0.06 4.64 22.59
CA ALA H 148 0.60 5.75 21.76
C ALA H 148 2.07 6.01 22.15
N ASN H 149 2.37 6.04 23.45
CA ASN H 149 3.71 6.42 23.95
C ASN H 149 4.70 5.31 23.62
N PHE H 150 4.31 4.04 23.72
CA PHE H 150 5.21 2.92 23.39
C PHE H 150 5.64 3.02 21.91
N ALA H 151 4.67 3.27 21.02
CA ALA H 151 4.92 3.40 19.56
C ALA H 151 5.84 4.61 19.33
N ALA H 152 5.61 5.71 20.04
CA ALA H 152 6.41 6.96 19.90
C ALA H 152 7.86 6.73 20.34
N VAL H 153 8.08 5.95 21.40
CA VAL H 153 9.44 5.61 21.92
C VAL H 153 10.16 4.79 20.85
N LEU H 154 9.52 3.74 20.34
CA LEU H 154 10.08 2.87 19.27
C LEU H 154 10.50 3.73 18.07
N THR H 155 9.64 4.67 17.65
CA THR H 155 9.87 5.53 16.47
C THR H 155 11.06 6.44 16.73
N ALA H 156 11.11 7.07 17.92
CA ALA H 156 12.19 8.01 18.30
C ALA H 156 13.54 7.29 18.33
N LEU H 157 13.58 6.05 18.83
CA LEU H 157 14.81 5.23 18.87
C LEU H 157 15.31 4.97 17.44
N LYS H 158 14.41 4.55 16.54
CA LYS H 158 14.73 4.24 15.12
C LYS H 158 15.23 5.50 14.41
N GLU H 159 14.55 6.63 14.57
CA GLU H 159 14.91 7.93 13.96
C GLU H 159 16.31 8.37 14.42
N ALA H 160 16.68 8.14 15.68
CA ALA H 160 17.96 8.59 16.27
C ALA H 160 19.05 7.55 15.99
N ASN H 161 18.70 6.42 15.39
CA ASN H 161 19.64 5.29 15.14
C ASN H 161 20.23 4.81 16.47
N ALA H 162 19.47 4.92 17.58
CA ALA H 162 19.92 4.51 18.93
C ALA H 162 19.91 2.99 19.00
N PRO H 163 20.88 2.36 19.70
CA PRO H 163 20.86 0.91 19.88
C PRO H 163 19.74 0.52 20.85
N HIS H 164 18.91 -0.44 20.45
CA HIS H 164 17.69 -0.86 21.19
C HIS H 164 17.19 -2.17 20.56
N GLU H 165 16.29 -2.86 21.25
CA GLU H 165 15.72 -4.14 20.76
C GLU H 165 14.39 -4.37 21.48
N GLU H 166 13.33 -4.67 20.74
CA GLU H 166 12.10 -5.22 21.33
C GLU H 166 12.43 -6.67 21.72
N ILE H 167 12.23 -7.02 23.00
CA ILE H 167 12.62 -8.36 23.53
C ILE H 167 11.37 -9.08 24.03
N ALA H 168 11.47 -10.41 24.12
CA ALA H 168 10.44 -11.26 24.74
C ALA H 168 10.34 -10.86 26.22
N VAL H 169 9.13 -10.72 26.73
CA VAL H 169 8.90 -10.34 28.15
C VAL H 169 9.55 -11.39 29.05
N GLU H 170 9.52 -12.65 28.63
CA GLU H 170 10.08 -13.81 29.36
C GLU H 170 11.59 -13.63 29.56
N SER H 171 12.25 -12.86 28.69
CA SER H 171 13.72 -12.62 28.76
C SER H 171 14.03 -11.44 29.69
N VAL H 172 13.03 -10.73 30.21
CA VAL H 172 13.28 -9.62 31.17
C VAL H 172 13.67 -10.26 32.51
N ASP H 173 14.87 -9.97 32.98
CA ASP H 173 15.42 -10.56 34.23
C ASP H 173 14.71 -9.94 35.44
N TRP H 174 14.58 -10.74 36.49
CA TRP H 174 14.31 -10.30 37.89
C TRP H 174 12.80 -10.09 38.13
N ILE H 175 12.07 -9.43 37.20
CA ILE H 175 10.67 -9.00 37.43
C ILE H 175 9.81 -10.20 37.81
N ASP H 176 8.82 -9.99 38.67
CA ASP H 176 7.86 -11.04 39.09
C ASP H 176 6.49 -10.38 39.28
N PRO H 177 5.88 -9.90 38.18
CA PRO H 177 4.62 -9.16 38.27
C PRO H 177 3.45 -10.08 38.62
N ASP H 178 2.40 -9.51 39.20
CA ASP H 178 1.05 -10.12 39.18
C ASP H 178 0.71 -10.46 37.73
N PRO H 179 0.36 -11.72 37.38
CA PRO H 179 -0.05 -12.05 36.00
C PRO H 179 -1.10 -11.11 35.39
N ASN H 180 -2.05 -10.60 36.18
CA ASN H 180 -3.11 -9.70 35.67
C ASN H 180 -2.55 -8.29 35.46
N SER H 181 -1.32 -8.01 35.89
CA SER H 181 -0.64 -6.70 35.74
C SER H 181 0.64 -6.83 34.91
N ARG H 182 0.87 -7.97 34.27
CA ARG H 182 2.17 -8.30 33.64
C ARG H 182 2.32 -7.55 32.31
N PRO H 183 3.56 -7.32 31.87
CA PRO H 183 3.80 -6.74 30.55
C PRO H 183 3.63 -7.80 29.47
N LEU H 184 3.16 -7.38 28.28
CA LEU H 184 3.10 -8.28 27.10
C LEU H 184 4.12 -7.83 26.05
N ARG H 185 4.65 -6.62 26.17
CA ARG H 185 5.77 -6.14 25.31
C ARG H 185 6.84 -5.48 26.19
N ALA H 186 8.08 -5.56 25.75
CA ALA H 186 9.26 -5.02 26.47
C ALA H 186 10.26 -4.51 25.42
N LEU H 187 10.94 -3.44 25.78
CA LEU H 187 11.88 -2.70 24.92
C LEU H 187 13.17 -2.47 25.73
N HIS H 188 14.27 -3.08 25.28
CA HIS H 188 15.64 -2.87 25.84
C HIS H 188 16.26 -1.66 25.15
N ILE H 189 16.60 -0.63 25.92
CA ILE H 189 17.31 0.59 25.43
C ILE H 189 18.74 0.55 25.97
N GLU H 190 19.71 0.38 25.07
CA GLU H 190 21.15 0.22 25.42
C GLU H 190 21.75 1.61 25.65
N GLY H 191 22.50 1.78 26.75
CA GLY H 191 23.24 3.02 27.05
C GLY H 191 22.35 4.11 27.59
N GLU H 192 21.10 3.77 27.98
CA GLU H 192 20.22 4.68 28.73
C GLU H 192 20.09 4.12 30.14
N GLY H 193 20.72 4.77 31.11
CA GLY H 193 20.97 4.17 32.43
C GLY H 193 20.40 4.99 33.56
N SER H 194 21.06 4.90 34.71
CA SER H 194 20.65 5.58 35.95
C SER H 194 21.89 5.92 36.78
N VAL H 195 21.73 6.90 37.65
CA VAL H 195 22.75 7.32 38.64
C VAL H 195 22.11 7.26 40.03
N ASP H 196 22.93 7.05 41.05
CA ASP H 196 22.55 7.33 42.44
C ASP H 196 22.62 8.85 42.67
N SER H 197 21.48 9.51 42.84
CA SER H 197 21.40 11.00 42.92
C SER H 197 22.14 11.49 44.17
N GLY H 198 22.15 10.71 45.25
CA GLY H 198 22.85 11.06 46.51
C GLY H 198 24.35 11.04 46.31
N ILE H 199 24.85 10.00 45.66
CA ILE H 199 26.30 9.85 45.33
C ILE H 199 26.68 10.91 44.29
N LEU H 200 25.81 11.21 43.33
CA LEU H 200 26.04 12.31 42.35
C LEU H 200 26.21 13.63 43.10
N LEU H 201 25.32 13.97 44.02
CA LEU H 201 25.35 15.26 44.75
C LEU H 201 26.66 15.34 45.57
N ALA H 202 27.07 14.25 46.23
CA ALA H 202 28.30 14.19 47.03
C ALA H 202 29.51 14.40 46.11
N ALA H 203 29.54 13.74 44.94
CA ALA H 203 30.62 13.84 43.95
C ALA H 203 30.69 15.27 43.39
N LEU H 204 29.54 15.91 43.15
CA LEU H 204 29.48 17.29 42.60
C LEU H 204 30.06 18.25 43.66
N GLU H 205 29.65 18.11 44.92
CA GLU H 205 30.14 19.00 46.01
C GLU H 205 31.67 18.85 46.15
N ARG H 206 32.16 17.62 46.22
CA ARG H 206 33.60 17.29 46.35
C ARG H 206 34.36 17.89 45.16
N SER H 207 33.83 17.73 43.94
CA SER H 207 34.46 18.23 42.69
C SER H 207 34.47 19.76 42.69
N PHE H 208 33.40 20.37 43.21
CA PHE H 208 33.25 21.84 43.30
C PHE H 208 34.37 22.40 44.21
N LEU H 209 34.53 21.81 45.39
CA LEU H 209 35.55 22.22 46.39
C LEU H 209 36.96 22.01 45.81
N GLN H 210 37.18 20.89 45.12
CA GLN H 210 38.51 20.56 44.54
C GLN H 210 38.90 21.62 43.49
N ALA H 211 37.93 22.18 42.78
CA ALA H 211 38.16 23.18 41.72
C ALA H 211 38.21 24.60 42.32
N GLY H 212 38.15 24.72 43.63
CA GLY H 212 38.30 26.01 44.35
C GLY H 212 36.99 26.71 44.60
N GLY H 213 35.86 26.03 44.41
CA GLY H 213 34.52 26.58 44.70
C GLY H 213 34.33 26.74 46.20
N ARG H 214 33.48 27.68 46.62
CA ARG H 214 33.14 27.91 48.05
C ARG H 214 31.65 27.58 48.25
N LEU H 215 31.35 26.68 49.19
CA LEU H 215 29.96 26.37 49.63
C LEU H 215 29.60 27.27 50.81
N HIS H 216 28.57 28.10 50.67
CA HIS H 216 28.05 29.00 51.73
C HIS H 216 26.64 28.55 52.06
N PRO H 217 26.42 27.79 53.16
CA PRO H 217 25.14 27.13 53.41
C PRO H 217 24.07 28.08 53.97
N VAL H 218 23.70 29.10 53.18
CA VAL H 218 22.56 30.02 53.45
C VAL H 218 21.75 30.14 52.15
N ASP H 219 20.54 30.66 52.25
CA ASP H 219 19.64 30.89 51.09
C ASP H 219 19.72 32.36 50.67
N ALA H 220 19.66 32.63 49.37
CA ALA H 220 19.42 33.99 48.83
C ALA H 220 17.99 34.38 49.19
N THR H 221 17.79 35.60 49.70
CA THR H 221 16.47 36.23 49.93
C THR H 221 16.15 37.19 48.77
N GLU H 222 17.16 37.84 48.19
CA GLU H 222 16.97 38.95 47.23
C GLU H 222 18.18 39.07 46.30
N ILE H 223 17.95 39.30 45.01
CA ILE H 223 19.01 39.64 44.02
C ILE H 223 19.13 41.17 43.95
N VAL H 233 23.76 39.52 45.93
CA VAL H 233 22.71 38.70 46.58
C VAL H 233 22.70 38.99 48.09
N VAL H 234 21.53 39.37 48.62
CA VAL H 234 21.23 39.39 50.08
C VAL H 234 20.84 37.96 50.49
N THR H 235 21.46 37.42 51.53
CA THR H 235 21.22 36.07 52.08
C THR H 235 20.29 36.17 53.30
N ASP H 236 19.72 35.05 53.74
CA ASP H 236 18.66 35.01 54.78
C ASP H 236 19.27 35.13 56.19
N ASP H 237 20.58 35.32 56.31
CA ASP H 237 21.25 35.70 57.58
C ASP H 237 21.52 37.21 57.58
N GLY H 238 20.95 37.96 56.63
CA GLY H 238 21.01 39.45 56.58
C GLY H 238 22.25 39.98 55.86
N ASP H 239 23.18 39.11 55.47
CA ASP H 239 24.47 39.47 54.83
C ASP H 239 24.23 39.91 53.37
N PHE H 240 25.15 40.67 52.78
CA PHE H 240 25.18 40.98 51.33
C PHE H 240 26.48 40.43 50.72
N LEU H 241 26.35 39.63 49.65
CA LEU H 241 27.49 39.05 48.90
C LEU H 241 27.55 39.74 47.53
N PRO H 242 28.65 40.44 47.18
CA PRO H 242 28.77 41.08 45.87
C PRO H 242 29.10 40.06 44.77
N ALA H 243 28.71 40.35 43.53
CA ALA H 243 28.97 39.46 42.36
C ALA H 243 28.81 40.22 41.05
N GLY H 244 29.61 39.86 40.04
CA GLY H 244 29.44 40.28 38.64
C GLY H 244 28.47 39.36 37.90
N HIS H 245 28.35 38.11 38.33
CA HIS H 245 27.41 37.09 37.74
C HIS H 245 26.62 36.40 38.86
N VAL H 246 25.30 36.32 38.69
CA VAL H 246 24.39 35.51 39.55
C VAL H 246 23.66 34.50 38.65
N VAL H 247 23.88 33.22 38.93
CA VAL H 247 23.17 32.10 38.25
C VAL H 247 22.10 31.57 39.21
N VAL H 248 20.82 31.77 38.85
CA VAL H 248 19.66 31.29 39.64
C VAL H 248 19.33 29.87 39.19
N ALA H 249 19.59 28.90 40.05
CA ALA H 249 19.24 27.47 39.87
C ALA H 249 18.61 26.96 41.16
N ALA H 250 17.60 27.68 41.65
CA ALA H 250 16.96 27.46 42.98
C ALA H 250 15.71 26.59 42.83
N GLY H 251 15.69 25.68 41.85
CA GLY H 251 14.52 24.84 41.57
C GLY H 251 13.25 25.66 41.47
N ALA H 252 12.20 25.22 42.16
CA ALA H 252 10.82 25.75 42.00
C ALA H 252 10.71 27.16 42.58
N ARG H 253 11.74 27.65 43.30
CA ARG H 253 11.75 29.02 43.89
C ARG H 253 12.40 30.02 42.90
N SER H 254 12.95 29.55 41.78
CA SER H 254 13.84 30.35 40.89
C SER H 254 13.12 31.60 40.34
N GLN H 255 11.91 31.46 39.81
CA GLN H 255 11.17 32.58 39.17
C GLN H 255 10.74 33.58 40.25
N ARG H 256 10.26 33.11 41.40
CA ARG H 256 9.78 33.98 42.51
C ARG H 256 10.94 34.89 42.94
N LEU H 257 12.19 34.41 42.87
CA LEU H 257 13.40 35.16 43.29
C LEU H 257 13.74 36.26 42.27
N VAL H 258 13.61 35.98 40.97
CA VAL H 258 13.99 36.92 39.88
C VAL H 258 12.83 37.89 39.60
N ALA H 259 11.57 37.49 39.87
CA ALA H 259 10.34 38.23 39.52
C ALA H 259 10.20 39.52 40.34
N ALA H 260 11.00 39.68 41.40
CA ALA H 260 10.99 40.87 42.28
C ALA H 260 11.70 42.04 41.59
N LEU H 261 12.60 41.76 40.64
CA LEU H 261 13.37 42.79 39.90
C LEU H 261 12.44 43.53 38.93
N PRO H 262 12.71 44.82 38.61
CA PRO H 262 11.80 45.63 37.81
C PRO H 262 11.35 45.01 36.47
N GLY H 263 10.03 44.85 36.28
CA GLY H 263 9.44 44.40 35.01
C GLY H 263 9.43 42.89 34.83
N LEU H 264 10.22 42.17 35.62
CA LEU H 264 10.51 40.73 35.37
C LEU H 264 9.34 39.84 35.84
N ALA H 265 8.38 40.38 36.60
CA ALA H 265 7.23 39.61 37.14
C ALA H 265 6.41 38.99 36.01
N HIS H 266 6.34 39.65 34.85
CA HIS H 266 5.53 39.21 33.69
C HIS H 266 6.42 38.91 32.49
N ARG H 267 7.74 38.82 32.70
CA ARG H 267 8.73 38.55 31.62
C ARG H 267 9.43 37.21 31.85
N ILE H 268 9.46 36.70 33.08
CA ILE H 268 9.99 35.35 33.43
C ILE H 268 8.78 34.44 33.70
N PRO H 269 8.54 33.40 32.87
CA PRO H 269 7.41 32.49 33.12
C PRO H 269 7.45 31.89 34.54
N ARG H 270 6.29 31.86 35.18
CA ARG H 270 6.10 31.23 36.51
C ARG H 270 6.58 29.78 36.51
N ILE H 271 7.14 29.36 37.63
CA ILE H 271 7.51 27.95 37.95
C ILE H 271 6.73 27.51 39.20
N TYR H 272 5.99 26.41 39.11
CA TYR H 272 5.25 25.80 40.24
C TYR H 272 5.97 24.55 40.75
N ASP H 273 5.48 23.96 41.84
CA ASP H 273 6.02 22.73 42.47
C ASP H 273 5.34 21.48 41.88
N GLY H 274 6.08 20.70 41.10
CA GLY H 274 5.68 19.34 40.68
C GLY H 274 6.05 18.31 41.74
N VAL H 275 5.25 18.24 42.81
CA VAL H 275 5.58 17.44 44.03
C VAL H 275 5.66 15.97 43.63
N GLY H 276 6.78 15.34 43.91
CA GLY H 276 7.09 13.96 43.51
C GLY H 276 7.40 13.11 44.72
N VAL H 277 6.82 11.91 44.78
CA VAL H 277 7.04 10.94 45.88
C VAL H 277 7.77 9.75 45.29
N SER H 278 8.82 9.31 45.99
CA SER H 278 9.60 8.10 45.66
C SER H 278 9.89 7.36 46.97
N ALA H 279 10.50 6.20 46.89
CA ALA H 279 10.81 5.41 48.10
C ALA H 279 12.08 4.60 47.88
N LEU H 280 12.85 4.43 48.95
CA LEU H 280 13.95 3.46 49.02
C LEU H 280 13.43 2.24 49.77
N VAL H 281 13.63 1.07 49.19
CA VAL H 281 13.16 -0.23 49.71
C VAL H 281 14.38 -1.15 49.79
N ASP H 282 14.60 -1.80 50.94
CA ASP H 282 15.54 -2.94 51.08
C ASP H 282 14.82 -4.20 50.60
N THR H 283 15.27 -4.81 49.51
CA THR H 283 14.57 -5.97 48.91
C THR H 283 14.69 -7.17 49.86
N TRP H 284 13.64 -8.01 49.86
CA TRP H 284 13.47 -9.23 50.69
C TRP H 284 14.74 -10.06 50.67
N ASP H 285 15.44 -10.18 49.53
CA ASP H 285 16.60 -11.09 49.36
C ASP H 285 17.86 -10.30 49.02
N GLY H 286 17.83 -8.96 49.09
CA GLY H 286 18.98 -8.10 48.75
C GLY H 286 19.24 -8.03 47.25
N SER H 287 18.41 -8.64 46.39
CA SER H 287 18.56 -8.59 44.92
C SER H 287 18.02 -7.27 44.37
N GLY H 288 18.32 -7.02 43.10
CA GLY H 288 17.80 -5.89 42.32
C GLY H 288 17.94 -6.23 40.84
N PRO H 289 17.23 -5.50 39.94
CA PRO H 289 17.41 -5.70 38.51
C PRO H 289 18.75 -5.09 38.07
N ALA H 290 19.29 -5.61 36.96
CA ALA H 290 20.55 -5.16 36.34
C ALA H 290 20.28 -3.88 35.54
N THR H 291 19.03 -3.65 35.12
CA THR H 291 18.64 -2.47 34.32
C THR H 291 17.62 -1.62 35.09
N VAL H 292 17.47 -0.38 34.66
CA VAL H 292 16.26 0.43 34.97
C VAL H 292 15.07 -0.37 34.43
N LEU H 293 13.96 -0.38 35.18
CA LEU H 293 12.66 -0.90 34.71
C LEU H 293 11.70 0.28 34.76
N ARG H 294 10.97 0.54 33.68
CA ARG H 294 10.04 1.68 33.66
C ARG H 294 8.89 1.43 32.71
N THR H 295 7.80 2.16 32.92
CA THR H 295 6.75 2.41 31.93
C THR H 295 7.09 3.73 31.22
N SER H 296 6.40 4.04 30.14
CA SER H 296 6.34 5.40 29.59
C SER H 296 5.67 6.32 30.61
N ASN H 297 5.81 7.63 30.43
CA ASN H 297 5.16 8.64 31.27
C ASN H 297 3.65 8.45 31.19
N ARG H 298 2.99 8.63 32.33
CA ARG H 298 1.57 8.27 32.55
C ARG H 298 0.82 9.52 33.00
N ALA H 299 -0.37 9.36 33.57
CA ALA H 299 -1.32 10.48 33.83
C ALA H 299 -0.60 11.64 34.55
N PHE H 300 -0.67 12.82 33.97
CA PHE H 300 -0.19 14.11 34.54
C PHE H 300 1.29 13.98 34.92
N ALA H 301 2.08 13.37 34.04
CA ALA H 301 3.55 13.26 34.12
C ALA H 301 4.00 12.50 35.37
N CYS H 302 3.16 11.62 35.91
N CYS H 302 3.14 11.63 35.89
CA CYS H 302 3.59 10.54 36.85
CA CYS H 302 3.49 10.52 36.82
C CYS H 302 4.16 9.41 36.00
C CYS H 302 4.07 9.36 35.99
N GLY H 303 4.67 8.37 36.63
CA GLY H 303 5.24 7.21 35.93
C GLY H 303 5.71 6.19 36.92
N LEU H 304 5.93 4.97 36.45
CA LEU H 304 6.41 3.90 37.32
C LEU H 304 7.80 3.51 36.87
N HIS H 305 8.74 3.47 37.80
CA HIS H 305 10.11 2.99 37.51
C HIS H 305 10.76 2.43 38.77
N LEU H 306 11.71 1.55 38.53
CA LEU H 306 12.64 1.03 39.55
C LEU H 306 14.05 1.32 39.04
N VAL H 307 14.82 2.03 39.84
CA VAL H 307 16.25 2.35 39.59
C VAL H 307 17.09 1.52 40.55
N PRO H 308 18.02 0.68 40.03
CA PRO H 308 18.91 -0.07 40.90
C PRO H 308 19.75 0.86 41.79
N ARG H 309 20.05 0.38 43.00
CA ARG H 309 21.00 1.03 43.94
C ARG H 309 21.96 -0.06 44.45
N ALA H 310 23.11 0.33 45.00
CA ALA H 310 24.07 -0.58 45.65
C ALA H 310 23.48 -1.02 47.01
N GLY H 311 23.92 -2.17 47.52
CA GLY H 311 23.74 -2.59 48.93
C GLY H 311 22.35 -3.11 49.24
N GLY H 312 21.69 -3.81 48.31
CA GLY H 312 20.41 -4.49 48.55
C GLY H 312 19.23 -3.53 48.66
N SER H 313 19.38 -2.31 48.17
CA SER H 313 18.32 -1.26 48.10
C SER H 313 17.84 -1.11 46.64
N VAL H 314 16.58 -0.75 46.45
CA VAL H 314 16.06 -0.27 45.14
C VAL H 314 15.32 1.04 45.38
N TYR H 315 15.36 1.90 44.38
CA TYR H 315 14.56 3.14 44.32
C TYR H 315 13.30 2.84 43.51
N ILE H 316 12.12 3.21 44.03
CA ILE H 316 10.86 3.13 43.25
C ILE H 316 10.28 4.54 43.18
N GLY H 317 9.84 4.90 41.98
CA GLY H 317 9.17 6.18 41.75
C GLY H 317 8.17 6.05 40.61
N ALA H 318 7.50 7.15 40.30
CA ALA H 318 7.50 8.37 41.08
C ALA H 318 6.19 9.07 40.80
N THR H 319 5.55 9.63 41.80
CA THR H 319 4.27 10.35 41.62
C THR H 319 4.62 11.76 41.15
N ASN H 320 3.64 12.45 40.59
CA ASN H 320 3.78 13.87 40.26
C ASN H 320 2.41 14.53 40.45
N ALA H 321 2.41 15.70 41.09
CA ALA H 321 1.21 16.53 41.27
C ALA H 321 1.68 17.98 41.28
N VAL H 322 1.23 18.77 40.32
CA VAL H 322 1.50 20.23 40.32
C VAL H 322 0.69 20.84 41.46
N CYS H 323 1.37 21.53 42.37
CA CYS H 323 0.74 22.25 43.50
C CYS H 323 1.04 23.74 43.34
N LEU H 324 0.03 24.58 43.58
CA LEU H 324 0.16 26.06 43.42
C LEU H 324 0.97 26.61 44.60
N GLU H 325 1.09 25.85 45.69
CA GLU H 325 2.01 26.18 46.82
C GLU H 325 2.83 24.94 47.14
N PRO H 326 4.09 25.10 47.62
CA PRO H 326 4.96 23.95 47.91
C PRO H 326 4.39 23.03 49.00
N ARG H 327 4.73 21.74 48.93
CA ARG H 327 4.34 20.71 49.91
C ARG H 327 5.57 19.82 50.12
N GLY H 328 5.93 19.57 51.38
CA GLY H 328 7.17 18.85 51.75
C GLY H 328 6.89 17.44 52.25
N ALA H 329 5.63 16.98 52.29
CA ALA H 329 5.28 15.64 52.78
C ALA H 329 4.41 14.90 51.75
N ALA H 330 4.63 13.58 51.63
CA ALA H 330 3.83 12.69 50.78
C ALA H 330 2.41 12.63 51.35
N SER H 331 1.41 12.54 50.48
CA SER H 331 0.04 12.20 50.88
C SER H 331 -0.06 10.67 51.00
N ILE H 332 -1.03 10.18 51.76
CA ILE H 332 -1.35 8.74 51.85
C ILE H 332 -1.57 8.20 50.43
N GLU H 333 -2.40 8.87 49.65
CA GLU H 333 -2.79 8.50 48.25
C GLU H 333 -1.54 8.22 47.41
N GLU H 334 -0.55 9.11 47.48
CA GLU H 334 0.70 9.03 46.68
C GLU H 334 1.47 7.77 47.07
N THR H 335 1.63 7.53 48.37
CA THR H 335 2.39 6.35 48.87
C THR H 335 1.67 5.07 48.40
N VAL H 336 0.34 5.01 48.55
CA VAL H 336 -0.43 3.77 48.22
C VAL H 336 -0.31 3.52 46.71
N PHE H 337 -0.48 4.54 45.89
CA PHE H 337 -0.47 4.39 44.41
C PHE H 337 0.92 3.90 43.98
N LEU H 338 1.98 4.54 44.46
CA LEU H 338 3.36 4.15 44.10
C LEU H 338 3.61 2.68 44.48
N PHE H 339 3.33 2.31 45.73
CA PHE H 339 3.60 0.95 46.24
C PHE H 339 2.75 -0.07 45.48
N ASN H 340 1.48 0.24 45.26
CA ASN H 340 0.55 -0.67 44.57
C ASN H 340 1.06 -0.96 43.14
N CYS H 341 1.46 0.08 42.41
CA CYS H 341 1.96 -0.07 41.01
C CYS H 341 3.23 -0.93 41.00
N ALA H 342 4.20 -0.65 41.87
CA ALA H 342 5.50 -1.36 41.88
C ALA H 342 5.31 -2.84 42.23
N THR H 343 4.48 -3.15 43.24
CA THR H 343 4.29 -4.54 43.73
C THR H 343 3.57 -5.37 42.67
N HIS H 344 2.61 -4.78 41.93
CA HIS H 344 1.81 -5.53 40.92
C HIS H 344 2.55 -5.60 39.58
N GLN H 345 3.12 -4.48 39.13
CA GLN H 345 3.60 -4.36 37.72
C GLN H 345 5.07 -4.77 37.60
N LEU H 346 5.87 -4.66 38.67
CA LEU H 346 7.33 -4.92 38.62
C LEU H 346 7.69 -6.19 39.38
N HIS H 347 7.45 -6.25 40.69
CA HIS H 347 7.89 -7.40 41.53
C HIS H 347 7.04 -7.52 42.80
N ARG H 348 6.31 -8.62 42.91
CA ARG H 348 5.46 -8.94 44.09
C ARG H 348 6.31 -9.09 45.36
N GLY H 349 7.58 -9.48 45.22
CA GLY H 349 8.56 -9.54 46.33
C GLY H 349 8.73 -8.22 47.04
N LEU H 350 8.46 -7.09 46.36
CA LEU H 350 8.55 -5.75 47.00
C LEU H 350 7.51 -5.64 48.12
N ASN H 351 6.42 -6.41 48.03
CA ASN H 351 5.32 -6.38 49.01
C ASN H 351 5.86 -6.68 50.41
N GLY H 352 6.72 -7.69 50.51
CA GLY H 352 7.31 -8.16 51.78
C GLY H 352 8.62 -7.48 52.09
N SER H 353 9.03 -6.52 51.27
CA SER H 353 10.31 -5.81 51.45
C SER H 353 10.12 -4.65 52.44
N GLU H 354 11.21 -4.24 53.07
CA GLU H 354 11.21 -3.19 54.10
C GLU H 354 11.30 -1.81 53.47
N LEU H 355 10.38 -0.93 53.86
CA LEU H 355 10.38 0.51 53.50
C LEU H 355 11.45 1.22 54.32
N ARG H 356 12.49 1.72 53.67
CA ARG H 356 13.60 2.44 54.35
C ARG H 356 13.28 3.93 54.38
N LYS H 357 12.72 4.50 53.33
CA LYS H 357 12.54 5.97 53.22
C LYS H 357 11.47 6.31 52.20
N VAL H 358 10.54 7.19 52.57
CA VAL H 358 9.61 7.88 51.63
C VAL H 358 10.25 9.23 51.35
N GLN H 359 10.55 9.54 50.09
CA GLN H 359 11.24 10.80 49.67
C GLN H 359 10.23 11.69 48.94
N VAL H 360 10.32 13.00 49.19
CA VAL H 360 9.45 14.04 48.57
C VAL H 360 10.35 15.15 48.06
N GLY H 361 10.19 15.54 46.79
CA GLY H 361 10.88 16.67 46.16
C GLY H 361 9.96 17.39 45.19
N SER H 362 10.34 18.62 44.80
CA SER H 362 9.55 19.48 43.88
C SER H 362 10.25 19.55 42.54
N ARG H 363 9.69 18.89 41.54
CA ARG H 363 10.04 19.17 40.13
C ARG H 363 9.66 20.62 39.84
N PRO H 364 10.61 21.48 39.40
CA PRO H 364 10.28 22.83 38.95
C PRO H 364 9.38 22.75 37.70
N ALA H 365 8.10 23.09 37.83
CA ALA H 365 7.07 22.96 36.77
C ALA H 365 6.82 24.31 36.10
N PRO H 366 7.42 24.59 34.93
CA PRO H 366 7.19 25.87 34.25
C PRO H 366 5.76 25.96 33.70
N ILE H 367 5.12 27.13 33.87
CA ILE H 367 3.69 27.34 33.50
C ILE H 367 3.46 27.10 31.99
N ASP H 368 4.48 27.23 31.14
CA ASP H 368 4.31 27.07 29.67
C ASP H 368 4.91 25.74 29.21
N GLY H 369 5.40 24.92 30.14
CA GLY H 369 5.78 23.51 29.86
C GLY H 369 7.20 23.36 29.38
N PHE H 370 8.03 24.41 29.39
CA PHE H 370 9.42 24.32 28.87
C PHE H 370 10.39 25.02 29.82
N PRO H 371 11.67 24.55 29.86
CA PRO H 371 12.64 25.09 30.78
C PRO H 371 12.98 26.56 30.51
N LEU H 372 13.62 27.17 31.51
CA LEU H 372 14.11 28.56 31.55
C LEU H 372 15.64 28.47 31.68
N ILE H 373 16.35 28.60 30.57
CA ILE H 373 17.82 28.36 30.46
C ILE H 373 18.45 29.52 29.70
N GLY H 374 19.31 30.30 30.38
CA GLY H 374 20.17 31.28 29.69
C GLY H 374 20.12 32.64 30.35
N GLY H 375 20.33 33.68 29.54
CA GLY H 375 20.52 35.06 30.00
C GLY H 375 19.20 35.81 30.10
N THR H 376 19.25 36.99 30.69
CA THR H 376 18.10 37.89 30.91
C THR H 376 18.44 39.28 30.35
N SER H 377 17.55 40.24 30.52
CA SER H 377 17.74 41.66 30.15
C SER H 377 18.66 42.33 31.18
N VAL H 378 19.03 41.62 32.26
CA VAL H 378 19.94 42.13 33.32
C VAL H 378 21.32 41.50 33.09
N GLU H 379 22.33 42.32 32.80
CA GLU H 379 23.71 41.84 32.50
C GLU H 379 24.21 41.07 33.72
N GLY H 380 24.77 39.88 33.50
CA GLY H 380 25.31 39.02 34.59
C GLY H 380 24.25 38.19 35.30
N LEU H 381 22.95 38.35 34.96
CA LEU H 381 21.87 37.51 35.57
C LEU H 381 21.48 36.37 34.63
N TRP H 382 21.67 35.14 35.11
CA TRP H 382 21.41 33.89 34.36
C TRP H 382 20.42 33.02 35.16
N MET H 383 19.68 32.17 34.45
CA MET H 383 18.67 31.25 35.04
C MET H 383 18.90 29.85 34.45
N LEU H 384 18.82 28.86 35.33
CA LEU H 384 18.84 27.41 34.97
C LEU H 384 17.74 26.74 35.79
N SER H 385 16.54 26.59 35.23
CA SER H 385 15.36 26.09 35.99
C SER H 385 14.22 25.66 35.07
N GLY H 386 13.12 25.25 35.70
CA GLY H 386 11.88 24.79 35.04
C GLY H 386 12.14 23.52 34.26
N THR H 387 12.99 22.63 34.78
CA THR H 387 13.40 21.40 34.06
C THR H 387 12.43 20.24 34.34
N TYR H 388 11.52 20.38 35.29
CA TYR H 388 10.42 19.40 35.53
C TYR H 388 11.02 18.00 35.77
N ARG H 389 10.88 17.06 34.83
CA ARG H 389 11.22 15.62 35.03
C ARG H 389 12.69 15.31 34.70
N ASP H 390 13.44 16.20 34.02
CA ASP H 390 14.70 15.77 33.35
C ASP H 390 15.79 16.84 33.40
N GLY H 391 15.80 17.70 34.42
CA GLY H 391 16.92 18.62 34.68
C GLY H 391 18.18 17.88 35.09
N LEU H 392 18.04 16.83 35.89
CA LEU H 392 19.17 15.99 36.33
C LEU H 392 19.83 15.39 35.09
N HIS H 393 19.06 14.78 34.20
CA HIS H 393 19.61 14.16 32.97
C HIS H 393 20.30 15.22 32.11
N MET H 394 19.70 16.40 31.97
CA MET H 394 20.20 17.43 31.04
C MET H 394 21.34 18.24 31.67
N SER H 395 21.61 18.06 32.98
CA SER H 395 22.51 18.91 33.80
C SER H 395 23.87 19.15 33.11
N PRO H 396 24.64 18.14 32.63
CA PRO H 396 25.96 18.43 32.08
C PRO H 396 25.89 19.30 30.81
N LEU H 397 24.87 19.10 29.97
CA LEU H 397 24.64 19.93 28.75
C LEU H 397 24.25 21.34 29.17
N LEU H 398 23.32 21.50 30.11
CA LEU H 398 22.80 22.83 30.50
C LEU H 398 23.93 23.64 31.16
N ALA H 399 24.75 22.99 31.97
CA ALA H 399 25.88 23.62 32.69
C ALA H 399 26.84 24.21 31.66
N ARG H 400 27.24 23.40 30.67
CA ARG H 400 28.19 23.80 29.60
C ARG H 400 27.58 24.90 28.74
N HIS H 401 26.29 24.81 28.42
CA HIS H 401 25.56 25.87 27.67
C HIS H 401 25.71 27.21 28.40
N VAL H 402 25.37 27.27 29.69
CA VAL H 402 25.33 28.56 30.43
C VAL H 402 26.76 29.09 30.60
N VAL H 403 27.74 28.22 30.83
CA VAL H 403 29.17 28.61 30.99
C VAL H 403 29.68 29.21 29.67
N SER H 404 29.34 28.60 28.53
CA SER H 404 29.64 29.13 27.18
C SER H 404 29.06 30.54 27.04
N LEU H 405 27.77 30.74 27.35
CA LEU H 405 27.09 32.06 27.28
C LEU H 405 27.84 33.07 28.14
N MET H 406 28.21 32.70 29.36
CA MET H 406 28.89 33.60 30.34
C MET H 406 30.26 34.03 29.79
N ASP H 407 30.85 33.21 28.92
CA ASP H 407 32.20 33.41 28.34
C ASP H 407 32.10 34.13 26.99
N GLY H 408 30.90 34.57 26.59
CA GLY H 408 30.66 35.29 25.32
C GLY H 408 30.38 34.34 24.16
N GLY H 409 30.31 33.02 24.41
CA GLY H 409 29.98 32.00 23.39
C GLY H 409 28.49 31.98 23.09
N THR H 410 28.05 31.07 22.21
CA THR H 410 26.62 30.85 21.88
C THR H 410 26.14 29.51 22.44
N GLY H 411 27.00 28.78 23.16
CA GLY H 411 26.65 27.51 23.82
C GLY H 411 26.09 26.50 22.85
N VAL H 412 24.96 25.87 23.19
CA VAL H 412 24.36 24.75 22.43
C VAL H 412 23.25 25.31 21.53
N ASP H 413 23.24 24.91 20.26
CA ASP H 413 22.47 25.59 19.18
C ASP H 413 20.98 25.69 19.52
N GLY H 414 20.28 24.63 19.94
CA GLY H 414 18.81 24.59 19.86
C GLY H 414 18.11 25.08 21.13
N LEU H 415 18.79 25.78 22.03
CA LEU H 415 18.27 26.16 23.37
C LEU H 415 17.62 27.56 23.36
N ARG H 416 17.60 28.26 22.21
CA ARG H 416 17.24 29.71 22.13
C ARG H 416 15.77 29.93 22.53
N GLU H 417 14.88 29.02 22.10
CA GLU H 417 13.43 29.12 22.39
C GLU H 417 13.18 29.02 23.90
N PHE H 418 14.14 28.48 24.67
CA PHE H 418 13.97 28.19 26.11
C PHE H 418 14.69 29.24 26.96
N ARG H 419 15.06 30.38 26.35
CA ARG H 419 15.59 31.57 27.05
C ARG H 419 14.59 31.95 28.15
N PRO H 420 15.06 32.30 29.37
CA PRO H 420 14.15 32.49 30.50
C PRO H 420 13.25 33.73 30.42
N GLU H 421 13.69 34.77 29.71
CA GLU H 421 12.92 36.03 29.57
C GLU H 421 12.16 35.95 28.24
N ARG H 422 10.86 35.68 28.31
CA ARG H 422 10.06 35.32 27.12
C ARG H 422 8.57 35.50 27.44
N ASP H 423 7.78 35.73 26.41
CA ASP H 423 6.32 35.50 26.41
C ASP H 423 6.11 34.01 26.68
N LEU H 424 5.03 33.64 27.35
CA LEU H 424 4.69 32.21 27.54
C LEU H 424 4.67 31.53 26.18
N ILE H 425 5.35 30.39 26.05
CA ILE H 425 5.27 29.51 24.85
C ILE H 425 3.86 28.93 24.76
N SER H 426 3.32 28.82 23.54
CA SER H 426 2.06 28.10 23.20
C SER H 426 2.43 26.95 22.26
N ALA H 427 2.90 25.83 22.81
CA ALA H 427 3.48 24.72 22.03
C ALA H 427 2.35 23.86 21.43
N TRP H 428 1.13 23.99 21.95
CA TRP H 428 -0.05 23.20 21.50
C TRP H 428 -1.25 24.13 21.34
N SER H 429 -2.17 23.76 20.44
CA SER H 429 -3.52 24.37 20.34
C SER H 429 -4.30 24.08 21.62
N ARG H 430 -5.26 24.96 21.94
CA ARG H 430 -6.21 24.77 23.07
C ARG H 430 -6.92 23.42 22.92
N GLU H 431 -7.32 23.08 21.69
CA GLU H 431 -8.03 21.82 21.36
C GLU H 431 -7.14 20.62 21.73
N GLU H 432 -5.85 20.66 21.37
CA GLU H 432 -4.89 19.58 21.69
C GLU H 432 -4.82 19.41 23.21
N ILE H 433 -4.74 20.52 23.95
CA ILE H 433 -4.57 20.47 25.43
C ILE H 433 -5.87 19.95 26.07
N LEU H 434 -7.03 20.37 25.57
CA LEU H 434 -8.35 19.89 26.06
C LEU H 434 -8.48 18.38 25.81
N ASP H 435 -8.09 17.87 24.64
CA ASP H 435 -8.05 16.40 24.40
C ASP H 435 -7.11 15.75 25.42
N ASP H 436 -5.94 16.33 25.65
CA ASP H 436 -4.88 15.77 26.53
C ASP H 436 -5.42 15.72 27.97
N VAL H 437 -6.00 16.81 28.48
CA VAL H 437 -6.38 16.88 29.92
C VAL H 437 -7.47 15.84 30.21
N VAL H 438 -8.41 15.64 29.28
CA VAL H 438 -9.50 14.64 29.44
C VAL H 438 -8.89 13.23 29.41
N ARG H 439 -7.99 12.95 28.47
CA ARG H 439 -7.33 11.64 28.37
C ARG H 439 -6.56 11.35 29.67
N HIS H 440 -5.81 12.32 30.17
CA HIS H 440 -4.98 12.16 31.39
C HIS H 440 -5.91 11.95 32.59
N THR H 441 -7.04 12.67 32.67
CA THR H 441 -8.03 12.50 33.75
C THR H 441 -8.54 11.05 33.73
N MET H 442 -8.93 10.55 32.56
CA MET H 442 -9.44 9.17 32.40
C MET H 442 -8.31 8.19 32.76
N ALA H 443 -7.07 8.50 32.40
CA ALA H 443 -5.89 7.64 32.69
C ALA H 443 -5.73 7.45 34.20
N THR H 444 -6.08 8.41 35.04
CA THR H 444 -5.99 8.25 36.52
C THR H 444 -6.90 7.10 36.96
N GLY H 445 -7.99 6.84 36.23
CA GLY H 445 -8.85 5.67 36.47
C GLY H 445 -8.19 4.38 36.04
N TYR H 446 -7.75 4.30 34.78
CA TYR H 446 -7.21 3.05 34.20
C TYR H 446 -5.91 2.65 34.88
N GLU H 447 -5.15 3.61 35.43
CA GLU H 447 -3.84 3.34 36.08
C GLU H 447 -4.05 2.82 37.52
N PHE H 448 -5.22 2.99 38.11
CA PHE H 448 -5.51 2.68 39.54
C PHE H 448 -5.23 1.21 39.84
N PRO H 449 -5.74 0.20 39.09
CA PRO H 449 -6.75 0.36 38.04
C PRO H 449 -8.14 0.24 38.65
N TRP H 450 -9.09 1.01 38.15
CA TRP H 450 -10.48 0.99 38.66
C TRP H 450 -11.19 -0.24 38.09
N ARG H 451 -12.35 -0.55 38.66
CA ARG H 451 -13.32 -1.51 38.09
C ARG H 451 -14.70 -0.83 38.20
N LEU H 452 -15.32 -0.54 37.06
CA LEU H 452 -16.52 0.32 36.92
C LEU H 452 -17.48 -0.37 35.99
N PRO H 453 -18.78 -0.03 36.05
CA PRO H 453 -19.71 -0.44 34.99
C PRO H 453 -19.21 0.12 33.65
N LEU H 454 -19.40 -0.64 32.58
CA LEU H 454 -18.78 -0.32 31.26
C LEU H 454 -19.35 0.97 30.66
N GLU H 455 -20.52 1.47 31.06
CA GLU H 455 -21.07 2.75 30.52
C GLU H 455 -20.41 3.94 31.22
N TRP H 456 -19.76 3.74 32.37
CA TRP H 456 -19.34 4.89 33.19
C TRP H 456 -18.19 5.66 32.52
N PRO H 457 -17.14 5.03 31.97
CA PRO H 457 -16.05 5.77 31.33
C PRO H 457 -16.51 6.75 30.23
N HIS H 458 -17.37 6.30 29.32
CA HIS H 458 -17.89 7.16 28.23
C HIS H 458 -18.70 8.31 28.85
N MET H 459 -19.52 8.05 29.85
CA MET H 459 -20.29 9.09 30.57
C MET H 459 -19.33 10.11 31.18
N MET H 460 -18.24 9.69 31.81
CA MET H 460 -17.29 10.63 32.46
C MET H 460 -16.54 11.42 31.38
N GLU H 461 -16.10 10.80 30.28
CA GLU H 461 -15.43 11.50 29.16
C GLU H 461 -16.34 12.64 28.67
N THR H 462 -17.60 12.34 28.39
CA THR H 462 -18.59 13.33 27.91
C THR H 462 -18.71 14.48 28.91
N PHE H 463 -18.82 14.19 30.21
CA PHE H 463 -19.12 15.23 31.24
C PHE H 463 -17.85 15.96 31.69
N LEU H 464 -16.65 15.50 31.32
CA LEU H 464 -15.37 16.19 31.65
C LEU H 464 -15.09 17.29 30.62
N GLN H 465 -15.54 17.12 29.37
CA GLN H 465 -15.14 17.99 28.23
C GLN H 465 -15.58 19.43 28.48
N GLY H 466 -16.85 19.62 28.83
CA GLY H 466 -17.48 20.94 29.05
C GLY H 466 -16.76 21.76 30.10
N PRO H 467 -16.64 21.26 31.36
CA PRO H 467 -15.96 22.03 32.41
C PRO H 467 -14.50 22.42 32.08
N PHE H 468 -13.73 21.57 31.40
CA PHE H 468 -12.33 21.90 31.04
C PHE H 468 -12.32 22.95 29.91
N ALA H 469 -13.21 22.84 28.92
CA ALA H 469 -13.36 23.83 27.82
C ALA H 469 -13.71 25.19 28.45
N GLU H 470 -14.67 25.22 29.38
CA GLU H 470 -15.13 26.44 30.08
C GLU H 470 -13.97 27.05 30.86
N LEU H 471 -13.16 26.23 31.54
CA LEU H 471 -12.03 26.72 32.36
C LEU H 471 -11.01 27.38 31.44
N ALA H 472 -10.63 26.69 30.36
CA ALA H 472 -9.59 27.12 29.39
C ALA H 472 -9.99 28.48 28.80
N ASP H 473 -11.26 28.63 28.43
CA ASP H 473 -11.83 29.86 27.81
C ASP H 473 -11.83 31.00 28.81
N ARG H 474 -12.10 30.70 30.08
CA ARG H 474 -12.17 31.69 31.18
C ARG H 474 -10.76 32.19 31.56
N LEU H 475 -9.74 31.33 31.48
CA LEU H 475 -8.39 31.68 32.01
C LEU H 475 -7.77 32.79 31.16
N SER H 476 -7.93 32.72 29.84
CA SER H 476 -7.22 33.61 28.88
C SER H 476 -7.74 33.37 27.46
N ASP H 477 -7.71 34.41 26.63
CA ASP H 477 -8.05 34.33 25.17
C ASP H 477 -6.85 33.81 24.39
N THR H 478 -5.65 33.80 24.97
CA THR H 478 -4.42 33.46 24.19
C THR H 478 -3.66 32.30 24.87
N TYR H 479 -3.50 32.28 26.19
CA TYR H 479 -2.67 31.25 26.87
C TYR H 479 -3.54 30.08 27.33
N THR H 480 -3.04 28.86 27.14
CA THR H 480 -3.63 27.61 27.70
C THR H 480 -2.57 26.87 28.51
N PRO H 481 -2.82 26.62 29.82
CA PRO H 481 -1.88 25.83 30.63
C PRO H 481 -1.85 24.39 30.13
N PRO H 482 -0.68 23.72 30.14
CA PRO H 482 -0.60 22.30 29.84
C PRO H 482 -1.44 21.49 30.85
N ALA H 483 -1.85 20.28 30.47
CA ALA H 483 -2.79 19.40 31.22
C ALA H 483 -2.42 19.29 32.70
N ASP H 484 -1.13 19.06 33.00
CA ASP H 484 -0.61 18.84 34.37
C ASP H 484 -1.02 20.02 35.25
N LEU H 485 -0.91 21.24 34.73
CA LEU H 485 -1.22 22.47 35.49
C LEU H 485 -2.72 22.74 35.41
N MET H 486 -3.36 22.46 34.27
CA MET H 486 -4.79 22.74 34.07
C MET H 486 -5.60 21.95 35.12
N THR H 487 -5.26 20.69 35.41
CA THR H 487 -6.00 19.88 36.40
C THR H 487 -5.83 20.52 37.78
N ALA H 488 -4.62 20.94 38.14
CA ALA H 488 -4.37 21.62 39.44
C ALA H 488 -5.23 22.89 39.53
N ILE H 489 -5.31 23.67 38.47
CA ILE H 489 -6.11 24.93 38.45
C ILE H 489 -7.60 24.59 38.55
N MET H 490 -8.06 23.59 37.78
CA MET H 490 -9.49 23.15 37.80
C MET H 490 -9.94 22.92 39.25
N PHE H 491 -9.11 22.32 40.09
CA PHE H 491 -9.51 21.88 41.45
C PHE H 491 -8.94 22.82 42.52
N SER H 492 -8.43 24.00 42.15
CA SER H 492 -7.93 25.03 43.09
C SER H 492 -9.08 25.93 43.53
N GLU H 493 -8.87 26.80 44.53
CA GLU H 493 -9.89 27.79 44.99
C GLU H 493 -10.16 28.82 43.89
N ARG H 494 -11.36 29.40 43.88
CA ARG H 494 -11.77 30.47 42.94
C ARG H 494 -10.76 31.61 42.95
N GLU H 495 -10.27 31.99 44.14
CA GLU H 495 -9.28 33.09 44.36
C GLU H 495 -7.99 32.77 43.59
N GLN H 496 -7.55 31.50 43.61
CA GLN H 496 -6.31 31.05 42.92
C GLN H 496 -6.53 31.07 41.40
N GLN H 497 -7.72 30.69 40.94
CA GLN H 497 -8.09 30.77 39.50
C GLN H 497 -8.06 32.23 39.05
N ASP H 498 -8.67 33.13 39.82
CA ASP H 498 -8.79 34.57 39.47
C ASP H 498 -7.38 35.18 39.45
N GLU H 499 -6.51 34.82 40.38
CA GLU H 499 -5.11 35.31 40.44
C GLU H 499 -4.39 34.90 39.16
N LEU H 500 -4.63 33.69 38.63
CA LEU H 500 -4.00 33.21 37.38
C LEU H 500 -4.56 33.98 36.18
N ILE H 501 -5.87 34.26 36.17
CA ILE H 501 -6.52 35.05 35.09
C ILE H 501 -5.79 36.41 35.01
N ALA H 502 -5.57 37.05 36.16
CA ALA H 502 -4.84 38.35 36.27
C ALA H 502 -3.40 38.17 35.77
N TYR H 503 -2.71 37.12 36.22
CA TYR H 503 -1.31 36.84 35.79
C TYR H 503 -1.25 36.76 34.26
N TYR H 504 -2.11 35.93 33.65
CA TYR H 504 -2.14 35.72 32.18
C TYR H 504 -2.40 37.05 31.46
N ALA H 505 -3.32 37.88 31.97
CA ALA H 505 -3.69 39.19 31.39
C ALA H 505 -2.49 40.14 31.47
N ASP H 506 -1.76 40.15 32.60
CA ASP H 506 -0.55 40.99 32.81
C ASP H 506 0.54 40.54 31.84
N VAL H 507 0.72 39.24 31.62
CA VAL H 507 1.73 38.74 30.65
C VAL H 507 1.34 39.20 29.24
N HIS H 508 0.06 39.10 28.86
CA HIS H 508 -0.42 39.49 27.51
C HIS H 508 -0.08 40.96 27.25
N ARG H 509 -0.46 41.81 28.19
CA ARG H 509 -0.21 43.28 28.25
C ARG H 509 1.28 43.57 28.06
N GLU H 510 2.16 42.79 28.68
CA GLU H 510 3.63 43.00 28.68
C GLU H 510 4.22 42.68 27.29
N TRP H 511 3.72 41.66 26.60
CA TRP H 511 4.38 41.09 25.40
C TRP H 511 3.62 41.44 24.11
N HIS H 512 2.42 42.04 24.19
CA HIS H 512 1.58 42.36 23.02
C HIS H 512 1.08 43.81 23.09
PA FAD I . 47.63 20.24 -42.51
O1A FAD I . 47.72 18.86 -41.95
O2A FAD I . 46.38 21.04 -42.53
O5B FAD I . 48.85 21.10 -41.95
C5B FAD I . 48.98 22.53 -42.17
C4B FAD I . 49.46 23.14 -40.88
O4B FAD I . 50.01 24.47 -41.11
C3B FAD I . 48.37 23.28 -39.80
O3B FAD I . 48.82 22.75 -38.56
C2B FAD I . 48.09 24.78 -39.80
O2B FAD I . 47.67 25.30 -38.56
C1B FAD I . 49.46 25.36 -40.18
N9A FAD I . 49.39 26.70 -40.74
C8A FAD I . 48.34 27.30 -41.42
N7A FAD I . 48.60 28.55 -41.73
C5A FAD I . 49.89 28.77 -41.24
C6A FAD I . 50.75 29.88 -41.28
N6A FAD I . 50.43 31.04 -41.82
N1A FAD I . 51.96 29.75 -40.69
C2A FAD I . 52.29 28.58 -40.14
N3A FAD I . 51.57 27.47 -40.04
C4A FAD I . 50.36 27.64 -40.62
N1 FAD I . 45.12 11.45 -45.36
C2 FAD I . 45.40 10.18 -45.68
O2 FAD I . 46.37 9.90 -46.38
N3 FAD I . 44.66 9.14 -45.22
C4 FAD I . 43.52 9.33 -44.47
O4 FAD I . 42.90 8.34 -44.09
C4X FAD I . 43.14 10.68 -44.17
N5 FAD I . 42.05 10.90 -43.47
C5X FAD I . 41.71 12.20 -43.22
C6 FAD I . 40.54 12.47 -42.51
C7 FAD I . 40.13 13.75 -42.23
C7M FAD I . 38.86 14.01 -41.47
C8 FAD I . 40.91 14.84 -42.70
C8M FAD I . 40.50 16.27 -42.44
C9 FAD I . 42.09 14.60 -43.36
C9A FAD I . 42.49 13.29 -43.67
N10 FAD I . 43.67 13.02 -44.38
C10 FAD I . 44.03 11.70 -44.66
C1' FAD I . 44.60 14.14 -44.64
C2' FAD I . 44.93 14.46 -46.04
O2' FAD I . 45.84 13.51 -46.56
C3' FAD I . 45.55 15.87 -46.13
O3' FAD I . 45.71 16.13 -47.51
C4' FAD I . 46.92 16.10 -45.46
O4' FAD I . 46.89 15.85 -44.05
C5' FAD I . 47.39 17.52 -45.67
O5' FAD I . 48.57 17.75 -44.86
P FAD I . 49.19 19.20 -44.81
O1P FAD I . 50.45 19.14 -43.98
O2P FAD I . 49.26 19.63 -46.24
O3P FAD I . 48.08 20.09 -44.07
N GLY J . 41.71 9.62 -46.86
CA GLY J . 40.55 9.53 -45.91
C GLY J . 39.85 10.88 -45.75
O GLY J . 38.78 10.95 -45.13
OXT GLY J . 40.41 11.88 -46.25
N1 I60 K . 27.91 13.72 -47.49
C1 I60 K . 28.19 15.14 -47.23
C2 I60 K . 28.91 15.85 -48.39
C3 I60 K . 28.64 17.34 -48.46
C4 I60 K . 27.22 17.68 -48.88
O1 I60 K . 26.35 16.84 -49.07
N2 I60 K . 26.95 18.98 -49.03
C5 I60 K . 25.62 19.49 -49.26
C6 I60 K . 25.36 19.64 -50.76
O2 I60 K . 26.32 20.52 -51.35
C7 I60 K . 23.95 20.14 -50.99
O3 I60 K . 23.02 19.12 -50.52
C8 I60 K . 22.89 18.00 -51.27
N3 I60 K . 22.25 17.03 -50.59
O4 I60 K . 23.31 17.90 -52.39
C9 I60 K . 23.73 21.40 -50.17
C10 I60 K . 22.31 21.92 -50.25
O5 I60 K . 22.29 23.16 -49.58
O6 I60 K . 23.99 21.16 -48.78
C11 I60 K . 25.32 20.75 -48.51
N4 I60 K . 25.41 20.47 -47.10
C12 I60 K . 26.18 21.07 -46.24
N5 I60 K . 26.29 20.72 -44.93
C13 I60 K . 27.31 21.55 -44.28
C14 I60 K . 27.18 21.94 -42.84
O7 I60 K . 26.74 21.14 -42.02
N6 I60 K . 27.57 23.18 -42.51
C15 I60 K . 28.27 24.16 -43.35
C16 I60 K . 28.39 23.70 -44.81
O8 I60 K . 29.62 22.98 -45.00
C17 I60 K . 27.19 22.81 -45.16
N7 I60 K . 26.99 22.14 -46.45
PA FAD L . 26.18 18.78 -8.99
O1A FAD L . 25.72 19.95 -9.80
O2A FAD L . 26.58 17.47 -9.54
O5B FAD L . 27.31 19.31 -7.99
C5B FAD L . 28.05 18.40 -7.16
C4B FAD L . 29.49 18.86 -7.17
O4B FAD L . 30.21 18.28 -6.05
C3B FAD L . 30.25 18.47 -8.44
O3B FAD L . 30.87 19.60 -9.03
C2B FAD L . 31.23 17.40 -7.97
O2B FAD L . 32.40 17.35 -8.76
C1B FAD L . 31.45 17.81 -6.52
N9A FAD L . 31.89 16.71 -5.68
C8A FAD L . 31.69 15.36 -5.87
N7A FAD L . 32.27 14.62 -4.94
C5A FAD L . 32.88 15.54 -4.10
C6A FAD L . 33.67 15.39 -2.95
N6A FAD L . 33.98 14.21 -2.43
N1A FAD L . 34.15 16.52 -2.35
C2A FAD L . 33.85 17.70 -2.90
N3A FAD L . 33.11 17.97 -4.00
C4A FAD L . 32.67 16.83 -4.55
N1 FAD L . 17.99 21.43 -13.37
C2 FAD L . 16.94 22.25 -13.57
O2 FAD L . 16.35 22.76 -12.61
N3 FAD L . 16.56 22.63 -14.83
C4 FAD L . 17.13 22.09 -15.96
O4 FAD L . 16.73 22.45 -17.06
C4X FAD L . 18.18 21.15 -15.77
N5 FAD L . 18.72 20.60 -16.83
C5X FAD L . 19.68 19.65 -16.62
C6 FAD L . 20.25 19.01 -17.73
C7 FAD L . 21.21 18.03 -17.57
C7M FAD L . 21.83 17.37 -18.78
C8 FAD L . 21.66 17.68 -16.25
C8M FAD L . 22.71 16.62 -16.04
C9 FAD L . 21.15 18.35 -15.17
C9A FAD L . 20.14 19.30 -15.32
N10 FAD L . 19.56 19.95 -14.22
C10 FAD L . 18.55 20.87 -14.41
C1' FAD L . 20.18 19.76 -12.88
C2' FAD L . 19.37 19.14 -11.79
O2' FAD L . 18.52 20.12 -11.24
C3' FAD L . 20.33 18.63 -10.71
O3' FAD L . 19.52 17.92 -9.75
C4' FAD L . 21.15 19.67 -9.91
O4' FAD L . 22.05 20.40 -10.75
C5' FAD L . 21.99 19.01 -8.84
O5' FAD L . 22.93 19.97 -8.27
P FAD L . 23.96 19.44 -7.15
O1P FAD L . 24.61 20.69 -6.64
O2P FAD L . 23.18 18.57 -6.21
O3P FAD L . 24.96 18.47 -7.95
N GLY M . 15.37 19.62 -15.94
CA GLY M . 15.83 19.31 -17.34
C GLY M . 16.71 18.08 -17.35
O GLY M . 17.13 17.60 -16.25
OXT GLY M . 17.01 17.56 -18.45
N1 I60 N . 15.75 7.77 -24.17
C1 I60 N . 16.95 7.26 -23.47
C2 I60 N . 16.70 6.77 -22.03
C3 I60 N . 17.63 5.64 -21.59
C4 I60 N . 17.31 4.31 -22.26
O1 I60 N . 16.54 4.22 -23.22
N2 I60 N . 17.94 3.25 -21.77
C5 I60 N . 17.95 1.97 -22.44
C6 I60 N . 16.89 1.04 -21.86
O2 I60 N . 17.17 0.82 -20.48
C7 I60 N . 16.88 -0.28 -22.63
O3 I60 N . 16.48 -0.01 -24.01
C8 I60 N . 15.16 0.23 -24.20
N3 I60 N . 14.96 0.71 -25.45
O4 I60 N . 14.30 0.05 -23.36
C9 I60 N . 18.29 -0.89 -22.63
C10 I60 N . 18.39 -2.13 -23.48
O5 I60 N . 19.67 -2.74 -23.30
O6 I60 N . 19.25 0.05 -23.15
C11 I60 N . 19.30 1.29 -22.46
N4 I60 N . 20.20 2.12 -23.20
C12 I60 N . 21.40 2.46 -22.84
N5 I60 N . 22.14 3.34 -23.55
C13 I60 N . 23.29 3.78 -22.78
C14 I60 N . 24.55 4.15 -23.51
O7 I60 N . 24.49 4.63 -24.64
N6 I60 N . 25.69 3.92 -22.85
C15 I60 N . 25.87 3.29 -21.53
C16 I60 N . 24.55 2.87 -20.88
O8 I60 N . 24.09 3.95 -20.04
C17 I60 N . 23.54 2.50 -21.97
N7 I60 N . 22.15 2.10 -21.76
PA FAD O . -20.43 8.84 -63.10
O1A FAD O . -20.62 8.34 -61.70
O2A FAD O . -19.27 8.33 -63.87
O5B FAD O . -21.78 8.59 -63.94
C5B FAD O . -21.73 8.57 -65.38
C4B FAD O . -22.50 7.37 -65.88
O4B FAD O . -22.83 7.57 -67.28
C3B FAD O . -21.76 6.03 -65.80
O3B FAD O . -22.57 5.02 -65.21
C2B FAD O . -21.38 5.74 -67.27
O2B FAD O . -21.24 4.38 -67.57
C1B FAD O . -22.55 6.41 -68.01
N9A FAD O . -22.22 6.76 -69.38
C8A FAD O . -20.98 7.16 -69.86
N7A FAD O . -21.00 7.41 -71.15
C5A FAD O . -22.31 7.15 -71.54
C6A FAD O . -22.96 7.24 -72.79
N6A FAD O . -22.34 7.61 -73.90
N1A FAD O . -24.27 6.91 -72.84
C2A FAD O . -24.88 6.55 -71.69
N3A FAD O . -24.38 6.43 -70.47
C4A FAD O . -23.07 6.76 -70.46
N1 FAD O . -18.77 11.71 -54.30
C2 FAD O . -19.07 12.19 -53.06
O2 FAD O . -19.97 13.03 -52.91
N3 FAD O . -18.41 11.78 -51.94
C4 FAD O . -17.37 10.87 -52.01
O4 FAD O . -16.78 10.52 -50.97
C4X FAD O . -17.01 10.38 -53.28
N5 FAD O . -16.03 9.53 -53.33
C5X FAD O . -15.66 9.07 -54.57
C6 FAD O . -14.58 8.17 -54.64
C7 FAD O . -14.14 7.67 -55.84
C7M FAD O . -12.98 6.71 -55.85
C8 FAD O . -14.81 8.06 -57.04
C8M FAD O . -14.38 7.54 -58.37
C9 FAD O . -15.89 8.91 -56.98
C9A FAD O . -16.33 9.45 -55.75
N10 FAD O . -17.40 10.35 -55.65
C10 FAD O . -17.77 10.85 -54.40
C1' FAD O . -18.17 10.72 -56.87
C2' FAD O . -17.84 12.09 -57.47
O2' FAD O . -18.54 13.15 -56.83
C3' FAD O . -18.23 12.07 -58.96
O3' FAD O . -18.08 13.41 -59.45
C4' FAD O . -19.63 11.50 -59.23
O4' FAD O . -19.51 10.14 -59.68
C5' FAD O . -20.43 12.30 -60.23
O5' FAD O . -21.31 11.48 -61.05
P FAD O . -21.32 11.66 -62.65
O1P FAD O . -22.70 11.32 -63.12
O2P FAD O . -20.68 12.96 -63.04
O3P FAD O . -20.35 10.46 -63.09
N GLY P . -15.32 13.18 -51.82
CA GLY P . -14.30 12.13 -51.50
C GLY P . -13.58 11.61 -52.75
O GLY P . -14.09 11.69 -53.87
OXT GLY P . -12.48 11.11 -52.68
N1 I60 Q . -0.92 11.29 -54.19
C1 I60 Q . -1.23 11.96 -55.47
C2 I60 Q . -1.36 11.05 -56.71
C3 I60 Q . -0.99 11.73 -58.04
C4 I60 Q . 0.52 11.96 -58.16
O1 I60 Q . 1.23 12.07 -57.17
N2 I60 Q . 1.03 11.99 -59.40
C5 I60 Q . 2.46 11.92 -59.66
C6 I60 Q . 3.03 13.30 -59.93
O2 I60 Q . 2.42 13.79 -61.13
C7 I60 Q . 4.54 13.23 -60.09
O3 I60 Q . 5.15 12.75 -58.85
C8 I60 Q . 5.10 13.52 -57.76
N3 I60 Q . 5.35 12.80 -56.67
O4 I60 Q . 4.85 14.72 -57.79
C9 I60 Q . 4.93 12.22 -61.17
C10 I60 Q . 6.43 11.99 -61.21
O5 I60 Q . 6.85 11.39 -62.43
O6 I60 Q . 4.31 10.95 -60.91
C11 I60 Q . 2.89 10.99 -60.76
N4 I60 Q . 2.45 9.66 -60.44
C12 I60 Q . 2.49 8.74 -61.34
N5 I60 Q . 2.87 7.48 -61.06
C13 I60 Q . 2.64 6.62 -62.21
C14 I60 Q . 3.67 5.60 -62.55
O7 I60 Q . 4.47 5.19 -61.72
N6 I60 Q . 3.64 5.20 -63.83
C15 I60 Q . 2.63 5.58 -64.84
C16 I60 Q . 2.06 6.98 -64.58
O8 I60 Q . 0.64 6.90 -64.38
C17 I60 Q . 2.71 7.65 -63.37
N7 I60 Q . 2.17 8.80 -62.66
PA FAD R . -4.99 -27.53 -54.43
O1A FAD R . -4.53 -26.83 -55.67
O2A FAD R . -5.51 -26.72 -53.29
O5B FAD R . -6.08 -28.63 -54.84
C5B FAD R . -7.14 -29.01 -53.93
C4B FAD R . -8.46 -28.80 -54.63
O4B FAD R . -9.45 -29.65 -53.99
C3B FAD R . -9.03 -27.37 -54.58
O3B FAD R . -9.38 -26.92 -55.89
C2B FAD R . -10.21 -27.48 -53.62
O2B FAD R . -11.28 -26.61 -53.92
C1B FAD R . -10.64 -28.92 -53.82
N9A FAD R . -11.39 -29.55 -52.73
C8A FAD R . -11.34 -29.25 -51.38
N7A FAD R . -12.14 -30.02 -50.67
C5A FAD R . -12.73 -30.87 -51.60
C6A FAD R . -13.68 -31.91 -51.48
N6A FAD R . -14.19 -32.29 -50.32
N1A FAD R . -14.04 -32.55 -52.62
C2A FAD R . -13.50 -32.16 -53.77
N3A FAD R . -12.62 -31.19 -54.01
C4A FAD R . -12.27 -30.58 -52.87
N1 FAD R . 3.97 -24.55 -56.18
C2 FAD R . 5.14 -24.54 -56.87
O2 FAD R . 5.66 -25.58 -57.26
N3 FAD R . 5.77 -23.38 -57.20
C4 FAD R . 5.29 -22.16 -56.79
O4 FAD R . 5.90 -21.15 -57.12
C4X FAD R . 4.11 -22.12 -56.02
N5 FAD R . 3.65 -20.97 -55.60
C5X FAD R . 2.52 -20.99 -54.83
C6 FAD R . 2.03 -19.75 -54.35
C7 FAD R . 0.89 -19.67 -53.59
C7M FAD R . 0.42 -18.32 -53.12
C8 FAD R . 0.19 -20.86 -53.25
C8M FAD R . -1.06 -20.83 -52.42
C9 FAD R . 0.65 -22.07 -53.73
C9A FAD R . 1.81 -22.17 -54.51
N10 FAD R . 2.33 -23.38 -54.99
C10 FAD R . 3.48 -23.40 -55.75
C1' FAD R . 1.56 -24.64 -54.76
C2' FAD R . 2.16 -25.65 -53.81
O2' FAD R . 3.13 -26.45 -54.47
C3' FAD R . 1.02 -26.53 -53.28
O3' FAD R . 1.54 -27.48 -52.37
C4' FAD R . 0.21 -27.28 -54.35
O4' FAD R . -0.52 -26.37 -55.18
C5' FAD R . -0.76 -28.25 -53.75
O5' FAD R . -1.56 -28.85 -54.80
P FAD R . -2.91 -29.64 -54.42
O1P FAD R . -3.54 -30.13 -55.68
O2P FAD R . -2.57 -30.56 -53.28
O3P FAD R . -3.80 -28.44 -53.84
N GLY S . 7.23 -22.09 -54.32
CA GLY S . 6.72 -20.67 -54.23
C GLY S . 5.61 -20.49 -53.19
O GLY S . 5.24 -19.36 -52.86
OXT GLY S . 5.01 -21.43 -52.64
N1 I60 T . 5.75 -12.56 -43.57
C1 I60 T . 4.46 -12.94 -42.97
C2 I60 T . 4.45 -14.31 -42.31
C3 I60 T . 3.36 -14.49 -41.27
C4 I60 T . 3.63 -13.70 -40.02
O1 I60 T . 4.50 -12.85 -39.96
N2 I60 T . 2.86 -13.99 -38.96
C5 I60 T . 2.81 -13.16 -37.76
C6 I60 T . 3.54 -13.78 -36.57
O2 I60 T . 2.94 -15.02 -36.22
C7 I60 T . 3.48 -12.82 -35.38
O3 I60 T . 4.16 -11.59 -35.73
C8 I60 T . 5.51 -11.64 -35.97
N3 I60 T . 5.90 -10.53 -36.60
O4 I60 T . 6.25 -12.55 -35.64
C9 I60 T . 2.02 -12.49 -35.08
C10 I60 T . 1.84 -11.49 -33.96
O5 I60 T . 0.46 -11.36 -33.63
O6 I60 T . 1.42 -11.94 -36.25
C11 I60 T . 1.40 -12.80 -37.37
N4 I60 T . 0.79 -12.12 -38.47
C12 I60 T . -0.41 -11.73 -38.31
N5 I60 T . -0.80 -10.43 -38.18
C13 I60 T . -2.22 -10.34 -38.50
C14 I60 T . -3.09 -9.29 -37.86
O7 I60 T . -2.67 -8.16 -37.63
N6 I60 T . -4.32 -9.71 -37.58
C15 I60 T . -5.03 -10.86 -38.17
C16 I60 T . -4.06 -11.96 -38.58
O8 I60 T . -3.98 -12.04 -40.02
C17 I60 T . -2.69 -11.70 -37.97
N7 I60 T . -1.52 -12.51 -38.29
PA FAD U . -23.67 -33.63 18.83
O1A FAD U . -23.47 -32.39 18.04
O2A FAD U . -23.88 -33.61 20.32
O5B FAD U . -24.77 -34.53 18.11
C5B FAD U . -25.26 -35.75 18.73
C4B FAD U . -26.73 -35.83 18.44
O4B FAD U . -27.22 -37.17 18.69
C3B FAD U . -27.60 -34.87 19.26
O3B FAD U . -28.44 -34.12 18.39
C2B FAD U . -28.33 -35.80 20.23
O2B FAD U . -29.62 -35.39 20.62
C1B FAD U . -28.42 -37.09 19.41
N9A FAD U . -28.58 -38.28 20.19
C8A FAD U . -28.14 -38.56 21.48
N7A FAD U . -28.49 -39.76 21.88
C5A FAD U . -29.19 -40.29 20.80
C6A FAD U . -29.81 -41.54 20.58
N6A FAD U . -29.84 -42.51 21.50
N1A FAD U . -30.42 -41.74 19.40
C2A FAD U . -30.39 -40.75 18.48
N3A FAD U . -29.84 -39.55 18.57
C4A FAD U . -29.26 -39.39 19.77
N1 FAD U . -16.64 -27.35 17.17
C2 FAD U . -15.77 -26.71 16.38
O2 FAD U . -15.15 -27.30 15.50
N3 FAD U . -15.54 -25.37 16.47
C4 FAD U . -16.15 -24.60 17.43
O4 FAD U . -15.91 -23.40 17.46
C4X FAD U . -17.03 -25.26 18.36
N5 FAD U . -17.60 -24.56 19.31
C5X FAD U . -18.40 -25.23 20.19
C6 FAD U . -19.00 -24.52 21.25
C7 FAD U . -19.82 -25.14 22.16
C7M FAD U . -20.46 -24.34 23.27
C8 FAD U . -20.04 -26.54 22.07
C8M FAD U . -20.93 -27.26 23.06
C9 FAD U . -19.52 -27.24 21.01
C9A FAD U . -18.66 -26.62 20.08
N10 FAD U . -18.07 -27.33 19.04
C10 FAD U . -17.22 -26.68 18.14
C1' FAD U . -18.50 -28.72 18.78
C2' FAD U . -17.49 -29.81 18.93
O2' FAD U . -16.69 -29.80 17.78
C3' FAD U . -18.19 -31.16 19.06
O3' FAD U . -17.15 -32.10 19.24
C4' FAD U . -19.05 -31.67 17.90
O4' FAD U . -20.16 -30.80 17.62
C5' FAD U . -19.61 -33.05 18.19
O5' FAD U . -20.57 -33.37 17.17
P FAD U . -21.38 -34.73 17.31
O1P FAD U . -22.26 -34.93 16.11
O2P FAD U . -20.41 -35.81 17.65
O3P FAD U . -22.29 -34.47 18.60
N GLY V . -13.96 -25.17 19.45
CA GLY V . -14.60 -24.09 20.26
C GLY V . -15.32 -24.64 21.49
O GLY V . -15.75 -23.85 22.35
OXT GLY V . -15.46 -25.87 21.63
N1 I60 W . -13.79 -21.66 33.45
C1 I60 W . -13.64 -23.13 33.46
C2 I60 W . -14.86 -23.93 33.93
C3 I60 W . -14.50 -25.17 34.72
C4 I60 W . -14.26 -24.89 36.19
O1 I60 W . -13.65 -23.89 36.57
N2 I60 W . -14.81 -25.73 37.07
C5 I60 W . -14.66 -25.57 38.50
C6 I60 W . -13.40 -26.30 38.98
O2 I60 W . -13.46 -27.68 38.67
C7 I60 W . -13.24 -26.10 40.48
O3 I60 W . -13.02 -24.68 40.73
C8 I60 W . -11.78 -24.18 40.43
N3 I60 W . -11.78 -22.83 40.46
O4 I60 W . -10.82 -24.87 40.17
C9 I60 W . -14.51 -26.53 41.19
C10 I60 W . -14.47 -26.25 42.67
O5 I60 W . -15.65 -26.76 43.21
O6 I60 W . -15.65 -25.82 40.67
C11 I60 W . -15.87 -26.00 39.28
N4 I60 W . -16.96 -25.15 38.90
C12 I60 W . -18.07 -25.55 38.36
N5 I60 W . -19.05 -24.73 37.92
C13 I60 W . -20.12 -25.50 37.30
C14 I60 W . -21.55 -25.03 37.38
O7 I60 W . -21.80 -23.83 37.30
N6 I60 W . -22.50 -25.96 37.54
C15 I60 W . -22.33 -27.43 37.54
C16 I60 W . -20.85 -27.86 37.47
O8 I60 W . -20.48 -28.05 36.09
C17 I60 W . -19.97 -26.80 38.14
N7 I60 W . -18.50 -26.83 38.16
PA FAD X . -49.14 -5.87 31.84
O1A FAD X . -48.89 -6.91 32.90
O2A FAD X . -48.09 -5.40 30.91
O5B FAD X . -50.41 -6.34 30.98
C5B FAD X . -50.76 -5.65 29.76
C4B FAD X . -51.13 -6.70 28.73
O4B FAD X . -51.90 -6.09 27.66
C3B FAD X . -49.93 -7.40 28.09
O3B FAD X . -50.04 -8.80 28.24
C2B FAD X . -49.95 -6.90 26.64
O2B FAD X . -49.43 -7.84 25.72
C1B FAD X . -51.44 -6.60 26.43
N9A FAD X . -51.70 -5.60 25.40
C8A FAD X . -50.88 -4.57 24.98
N7A FAD X . -51.41 -3.87 24.00
C5A FAD X . -52.65 -4.45 23.79
C6A FAD X . -53.70 -4.16 22.88
N6A FAD X . -53.62 -3.17 22.00
N1A FAD X . -54.81 -4.94 22.92
C2A FAD X . -54.84 -5.95 23.81
N3A FAD X . -53.91 -6.33 24.69
C4A FAD X . -52.84 -5.52 24.64
N1 FAD X . -45.62 -5.97 40.78
C2 FAD X . -45.70 -6.13 42.12
O2 FAD X . -46.70 -5.74 42.73
N3 FAD X . -44.74 -6.80 42.83
C4 FAD X . -43.57 -7.24 42.24
O4 FAD X . -42.72 -7.82 42.93
C4X FAD X . -43.41 -6.98 40.85
N5 FAD X . -42.29 -7.35 40.27
C5X FAD X . -42.14 -7.04 38.94
C6 FAD X . -40.93 -7.36 38.31
C7 FAD X . -40.72 -7.07 36.97
C7M FAD X . -39.42 -7.43 36.30
C8 FAD X . -41.76 -6.40 36.23
C8M FAD X . -41.57 -6.04 34.78
C9 FAD X . -42.95 -6.13 36.83
C9A FAD X . -43.17 -6.40 38.19
N10 FAD X . -44.36 -6.08 38.84
C10 FAD X . -44.51 -6.32 40.18
C1' FAD X . -45.51 -5.59 38.03
C2' FAD X . -46.06 -4.22 38.30
O2' FAD X . -46.89 -4.24 39.43
C3' FAD X . -46.88 -3.75 37.10
O3' FAD X . -47.25 -2.38 37.33
C4' FAD X . -48.16 -4.51 36.74
O4' FAD X . -47.89 -5.89 36.44
C5' FAD X . -48.85 -3.94 35.52
O5' FAD X . -49.97 -4.77 35.12
P FAD X . -50.78 -4.40 33.78
O1P FAD X . -51.91 -5.37 33.73
O2P FAD X . -51.09 -2.93 33.90
O3P FAD X . -49.71 -4.57 32.61
N GLY Y . -42.25 -4.53 42.66
CA GLY Y . -40.94 -5.22 42.33
C GLY Y . -40.41 -4.81 40.97
O GLY Y . -41.12 -4.11 40.21
OXT GLY Y . -39.26 -5.17 40.61
N1 I60 Z . -29.19 -0.63 37.44
C1 I60 Z . -29.87 0.60 36.99
C2 I60 Z . -30.53 0.51 35.60
C3 I60 Z . -30.81 1.86 34.93
C4 I60 Z . -29.54 2.59 34.55
O1 I60 Z . -28.56 2.60 35.27
N2 I60 Z . -29.53 3.19 33.35
C5 I60 Z . -28.32 3.80 32.81
C6 I60 Z . -28.20 5.27 33.23
O2 I60 Z . -29.34 5.99 32.75
C7 I60 Z . -26.93 5.88 32.68
O3 I60 Z . -25.78 5.24 33.33
C8 I60 Z . -25.57 5.60 34.63
N3 I60 Z . -24.69 4.76 35.24
O4 I60 Z . -26.11 6.55 35.16
C9 I60 Z . -26.85 5.64 31.16
C10 I60 Z . -25.56 6.11 30.55
O5 I60 Z . -25.59 5.88 29.14
O6 I60 Z . -26.96 4.24 30.88
C11 I60 Z . -28.16 3.64 31.33
N4 I60 Z . -28.03 2.25 31.04
C12 I60 Z . -28.66 1.60 30.11
N5 I60 Z . -28.65 0.24 30.06
C13 I60 Z . -29.64 -0.22 29.12
C14 I60 Z . -29.36 -1.50 28.38
O7 I60 Z . -28.67 -2.37 28.91
N6 I60 Z . -29.91 -1.61 27.16
C15 I60 Z . -30.58 -0.56 26.38
C16 I60 Z . -30.79 0.73 27.19
O8 I60 Z . -32.02 0.62 27.92
C17 I60 Z . -29.59 0.95 28.12
N7 I60 Z . -29.42 2.03 29.06
PA FAD AA . 8.30 -2.18 75.09
O1A FAD AA . 7.36 -1.07 74.75
O2A FAD AA . 9.14 -2.75 73.99
O5B FAD AA . 9.26 -1.71 76.29
C5B FAD AA . 10.57 -2.31 76.42
C4B FAD AA . 11.58 -1.21 76.63
O4B FAD AA . 12.76 -1.78 77.26
C3B FAD AA . 12.08 -0.52 75.35
O3B FAD AA . 12.15 0.89 75.49
C2B FAD AA . 13.45 -1.19 75.12
O2B FAD AA . 14.35 -0.42 74.34
C1B FAD AA . 13.91 -1.39 76.56
N9A FAD AA . 14.92 -2.43 76.68
C8A FAD AA . 15.04 -3.56 75.89
N7A FAD AA . 16.06 -4.31 76.24
C5A FAD AA . 16.64 -3.63 77.32
C6A FAD AA . 17.76 -3.94 78.12
N6A FAD AA . 18.50 -5.02 77.95
N1A FAD AA . 18.06 -3.06 79.11
C2A FAD AA . 17.29 -1.98 79.27
N3A FAD AA . 16.23 -1.59 78.57
C4A FAD AA . 15.95 -2.48 77.59
N1 FAD AA . -0.78 -0.72 73.88
C2 FAD AA . -2.04 -0.34 74.24
O2 FAD AA . -2.41 -0.42 75.42
N3 FAD AA . -2.94 0.15 73.34
C4 FAD AA . -2.64 0.26 72.01
O4 FAD AA . -3.47 0.71 71.21
C4X FAD AA . -1.37 -0.17 71.58
N5 FAD AA . -1.10 -0.08 70.32
C5X FAD AA . 0.12 -0.54 69.89
C6 FAD AA . 0.37 -0.50 68.52
C7 FAD AA . 1.56 -0.94 68.00
C7M FAD AA . 1.76 -0.88 66.51
C8 FAD AA . 2.57 -1.45 68.89
C8M FAD AA . 3.88 -1.95 68.37
C9 FAD AA . 2.34 -1.47 70.25
C9A FAD AA . 1.11 -1.04 70.78
N10 FAD AA . 0.80 -1.08 72.14
C10 FAD AA . -0.45 -0.66 72.60
C1' FAD AA . 1.82 -1.54 73.13
C2' FAD AA . 1.62 -2.96 73.65
O2' FAD AA . 0.62 -3.06 74.65
C3' FAD AA . 2.95 -3.45 74.24
O3' FAD AA . 2.70 -4.74 74.78
C4' FAD AA . 3.55 -2.48 75.27
O4' FAD AA . 4.55 -1.68 74.64
C5' FAD AA . 4.14 -3.16 76.50
O5' FAD AA . 5.43 -2.64 76.90
P FAD AA . 6.68 -3.65 77.14
O1P FAD AA . 7.49 -3.08 78.25
O2P FAD AA . 6.22 -5.09 77.21
O3P FAD AA . 7.50 -3.41 75.76
N GLY BA . -4.21 -2.32 71.14
CA GLY BA . -4.05 -1.84 69.73
C GLY BA . -2.87 -2.49 69.01
O GLY BA . -1.85 -2.84 69.62
OXT GLY BA . -2.89 -2.69 67.80
N1 I60 CA . -2.95 -9.07 58.17
C1 I60 CA . -2.11 -9.98 58.97
C2 I60 CA . -0.59 -9.88 58.79
C3 I60 CA . 0.16 -11.19 59.00
C4 I60 CA . -0.07 -12.18 57.85
O1 I60 CA . -1.11 -12.18 57.20
N2 I60 CA . 0.91 -13.05 57.59
C5 I60 CA . 0.97 -13.81 56.35
C6 I60 CA . 0.49 -15.23 56.54
O2 I60 CA . 1.36 -15.86 57.50
C7 I60 CA . 0.49 -15.98 55.22
O3 I60 CA . -0.45 -15.35 54.29
C8 I60 CA . -1.78 -15.42 54.56
N3 I60 CA . -2.46 -14.52 53.83
O4 I60 CA . -2.27 -16.18 55.38
C9 I60 CA . 1.86 -15.90 54.54
C10 I60 CA . 1.82 -16.43 53.13
O5 I60 CA . 3.10 -16.75 52.64
O6 I60 CA . 2.30 -14.53 54.46
C11 I60 CA . 2.33 -13.84 55.70
N4 I60 CA . 2.77 -12.48 55.58
C12 I60 CA . 3.90 -12.24 55.05
N5 I60 CA . 4.16 -12.14 53.71
C13 I60 CA . 5.39 -11.37 53.65
C14 I60 CA . 6.21 -11.36 52.40
O7 I60 CA . 5.68 -11.14 51.32
N6 I60 CA . 7.52 -11.55 52.56
C15 I60 CA . 8.33 -11.30 53.77
C16 I60 CA . 7.46 -11.29 55.03
O8 I60 CA . 7.15 -9.95 55.43
C17 I60 CA . 6.18 -12.08 54.79
N7 I60 CA . 5.08 -12.12 55.74
PA FAD DA . 16.56 21.10 42.99
O1A FAD DA . 17.22 19.77 43.07
O2A FAD DA . 15.27 21.32 43.71
O5B FAD DA . 17.61 22.22 43.42
C5B FAD DA . 17.20 23.44 44.07
C4B FAD DA . 17.87 23.54 45.41
O4B FAD DA . 17.96 24.94 45.79
C3B FAD DA . 17.17 22.83 46.58
O3B FAD DA . 18.10 22.02 47.30
C2B FAD DA . 16.55 23.97 47.39
O2B FAD DA . 16.49 23.72 48.77
C1B FAD DA . 17.54 25.10 47.12
N9A FAD DA . 17.00 26.46 47.25
C8A FAD DA . 15.70 26.89 47.07
N7A FAD DA . 15.58 28.19 47.26
C5A FAD DA . 16.86 28.63 47.56
C6A FAD DA . 17.39 29.90 47.84
N6A FAD DA . 16.66 31.01 47.89
N1A FAD DA . 18.72 29.98 48.09
C2A FAD DA . 19.46 28.85 48.04
N3A FAD DA . 19.06 27.61 47.79
C4A FAD DA . 17.74 27.57 47.54
N1 FAD DA . 15.44 13.64 36.95
C2 FAD DA . 15.87 12.72 36.05
O2 FAD DA . 16.65 13.03 35.15
N3 FAD DA . 15.50 11.41 36.13
C4 FAD DA . 14.62 10.95 37.07
O4 FAD DA . 14.33 9.76 37.10
C4X FAD DA . 14.10 11.89 38.01
N5 FAD DA . 13.24 11.49 38.92
C5X FAD DA . 12.73 12.43 39.77
C6 FAD DA . 11.81 12.01 40.74
C7 FAD DA . 11.26 12.88 41.66
C7M FAD DA . 10.27 12.37 42.68
C8 FAD DA . 11.66 14.25 41.63
C8M FAD DA . 11.09 15.25 42.60
C9 FAD DA . 12.58 14.67 40.70
C9A FAD DA . 13.13 13.79 39.75
N10 FAD DA . 14.06 14.19 38.78
C10 FAD DA . 14.57 13.25 37.87
C1' FAD DA . 14.58 15.57 38.78
C2' FAD DA . 14.21 16.44 37.60
O2' FAD DA . 15.09 16.20 36.50
C3' FAD DA . 14.31 17.91 38.03
O3' FAD DA . 13.96 18.73 36.93
C4' FAD DA . 15.69 18.37 38.55
O4' FAD DA . 16.06 17.64 39.73
C5' FAD DA . 15.72 19.84 38.87
O5' FAD DA . 17.02 20.20 39.43
P FAD DA . 17.23 21.63 40.14
O1P FAD DA . 18.66 21.72 40.58
O2P FAD DA . 16.64 22.66 39.22
O3P FAD DA . 16.29 21.49 41.44
N GLY EA . 12.29 11.33 35.15
CA GLY EA . 11.54 10.53 36.19
C GLY EA . 10.65 11.39 37.09
O GLY EA . 9.92 10.83 37.90
OXT GLY EA . 10.62 12.63 37.07
N1 I60 FA . -1.68 10.35 39.34
C1 I60 FA . -1.51 11.58 40.13
C2 I60 FA . -1.55 12.85 39.30
C3 I60 FA . -2.22 14.03 39.99
C4 I60 FA . -3.70 13.83 40.16
O1 I60 FA . -4.26 12.75 39.92
N2 I60 FA . -4.39 14.89 40.61
C5 I60 FA . -5.82 14.86 40.87
C6 I60 FA . -6.60 15.52 39.73
O2 I60 FA . -6.22 16.88 39.58
C7 I60 FA . -8.09 15.42 40.02
O3 I60 FA . -8.46 14.03 40.09
C8 I60 FA . -8.43 13.29 38.94
N3 I60 FA . -8.47 11.98 39.22
O4 I60 FA . -8.36 13.76 37.82
C9 I60 FA . -8.38 16.05 41.38
C10 I60 FA . -9.83 15.97 41.79
O5 I60 FA . -10.00 16.52 43.08
O6 I60 FA . -7.62 15.37 42.37
C11 I60 FA . -6.21 15.46 42.20
N4 I60 FA . -5.61 14.67 43.25
C12 I60 FA . -5.04 15.11 44.33
N5 I60 FA . -4.30 14.32 45.16
C13 I60 FA . -3.36 15.15 45.89
C14 I60 FA . -2.80 14.71 47.22
O7 I60 FA . -2.47 13.54 47.42
N6 I60 FA . -2.65 15.68 48.13
C15 I60 FA . -2.74 17.13 47.92
C16 I60 FA . -3.31 17.48 46.56
O8 I60 FA . -2.24 17.67 45.60
C17 I60 FA . -4.28 16.38 46.12
N7 I60 FA . -5.01 16.36 44.85
#